data_6C4C
#
_entry.id   6C4C
#
_cell.length_a   143.760
_cell.length_b   87.130
_cell.length_c   152.990
_cell.angle_alpha   90.000
_cell.angle_beta   116.550
_cell.angle_gamma   90.000
#
_symmetry.space_group_name_H-M   'P 1 21 1'
#
loop_
_entity.id
_entity.type
_entity.pdbx_description
1 polymer 'Isocitrate lyase 1'
2 non-polymer 'GLYOXYLIC ACID'
3 non-polymer 'MAGNESIUM ION'
4 non-polymer 'PYRUVIC ACID'
5 non-polymer '3-NITROPROPANOIC ACID'
6 water water
#
_entity_poly.entity_id   1
_entity_poly.type   'polypeptide(L)'
_entity_poly.pdbx_seq_one_letter_code
;MHHHHHHLVPRGSHMSVVGTPKSAEQIQQEWDTNPRWKDVTRTYSAEDVVALQGSVVEEHTLARRGAEVLWEQLHDLEWV
NALGALTGNMAVQQVRAGLKAIYLSGWQVAGDANLSGHTYPDQSLYPANSVPQVVRRINNALQRADQIAKIEGDTSVENW
LAPIVADGEAGFGGALNVYELQKALIAAGVAGSHWEDQLASEKK(EJA)GHLGGKVLIPTQQHIRTLTSARLAADVADVP
TVVIARTDAEAATLITSDVDERDQPFITGERTREGFYRTKNGIEPCIARAKAYAPFADLIWMETGTPDLEAARQFSEAVK
AEYPDQMLAYNCSPSFNWKKHLDDATIAKFQKELAAMGFKFQFITLAGFHALNYSMFDLAYGYAQNQMSAYVELQEREFA
AEERGYTATKHQREVGAGYFDRIATTVDPNSSTTALTGSTEEGQFH
;
_entity_poly.pdbx_strand_id   A,B,C,D,E,F,G,H
#
# COMPACT_ATOMS: atom_id res chain seq x y z
N HIS A 14 -20.40 18.75 -68.25
CA HIS A 14 -20.87 19.40 -66.99
C HIS A 14 -19.92 19.07 -65.84
N MET A 15 -20.46 18.96 -64.63
CA MET A 15 -19.65 18.66 -63.45
C MET A 15 -20.46 17.79 -62.51
N SER A 16 -19.77 16.94 -61.76
CA SER A 16 -20.44 15.99 -60.89
C SER A 16 -21.17 16.70 -59.76
N VAL A 17 -22.43 16.31 -59.53
CA VAL A 17 -23.22 16.88 -58.45
C VAL A 17 -23.10 16.09 -57.15
N VAL A 18 -22.29 15.01 -57.14
CA VAL A 18 -22.16 14.20 -55.94
C VAL A 18 -21.65 15.05 -54.79
N GLY A 19 -22.32 14.94 -53.65
CA GLY A 19 -21.90 15.67 -52.47
C GLY A 19 -22.15 17.16 -52.51
N THR A 20 -23.08 17.61 -53.34
CA THR A 20 -23.43 19.02 -53.40
C THR A 20 -23.98 19.46 -52.04
N PRO A 21 -23.41 20.49 -51.40
CA PRO A 21 -23.92 20.89 -50.09
C PRO A 21 -25.33 21.47 -50.18
N LYS A 22 -26.07 21.32 -49.09
CA LYS A 22 -27.39 21.93 -49.00
C LYS A 22 -27.26 23.45 -48.95
N SER A 23 -28.38 24.12 -49.19
CA SER A 23 -28.43 25.57 -49.05
C SER A 23 -28.69 25.95 -47.60
N ALA A 24 -28.50 27.24 -47.30
CA ALA A 24 -28.76 27.71 -45.95
C ALA A 24 -30.23 27.52 -45.58
N GLU A 25 -31.12 27.70 -46.56
CA GLU A 25 -32.56 27.61 -46.29
C GLU A 25 -32.96 26.17 -45.99
N GLN A 26 -32.31 25.20 -46.63
CA GLN A 26 -32.61 23.80 -46.33
C GLN A 26 -32.20 23.46 -44.91
N ILE A 27 -31.02 23.92 -44.47
CA ILE A 27 -30.57 23.67 -43.11
C ILE A 27 -31.52 24.33 -42.11
N GLN A 28 -31.94 25.57 -42.40
CA GLN A 28 -32.84 26.26 -41.48
C GLN A 28 -34.19 25.55 -41.37
N GLN A 29 -34.68 25.01 -42.49
CA GLN A 29 -35.93 24.26 -42.45
C GLN A 29 -35.82 23.05 -41.56
N GLU A 30 -34.67 22.36 -41.62
CA GLU A 30 -34.46 21.18 -40.78
C GLU A 30 -34.39 21.57 -39.31
N TRP A 31 -33.63 22.63 -38.99
CA TRP A 31 -33.56 23.10 -37.62
C TRP A 31 -34.92 23.52 -37.10
N ASP A 32 -35.77 24.09 -37.97
CA ASP A 32 -37.05 24.62 -37.52
C ASP A 32 -38.07 23.52 -37.27
N THR A 33 -38.11 22.49 -38.11
CA THR A 33 -39.21 21.53 -38.11
C THR A 33 -38.83 20.14 -37.64
N ASN A 34 -37.57 19.74 -37.76
CA ASN A 34 -37.17 18.40 -37.33
C ASN A 34 -37.19 18.31 -35.81
N PRO A 35 -37.95 17.40 -35.21
CA PRO A 35 -38.02 17.35 -33.74
C PRO A 35 -36.68 17.03 -33.07
N ARG A 36 -35.70 16.53 -33.83
CA ARG A 36 -34.38 16.27 -33.26
C ARG A 36 -33.81 17.53 -32.62
N TRP A 37 -34.07 18.70 -33.21
CA TRP A 37 -33.52 19.96 -32.74
C TRP A 37 -34.54 20.78 -31.95
N LYS A 38 -35.57 20.12 -31.42
CA LYS A 38 -36.64 20.85 -30.75
C LYS A 38 -36.14 21.65 -29.57
N ASP A 39 -35.06 21.20 -28.92
CA ASP A 39 -34.55 21.87 -27.73
C ASP A 39 -33.08 22.25 -27.88
N VAL A 40 -32.57 22.30 -29.10
CA VAL A 40 -31.16 22.59 -29.35
C VAL A 40 -31.00 24.06 -29.71
N THR A 41 -30.14 24.75 -28.97
CA THR A 41 -29.84 26.16 -29.19
C THR A 41 -28.52 26.28 -29.93
N ARG A 42 -28.52 27.04 -31.03
CA ARG A 42 -27.33 27.32 -31.81
C ARG A 42 -27.13 28.83 -31.86
N THR A 43 -26.01 29.30 -31.32
CA THR A 43 -25.70 30.72 -31.36
C THR A 43 -25.13 31.17 -32.69
N TYR A 44 -24.89 30.26 -33.63
CA TYR A 44 -24.46 30.58 -34.97
C TYR A 44 -25.59 30.30 -35.95
N SER A 45 -25.45 30.85 -37.15
CA SER A 45 -26.49 30.79 -38.16
C SER A 45 -26.30 29.61 -39.11
N ALA A 46 -27.35 29.32 -39.90
CA ALA A 46 -27.23 28.32 -40.93
C ALA A 46 -26.29 28.77 -42.04
N GLU A 47 -26.25 30.07 -42.32
CA GLU A 47 -25.32 30.58 -43.34
C GLU A 47 -23.88 30.43 -42.88
N ASP A 48 -23.63 30.47 -41.57
CA ASP A 48 -22.28 30.22 -41.07
C ASP A 48 -21.84 28.79 -41.34
N VAL A 49 -22.73 27.83 -41.12
CA VAL A 49 -22.43 26.43 -41.40
C VAL A 49 -22.03 26.26 -42.86
N VAL A 50 -22.93 26.66 -43.78
CA VAL A 50 -22.65 26.55 -45.21
C VAL A 50 -21.31 27.21 -45.53
N ALA A 51 -21.03 28.34 -44.90
CA ALA A 51 -19.82 29.09 -45.22
C ALA A 51 -18.56 28.29 -44.96
N LEU A 52 -18.63 27.23 -44.14
CA LEU A 52 -17.48 26.43 -43.78
C LEU A 52 -17.43 25.09 -44.52
N GLN A 53 -18.42 24.78 -45.35
CA GLN A 53 -18.54 23.44 -45.91
C GLN A 53 -17.83 23.26 -47.24
N GLY A 54 -17.30 24.33 -47.84
CA GLY A 54 -16.59 24.16 -49.10
C GLY A 54 -17.55 23.83 -50.24
N SER A 55 -17.02 23.12 -51.25
CA SER A 55 -17.78 22.78 -52.44
C SER A 55 -18.39 21.38 -52.39
N VAL A 56 -17.85 20.49 -51.57
CA VAL A 56 -18.32 19.12 -51.47
C VAL A 56 -18.42 18.76 -49.99
N VAL A 57 -19.54 18.17 -49.60
CA VAL A 57 -19.76 17.68 -48.24
C VAL A 57 -19.76 16.16 -48.29
N GLU A 58 -18.80 15.56 -47.60
CA GLU A 58 -18.70 14.11 -47.58
C GLU A 58 -19.83 13.52 -46.76
N GLU A 59 -20.36 12.39 -47.23
CA GLU A 59 -21.32 11.63 -46.46
C GLU A 59 -20.59 10.82 -45.40
N HIS A 60 -21.17 10.78 -44.19
CA HIS A 60 -20.66 9.97 -43.08
C HIS A 60 -21.75 8.98 -42.72
N THR A 61 -21.81 7.88 -43.49
CA THR A 61 -22.91 6.94 -43.38
C THR A 61 -23.07 6.42 -41.96
N LEU A 62 -21.99 5.88 -41.38
CA LEU A 62 -22.11 5.27 -40.06
C LEU A 62 -22.36 6.29 -38.96
N ALA A 63 -21.78 7.48 -39.10
CA ALA A 63 -22.05 8.53 -38.12
C ALA A 63 -23.51 8.99 -38.22
N ARG A 64 -24.05 9.06 -39.43
CA ARG A 64 -25.45 9.42 -39.61
C ARG A 64 -26.36 8.33 -39.08
N ARG A 65 -26.15 7.09 -39.52
CA ARG A 65 -26.97 5.98 -39.07
C ARG A 65 -26.88 5.82 -37.55
N GLY A 66 -25.67 5.84 -37.02
CA GLY A 66 -25.50 5.67 -35.57
C GLY A 66 -26.21 6.74 -34.77
N ALA A 67 -26.06 8.00 -35.18
CA ALA A 67 -26.68 9.09 -34.44
C ALA A 67 -28.19 8.98 -34.47
N GLU A 68 -28.77 8.60 -35.61
CA GLU A 68 -30.23 8.48 -35.71
C GLU A 68 -30.74 7.30 -34.88
N VAL A 69 -30.07 6.15 -34.96
CA VAL A 69 -30.46 5.00 -34.16
C VAL A 69 -30.33 5.31 -32.68
N LEU A 70 -29.23 5.97 -32.29
CA LEU A 70 -29.03 6.30 -30.88
C LEU A 70 -30.15 7.18 -30.35
N TRP A 71 -30.44 8.28 -31.06
CA TRP A 71 -31.51 9.18 -30.64
C TRP A 71 -32.84 8.45 -30.55
N GLU A 72 -33.15 7.61 -31.55
CA GLU A 72 -34.40 6.86 -31.54
C GLU A 72 -34.46 5.91 -30.35
N GLN A 73 -33.35 5.24 -30.05
CA GLN A 73 -33.31 4.30 -28.94
C GLN A 73 -33.50 5.01 -27.60
N LEU A 74 -32.89 6.19 -27.44
CA LEU A 74 -33.00 6.93 -26.18
C LEU A 74 -34.43 7.40 -25.91
N HIS A 75 -35.26 7.53 -26.95
CA HIS A 75 -36.66 7.89 -26.77
C HIS A 75 -37.59 6.69 -26.80
N ASP A 76 -37.18 5.58 -27.40
CA ASP A 76 -38.04 4.41 -27.56
C ASP A 76 -37.82 3.36 -26.48
N LEU A 77 -36.59 3.14 -26.05
CA LEU A 77 -36.29 2.14 -25.03
C LEU A 77 -36.46 2.72 -23.63
N GLU A 78 -36.66 1.83 -22.67
CA GLU A 78 -36.73 2.25 -21.27
C GLU A 78 -35.44 2.96 -20.87
N TRP A 79 -34.31 2.44 -21.32
CA TRP A 79 -33.03 3.15 -21.25
C TRP A 79 -32.02 2.35 -22.06
N VAL A 80 -31.01 3.06 -22.57
CA VAL A 80 -29.92 2.47 -23.31
C VAL A 80 -28.73 2.32 -22.37
N ASN A 81 -28.12 1.14 -22.34
CA ASN A 81 -26.94 0.94 -21.52
C ASN A 81 -25.84 0.31 -22.36
N ALA A 82 -24.60 0.47 -21.89
CA ALA A 82 -23.44 0.05 -22.67
C ALA A 82 -22.31 -0.31 -21.71
N LEU A 83 -21.30 -0.96 -22.28
CA LEU A 83 -20.08 -1.31 -21.56
C LEU A 83 -18.89 -0.75 -22.32
N GLY A 84 -17.86 -0.36 -21.57
CA GLY A 84 -16.67 0.18 -22.20
C GLY A 84 -15.98 -0.88 -23.06
N ALA A 85 -15.55 -0.46 -24.26
CA ALA A 85 -14.90 -1.36 -25.21
C ALA A 85 -13.64 -0.70 -25.75
N LEU A 86 -12.52 -1.41 -25.67
CA LEU A 86 -11.25 -0.87 -26.14
C LEU A 86 -10.67 -1.64 -27.32
N THR A 87 -11.30 -2.72 -27.75
CA THR A 87 -10.94 -3.41 -28.98
C THR A 87 -12.19 -3.70 -29.79
N GLY A 88 -11.98 -3.98 -31.07
CA GLY A 88 -13.10 -4.30 -31.94
C GLY A 88 -13.83 -5.56 -31.52
N ASN A 89 -13.08 -6.61 -31.16
CA ASN A 89 -13.73 -7.85 -30.74
C ASN A 89 -14.58 -7.64 -29.49
N MET A 90 -14.13 -6.77 -28.58
CA MET A 90 -14.93 -6.48 -27.39
C MET A 90 -16.32 -5.99 -27.75
N ALA A 91 -16.40 -5.07 -28.71
CA ALA A 91 -17.70 -4.54 -29.13
C ALA A 91 -18.55 -5.63 -29.79
N VAL A 92 -17.92 -6.50 -30.58
CA VAL A 92 -18.65 -7.58 -31.24
C VAL A 92 -19.37 -8.43 -30.21
N GLN A 93 -18.69 -8.82 -29.14
CA GLN A 93 -19.30 -9.67 -28.14
C GLN A 93 -20.44 -8.94 -27.42
N GLN A 94 -20.27 -7.63 -27.19
CA GLN A 94 -21.31 -6.87 -26.50
C GLN A 94 -22.59 -6.83 -27.31
N VAL A 95 -22.49 -6.56 -28.62
CA VAL A 95 -23.65 -6.60 -29.49
C VAL A 95 -24.18 -8.03 -29.61
N ARG A 96 -23.28 -8.99 -29.78
CA ARG A 96 -23.67 -10.40 -29.84
C ARG A 96 -24.46 -10.79 -28.60
N ALA A 97 -24.07 -10.28 -27.43
CA ALA A 97 -24.74 -10.62 -26.19
C ALA A 97 -26.05 -9.87 -25.98
N GLY A 98 -26.42 -8.97 -26.90
CA GLY A 98 -27.71 -8.30 -26.83
C GLY A 98 -27.65 -6.84 -26.48
N LEU A 99 -26.48 -6.28 -26.24
CA LEU A 99 -26.38 -4.85 -25.96
C LEU A 99 -26.60 -4.05 -27.23
N LYS A 100 -27.17 -2.86 -27.07
CA LYS A 100 -27.61 -2.04 -28.20
C LYS A 100 -26.85 -0.72 -28.29
N ALA A 101 -25.72 -0.61 -27.59
CA ALA A 101 -24.86 0.55 -27.72
C ALA A 101 -23.47 0.18 -27.22
N ILE A 102 -22.50 0.99 -27.63
CA ILE A 102 -21.11 0.78 -27.24
C ILE A 102 -20.57 2.09 -26.68
N TYR A 103 -19.99 2.04 -25.49
CA TYR A 103 -19.30 3.19 -24.91
C TYR A 103 -17.80 3.04 -25.11
N LEU A 104 -17.16 4.09 -25.59
CA LEU A 104 -15.73 4.11 -25.88
C LEU A 104 -15.04 4.97 -24.82
N SER A 105 -14.45 4.32 -23.83
CA SER A 105 -13.83 5.01 -22.72
C SER A 105 -12.50 5.63 -23.14
N GLY A 106 -12.32 6.90 -22.83
CA GLY A 106 -11.01 7.52 -22.98
C GLY A 106 -10.02 7.04 -21.95
N TRP A 107 -10.51 6.70 -20.76
CA TRP A 107 -9.66 6.07 -19.74
C TRP A 107 -9.03 4.79 -20.29
N GLN A 108 -9.84 3.90 -20.85
CA GLN A 108 -9.31 2.64 -21.38
C GLN A 108 -8.34 2.89 -22.52
N VAL A 109 -8.68 3.81 -23.42
CA VAL A 109 -7.77 4.13 -24.51
C VAL A 109 -6.43 4.61 -23.98
N ALA A 110 -6.45 5.43 -22.93
CA ALA A 110 -5.20 5.91 -22.35
C ALA A 110 -4.39 4.76 -21.76
N GLY A 111 -5.07 3.76 -21.20
CA GLY A 111 -4.39 2.71 -20.47
C GLY A 111 -3.91 1.55 -21.32
N ASP A 112 -4.51 1.33 -22.49
CA ASP A 112 -4.17 0.12 -23.23
C ASP A 112 -4.55 0.19 -24.71
N ALA A 113 -4.78 1.36 -25.30
CA ALA A 113 -5.19 1.42 -26.69
C ALA A 113 -5.08 2.81 -27.29
N ASN A 114 -3.91 3.46 -27.17
CA ASN A 114 -3.72 4.77 -27.75
C ASN A 114 -2.48 4.78 -28.64
N LEU A 115 -2.46 5.75 -29.56
CA LEU A 115 -1.49 5.76 -30.65
C LEU A 115 -0.06 6.03 -30.22
N SER A 116 0.18 6.36 -28.95
CA SER A 116 1.55 6.51 -28.49
C SER A 116 2.21 5.17 -28.20
N GLY A 117 1.42 4.12 -27.99
CA GLY A 117 1.93 2.83 -27.62
C GLY A 117 2.24 2.68 -26.15
N HIS A 118 2.03 3.72 -25.34
CA HIS A 118 2.36 3.69 -23.94
C HIS A 118 1.11 3.52 -23.08
N THR A 119 1.32 3.06 -21.85
CA THR A 119 0.27 2.99 -20.84
C THR A 119 0.25 4.33 -20.09
N TYR A 120 -0.90 4.99 -20.09
CA TYR A 120 -1.05 6.29 -19.47
C TYR A 120 -2.19 6.28 -18.45
N PRO A 121 -2.05 7.03 -17.37
CA PRO A 121 -3.23 7.36 -16.56
C PRO A 121 -4.13 8.32 -17.34
N ASP A 122 -5.35 8.50 -16.81
CA ASP A 122 -6.40 9.25 -17.51
C ASP A 122 -6.21 10.75 -17.30
N GLN A 123 -5.29 11.33 -18.07
CA GLN A 123 -4.94 12.73 -17.92
C GLN A 123 -4.72 13.41 -19.28
N SER A 124 -5.39 12.91 -20.33
CA SER A 124 -5.30 13.47 -21.68
C SER A 124 -3.85 13.52 -22.17
N LEU A 125 -3.13 12.42 -21.93
CA LEU A 125 -1.73 12.33 -22.32
C LEU A 125 -1.54 11.80 -23.74
N TYR A 126 -2.50 11.07 -24.27
CA TYR A 126 -2.27 10.40 -25.55
C TYR A 126 -2.58 11.33 -26.73
N PRO A 127 -2.16 10.94 -27.94
CA PRO A 127 -2.46 11.78 -29.11
C PRO A 127 -3.95 11.95 -29.35
N ALA A 128 -4.33 13.15 -29.78
CA ALA A 128 -5.74 13.53 -29.83
C ALA A 128 -6.57 12.69 -30.80
N ASN A 129 -5.94 11.96 -31.72
CA ASN A 129 -6.66 11.14 -32.69
C ASN A 129 -6.73 9.67 -32.30
N SER A 130 -6.39 9.34 -31.05
CA SER A 130 -6.42 7.95 -30.62
C SER A 130 -7.84 7.39 -30.55
N VAL A 131 -8.77 8.16 -29.99
CA VAL A 131 -10.14 7.67 -29.81
C VAL A 131 -10.82 7.54 -31.17
N PRO A 132 -10.70 8.52 -32.07
CA PRO A 132 -11.27 8.31 -33.41
C PRO A 132 -10.81 7.00 -34.06
N GLN A 133 -9.54 6.65 -33.92
CA GLN A 133 -9.04 5.39 -34.48
C GLN A 133 -9.81 4.21 -33.91
N VAL A 134 -10.07 4.22 -32.60
CA VAL A 134 -10.81 3.13 -31.99
C VAL A 134 -12.27 3.17 -32.42
N VAL A 135 -12.81 4.35 -32.71
CA VAL A 135 -14.16 4.43 -33.26
C VAL A 135 -14.21 3.73 -34.61
N ARG A 136 -13.26 4.05 -35.48
CA ARG A 136 -13.20 3.40 -36.79
C ARG A 136 -12.95 1.91 -36.65
N ARG A 137 -12.14 1.52 -35.66
CA ARG A 137 -11.87 0.10 -35.43
C ARG A 137 -13.12 -0.62 -34.99
N ILE A 138 -13.84 -0.08 -34.00
CA ILE A 138 -15.06 -0.72 -33.51
C ILE A 138 -16.06 -0.88 -34.63
N ASN A 139 -16.24 0.16 -35.45
CA ASN A 139 -17.15 0.05 -36.58
C ASN A 139 -16.68 -1.04 -37.56
N ASN A 140 -15.38 -1.05 -37.89
CA ASN A 140 -14.88 -2.07 -38.79
C ASN A 140 -15.16 -3.47 -38.25
N ALA A 141 -14.98 -3.67 -36.95
CA ALA A 141 -15.21 -4.99 -36.37
C ALA A 141 -16.68 -5.37 -36.39
N LEU A 142 -17.57 -4.40 -36.11
CA LEU A 142 -18.99 -4.68 -36.20
C LEU A 142 -19.42 -4.95 -37.64
N GLN A 143 -18.78 -4.29 -38.61
CA GLN A 143 -19.09 -4.53 -40.01
C GLN A 143 -18.68 -5.93 -40.43
N ARG A 144 -17.56 -6.44 -39.89
CA ARG A 144 -17.13 -7.78 -40.20
C ARG A 144 -18.08 -8.81 -39.61
N ALA A 145 -18.53 -8.60 -38.37
CA ALA A 145 -19.49 -9.52 -37.78
C ALA A 145 -20.83 -9.45 -38.49
N ASP A 146 -21.18 -8.28 -39.04
CA ASP A 146 -22.41 -8.16 -39.83
C ASP A 146 -22.27 -8.89 -41.15
N GLN A 147 -21.11 -8.78 -41.79
CA GLN A 147 -20.87 -9.49 -43.04
C GLN A 147 -20.93 -11.00 -42.83
N ILE A 148 -20.22 -11.49 -41.81
CA ILE A 148 -20.22 -12.93 -41.51
C ILE A 148 -21.64 -13.40 -41.24
N ALA A 149 -22.38 -12.65 -40.43
CA ALA A 149 -23.74 -13.02 -40.10
C ALA A 149 -24.58 -13.18 -41.36
N LYS A 150 -24.35 -12.33 -42.36
CA LYS A 150 -25.17 -12.38 -43.57
C LYS A 150 -24.97 -13.69 -44.31
N ILE A 151 -23.71 -14.10 -44.53
CA ILE A 151 -23.45 -15.32 -45.30
C ILE A 151 -23.74 -16.58 -44.49
N GLU A 152 -23.70 -16.50 -43.16
CA GLU A 152 -24.03 -17.64 -42.31
C GLU A 152 -25.53 -17.76 -42.03
N GLY A 153 -26.35 -16.87 -42.57
CA GLY A 153 -27.77 -16.87 -42.26
C GLY A 153 -28.08 -16.55 -40.82
N ASP A 154 -27.18 -15.90 -40.09
CA ASP A 154 -27.37 -15.61 -38.68
C ASP A 154 -28.26 -14.38 -38.53
N THR A 155 -29.37 -14.54 -37.79
CA THR A 155 -30.30 -13.45 -37.54
C THR A 155 -30.49 -13.17 -36.05
N SER A 156 -29.58 -13.65 -35.21
CA SER A 156 -29.73 -13.45 -33.77
C SER A 156 -29.51 -12.00 -33.34
N VAL A 157 -29.02 -11.13 -34.24
CA VAL A 157 -28.79 -9.72 -33.95
C VAL A 157 -29.38 -8.91 -35.10
N GLU A 158 -30.32 -8.01 -34.78
CA GLU A 158 -31.00 -7.28 -35.84
C GLU A 158 -30.19 -6.08 -36.31
N ASN A 159 -29.40 -5.46 -35.42
CA ASN A 159 -28.57 -4.31 -35.79
C ASN A 159 -27.16 -4.53 -35.25
N TRP A 160 -26.25 -5.00 -36.11
CA TRP A 160 -24.86 -5.17 -35.70
C TRP A 160 -24.18 -3.82 -35.49
N LEU A 161 -24.55 -2.81 -36.28
CA LEU A 161 -23.89 -1.50 -36.18
C LEU A 161 -24.54 -0.68 -35.05
N ALA A 162 -24.23 -1.11 -33.83
CA ALA A 162 -24.77 -0.44 -32.66
C ALA A 162 -24.17 0.95 -32.52
N PRO A 163 -24.92 1.92 -32.02
CA PRO A 163 -24.38 3.27 -31.85
C PRO A 163 -23.17 3.27 -30.92
N ILE A 164 -22.17 4.08 -31.28
CA ILE A 164 -20.96 4.26 -30.49
C ILE A 164 -21.03 5.63 -29.82
N VAL A 165 -20.84 5.66 -28.50
CA VAL A 165 -20.67 6.88 -27.74
C VAL A 165 -19.21 6.96 -27.30
N ALA A 166 -18.51 8.00 -27.77
CA ALA A 166 -17.06 8.09 -27.60
C ALA A 166 -16.66 9.26 -26.69
N ASP A 167 -15.53 9.09 -26.01
CA ASP A 167 -15.03 10.03 -25.02
C ASP A 167 -14.22 11.12 -25.71
N GLY A 168 -14.73 12.35 -25.69
CA GLY A 168 -14.03 13.52 -26.17
C GLY A 168 -13.23 14.25 -25.12
N GLU A 169 -13.22 13.75 -23.89
CA GLU A 169 -12.45 14.31 -22.78
C GLU A 169 -12.67 15.82 -22.74
N ALA A 170 -11.63 16.64 -22.73
CA ALA A 170 -11.74 18.09 -22.67
C ALA A 170 -11.37 18.75 -23.99
N GLY A 171 -11.33 18.00 -25.08
CA GLY A 171 -11.05 18.55 -26.38
C GLY A 171 -9.59 18.74 -26.71
N PHE A 172 -8.68 18.40 -25.80
CA PHE A 172 -7.25 18.48 -26.06
C PHE A 172 -6.83 19.89 -26.47
N GLY A 173 -7.40 20.89 -25.81
CA GLY A 173 -6.99 22.27 -26.07
C GLY A 173 -8.14 23.24 -26.15
N GLY A 174 -8.09 24.15 -27.13
CA GLY A 174 -9.08 25.18 -27.27
C GLY A 174 -10.28 24.74 -28.10
N ALA A 175 -11.07 25.73 -28.50
CA ALA A 175 -12.27 25.42 -29.29
C ALA A 175 -11.92 24.74 -30.60
N LEU A 176 -10.79 25.12 -31.20
CA LEU A 176 -10.40 24.51 -32.47
C LEU A 176 -9.97 23.06 -32.29
N ASN A 177 -9.27 22.75 -31.19
CA ASN A 177 -8.96 21.37 -30.88
C ASN A 177 -10.25 20.57 -30.69
N VAL A 178 -11.24 21.15 -30.00
CA VAL A 178 -12.54 20.51 -29.84
C VAL A 178 -13.14 20.20 -31.20
N TYR A 179 -13.15 21.19 -32.09
CA TYR A 179 -13.79 21.04 -33.39
C TYR A 179 -13.19 19.87 -34.16
N GLU A 180 -11.86 19.82 -34.26
CA GLU A 180 -11.21 18.78 -35.05
C GLU A 180 -11.41 17.40 -34.45
N LEU A 181 -11.51 17.29 -33.12
CA LEU A 181 -11.77 16.00 -32.51
C LEU A 181 -13.16 15.49 -32.86
N GLN A 182 -14.16 16.37 -32.81
CA GLN A 182 -15.52 15.96 -33.19
C GLN A 182 -15.56 15.55 -34.66
N LYS A 183 -14.93 16.34 -35.53
CA LYS A 183 -14.90 16.02 -36.95
C LYS A 183 -14.25 14.66 -37.19
N ALA A 184 -13.17 14.37 -36.47
CA ALA A 184 -12.50 13.08 -36.64
C ALA A 184 -13.33 11.93 -36.08
N LEU A 185 -14.10 12.19 -35.02
CA LEU A 185 -14.98 11.15 -34.49
C LEU A 185 -16.11 10.87 -35.45
N ILE A 186 -16.65 11.91 -36.10
CA ILE A 186 -17.73 11.73 -37.06
C ILE A 186 -17.23 11.00 -38.29
N ALA A 187 -16.02 11.33 -38.76
CA ALA A 187 -15.48 10.66 -39.94
C ALA A 187 -15.29 9.17 -39.69
N ALA A 188 -15.05 8.78 -38.44
CA ALA A 188 -14.86 7.39 -38.07
C ALA A 188 -16.17 6.66 -37.81
N GLY A 189 -17.29 7.38 -37.72
CA GLY A 189 -18.58 6.77 -37.55
C GLY A 189 -19.15 6.80 -36.15
N VAL A 190 -18.81 7.81 -35.34
CA VAL A 190 -19.34 7.88 -33.99
C VAL A 190 -20.81 8.29 -34.02
N ALA A 191 -21.57 7.80 -33.06
CA ALA A 191 -22.97 8.21 -32.90
C ALA A 191 -23.13 9.37 -31.92
N GLY A 192 -22.31 9.42 -30.87
CA GLY A 192 -22.36 10.50 -29.90
C GLY A 192 -21.01 10.66 -29.24
N SER A 193 -20.79 11.86 -28.69
CA SER A 193 -19.54 12.18 -28.02
C SER A 193 -19.85 13.06 -26.82
N HIS A 194 -19.06 12.89 -25.77
CA HIS A 194 -19.25 13.63 -24.53
C HIS A 194 -18.02 14.48 -24.23
N TRP A 195 -18.27 15.62 -23.58
CA TRP A 195 -17.27 16.64 -23.33
C TRP A 195 -17.42 17.16 -21.91
N GLU A 196 -16.29 17.31 -21.22
CA GLU A 196 -16.28 17.63 -19.80
C GLU A 196 -15.64 18.99 -19.56
N ASP A 197 -16.05 19.64 -18.47
CA ASP A 197 -15.64 21.01 -18.16
C ASP A 197 -14.39 21.01 -17.27
N GLN A 198 -13.34 20.38 -17.78
CA GLN A 198 -12.04 20.38 -17.13
C GLN A 198 -11.02 21.12 -17.99
N LEU A 199 -9.98 21.62 -17.31
CA LEU A 199 -8.81 22.15 -18.00
C LEU A 199 -8.06 21.00 -18.66
N ALA A 200 -7.94 21.06 -19.99
CA ALA A 200 -7.35 19.95 -20.73
C ALA A 200 -5.93 19.66 -20.26
N SER A 201 -5.13 20.71 -20.05
CA SER A 201 -3.74 20.51 -19.62
C SER A 201 -3.66 19.87 -18.24
N GLU A 202 -4.76 19.86 -17.48
CA GLU A 202 -4.81 19.21 -16.17
C GLU A 202 -5.98 18.23 -16.11
N LYS A 203 -6.38 17.69 -17.25
CA LYS A 203 -7.51 16.78 -17.28
C LYS A 203 -7.28 15.59 -16.35
N LYS A 204 -8.36 15.09 -15.77
CA LYS A 204 -8.31 13.95 -14.88
C LYS A 204 -9.52 13.04 -15.12
N GLY A 206 -12.84 11.43 -13.76
CA GLY A 206 -13.79 12.06 -12.87
C GLY A 206 -13.61 11.64 -11.42
N HIS A 207 -13.06 10.45 -11.21
CA HIS A 207 -12.83 9.90 -9.88
C HIS A 207 -11.35 9.91 -9.50
N LEU A 208 -10.60 10.85 -10.07
CA LEU A 208 -9.27 11.18 -9.62
C LEU A 208 -9.30 12.56 -8.95
N GLY A 209 -8.32 12.79 -8.07
CA GLY A 209 -8.22 14.06 -7.37
C GLY A 209 -7.45 15.10 -8.16
N GLY A 210 -7.48 16.32 -7.64
CA GLY A 210 -6.76 17.42 -8.25
C GLY A 210 -7.31 17.79 -9.60
N LYS A 211 -8.62 18.02 -9.68
CA LYS A 211 -9.27 18.43 -10.91
C LYS A 211 -9.42 19.94 -10.93
N VAL A 212 -9.32 20.53 -12.11
CA VAL A 212 -9.40 21.97 -12.30
C VAL A 212 -10.50 22.24 -13.32
N LEU A 213 -11.56 22.91 -12.86
CA LEU A 213 -12.65 23.27 -13.76
C LEU A 213 -12.24 24.41 -14.68
N ILE A 214 -12.95 24.53 -15.79
CA ILE A 214 -12.89 25.71 -16.65
C ILE A 214 -14.15 26.53 -16.38
N PRO A 215 -14.18 27.81 -16.74
CA PRO A 215 -15.40 28.59 -16.52
C PRO A 215 -16.58 28.01 -17.30
N THR A 216 -17.79 28.25 -16.78
CA THR A 216 -18.99 27.74 -17.41
C THR A 216 -19.07 28.17 -18.87
N GLN A 217 -18.84 29.45 -19.14
CA GLN A 217 -18.94 29.94 -20.51
C GLN A 217 -17.94 29.25 -21.42
N GLN A 218 -16.79 28.83 -20.88
CA GLN A 218 -15.78 28.18 -21.71
C GLN A 218 -16.25 26.80 -22.16
N HIS A 219 -16.95 26.06 -21.29
CA HIS A 219 -17.48 24.78 -21.71
C HIS A 219 -18.71 24.92 -22.61
N ILE A 220 -19.41 26.06 -22.54
CA ILE A 220 -20.41 26.35 -23.55
C ILE A 220 -19.76 26.56 -24.91
N ARG A 221 -18.55 27.13 -24.91
CA ARG A 221 -17.80 27.24 -26.16
C ARG A 221 -17.48 25.85 -26.71
N THR A 222 -17.07 24.94 -25.83
CA THR A 222 -16.75 23.58 -26.26
C THR A 222 -17.97 22.90 -26.87
N LEU A 223 -19.08 22.88 -26.13
CA LEU A 223 -20.31 22.27 -26.62
C LEU A 223 -20.79 22.93 -27.91
N THR A 224 -20.59 24.25 -28.04
CA THR A 224 -20.96 24.93 -29.27
C THR A 224 -20.05 24.51 -30.43
N SER A 225 -18.77 24.29 -30.14
CA SER A 225 -17.84 23.88 -31.18
C SER A 225 -18.10 22.44 -31.60
N ALA A 226 -18.46 21.58 -30.65
CA ALA A 226 -18.81 20.21 -31.00
C ALA A 226 -20.05 20.16 -31.88
N ARG A 227 -21.07 20.94 -31.53
CA ARG A 227 -22.27 21.02 -32.37
C ARG A 227 -21.94 21.57 -33.74
N LEU A 228 -21.11 22.62 -33.79
CA LEU A 228 -20.75 23.21 -35.08
C LEU A 228 -20.05 22.20 -35.97
N ALA A 229 -19.18 21.37 -35.41
CA ALA A 229 -18.47 20.38 -36.21
C ALA A 229 -19.43 19.33 -36.74
N ALA A 230 -20.44 18.95 -35.95
CA ALA A 230 -21.44 18.01 -36.42
C ALA A 230 -22.28 18.62 -37.54
N ASP A 231 -22.60 19.92 -37.43
CA ASP A 231 -23.41 20.58 -38.45
C ASP A 231 -22.63 20.75 -39.75
N VAL A 232 -21.37 21.16 -39.67
CA VAL A 232 -20.57 21.31 -40.88
C VAL A 232 -20.43 19.97 -41.59
N ALA A 233 -20.34 18.89 -40.83
CA ALA A 233 -20.29 17.54 -41.37
C ALA A 233 -21.67 16.97 -41.68
N ASP A 234 -22.74 17.69 -41.33
CA ASP A 234 -24.11 17.36 -41.73
C ASP A 234 -24.55 16.01 -41.19
N VAL A 235 -24.28 15.78 -39.90
CA VAL A 235 -24.78 14.58 -39.22
C VAL A 235 -25.30 14.99 -37.85
N PRO A 236 -26.42 14.36 -37.36
CA PRO A 236 -27.03 14.80 -36.08
C PRO A 236 -26.39 14.16 -34.86
N THR A 237 -25.08 14.35 -34.72
CA THR A 237 -24.34 13.72 -33.64
C THR A 237 -24.94 14.10 -32.29
N VAL A 238 -25.05 13.11 -31.41
CA VAL A 238 -25.53 13.34 -30.06
C VAL A 238 -24.42 13.96 -29.24
N VAL A 239 -24.67 15.16 -28.70
CA VAL A 239 -23.69 15.92 -27.92
C VAL A 239 -24.02 15.78 -26.45
N ILE A 240 -23.07 15.29 -25.68
CA ILE A 240 -23.25 15.00 -24.25
C ILE A 240 -22.36 15.94 -23.45
N ALA A 241 -22.94 16.60 -22.45
CA ALA A 241 -22.19 17.51 -21.58
C ALA A 241 -21.95 16.81 -20.25
N ARG A 242 -20.68 16.74 -19.86
CA ARG A 242 -20.28 16.22 -18.56
C ARG A 242 -19.73 17.35 -17.69
N THR A 243 -20.05 17.32 -16.41
CA THR A 243 -19.53 18.28 -15.44
C THR A 243 -18.81 17.54 -14.33
N ASP A 244 -17.62 18.02 -13.98
CA ASP A 244 -16.81 17.43 -12.92
C ASP A 244 -16.83 18.29 -11.64
N ALA A 245 -17.90 19.05 -11.44
CA ALA A 245 -17.97 20.01 -10.35
C ALA A 245 -18.28 19.38 -9.00
N GLU A 246 -18.69 18.10 -8.97
CA GLU A 246 -19.06 17.49 -7.70
C GLU A 246 -17.84 17.31 -6.80
N ALA A 247 -16.67 17.03 -7.37
CA ALA A 247 -15.46 16.76 -6.60
C ALA A 247 -14.35 17.77 -6.83
N ALA A 248 -14.37 18.51 -7.94
CA ALA A 248 -13.30 19.44 -8.25
C ALA A 248 -13.34 20.65 -7.32
N THR A 249 -12.21 20.97 -6.70
CA THR A 249 -12.11 22.09 -5.78
C THR A 249 -11.30 23.25 -6.35
N LEU A 250 -10.97 23.20 -7.65
CA LEU A 250 -10.18 24.23 -8.29
C LEU A 250 -10.84 24.64 -9.60
N ILE A 251 -10.58 25.88 -10.00
CA ILE A 251 -11.06 26.41 -11.27
C ILE A 251 -10.01 27.38 -11.81
N THR A 252 -9.88 27.42 -13.14
CA THR A 252 -8.84 28.22 -13.76
C THR A 252 -9.04 29.71 -13.50
N SER A 253 -10.29 30.17 -13.48
CA SER A 253 -10.56 31.60 -13.43
C SER A 253 -11.92 31.86 -12.78
N ASP A 254 -12.08 33.09 -12.30
CA ASP A 254 -13.31 33.54 -11.67
C ASP A 254 -14.10 34.49 -12.58
N VAL A 255 -13.87 34.38 -13.90
CA VAL A 255 -14.41 35.37 -14.83
C VAL A 255 -15.92 35.25 -15.00
N ASP A 256 -16.48 34.05 -14.80
CA ASP A 256 -17.89 33.81 -15.07
C ASP A 256 -18.71 34.04 -13.81
N GLU A 257 -19.66 34.97 -13.88
CA GLU A 257 -20.49 35.30 -12.71
C GLU A 257 -21.31 34.11 -12.24
N ARG A 258 -21.57 33.13 -13.10
CA ARG A 258 -22.26 31.93 -12.67
C ARG A 258 -21.38 31.05 -11.79
N ASP A 259 -20.06 31.17 -11.91
CA ASP A 259 -19.14 30.41 -11.07
C ASP A 259 -18.75 31.16 -9.80
N GLN A 260 -18.80 32.49 -9.82
CA GLN A 260 -18.28 33.27 -8.70
C GLN A 260 -18.90 32.93 -7.36
N PRO A 261 -20.21 32.66 -7.25
CA PRO A 261 -20.78 32.36 -5.92
C PRO A 261 -20.11 31.18 -5.22
N PHE A 262 -19.43 30.30 -5.95
CA PHE A 262 -18.78 29.14 -5.36
C PHE A 262 -17.30 29.35 -5.08
N ILE A 263 -16.74 30.46 -5.52
CA ILE A 263 -15.32 30.74 -5.32
C ILE A 263 -15.09 31.29 -3.92
N THR A 264 -14.01 30.85 -3.28
CA THR A 264 -13.68 31.28 -1.93
C THR A 264 -12.86 32.56 -1.90
N GLY A 265 -12.06 32.81 -2.93
CA GLY A 265 -11.21 33.97 -3.02
C GLY A 265 -9.72 33.64 -2.99
N GLU A 266 -9.34 32.58 -2.28
CA GLU A 266 -7.95 32.20 -2.21
C GLU A 266 -7.48 31.63 -3.55
N ARG A 267 -6.17 31.72 -3.79
CA ARG A 267 -5.54 31.21 -5.00
C ARG A 267 -4.39 30.28 -4.63
N THR A 268 -4.07 29.38 -5.55
CA THR A 268 -2.91 28.52 -5.41
C THR A 268 -1.68 29.19 -6.01
N ARG A 269 -0.52 28.60 -5.75
CA ARG A 269 0.72 29.10 -6.34
C ARG A 269 0.65 29.11 -7.87
N GLU A 270 -0.17 28.24 -8.46
CA GLU A 270 -0.31 28.20 -9.91
C GLU A 270 -1.23 29.28 -10.44
N GLY A 271 -2.08 29.87 -9.59
CA GLY A 271 -3.06 30.85 -10.01
C GLY A 271 -4.47 30.34 -10.05
N PHE A 272 -4.68 29.03 -9.88
CA PHE A 272 -6.03 28.48 -9.82
C PHE A 272 -6.79 29.05 -8.62
N TYR A 273 -8.10 29.10 -8.74
CA TYR A 273 -8.97 29.60 -7.68
C TYR A 273 -9.62 28.43 -6.97
N ARG A 274 -9.56 28.45 -5.64
CA ARG A 274 -10.21 27.42 -4.85
C ARG A 274 -11.72 27.66 -4.88
N THR A 275 -12.48 26.61 -5.17
CA THR A 275 -13.92 26.69 -5.32
C THR A 275 -14.59 25.59 -4.52
N LYS A 276 -15.84 25.86 -4.11
CA LYS A 276 -16.60 24.92 -3.29
C LYS A 276 -17.35 23.95 -4.20
N ASN A 277 -17.13 22.66 -3.97
CA ASN A 277 -17.66 21.60 -4.83
C ASN A 277 -19.00 21.10 -4.27
N GLY A 278 -19.58 20.12 -4.97
CA GLY A 278 -20.79 19.46 -4.53
C GLY A 278 -21.83 19.41 -5.62
N ILE A 279 -23.04 19.01 -5.23
CA ILE A 279 -24.12 18.89 -6.20
C ILE A 279 -24.63 20.26 -6.63
N GLU A 280 -24.57 21.26 -5.75
CA GLU A 280 -25.09 22.58 -6.10
C GLU A 280 -24.41 23.16 -7.32
N PRO A 281 -23.08 23.25 -7.40
CA PRO A 281 -22.47 23.72 -8.65
C PRO A 281 -22.73 22.80 -9.84
N CYS A 282 -22.96 21.51 -9.60
CA CYS A 282 -23.29 20.59 -10.69
C CYS A 282 -24.66 20.92 -11.28
N ILE A 283 -25.64 21.19 -10.42
CA ILE A 283 -26.96 21.60 -10.90
C ILE A 283 -26.85 22.89 -11.69
N ALA A 284 -26.16 23.89 -11.13
CA ALA A 284 -26.02 25.17 -11.81
C ALA A 284 -25.41 24.99 -13.20
N ARG A 285 -24.27 24.30 -13.27
CA ARG A 285 -23.64 24.08 -14.57
C ARG A 285 -24.51 23.24 -15.49
N ALA A 286 -25.24 22.27 -14.93
CA ALA A 286 -26.14 21.47 -15.75
C ALA A 286 -27.21 22.34 -16.39
N LYS A 287 -27.81 23.25 -15.62
CA LYS A 287 -28.81 24.16 -16.17
C LYS A 287 -28.21 25.04 -17.27
N ALA A 288 -26.98 25.50 -17.07
CA ALA A 288 -26.36 26.37 -18.06
C ALA A 288 -25.99 25.60 -19.33
N TYR A 289 -25.67 24.32 -19.21
CA TYR A 289 -25.31 23.51 -20.36
C TYR A 289 -26.52 23.00 -21.13
N ALA A 290 -27.69 22.96 -20.50
CA ALA A 290 -28.85 22.29 -21.08
C ALA A 290 -29.17 22.76 -22.50
N PRO A 291 -29.22 24.05 -22.80
CA PRO A 291 -29.55 24.47 -24.18
C PRO A 291 -28.57 23.94 -25.22
N PHE A 292 -27.41 23.44 -24.81
CA PHE A 292 -26.38 23.01 -25.74
C PHE A 292 -26.03 21.52 -25.60
N ALA A 293 -26.83 20.74 -24.88
CA ALA A 293 -26.50 19.36 -24.56
C ALA A 293 -27.71 18.46 -24.76
N ASP A 294 -27.55 17.44 -25.61
CA ASP A 294 -28.60 16.43 -25.77
C ASP A 294 -28.72 15.56 -24.53
N LEU A 295 -27.60 15.26 -23.90
CA LEU A 295 -27.55 14.54 -22.63
C LEU A 295 -26.67 15.32 -21.67
N ILE A 296 -26.97 15.20 -20.38
CA ILE A 296 -26.16 15.81 -19.32
C ILE A 296 -25.73 14.72 -18.37
N TRP A 297 -24.49 14.85 -17.88
CA TRP A 297 -23.83 13.80 -17.10
C TRP A 297 -23.11 14.46 -15.94
N MET A 298 -23.45 14.03 -14.72
CA MET A 298 -22.84 14.54 -13.50
C MET A 298 -21.94 13.45 -12.92
N GLU A 299 -20.64 13.68 -12.94
CA GLU A 299 -19.72 12.80 -12.22
C GLU A 299 -19.98 12.88 -10.73
N THR A 300 -20.06 11.73 -10.07
CA THR A 300 -20.33 11.67 -8.65
C THR A 300 -19.31 10.75 -7.97
N GLY A 301 -19.22 10.89 -6.65
CA GLY A 301 -18.24 10.15 -5.88
C GLY A 301 -18.70 8.80 -5.39
N THR A 302 -20.01 8.56 -5.40
CA THR A 302 -20.58 7.31 -4.93
C THR A 302 -21.75 6.92 -5.82
N PRO A 303 -22.13 5.65 -5.84
CA PRO A 303 -23.37 5.26 -6.52
C PRO A 303 -24.59 5.47 -5.62
N ASP A 304 -25.23 6.63 -5.75
CA ASP A 304 -26.26 7.06 -4.82
C ASP A 304 -27.51 7.42 -5.60
N LEU A 305 -28.59 6.66 -5.38
CA LEU A 305 -29.84 6.94 -6.07
C LEU A 305 -30.49 8.22 -5.56
N GLU A 306 -30.41 8.49 -4.26
CA GLU A 306 -30.96 9.72 -3.71
C GLU A 306 -30.28 10.93 -4.32
N ALA A 307 -28.95 10.94 -4.35
CA ALA A 307 -28.23 12.05 -4.95
C ALA A 307 -28.54 12.17 -6.44
N ALA A 308 -28.70 11.04 -7.12
CA ALA A 308 -29.08 11.07 -8.53
C ALA A 308 -30.46 11.70 -8.70
N ARG A 309 -31.39 11.41 -7.78
CA ARG A 309 -32.72 11.99 -7.87
C ARG A 309 -32.69 13.49 -7.65
N GLN A 310 -31.91 13.95 -6.67
CA GLN A 310 -31.79 15.39 -6.42
C GLN A 310 -31.32 16.11 -7.67
N PHE A 311 -30.26 15.61 -8.31
CA PHE A 311 -29.75 16.23 -9.52
C PHE A 311 -30.78 16.15 -10.65
N SER A 312 -31.47 15.02 -10.75
CA SER A 312 -32.45 14.85 -11.83
C SER A 312 -33.62 15.82 -11.68
N GLU A 313 -34.27 15.80 -10.51
CA GLU A 313 -35.44 16.65 -10.32
C GLU A 313 -35.08 18.12 -10.48
N ALA A 314 -33.94 18.54 -9.92
CA ALA A 314 -33.56 19.95 -10.03
C ALA A 314 -33.32 20.35 -11.49
N VAL A 315 -32.68 19.48 -12.27
CA VAL A 315 -32.42 19.79 -13.67
C VAL A 315 -33.74 19.79 -14.46
N LYS A 316 -34.55 18.76 -14.27
CA LYS A 316 -35.81 18.64 -15.00
C LYS A 316 -36.83 19.69 -14.59
N ALA A 317 -36.63 20.38 -13.46
CA ALA A 317 -37.55 21.44 -13.07
C ALA A 317 -37.48 22.61 -14.04
N GLU A 318 -36.30 22.90 -14.59
CA GLU A 318 -36.14 23.96 -15.58
C GLU A 318 -36.21 23.44 -17.00
N TYR A 319 -35.80 22.19 -17.24
CA TYR A 319 -35.82 21.56 -18.56
C TYR A 319 -36.38 20.16 -18.41
N PRO A 320 -37.71 20.01 -18.41
CA PRO A 320 -38.30 18.70 -18.07
C PRO A 320 -38.07 17.63 -19.13
N ASP A 321 -37.74 17.98 -20.36
CA ASP A 321 -37.46 17.00 -21.39
C ASP A 321 -35.97 16.65 -21.49
N GLN A 322 -35.13 17.18 -20.61
CA GLN A 322 -33.70 16.94 -20.70
C GLN A 322 -33.39 15.50 -20.27
N MET A 323 -32.73 14.76 -21.15
CA MET A 323 -32.24 13.43 -20.80
C MET A 323 -30.90 13.53 -20.08
N LEU A 324 -30.66 12.58 -19.19
CA LEU A 324 -29.43 12.55 -18.39
C LEU A 324 -28.66 11.26 -18.68
N ALA A 325 -27.40 11.26 -18.28
CA ALA A 325 -26.54 10.10 -18.41
C ALA A 325 -25.83 9.87 -17.07
N TYR A 326 -25.55 8.60 -16.78
CA TYR A 326 -24.98 8.22 -15.50
C TYR A 326 -23.85 7.23 -15.70
N ASN A 327 -22.72 7.49 -15.06
CA ASN A 327 -21.56 6.61 -15.09
C ASN A 327 -21.66 5.64 -13.92
N CYS A 328 -22.01 4.39 -14.23
CA CYS A 328 -21.95 3.31 -13.24
C CYS A 328 -20.50 2.86 -13.16
N SER A 329 -19.71 3.64 -12.42
CA SER A 329 -18.26 3.60 -12.53
C SER A 329 -17.70 2.39 -11.80
N PRO A 330 -16.75 1.65 -12.40
CA PRO A 330 -16.00 0.65 -11.62
C PRO A 330 -15.12 1.26 -10.53
N SER A 331 -14.85 2.56 -10.59
CA SER A 331 -14.15 3.23 -9.50
C SER A 331 -14.92 3.15 -8.20
N PHE A 332 -16.21 2.83 -8.26
CA PHE A 332 -17.02 2.64 -7.06
C PHE A 332 -16.87 1.22 -6.55
N ASN A 333 -16.61 1.07 -5.26
CA ASN A 333 -16.70 -0.23 -4.60
C ASN A 333 -18.17 -0.48 -4.32
N TRP A 334 -18.81 -1.30 -5.17
CA TRP A 334 -20.26 -1.36 -5.21
C TRP A 334 -20.83 -2.03 -3.96
N LYS A 335 -20.31 -3.21 -3.61
CA LYS A 335 -20.87 -3.90 -2.45
C LYS A 335 -20.49 -3.24 -1.13
N LYS A 336 -19.54 -2.30 -1.13
CA LYS A 336 -19.27 -1.54 0.08
C LYS A 336 -20.36 -0.52 0.36
N HIS A 337 -21.02 -0.02 -0.68
CA HIS A 337 -22.01 1.05 -0.52
C HIS A 337 -23.45 0.56 -0.59
N LEU A 338 -23.71 -0.57 -1.27
CA LEU A 338 -25.07 -0.97 -1.59
C LEU A 338 -25.29 -2.44 -1.30
N ASP A 339 -26.52 -2.77 -0.90
CA ASP A 339 -26.96 -4.14 -0.79
C ASP A 339 -27.30 -4.70 -2.16
N ASP A 340 -27.48 -6.03 -2.21
CA ASP A 340 -27.68 -6.69 -3.50
C ASP A 340 -28.99 -6.27 -4.15
N ALA A 341 -30.04 -6.07 -3.36
CA ALA A 341 -31.33 -5.66 -3.92
C ALA A 341 -31.23 -4.31 -4.61
N THR A 342 -30.55 -3.35 -3.97
CA THR A 342 -30.40 -2.04 -4.56
C THR A 342 -29.56 -2.10 -5.82
N ILE A 343 -28.49 -2.90 -5.81
CA ILE A 343 -27.67 -3.08 -7.00
C ILE A 343 -28.51 -3.59 -8.16
N ALA A 344 -29.41 -4.53 -7.89
CA ALA A 344 -30.21 -5.14 -8.95
C ALA A 344 -31.15 -4.14 -9.61
N LYS A 345 -31.70 -3.20 -8.84
CA LYS A 345 -32.63 -2.21 -9.35
C LYS A 345 -31.95 -0.92 -9.77
N PHE A 346 -30.64 -0.80 -9.58
CA PHE A 346 -29.96 0.49 -9.73
C PHE A 346 -30.26 1.14 -11.08
N GLN A 347 -29.89 0.47 -12.17
CA GLN A 347 -30.09 1.07 -13.49
C GLN A 347 -31.57 1.31 -13.78
N LYS A 348 -32.43 0.39 -13.33
CA LYS A 348 -33.86 0.57 -13.57
C LYS A 348 -34.39 1.82 -12.86
N GLU A 349 -34.06 1.98 -11.57
CA GLU A 349 -34.47 3.17 -10.85
C GLU A 349 -33.92 4.43 -11.52
N LEU A 350 -32.66 4.39 -11.95
CA LEU A 350 -32.08 5.54 -12.62
C LEU A 350 -32.84 5.90 -13.89
N ALA A 351 -33.29 4.88 -14.65
CA ALA A 351 -33.98 5.15 -15.89
C ALA A 351 -35.26 5.94 -15.65
N ALA A 352 -35.98 5.62 -14.57
CA ALA A 352 -37.20 6.34 -14.26
C ALA A 352 -36.93 7.80 -13.94
N MET A 353 -35.73 8.11 -13.45
CA MET A 353 -35.37 9.49 -13.12
C MET A 353 -34.98 10.31 -14.33
N GLY A 354 -34.78 9.69 -15.49
CA GLY A 354 -34.35 10.38 -16.69
C GLY A 354 -32.97 10.03 -17.16
N PHE A 355 -32.28 9.11 -16.48
CA PHE A 355 -30.95 8.68 -16.92
C PHE A 355 -31.14 7.64 -18.01
N LYS A 356 -31.18 8.10 -19.25
CA LYS A 356 -31.51 7.24 -20.39
C LYS A 356 -30.29 6.62 -21.07
N PHE A 357 -29.09 7.08 -20.75
CA PHE A 357 -27.86 6.42 -21.19
C PHE A 357 -27.00 6.13 -19.98
N GLN A 358 -26.74 4.85 -19.72
CA GLN A 358 -25.97 4.42 -18.56
C GLN A 358 -24.88 3.46 -19.01
N PHE A 359 -23.69 3.60 -18.45
CA PHE A 359 -22.53 2.90 -18.96
C PHE A 359 -21.56 2.56 -17.85
N ILE A 360 -20.85 1.44 -18.02
CA ILE A 360 -19.76 1.04 -17.15
C ILE A 360 -18.46 1.37 -17.87
N THR A 361 -17.79 2.42 -17.41
CA THR A 361 -16.68 3.00 -18.17
C THR A 361 -15.57 2.00 -18.42
N LEU A 362 -15.07 1.36 -17.37
CA LEU A 362 -13.87 0.52 -17.47
C LEU A 362 -14.20 -0.97 -17.52
N ALA A 363 -15.36 -1.33 -18.07
CA ALA A 363 -15.73 -2.75 -18.11
C ALA A 363 -14.73 -3.56 -18.92
N GLY A 364 -14.21 -3.00 -20.00
CA GLY A 364 -13.25 -3.71 -20.83
C GLY A 364 -11.90 -3.87 -20.17
N PHE A 365 -11.43 -2.82 -19.49
CA PHE A 365 -10.16 -2.91 -18.78
C PHE A 365 -10.18 -4.03 -17.75
N HIS A 366 -11.27 -4.15 -17.00
CA HIS A 366 -11.31 -5.14 -15.93
C HIS A 366 -11.57 -6.54 -16.46
N ALA A 367 -12.48 -6.67 -17.44
CA ALA A 367 -12.69 -7.97 -18.07
C ALA A 367 -11.39 -8.48 -18.67
N LEU A 368 -10.66 -7.62 -19.37
CA LEU A 368 -9.42 -8.04 -20.04
C LEU A 368 -8.34 -8.38 -19.02
N ASN A 369 -8.15 -7.52 -18.03
CA ASN A 369 -7.06 -7.74 -17.08
C ASN A 369 -7.34 -8.94 -16.18
N TYR A 370 -8.60 -9.14 -15.77
CA TYR A 370 -8.90 -10.25 -14.87
C TYR A 370 -8.88 -11.58 -15.62
N SER A 371 -9.47 -11.63 -16.81
CA SER A 371 -9.51 -12.89 -17.54
C SER A 371 -8.12 -13.38 -17.88
N MET A 372 -7.23 -12.48 -18.31
CA MET A 372 -5.88 -12.92 -18.66
C MET A 372 -5.08 -13.28 -17.42
N PHE A 373 -5.29 -12.57 -16.31
CA PHE A 373 -4.58 -12.93 -15.09
C PHE A 373 -5.04 -14.28 -14.56
N ASP A 374 -6.35 -14.50 -14.52
CA ASP A 374 -6.87 -15.77 -14.03
C ASP A 374 -6.37 -16.93 -14.88
N LEU A 375 -6.28 -16.72 -16.19
CA LEU A 375 -5.78 -17.78 -17.08
C LEU A 375 -4.27 -17.96 -16.89
N ALA A 376 -3.52 -16.87 -16.89
CA ALA A 376 -2.06 -16.97 -16.74
C ALA A 376 -1.69 -17.53 -15.38
N TYR A 377 -2.44 -17.19 -14.33
CA TYR A 377 -2.15 -17.73 -13.01
C TYR A 377 -2.32 -19.25 -12.99
N GLY A 378 -3.45 -19.74 -13.52
CA GLY A 378 -3.63 -21.17 -13.63
C GLY A 378 -2.68 -21.83 -14.60
N TYR A 379 -2.33 -21.12 -15.68
CA TYR A 379 -1.39 -21.66 -16.66
C TYR A 379 0.00 -21.83 -16.07
N ALA A 380 0.39 -20.91 -15.17
CA ALA A 380 1.71 -20.98 -14.58
C ALA A 380 1.86 -22.16 -13.63
N GLN A 381 0.75 -22.70 -13.13
CA GLN A 381 0.79 -23.80 -12.16
C GLN A 381 0.39 -25.14 -12.73
N ASN A 382 -0.54 -25.20 -13.68
CA ASN A 382 -1.06 -26.46 -14.19
C ASN A 382 -1.02 -26.56 -15.71
N GLN A 383 -0.41 -25.60 -16.40
CA GLN A 383 -0.17 -25.69 -17.85
C GLN A 383 -1.51 -25.86 -18.55
N MET A 384 -1.70 -26.89 -19.39
CA MET A 384 -2.86 -26.94 -20.27
C MET A 384 -4.15 -27.12 -19.52
N SER A 385 -4.11 -27.71 -18.32
CA SER A 385 -5.34 -27.90 -17.57
C SER A 385 -6.08 -26.59 -17.35
N ALA A 386 -5.35 -25.47 -17.28
CA ALA A 386 -6.00 -24.18 -17.07
C ALA A 386 -6.73 -23.71 -18.33
N TYR A 387 -6.13 -23.93 -19.51
CA TYR A 387 -6.77 -23.42 -20.72
C TYR A 387 -7.98 -24.25 -21.11
N VAL A 388 -7.92 -25.56 -20.90
CA VAL A 388 -9.05 -26.43 -21.25
C VAL A 388 -10.30 -26.01 -20.48
N GLU A 389 -10.12 -25.51 -19.25
CA GLU A 389 -11.27 -24.97 -18.52
C GLU A 389 -11.91 -23.82 -19.28
N LEU A 390 -11.11 -22.92 -19.83
CA LEU A 390 -11.65 -21.81 -20.59
C LEU A 390 -12.34 -22.31 -21.86
N GLN A 391 -11.66 -23.19 -22.60
CA GLN A 391 -12.26 -23.73 -23.83
C GLN A 391 -13.59 -24.42 -23.52
N GLU A 392 -13.64 -25.18 -22.42
CA GLU A 392 -14.88 -25.84 -22.04
C GLU A 392 -15.96 -24.83 -21.63
N ARG A 393 -15.57 -23.70 -21.04
CA ARG A 393 -16.57 -22.68 -20.75
C ARG A 393 -17.11 -22.08 -22.04
N GLU A 394 -16.24 -21.80 -22.99
CA GLU A 394 -16.68 -21.30 -24.29
C GLU A 394 -17.64 -22.29 -24.96
N PHE A 395 -17.29 -23.58 -24.94
CA PHE A 395 -18.21 -24.59 -25.46
C PHE A 395 -19.55 -24.52 -24.74
N ALA A 396 -19.54 -24.31 -23.43
CA ALA A 396 -20.78 -24.26 -22.67
C ALA A 396 -21.58 -23.00 -22.98
N ALA A 397 -20.89 -21.90 -23.28
CA ALA A 397 -21.57 -20.63 -23.55
C ALA A 397 -22.24 -20.62 -24.91
N GLU A 398 -22.08 -21.65 -25.73
CA GLU A 398 -22.71 -21.65 -27.05
C GLU A 398 -24.23 -21.74 -26.95
N GLU A 399 -24.75 -22.34 -25.88
CA GLU A 399 -26.19 -22.34 -25.67
C GLU A 399 -26.74 -20.94 -25.50
N ARG A 400 -25.96 -20.04 -24.89
CA ARG A 400 -26.39 -18.66 -24.70
C ARG A 400 -26.16 -17.78 -25.92
N GLY A 401 -25.50 -18.29 -26.96
CA GLY A 401 -25.27 -17.54 -28.18
C GLY A 401 -23.83 -17.22 -28.49
N TYR A 402 -22.89 -17.69 -27.67
CA TYR A 402 -21.47 -17.46 -27.92
C TYR A 402 -21.06 -18.16 -29.20
N THR A 403 -20.15 -17.55 -29.94
CA THR A 403 -19.67 -18.11 -31.20
C THR A 403 -18.16 -18.06 -31.39
N ALA A 404 -17.42 -17.34 -30.54
CA ALA A 404 -16.00 -17.16 -30.81
C ALA A 404 -15.17 -18.41 -30.58
N THR A 405 -15.76 -19.49 -30.05
CA THR A 405 -15.03 -20.73 -29.92
C THR A 405 -14.50 -21.20 -31.28
N LYS A 406 -15.34 -21.09 -32.31
CA LYS A 406 -14.89 -21.28 -33.69
C LYS A 406 -14.23 -19.97 -34.13
N HIS A 407 -12.96 -19.81 -33.71
CA HIS A 407 -12.29 -18.52 -33.87
C HIS A 407 -11.99 -18.20 -35.33
N GLN A 408 -11.82 -19.22 -36.19
CA GLN A 408 -11.48 -18.96 -37.58
C GLN A 408 -12.62 -18.23 -38.29
N ARG A 409 -13.85 -18.75 -38.19
CA ARG A 409 -14.98 -18.08 -38.80
C ARG A 409 -15.37 -16.81 -38.05
N GLU A 410 -15.05 -16.70 -36.76
CA GLU A 410 -15.39 -15.49 -36.01
C GLU A 410 -14.71 -14.25 -36.60
N VAL A 411 -13.50 -14.41 -37.15
CA VAL A 411 -12.75 -13.29 -37.71
C VAL A 411 -12.88 -13.24 -39.23
N GLY A 412 -13.71 -14.07 -39.83
CA GLY A 412 -14.07 -13.93 -41.22
C GLY A 412 -13.35 -14.81 -42.22
N ALA A 413 -12.90 -16.00 -41.82
CA ALA A 413 -12.26 -16.90 -42.77
C ALA A 413 -13.24 -17.37 -43.84
N GLY A 414 -14.48 -17.65 -43.45
CA GLY A 414 -15.50 -17.98 -44.42
C GLY A 414 -15.89 -16.80 -45.29
N TYR A 415 -15.89 -15.59 -44.72
CA TYR A 415 -16.23 -14.42 -45.51
C TYR A 415 -15.21 -14.19 -46.61
N PHE A 416 -13.91 -14.27 -46.27
CA PHE A 416 -12.88 -14.09 -47.29
C PHE A 416 -12.78 -15.30 -48.21
N ASP A 417 -13.12 -16.49 -47.72
CA ASP A 417 -13.31 -17.61 -48.64
C ASP A 417 -14.38 -17.28 -49.67
N ARG A 418 -15.44 -16.59 -49.24
CA ARG A 418 -16.50 -16.21 -50.18
C ARG A 418 -15.99 -15.19 -51.19
N ILE A 419 -15.16 -14.24 -50.75
CA ILE A 419 -14.54 -13.30 -51.69
C ILE A 419 -13.68 -14.07 -52.68
N ALA A 420 -12.85 -14.98 -52.18
CA ALA A 420 -11.93 -15.71 -53.04
C ALA A 420 -12.68 -16.50 -54.12
N THR A 421 -13.69 -17.27 -53.71
CA THR A 421 -14.44 -18.07 -54.68
C THR A 421 -15.33 -17.21 -55.58
N THR A 422 -15.69 -16.00 -55.14
CA THR A 422 -16.37 -15.07 -56.03
C THR A 422 -15.44 -14.62 -57.16
N VAL A 423 -14.17 -14.41 -56.85
CA VAL A 423 -13.20 -14.04 -57.87
C VAL A 423 -12.82 -15.27 -58.70
N ASP A 424 -12.51 -16.38 -58.02
CA ASP A 424 -12.08 -17.62 -58.67
C ASP A 424 -12.85 -18.77 -58.04
N PRO A 425 -13.98 -19.18 -58.63
CA PRO A 425 -14.76 -20.28 -58.05
C PRO A 425 -13.96 -21.57 -57.85
N ASN A 426 -12.96 -21.84 -58.70
CA ASN A 426 -12.22 -23.09 -58.65
C ASN A 426 -10.88 -22.95 -57.92
N SER A 427 -10.74 -21.93 -57.07
CA SER A 427 -9.50 -21.79 -56.31
C SER A 427 -9.35 -22.96 -55.34
N SER A 428 -8.14 -23.52 -55.30
CA SER A 428 -7.81 -24.62 -54.41
C SER A 428 -7.04 -24.16 -53.18
N THR A 429 -7.14 -22.87 -52.82
CA THR A 429 -6.40 -22.34 -51.68
C THR A 429 -7.31 -21.62 -50.69
N THR A 430 -8.57 -22.02 -50.60
CA THR A 430 -9.45 -21.48 -49.58
C THR A 430 -9.02 -21.99 -48.20
N ALA A 431 -9.41 -21.24 -47.17
CA ALA A 431 -8.83 -21.38 -45.82
C ALA A 431 -9.59 -22.39 -44.95
N LEU A 432 -10.91 -22.29 -44.88
CA LEU A 432 -11.67 -23.18 -44.00
C LEU A 432 -11.70 -24.62 -44.50
N THR A 433 -11.50 -24.83 -45.81
CA THR A 433 -11.53 -26.18 -46.38
C THR A 433 -10.43 -27.03 -45.77
N GLY A 434 -10.81 -28.03 -44.98
CA GLY A 434 -9.85 -28.90 -44.35
C GLY A 434 -9.22 -28.34 -43.08
N SER A 435 -9.75 -27.24 -42.57
CA SER A 435 -9.24 -26.67 -41.33
C SER A 435 -9.55 -27.58 -40.15
N THR A 436 -8.75 -27.45 -39.09
CA THR A 436 -9.01 -28.20 -37.87
C THR A 436 -10.32 -27.75 -37.24
N GLU A 437 -10.73 -26.50 -37.50
CA GLU A 437 -12.03 -26.05 -37.02
C GLU A 437 -13.15 -26.82 -37.73
N GLU A 438 -13.02 -27.03 -39.03
CA GLU A 438 -14.00 -27.80 -39.78
C GLU A 438 -14.14 -29.22 -39.22
N GLY A 439 -13.03 -29.83 -38.81
CA GLY A 439 -13.04 -31.24 -38.45
C GLY A 439 -13.11 -31.53 -36.96
N GLN A 440 -13.01 -30.50 -36.11
CA GLN A 440 -12.94 -30.72 -34.67
C GLN A 440 -13.94 -29.91 -33.86
N PHE A 441 -14.71 -29.03 -34.49
CA PHE A 441 -15.66 -28.18 -33.77
C PHE A 441 -17.09 -28.36 -34.27
N MET B 15 34.02 13.28 -35.43
CA MET B 15 32.59 13.53 -35.03
C MET B 15 32.35 13.02 -33.61
N SER B 16 31.73 11.86 -33.48
CA SER B 16 31.47 11.25 -32.17
C SER B 16 31.67 9.75 -32.29
N VAL B 17 32.07 9.14 -31.17
CA VAL B 17 32.31 7.69 -31.13
C VAL B 17 31.04 6.91 -30.84
N VAL B 18 29.90 7.58 -30.63
CA VAL B 18 28.67 6.90 -30.28
C VAL B 18 28.24 6.00 -31.43
N GLY B 19 27.98 4.74 -31.13
CA GLY B 19 27.48 3.82 -32.12
C GLY B 19 28.47 3.40 -33.17
N THR B 20 29.77 3.46 -32.86
CA THR B 20 30.78 3.06 -33.83
C THR B 20 30.60 1.58 -34.14
N PRO B 21 30.53 1.19 -35.42
CA PRO B 21 30.41 -0.24 -35.74
C PRO B 21 31.64 -1.01 -35.28
N LYS B 22 31.42 -2.25 -34.85
CA LYS B 22 32.53 -3.14 -34.56
C LYS B 22 33.20 -3.58 -35.86
N SER B 23 34.44 -4.03 -35.74
CA SER B 23 35.18 -4.48 -36.90
C SER B 23 34.76 -5.90 -37.28
N ALA B 24 34.98 -6.23 -38.55
CA ALA B 24 34.68 -7.58 -39.02
C ALA B 24 35.46 -8.62 -38.20
N GLU B 25 36.62 -8.23 -37.66
CA GLU B 25 37.40 -9.15 -36.83
C GLU B 25 36.69 -9.46 -35.52
N GLN B 26 36.15 -8.43 -34.85
CA GLN B 26 35.43 -8.65 -33.61
C GLN B 26 34.21 -9.51 -33.83
N ILE B 27 33.46 -9.25 -34.91
CA ILE B 27 32.28 -10.06 -35.21
C ILE B 27 32.69 -11.50 -35.47
N GLN B 28 33.76 -11.70 -36.24
CA GLN B 28 34.26 -13.06 -36.45
C GLN B 28 34.70 -13.69 -35.13
N GLN B 29 35.38 -12.92 -34.28
CA GLN B 29 35.76 -13.41 -32.96
C GLN B 29 34.52 -13.82 -32.16
N GLU B 30 33.50 -12.96 -32.14
CA GLU B 30 32.29 -13.27 -31.39
C GLU B 30 31.62 -14.54 -31.93
N TRP B 31 31.61 -14.70 -33.26
CA TRP B 31 31.02 -15.90 -33.85
C TRP B 31 31.81 -17.16 -33.50
N ASP B 32 33.13 -17.03 -33.33
CA ASP B 32 33.96 -18.21 -33.12
C ASP B 32 33.93 -18.70 -31.67
N THR B 33 33.85 -17.77 -30.71
CA THR B 33 34.02 -18.10 -29.30
C THR B 33 32.72 -18.15 -28.52
N ASN B 34 31.79 -17.24 -28.77
CA ASN B 34 30.55 -17.21 -28.00
C ASN B 34 29.75 -18.49 -28.22
N PRO B 35 29.47 -19.29 -27.19
CA PRO B 35 28.70 -20.52 -27.40
C PRO B 35 27.28 -20.28 -27.90
N ARG B 36 26.76 -19.06 -27.79
CA ARG B 36 25.46 -18.74 -28.36
C ARG B 36 25.42 -19.11 -29.83
N TRP B 37 26.53 -18.98 -30.54
CA TRP B 37 26.62 -19.28 -31.97
C TRP B 37 27.24 -20.66 -32.22
N LYS B 38 27.07 -21.58 -31.26
CA LYS B 38 27.78 -22.85 -31.33
C LYS B 38 27.34 -23.71 -32.51
N ASP B 39 26.10 -23.56 -32.97
CA ASP B 39 25.58 -24.38 -34.05
C ASP B 39 24.85 -23.54 -35.10
N VAL B 40 25.31 -22.32 -35.33
CA VAL B 40 24.67 -21.39 -36.26
C VAL B 40 25.53 -21.29 -37.51
N THR B 41 24.96 -21.67 -38.64
CA THR B 41 25.62 -21.52 -39.94
C THR B 41 25.28 -20.18 -40.55
N ARG B 42 26.30 -19.51 -41.10
CA ARG B 42 26.13 -18.26 -41.83
C ARG B 42 26.77 -18.41 -43.19
N THR B 43 25.97 -18.30 -44.25
CA THR B 43 26.48 -18.37 -45.61
C THR B 43 27.05 -17.05 -46.10
N TYR B 44 27.03 -16.01 -45.26
CA TYR B 44 27.65 -14.73 -45.57
C TYR B 44 28.77 -14.48 -44.56
N SER B 45 29.71 -13.62 -44.96
CA SER B 45 30.90 -13.36 -44.15
C SER B 45 30.65 -12.21 -43.17
N ALA B 46 31.49 -12.15 -42.14
CA ALA B 46 31.42 -11.05 -41.20
C ALA B 46 31.63 -9.71 -41.89
N GLU B 47 32.48 -9.68 -42.94
CA GLU B 47 32.66 -8.45 -43.71
C GLU B 47 31.37 -8.05 -44.42
N ASP B 48 30.56 -9.03 -44.85
CA ASP B 48 29.29 -8.70 -45.49
C ASP B 48 28.36 -7.99 -44.51
N VAL B 49 28.40 -8.38 -43.24
CA VAL B 49 27.61 -7.69 -42.22
C VAL B 49 28.10 -6.25 -42.07
N VAL B 50 29.41 -6.07 -41.94
CA VAL B 50 29.97 -4.74 -41.72
C VAL B 50 29.58 -3.81 -42.86
N ALA B 51 29.62 -4.30 -44.11
CA ALA B 51 29.35 -3.46 -45.26
C ALA B 51 27.93 -2.91 -45.26
N LEU B 52 27.02 -3.52 -44.50
CA LEU B 52 25.63 -3.10 -44.49
C LEU B 52 25.26 -2.26 -43.26
N GLN B 53 26.24 -1.88 -42.44
CA GLN B 53 25.95 -1.21 -41.18
C GLN B 53 26.20 0.29 -41.21
N GLY B 54 26.60 0.85 -42.35
CA GLY B 54 26.81 2.28 -42.41
C GLY B 54 27.87 2.73 -41.41
N SER B 55 27.77 4.02 -41.04
CA SER B 55 28.71 4.64 -40.11
C SER B 55 28.27 4.56 -38.66
N VAL B 56 27.00 4.29 -38.40
CA VAL B 56 26.44 4.23 -37.06
C VAL B 56 25.62 2.96 -36.93
N VAL B 57 25.72 2.31 -35.77
CA VAL B 57 24.92 1.14 -35.44
C VAL B 57 24.08 1.50 -34.22
N GLU B 58 22.77 1.60 -34.42
CA GLU B 58 21.88 1.90 -33.31
C GLU B 58 21.86 0.75 -32.31
N GLU B 59 21.92 1.09 -31.03
CA GLU B 59 21.78 0.09 -29.98
C GLU B 59 20.31 -0.21 -29.75
N HIS B 60 19.98 -1.50 -29.69
CA HIS B 60 18.62 -1.96 -29.45
C HIS B 60 18.61 -2.67 -28.10
N THR B 61 18.48 -1.89 -27.03
CA THR B 61 18.62 -2.41 -25.68
C THR B 61 17.67 -3.58 -25.42
N LEU B 62 16.36 -3.34 -25.58
CA LEU B 62 15.39 -4.35 -25.19
C LEU B 62 15.47 -5.59 -26.08
N ALA B 63 15.85 -5.42 -27.34
CA ALA B 63 16.04 -6.57 -28.21
C ALA B 63 17.21 -7.43 -27.74
N ARG B 64 18.30 -6.79 -27.32
CA ARG B 64 19.45 -7.54 -26.83
C ARG B 64 19.13 -8.21 -25.50
N ARG B 65 18.63 -7.45 -24.53
CA ARG B 65 18.36 -8.01 -23.22
C ARG B 65 17.37 -9.17 -23.31
N GLY B 66 16.25 -8.96 -24.01
CA GLY B 66 15.27 -10.03 -24.15
C GLY B 66 15.86 -11.25 -24.83
N ALA B 67 16.62 -11.06 -25.90
CA ALA B 67 17.23 -12.18 -26.60
C ALA B 67 18.17 -12.95 -25.69
N GLU B 68 19.00 -12.24 -24.92
CA GLU B 68 19.91 -12.91 -24.00
C GLU B 68 19.15 -13.60 -22.87
N VAL B 69 18.10 -12.95 -22.34
CA VAL B 69 17.31 -13.59 -21.29
C VAL B 69 16.59 -14.81 -21.83
N LEU B 70 16.07 -14.73 -23.05
CA LEU B 70 15.36 -15.86 -23.64
C LEU B 70 16.30 -17.05 -23.82
N TRP B 71 17.46 -16.82 -24.45
CA TRP B 71 18.42 -17.89 -24.64
C TRP B 71 18.83 -18.50 -23.31
N GLU B 72 19.02 -17.67 -22.29
CA GLU B 72 19.38 -18.17 -20.97
C GLU B 72 18.29 -19.05 -20.39
N GLN B 73 17.04 -18.59 -20.45
CA GLN B 73 15.94 -19.34 -19.85
C GLN B 73 15.70 -20.67 -20.57
N LEU B 74 15.92 -20.70 -21.89
CA LEU B 74 15.74 -21.95 -22.62
C LEU B 74 16.71 -23.04 -22.20
N HIS B 75 17.80 -22.68 -21.50
CA HIS B 75 18.77 -23.66 -21.03
C HIS B 75 18.75 -23.84 -19.52
N ASP B 76 18.21 -22.89 -18.76
CA ASP B 76 18.09 -23.01 -17.32
C ASP B 76 16.80 -23.71 -16.92
N LEU B 77 15.67 -23.22 -17.42
CA LEU B 77 14.37 -23.75 -17.02
C LEU B 77 14.08 -25.07 -17.71
N GLU B 78 13.21 -25.87 -17.08
CA GLU B 78 12.74 -27.10 -17.70
C GLU B 78 12.15 -26.83 -19.08
N TRP B 79 11.32 -25.78 -19.17
CA TRP B 79 10.92 -25.23 -20.46
C TRP B 79 10.34 -23.86 -20.24
N VAL B 80 10.23 -23.10 -21.32
CA VAL B 80 9.68 -21.75 -21.29
C VAL B 80 8.33 -21.79 -21.97
N ASN B 81 7.28 -21.44 -21.23
CA ASN B 81 5.93 -21.46 -21.76
C ASN B 81 5.33 -20.07 -21.73
N ALA B 82 4.45 -19.79 -22.68
CA ALA B 82 3.91 -18.45 -22.86
C ALA B 82 2.47 -18.53 -23.32
N LEU B 83 1.78 -17.39 -23.27
CA LEU B 83 0.44 -17.21 -23.78
C LEU B 83 0.42 -16.08 -24.79
N GLY B 84 -0.49 -16.19 -25.76
CA GLY B 84 -0.62 -15.15 -26.77
C GLY B 84 -1.18 -13.88 -26.15
N ALA B 85 -0.58 -12.74 -26.48
CA ALA B 85 -0.99 -11.45 -25.95
C ALA B 85 -1.13 -10.47 -27.10
N LEU B 86 -2.26 -9.75 -27.14
CA LEU B 86 -2.52 -8.79 -28.20
C LEU B 86 -2.70 -7.36 -27.70
N THR B 87 -2.65 -7.12 -26.39
CA THR B 87 -2.58 -5.77 -25.84
C THR B 87 -1.48 -5.71 -24.78
N GLY B 88 -1.06 -4.49 -24.46
CA GLY B 88 -0.03 -4.31 -23.45
C GLY B 88 -0.47 -4.80 -22.09
N ASN B 89 -1.73 -4.54 -21.72
CA ASN B 89 -2.23 -5.00 -20.42
C ASN B 89 -2.19 -6.52 -20.34
N MET B 90 -2.48 -7.21 -21.44
CA MET B 90 -2.41 -8.67 -21.44
C MET B 90 -1.02 -9.15 -21.07
N ALA B 91 0.00 -8.59 -21.73
CA ALA B 91 1.37 -8.99 -21.42
C ALA B 91 1.71 -8.70 -19.97
N VAL B 92 1.24 -7.55 -19.46
CA VAL B 92 1.50 -7.20 -18.06
C VAL B 92 0.95 -8.27 -17.13
N GLN B 93 -0.29 -8.71 -17.37
CA GLN B 93 -0.91 -9.68 -16.47
C GLN B 93 -0.25 -11.04 -16.57
N GLN B 94 0.31 -11.38 -17.73
CA GLN B 94 0.98 -12.67 -17.89
C GLN B 94 2.25 -12.73 -17.06
N VAL B 95 3.06 -11.66 -17.09
CA VAL B 95 4.25 -11.60 -16.26
C VAL B 95 3.88 -11.48 -14.79
N ARG B 96 2.89 -10.64 -14.48
CA ARG B 96 2.40 -10.51 -13.11
C ARG B 96 2.00 -11.87 -12.54
N ALA B 97 1.43 -12.73 -13.37
CA ALA B 97 0.96 -14.02 -12.91
C ALA B 97 2.08 -15.06 -12.79
N GLY B 98 3.24 -14.81 -13.38
CA GLY B 98 4.37 -15.69 -13.20
C GLY B 98 5.02 -16.20 -14.48
N LEU B 99 4.42 -15.90 -15.63
CA LEU B 99 4.98 -16.36 -16.90
C LEU B 99 6.27 -15.61 -17.21
N LYS B 100 7.20 -16.32 -17.87
CA LYS B 100 8.54 -15.81 -18.13
C LYS B 100 8.75 -15.39 -19.59
N ALA B 101 7.71 -15.43 -20.41
CA ALA B 101 7.83 -15.06 -21.81
C ALA B 101 6.46 -14.75 -22.38
N ILE B 102 6.43 -13.86 -23.36
CA ILE B 102 5.20 -13.48 -24.06
C ILE B 102 5.30 -13.97 -25.49
N TYR B 103 4.22 -14.59 -25.98
CA TYR B 103 4.10 -14.94 -27.39
C TYR B 103 3.21 -13.92 -28.08
N LEU B 104 3.71 -13.37 -29.18
CA LEU B 104 2.99 -12.35 -29.96
C LEU B 104 2.44 -13.04 -31.21
N SER B 105 1.16 -13.40 -31.17
CA SER B 105 0.54 -14.16 -32.24
C SER B 105 0.18 -13.26 -33.42
N GLY B 106 0.56 -13.69 -34.63
CA GLY B 106 0.10 -12.99 -35.81
C GLY B 106 -1.39 -13.16 -36.03
N TRP B 107 -1.90 -14.38 -35.82
CA TRP B 107 -3.34 -14.62 -35.89
C TRP B 107 -4.11 -13.57 -35.11
N GLN B 108 -3.75 -13.38 -33.84
CA GLN B 108 -4.47 -12.43 -32.99
C GLN B 108 -4.34 -11.00 -33.53
N VAL B 109 -3.14 -10.63 -33.98
CA VAL B 109 -2.95 -9.31 -34.58
C VAL B 109 -3.90 -9.14 -35.76
N ALA B 110 -4.01 -10.16 -36.61
CA ALA B 110 -4.92 -10.08 -37.75
C ALA B 110 -6.36 -9.93 -37.30
N GLY B 111 -6.72 -10.55 -36.18
CA GLY B 111 -8.09 -10.58 -35.73
C GLY B 111 -8.56 -9.36 -34.96
N ASP B 112 -7.64 -8.65 -34.30
CA ASP B 112 -8.09 -7.61 -33.36
C ASP B 112 -7.01 -6.60 -33.00
N ALA B 113 -5.90 -6.55 -33.72
CA ALA B 113 -4.84 -5.62 -33.34
C ALA B 113 -3.86 -5.29 -34.46
N ASN B 114 -4.35 -5.01 -35.66
CA ASN B 114 -3.49 -4.69 -36.79
C ASN B 114 -3.78 -3.28 -37.29
N LEU B 115 -2.83 -2.73 -38.05
CA LEU B 115 -2.82 -1.31 -38.39
C LEU B 115 -3.80 -0.93 -39.48
N SER B 116 -4.49 -1.88 -40.12
CA SER B 116 -5.56 -1.52 -41.03
C SER B 116 -6.84 -1.16 -40.29
N GLY B 117 -6.96 -1.56 -39.02
CA GLY B 117 -8.19 -1.38 -38.27
C GLY B 117 -9.27 -2.40 -38.57
N HIS B 118 -9.01 -3.38 -39.44
CA HIS B 118 -10.01 -4.36 -39.83
C HIS B 118 -9.79 -5.69 -39.12
N THR B 119 -10.86 -6.47 -39.03
CA THR B 119 -10.80 -7.84 -38.54
C THR B 119 -10.48 -8.75 -39.72
N TYR B 120 -9.36 -9.47 -39.62
CA TYR B 120 -8.89 -10.32 -40.71
C TYR B 120 -8.73 -11.77 -40.25
N PRO B 121 -8.97 -12.74 -41.12
CA PRO B 121 -8.47 -14.09 -40.88
C PRO B 121 -6.97 -14.13 -41.09
N ASP B 122 -6.36 -15.22 -40.62
CA ASP B 122 -4.89 -15.31 -40.58
C ASP B 122 -4.38 -15.69 -41.97
N GLN B 123 -4.22 -14.66 -42.81
CA GLN B 123 -3.79 -14.88 -44.20
C GLN B 123 -2.86 -13.78 -44.69
N SER B 124 -2.14 -13.13 -43.77
CA SER B 124 -1.18 -12.07 -44.12
C SER B 124 -1.86 -10.93 -44.87
N LEU B 125 -3.03 -10.51 -44.40
CA LEU B 125 -3.77 -9.44 -45.03
C LEU B 125 -3.44 -8.07 -44.46
N TYR B 126 -2.87 -8.01 -43.26
CA TYR B 126 -2.70 -6.72 -42.60
C TYR B 126 -1.36 -6.09 -42.97
N PRO B 127 -1.21 -4.79 -42.73
CA PRO B 127 0.06 -4.13 -43.06
C PRO B 127 1.24 -4.77 -42.34
N ALA B 128 2.38 -4.81 -43.04
CA ALA B 128 3.51 -5.61 -42.59
C ALA B 128 4.16 -5.09 -41.31
N ASN B 129 3.93 -3.82 -40.94
CA ASN B 129 4.52 -3.25 -39.74
C ASN B 129 3.60 -3.35 -38.53
N SER B 130 2.57 -4.19 -38.59
CA SER B 130 1.61 -4.26 -37.49
C SER B 130 2.19 -4.98 -36.28
N VAL B 131 2.88 -6.10 -36.49
CA VAL B 131 3.40 -6.90 -35.38
C VAL B 131 4.53 -6.15 -34.67
N PRO B 132 5.45 -5.50 -35.38
CA PRO B 132 6.44 -4.66 -34.69
C PRO B 132 5.83 -3.65 -33.74
N GLN B 133 4.72 -2.99 -34.13
CA GLN B 133 4.09 -2.02 -33.24
C GLN B 133 3.57 -2.69 -31.98
N VAL B 134 3.02 -3.90 -32.11
CA VAL B 134 2.55 -4.60 -30.92
C VAL B 134 3.73 -5.01 -30.04
N VAL B 135 4.88 -5.33 -30.65
CA VAL B 135 6.09 -5.60 -29.87
C VAL B 135 6.46 -4.37 -29.05
N ARG B 136 6.53 -3.21 -29.71
CA ARG B 136 6.84 -1.97 -29.02
C ARG B 136 5.80 -1.68 -27.95
N ARG B 137 4.51 -1.89 -28.27
CA ARG B 137 3.45 -1.62 -27.30
C ARG B 137 3.60 -2.49 -26.07
N ILE B 138 3.91 -3.77 -26.25
CA ILE B 138 4.02 -4.69 -25.11
C ILE B 138 5.19 -4.30 -24.22
N ASN B 139 6.36 -4.03 -24.82
CA ASN B 139 7.49 -3.57 -24.03
C ASN B 139 7.15 -2.30 -23.27
N ASN B 140 6.46 -1.36 -23.92
CA ASN B 140 6.04 -0.14 -23.24
C ASN B 140 5.20 -0.45 -22.01
N ALA B 141 4.24 -1.37 -22.14
CA ALA B 141 3.41 -1.72 -21.00
C ALA B 141 4.22 -2.41 -19.91
N LEU B 142 5.13 -3.30 -20.29
CA LEU B 142 5.98 -3.95 -19.30
C LEU B 142 6.89 -2.95 -18.61
N GLN B 143 7.40 -1.97 -19.37
CA GLN B 143 8.20 -0.92 -18.77
C GLN B 143 7.39 -0.11 -17.75
N ARG B 144 6.14 0.19 -18.08
CA ARG B 144 5.30 0.92 -17.15
C ARG B 144 5.06 0.11 -15.88
N ALA B 145 4.79 -1.19 -16.03
CA ALA B 145 4.65 -2.04 -14.87
C ALA B 145 5.94 -2.09 -14.06
N ASP B 146 7.09 -2.13 -14.75
CA ASP B 146 8.36 -2.11 -14.04
C ASP B 146 8.56 -0.80 -13.28
N GLN B 147 8.26 0.33 -13.93
CA GLN B 147 8.38 1.62 -13.28
C GLN B 147 7.49 1.71 -12.04
N ILE B 148 6.26 1.20 -12.14
CA ILE B 148 5.34 1.27 -11.01
C ILE B 148 5.83 0.42 -9.86
N ALA B 149 6.38 -0.76 -10.16
CA ALA B 149 6.87 -1.64 -9.11
C ALA B 149 8.03 -1.00 -8.34
N LYS B 150 8.84 -0.19 -9.02
CA LYS B 150 10.01 0.38 -8.37
C LYS B 150 9.61 1.43 -7.34
N ILE B 151 8.72 2.35 -7.71
CA ILE B 151 8.32 3.38 -6.76
C ILE B 151 7.44 2.79 -5.66
N GLU B 152 6.68 1.73 -5.97
CA GLU B 152 5.85 1.07 -4.98
C GLU B 152 6.62 0.08 -4.11
N GLY B 153 7.92 -0.11 -4.36
CA GLY B 153 8.68 -1.10 -3.63
C GLY B 153 8.24 -2.53 -3.87
N ASP B 154 7.46 -2.76 -4.93
CA ASP B 154 6.92 -4.09 -5.21
C ASP B 154 7.98 -4.95 -5.88
N THR B 155 8.40 -6.02 -5.21
CA THR B 155 9.38 -6.95 -5.74
C THR B 155 8.77 -8.31 -6.10
N SER B 156 7.45 -8.35 -6.33
CA SER B 156 6.80 -9.61 -6.64
C SER B 156 7.34 -10.24 -7.92
N VAL B 157 7.81 -9.41 -8.85
CA VAL B 157 8.29 -9.89 -10.15
C VAL B 157 9.77 -9.53 -10.29
N GLU B 158 10.60 -10.55 -10.57
CA GLU B 158 12.02 -10.30 -10.71
C GLU B 158 12.35 -9.63 -12.04
N ASN B 159 11.67 -10.03 -13.12
CA ASN B 159 11.93 -9.48 -14.45
C ASN B 159 10.60 -9.14 -15.12
N TRP B 160 10.30 -7.84 -15.21
CA TRP B 160 9.11 -7.40 -15.92
C TRP B 160 9.32 -7.39 -17.43
N LEU B 161 10.55 -7.13 -17.89
CA LEU B 161 10.85 -7.14 -19.33
C LEU B 161 11.07 -8.57 -19.81
N ALA B 162 10.00 -9.36 -19.72
CA ALA B 162 10.07 -10.74 -20.17
C ALA B 162 10.25 -10.78 -21.68
N PRO B 163 11.02 -11.73 -22.21
CA PRO B 163 11.28 -11.75 -23.67
C PRO B 163 9.99 -11.95 -24.46
N ILE B 164 9.98 -11.35 -25.65
CA ILE B 164 8.84 -11.41 -26.56
C ILE B 164 9.22 -12.27 -27.77
N VAL B 165 8.41 -13.28 -28.06
CA VAL B 165 8.56 -14.10 -29.27
C VAL B 165 7.46 -13.68 -30.24
N ALA B 166 7.86 -13.11 -31.37
CA ALA B 166 6.93 -12.49 -32.30
C ALA B 166 6.77 -13.33 -33.56
N ASP B 167 5.69 -13.07 -34.29
CA ASP B 167 5.29 -13.85 -35.44
C ASP B 167 5.74 -13.13 -36.72
N GLY B 168 6.67 -13.74 -37.44
CA GLY B 168 7.09 -13.24 -38.74
C GLY B 168 6.27 -13.75 -39.91
N GLU B 169 5.40 -14.72 -39.67
CA GLU B 169 4.50 -15.28 -40.70
C GLU B 169 5.37 -15.77 -41.86
N ALA B 170 4.99 -15.49 -43.11
CA ALA B 170 5.72 -15.95 -44.29
C ALA B 170 6.60 -14.86 -44.89
N GLY B 171 6.81 -13.75 -44.19
CA GLY B 171 7.71 -12.72 -44.63
C GLY B 171 7.07 -11.57 -45.39
N PHE B 172 5.80 -11.69 -45.76
CA PHE B 172 5.10 -10.62 -46.49
C PHE B 172 5.80 -10.27 -47.79
N GLY B 173 6.35 -11.29 -48.46
CA GLY B 173 7.01 -11.07 -49.73
C GLY B 173 8.30 -11.87 -49.84
N GLY B 174 9.33 -11.26 -50.42
CA GLY B 174 10.60 -11.92 -50.64
C GLY B 174 11.56 -11.74 -49.48
N ALA B 175 12.84 -12.01 -49.76
CA ALA B 175 13.85 -11.97 -48.70
C ALA B 175 14.02 -10.56 -48.16
N LEU B 176 13.88 -9.53 -49.01
CA LEU B 176 13.99 -8.16 -48.53
C LEU B 176 12.83 -7.80 -47.62
N ASN B 177 11.62 -8.26 -47.95
CA ASN B 177 10.49 -8.07 -47.04
C ASN B 177 10.76 -8.75 -45.70
N VAL B 178 11.27 -9.98 -45.74
CA VAL B 178 11.68 -10.65 -44.50
C VAL B 178 12.67 -9.79 -43.74
N TYR B 179 13.73 -9.36 -44.43
CA TYR B 179 14.78 -8.58 -43.77
C TYR B 179 14.21 -7.37 -43.07
N GLU B 180 13.30 -6.64 -43.73
CA GLU B 180 12.78 -5.41 -43.15
C GLU B 180 11.83 -5.69 -41.99
N LEU B 181 11.12 -6.83 -42.01
CA LEU B 181 10.27 -7.16 -40.88
C LEU B 181 11.10 -7.52 -39.65
N GLN B 182 12.12 -8.36 -39.83
CA GLN B 182 13.00 -8.70 -38.72
C GLN B 182 13.69 -7.46 -38.16
N LYS B 183 14.12 -6.55 -39.04
CA LYS B 183 14.71 -5.30 -38.58
C LYS B 183 13.70 -4.50 -37.78
N ALA B 184 12.44 -4.48 -38.22
CA ALA B 184 11.41 -3.74 -37.51
C ALA B 184 11.07 -4.39 -36.17
N LEU B 185 11.10 -5.72 -36.12
CA LEU B 185 10.83 -6.41 -34.86
C LEU B 185 11.93 -6.14 -33.84
N ILE B 186 13.18 -6.06 -34.30
CA ILE B 186 14.29 -5.79 -33.38
C ILE B 186 14.21 -4.36 -32.87
N ALA B 187 13.96 -3.39 -33.76
CA ALA B 187 13.82 -2.01 -33.31
C ALA B 187 12.76 -1.89 -32.23
N ALA B 188 11.69 -2.70 -32.32
CA ALA B 188 10.63 -2.70 -31.31
C ALA B 188 11.03 -3.43 -30.04
N GLY B 189 12.13 -4.16 -30.04
CA GLY B 189 12.61 -4.85 -28.87
C GLY B 189 12.21 -6.31 -28.75
N VAL B 190 12.03 -7.01 -29.87
CA VAL B 190 11.67 -8.41 -29.82
C VAL B 190 12.86 -9.24 -29.36
N ALA B 191 12.58 -10.39 -28.77
CA ALA B 191 13.62 -11.34 -28.37
C ALA B 191 13.75 -12.50 -29.33
N GLY B 192 12.66 -12.93 -29.95
CA GLY B 192 12.69 -14.00 -30.92
C GLY B 192 11.60 -13.83 -31.95
N SER B 193 11.85 -14.34 -33.15
CA SER B 193 10.89 -14.28 -34.24
C SER B 193 10.89 -15.62 -34.97
N HIS B 194 9.70 -16.04 -35.43
CA HIS B 194 9.56 -17.31 -36.13
C HIS B 194 9.06 -17.07 -37.55
N TRP B 195 9.47 -17.97 -38.45
CA TRP B 195 9.25 -17.82 -39.88
C TRP B 195 8.86 -19.16 -40.48
N GLU B 196 7.82 -19.16 -41.30
CA GLU B 196 7.23 -20.38 -41.85
C GLU B 196 7.51 -20.50 -43.34
N ASP B 197 7.43 -21.73 -43.83
CA ASP B 197 7.78 -22.05 -45.22
C ASP B 197 6.55 -22.10 -46.12
N GLN B 198 5.71 -21.08 -46.04
CA GLN B 198 4.55 -20.95 -46.91
C GLN B 198 4.76 -19.82 -47.92
N LEU B 199 4.04 -19.92 -49.03
CA LEU B 199 4.00 -18.85 -50.02
C LEU B 199 3.31 -17.63 -49.42
N ALA B 200 4.01 -16.50 -49.41
CA ALA B 200 3.51 -15.32 -48.72
C ALA B 200 2.12 -14.92 -49.22
N SER B 201 1.92 -14.92 -50.54
CA SER B 201 0.65 -14.51 -51.13
C SER B 201 -0.50 -15.47 -50.82
N GLU B 202 -0.22 -16.62 -50.20
CA GLU B 202 -1.25 -17.59 -49.86
C GLU B 202 -1.12 -18.05 -48.41
N LYS B 203 -0.47 -17.26 -47.56
CA LYS B 203 -0.22 -17.66 -46.18
C LYS B 203 -1.53 -18.02 -45.48
N LYS B 204 -1.45 -19.03 -44.62
CA LYS B 204 -2.59 -19.46 -43.83
C LYS B 204 -2.12 -19.73 -42.40
N GLY B 206 -1.51 -22.27 -39.40
CA GLY B 206 -1.06 -23.64 -39.51
C GLY B 206 -2.19 -24.64 -39.53
N HIS B 207 -3.32 -24.26 -38.92
CA HIS B 207 -4.48 -25.13 -38.80
C HIS B 207 -5.64 -24.68 -39.67
N LEU B 208 -5.37 -23.85 -40.66
CA LEU B 208 -6.29 -23.61 -41.77
C LEU B 208 -5.83 -24.40 -42.99
N GLY B 209 -6.74 -24.52 -43.96
CA GLY B 209 -6.45 -25.20 -45.20
C GLY B 209 -5.95 -24.25 -46.28
N GLY B 210 -5.70 -24.84 -47.45
CA GLY B 210 -5.21 -24.06 -48.57
C GLY B 210 -3.79 -23.59 -48.41
N LYS B 211 -2.97 -24.32 -47.67
CA LYS B 211 -1.59 -23.94 -47.46
C LYS B 211 -0.73 -24.34 -48.66
N VAL B 212 0.18 -23.45 -49.04
CA VAL B 212 1.07 -23.66 -50.18
C VAL B 212 2.50 -23.51 -49.69
N LEU B 213 3.28 -24.58 -49.76
CA LEU B 213 4.66 -24.53 -49.35
C LEU B 213 5.50 -23.82 -50.40
N ILE B 214 6.70 -23.41 -50.00
CA ILE B 214 7.72 -22.94 -50.92
C ILE B 214 8.90 -23.89 -50.81
N PRO B 215 9.75 -23.97 -51.83
CA PRO B 215 10.83 -24.95 -51.83
C PRO B 215 11.72 -24.81 -50.61
N THR B 216 12.38 -25.92 -50.25
CA THR B 216 13.22 -25.94 -49.07
C THR B 216 14.23 -24.80 -49.09
N GLN B 217 14.96 -24.66 -50.20
CA GLN B 217 16.01 -23.65 -50.26
C GLN B 217 15.46 -22.25 -50.03
N GLN B 218 14.25 -21.98 -50.52
CA GLN B 218 13.69 -20.64 -50.36
C GLN B 218 13.48 -20.30 -48.89
N HIS B 219 13.15 -21.29 -48.07
CA HIS B 219 12.98 -21.00 -46.65
C HIS B 219 14.31 -20.87 -45.93
N ILE B 220 15.34 -21.60 -46.39
CA ILE B 220 16.70 -21.34 -45.91
C ILE B 220 17.10 -19.92 -46.27
N ARG B 221 16.68 -19.46 -47.45
CA ARG B 221 16.93 -18.07 -47.84
C ARG B 221 16.24 -17.12 -46.87
N THR B 222 15.01 -17.44 -46.45
CA THR B 222 14.31 -16.63 -45.48
C THR B 222 15.02 -16.63 -44.14
N LEU B 223 15.42 -17.82 -43.67
CA LEU B 223 16.10 -17.91 -42.38
C LEU B 223 17.44 -17.19 -42.43
N THR B 224 18.17 -17.34 -43.52
CA THR B 224 19.42 -16.59 -43.69
C THR B 224 19.16 -15.09 -43.64
N SER B 225 18.09 -14.64 -44.30
CA SER B 225 17.76 -13.21 -44.29
C SER B 225 17.41 -12.75 -42.88
N ALA B 226 16.66 -13.57 -42.13
CA ALA B 226 16.31 -13.20 -40.76
C ALA B 226 17.56 -13.06 -39.89
N ARG B 227 18.50 -14.00 -40.03
CA ARG B 227 19.75 -13.90 -39.28
C ARG B 227 20.53 -12.67 -39.68
N LEU B 228 20.58 -12.37 -40.99
CA LEU B 228 21.39 -11.26 -41.46
C LEU B 228 20.94 -9.95 -40.84
N ALA B 229 19.63 -9.70 -40.82
CA ALA B 229 19.13 -8.47 -40.22
C ALA B 229 19.47 -8.40 -38.74
N ALA B 230 19.39 -9.53 -38.04
CA ALA B 230 19.78 -9.56 -36.64
C ALA B 230 21.27 -9.30 -36.47
N ASP B 231 22.09 -9.75 -37.43
CA ASP B 231 23.51 -9.48 -37.37
C ASP B 231 23.81 -8.03 -37.67
N VAL B 232 23.15 -7.46 -38.69
CA VAL B 232 23.38 -6.07 -39.04
C VAL B 232 22.99 -5.16 -37.88
N ALA B 233 21.87 -5.46 -37.23
CA ALA B 233 21.45 -4.71 -36.05
C ALA B 233 22.27 -5.05 -34.80
N ASP B 234 23.06 -6.13 -34.86
CA ASP B 234 24.01 -6.48 -33.79
C ASP B 234 23.28 -6.92 -32.51
N VAL B 235 22.32 -7.83 -32.67
CA VAL B 235 21.64 -8.42 -31.53
C VAL B 235 21.47 -9.91 -31.76
N PRO B 236 21.62 -10.80 -30.67
CA PRO B 236 21.53 -12.27 -30.86
C PRO B 236 20.10 -12.77 -30.88
N THR B 237 19.28 -12.19 -31.77
CA THR B 237 17.87 -12.53 -31.85
C THR B 237 17.69 -14.02 -32.06
N VAL B 238 16.80 -14.62 -31.27
CA VAL B 238 16.47 -16.03 -31.45
C VAL B 238 15.65 -16.19 -32.72
N VAL B 239 16.12 -17.05 -33.61
CA VAL B 239 15.49 -17.27 -34.92
C VAL B 239 14.83 -18.65 -34.88
N ILE B 240 13.52 -18.69 -35.12
CA ILE B 240 12.73 -19.91 -35.03
C ILE B 240 12.21 -20.26 -36.43
N ALA B 241 12.31 -21.54 -36.79
CA ALA B 241 11.87 -22.02 -38.09
C ALA B 241 10.63 -22.90 -37.90
N ARG B 242 9.57 -22.57 -38.63
CA ARG B 242 8.33 -23.32 -38.61
C ARG B 242 8.08 -23.94 -39.97
N THR B 243 7.65 -25.21 -39.99
CA THR B 243 7.31 -25.90 -41.23
C THR B 243 5.84 -26.29 -41.19
N ASP B 244 5.14 -26.06 -42.31
CA ASP B 244 3.73 -26.37 -42.45
C ASP B 244 3.50 -27.58 -43.35
N ALA B 245 4.43 -28.53 -43.35
CA ALA B 245 4.39 -29.65 -44.28
C ALA B 245 3.59 -30.84 -43.77
N GLU B 246 3.19 -30.85 -42.50
CA GLU B 246 2.40 -31.97 -41.99
C GLU B 246 1.02 -32.03 -42.64
N ALA B 247 0.46 -30.87 -43.00
CA ALA B 247 -0.88 -30.80 -43.58
C ALA B 247 -0.92 -30.20 -44.98
N ALA B 248 0.05 -29.37 -45.36
CA ALA B 248 0.02 -28.74 -46.67
C ALA B 248 0.25 -29.77 -47.76
N THR B 249 -0.60 -29.74 -48.78
CA THR B 249 -0.47 -30.63 -49.94
C THR B 249 -0.14 -29.89 -51.22
N LEU B 250 0.25 -28.62 -51.12
CA LEU B 250 0.59 -27.81 -52.29
C LEU B 250 1.98 -27.22 -52.13
N ILE B 251 2.73 -27.19 -53.23
CA ILE B 251 4.06 -26.59 -53.28
C ILE B 251 4.13 -25.74 -54.53
N THR B 252 4.93 -24.66 -54.46
CA THR B 252 5.01 -23.75 -55.60
C THR B 252 5.81 -24.36 -56.75
N SER B 253 6.87 -25.10 -56.45
CA SER B 253 7.78 -25.58 -57.49
C SER B 253 8.46 -26.86 -57.04
N ASP B 254 8.95 -27.62 -58.02
CA ASP B 254 9.68 -28.86 -57.78
C ASP B 254 11.16 -28.73 -58.09
N VAL B 255 11.67 -27.50 -58.14
CA VAL B 255 13.07 -27.28 -58.52
C VAL B 255 14.01 -27.87 -57.48
N ASP B 256 13.66 -27.78 -56.20
CA ASP B 256 14.52 -28.24 -55.13
C ASP B 256 14.43 -29.77 -55.03
N GLU B 257 15.58 -30.44 -55.18
CA GLU B 257 15.59 -31.90 -55.15
C GLU B 257 15.23 -32.45 -53.78
N ARG B 258 15.38 -31.67 -52.72
CA ARG B 258 14.96 -32.14 -51.41
C ARG B 258 13.46 -32.33 -51.33
N ASP B 259 12.69 -31.60 -52.15
CA ASP B 259 11.24 -31.68 -52.14
C ASP B 259 10.68 -32.69 -53.13
N GLN B 260 11.49 -33.15 -54.09
CA GLN B 260 10.97 -34.01 -55.15
C GLN B 260 10.42 -35.34 -54.64
N PRO B 261 11.02 -36.01 -53.66
CA PRO B 261 10.47 -37.31 -53.21
C PRO B 261 9.00 -37.26 -52.84
N PHE B 262 8.49 -36.07 -52.54
CA PHE B 262 7.09 -35.89 -52.18
C PHE B 262 6.26 -35.28 -53.28
N ILE B 263 6.86 -34.95 -54.42
CA ILE B 263 6.12 -34.41 -55.56
C ILE B 263 5.45 -35.57 -56.30
N THR B 264 4.14 -35.44 -56.53
CA THR B 264 3.36 -36.46 -57.20
C THR B 264 3.27 -36.24 -58.71
N GLY B 265 3.65 -35.06 -59.20
CA GLY B 265 3.48 -34.69 -60.58
C GLY B 265 2.15 -34.03 -60.89
N GLU B 266 1.12 -34.30 -60.10
CA GLU B 266 -0.19 -33.69 -60.30
C GLU B 266 -0.11 -32.18 -60.12
N ARG B 267 -0.91 -31.47 -60.91
CA ARG B 267 -0.88 -30.01 -60.94
C ARG B 267 -2.28 -29.46 -60.79
N THR B 268 -2.37 -28.28 -60.17
CA THR B 268 -3.63 -27.56 -60.05
C THR B 268 -3.78 -26.55 -61.18
N ARG B 269 -5.00 -26.04 -61.35
CA ARG B 269 -5.24 -25.03 -62.37
C ARG B 269 -4.37 -23.80 -62.14
N GLU B 270 -4.01 -23.52 -60.89
CA GLU B 270 -3.15 -22.37 -60.60
C GLU B 270 -1.69 -22.61 -60.97
N GLY B 271 -1.31 -23.85 -61.24
CA GLY B 271 0.06 -24.19 -61.52
C GLY B 271 0.84 -24.74 -60.34
N PHE B 272 0.20 -24.89 -59.19
CA PHE B 272 0.86 -25.49 -58.04
C PHE B 272 1.10 -26.98 -58.28
N TYR B 273 2.00 -27.56 -57.49
CA TYR B 273 2.27 -28.98 -57.51
C TYR B 273 1.70 -29.61 -56.25
N ARG B 274 0.97 -30.71 -56.40
CA ARG B 274 0.52 -31.48 -55.24
C ARG B 274 1.71 -32.20 -54.63
N THR B 275 1.74 -32.25 -53.30
CA THR B 275 2.82 -32.90 -52.58
C THR B 275 2.24 -33.73 -51.45
N LYS B 276 2.94 -34.80 -51.09
CA LYS B 276 2.48 -35.73 -50.06
C LYS B 276 2.84 -35.19 -48.69
N ASN B 277 1.83 -34.96 -47.85
CA ASN B 277 1.99 -34.33 -46.56
C ASN B 277 2.19 -35.38 -45.47
N GLY B 278 2.66 -34.92 -44.31
CA GLY B 278 2.80 -35.76 -43.15
C GLY B 278 4.06 -35.45 -42.38
N ILE B 279 4.38 -36.33 -41.43
CA ILE B 279 5.50 -36.09 -40.53
C ILE B 279 6.83 -36.26 -41.27
N GLU B 280 6.87 -37.09 -42.31
CA GLU B 280 8.11 -37.33 -43.03
C GLU B 280 8.66 -36.07 -43.70
N PRO B 281 7.89 -35.33 -44.50
CA PRO B 281 8.44 -34.10 -45.09
C PRO B 281 8.76 -33.04 -44.06
N CYS B 282 8.10 -33.05 -42.90
CA CYS B 282 8.47 -32.13 -41.84
C CYS B 282 9.83 -32.50 -41.26
N ILE B 283 10.09 -33.79 -41.05
CA ILE B 283 11.41 -34.22 -40.60
C ILE B 283 12.47 -33.80 -41.61
N ALA B 284 12.24 -34.09 -42.89
CA ALA B 284 13.19 -33.73 -43.92
C ALA B 284 13.48 -32.23 -43.92
N ARG B 285 12.42 -31.41 -43.85
CA ARG B 285 12.60 -29.97 -43.84
C ARG B 285 13.21 -29.50 -42.53
N ALA B 286 12.80 -30.13 -41.41
CA ALA B 286 13.38 -29.77 -40.12
C ALA B 286 14.90 -29.94 -40.14
N LYS B 287 15.37 -31.10 -40.61
CA LYS B 287 16.81 -31.34 -40.68
C LYS B 287 17.49 -30.29 -41.55
N ALA B 288 16.86 -29.92 -42.66
CA ALA B 288 17.46 -28.94 -43.56
C ALA B 288 17.51 -27.55 -42.93
N TYR B 289 16.54 -27.21 -42.09
CA TYR B 289 16.51 -25.90 -41.44
C TYR B 289 17.39 -25.83 -40.20
N ALA B 290 17.69 -26.97 -39.57
CA ALA B 290 18.37 -26.98 -38.28
C ALA B 290 19.59 -26.08 -38.21
N PRO B 291 20.53 -26.12 -39.15
CA PRO B 291 21.71 -25.26 -39.04
C PRO B 291 21.39 -23.77 -39.10
N PHE B 292 20.17 -23.39 -39.48
CA PHE B 292 19.79 -21.99 -39.58
C PHE B 292 18.68 -21.61 -38.61
N ALA B 293 18.48 -22.41 -37.56
CA ALA B 293 17.36 -22.19 -36.65
C ALA B 293 17.77 -22.45 -35.21
N ASP B 294 17.47 -21.49 -34.33
CA ASP B 294 17.71 -21.69 -32.90
C ASP B 294 16.67 -22.64 -32.30
N LEU B 295 15.45 -22.66 -32.85
CA LEU B 295 14.44 -23.62 -32.46
C LEU B 295 13.66 -24.04 -33.70
N ILE B 296 13.17 -25.29 -33.67
CA ILE B 296 12.42 -25.87 -34.77
C ILE B 296 11.01 -26.12 -34.29
N TRP B 297 10.06 -26.02 -35.23
CA TRP B 297 8.64 -26.06 -34.89
C TRP B 297 7.88 -26.66 -36.07
N MET B 298 7.15 -27.74 -35.80
CA MET B 298 6.33 -28.41 -36.81
C MET B 298 4.87 -28.26 -36.42
N GLU B 299 4.08 -27.65 -37.30
CA GLU B 299 2.65 -27.58 -37.07
C GLU B 299 2.05 -28.97 -37.20
N THR B 300 1.04 -29.25 -36.37
CA THR B 300 0.44 -30.56 -36.32
C THR B 300 -1.07 -30.42 -36.32
N GLY B 301 -1.77 -31.53 -36.58
CA GLY B 301 -3.21 -31.52 -36.70
C GLY B 301 -3.94 -31.85 -35.41
N THR B 302 -3.27 -32.52 -34.49
CA THR B 302 -3.85 -32.93 -33.22
C THR B 302 -2.83 -32.73 -32.12
N PRO B 303 -3.28 -32.62 -30.87
CA PRO B 303 -2.33 -32.62 -29.75
C PRO B 303 -1.95 -34.05 -29.37
N ASP B 304 -0.81 -34.52 -29.87
CA ASP B 304 -0.45 -35.93 -29.81
C ASP B 304 1.00 -36.06 -29.35
N LEU B 305 1.21 -36.64 -28.18
CA LEU B 305 2.56 -36.75 -27.63
C LEU B 305 3.40 -37.72 -28.45
N GLU B 306 2.80 -38.81 -28.94
CA GLU B 306 3.57 -39.80 -29.69
C GLU B 306 4.18 -39.18 -30.93
N ALA B 307 3.37 -38.49 -31.73
CA ALA B 307 3.90 -37.83 -32.92
C ALA B 307 4.94 -36.78 -32.56
N ALA B 308 4.76 -36.10 -31.41
CA ALA B 308 5.76 -35.13 -30.97
C ALA B 308 7.08 -35.82 -30.64
N ARG B 309 7.02 -36.91 -29.86
CA ARG B 309 8.22 -37.70 -29.60
C ARG B 309 8.83 -38.20 -30.89
N GLN B 310 7.99 -38.63 -31.84
CA GLN B 310 8.50 -39.17 -33.10
C GLN B 310 9.27 -38.10 -33.87
N PHE B 311 8.69 -36.91 -34.02
CA PHE B 311 9.40 -35.81 -34.65
C PHE B 311 10.66 -35.45 -33.87
N SER B 312 10.56 -35.43 -32.54
CA SER B 312 11.72 -35.07 -31.71
C SER B 312 12.87 -36.05 -31.89
N GLU B 313 12.56 -37.36 -31.90
CA GLU B 313 13.63 -38.36 -32.04
C GLU B 313 14.34 -38.23 -33.37
N ALA B 314 13.57 -38.13 -34.46
CA ALA B 314 14.18 -38.09 -35.79
C ALA B 314 15.07 -36.88 -35.97
N VAL B 315 14.69 -35.75 -35.38
CA VAL B 315 15.49 -34.53 -35.52
C VAL B 315 16.73 -34.61 -34.67
N LYS B 316 16.57 -34.99 -33.40
CA LYS B 316 17.70 -35.07 -32.49
C LYS B 316 18.67 -36.20 -32.86
N ALA B 317 18.22 -37.17 -33.66
CA ALA B 317 19.11 -38.23 -34.12
C ALA B 317 20.23 -37.68 -35.01
N GLU B 318 20.06 -36.48 -35.56
CA GLU B 318 21.11 -35.82 -36.33
C GLU B 318 21.57 -34.50 -35.73
N TYR B 319 20.70 -33.78 -35.02
CA TYR B 319 21.04 -32.52 -34.35
C TYR B 319 20.64 -32.65 -32.89
N PRO B 320 21.51 -33.27 -32.07
CA PRO B 320 21.07 -33.66 -30.72
C PRO B 320 20.70 -32.51 -29.81
N ASP B 321 21.36 -31.36 -29.93
CA ASP B 321 21.10 -30.22 -29.08
C ASP B 321 20.06 -29.26 -29.65
N GLN B 322 19.41 -29.64 -30.75
CA GLN B 322 18.44 -28.76 -31.38
C GLN B 322 17.20 -28.64 -30.50
N MET B 323 16.94 -27.44 -30.00
CA MET B 323 15.73 -27.19 -29.22
C MET B 323 14.52 -27.06 -30.15
N LEU B 324 13.34 -27.37 -29.60
CA LEU B 324 12.11 -27.41 -30.37
C LEU B 324 11.05 -26.56 -29.68
N ALA B 325 10.09 -26.11 -30.48
CA ALA B 325 8.94 -25.35 -30.00
C ALA B 325 7.67 -26.06 -30.45
N TYR B 326 6.67 -26.06 -29.57
CA TYR B 326 5.40 -26.75 -29.83
C TYR B 326 4.23 -25.79 -29.66
N ASN B 327 3.30 -25.86 -30.61
CA ASN B 327 2.11 -25.02 -30.62
C ASN B 327 0.99 -25.75 -29.89
N CYS B 328 0.67 -25.29 -28.68
CA CYS B 328 -0.49 -25.79 -27.93
C CYS B 328 -1.68 -24.96 -28.37
N SER B 329 -2.24 -25.33 -29.52
CA SER B 329 -3.14 -24.43 -30.24
C SER B 329 -4.57 -24.56 -29.74
N PRO B 330 -5.28 -23.45 -29.53
CA PRO B 330 -6.74 -23.54 -29.30
C PRO B 330 -7.51 -24.00 -30.52
N SER B 331 -6.88 -24.11 -31.68
CA SER B 331 -7.53 -24.71 -32.83
C SER B 331 -7.79 -26.21 -32.65
N PHE B 332 -7.19 -26.83 -31.63
CA PHE B 332 -7.51 -28.20 -31.26
C PHE B 332 -8.69 -28.20 -30.29
N ASN B 333 -9.59 -29.16 -30.47
CA ASN B 333 -10.59 -29.45 -29.46
C ASN B 333 -9.95 -30.41 -28.46
N TRP B 334 -9.51 -29.87 -27.33
CA TRP B 334 -8.57 -30.59 -26.48
C TRP B 334 -9.22 -31.80 -25.81
N LYS B 335 -10.42 -31.64 -25.25
CA LYS B 335 -11.10 -32.77 -24.63
C LYS B 335 -11.55 -33.80 -25.65
N LYS B 336 -11.62 -33.44 -26.93
CA LYS B 336 -12.04 -34.39 -27.95
C LYS B 336 -10.96 -35.44 -28.21
N HIS B 337 -9.69 -35.10 -27.94
CA HIS B 337 -8.57 -36.02 -28.17
C HIS B 337 -8.01 -36.58 -26.86
N LEU B 338 -7.70 -35.71 -25.90
CA LEU B 338 -6.97 -36.08 -24.70
C LEU B 338 -7.88 -36.10 -23.49
N ASP B 339 -7.63 -37.03 -22.58
CA ASP B 339 -8.28 -37.04 -21.29
C ASP B 339 -7.64 -35.99 -20.37
N ASP B 340 -8.25 -35.79 -19.21
CA ASP B 340 -7.77 -34.74 -18.30
C ASP B 340 -6.36 -35.03 -17.82
N ALA B 341 -6.04 -36.29 -17.56
CA ALA B 341 -4.71 -36.63 -17.07
C ALA B 341 -3.65 -36.36 -18.13
N THR B 342 -3.94 -36.71 -19.38
CA THR B 342 -2.99 -36.43 -20.45
C THR B 342 -2.80 -34.93 -20.63
N ILE B 343 -3.89 -34.17 -20.47
CA ILE B 343 -3.80 -32.71 -20.56
C ILE B 343 -2.88 -32.16 -19.47
N ALA B 344 -2.93 -32.77 -18.28
CA ALA B 344 -2.19 -32.23 -17.15
C ALA B 344 -0.68 -32.34 -17.36
N LYS B 345 -0.24 -33.42 -18.00
CA LYS B 345 1.19 -33.67 -18.23
C LYS B 345 1.64 -33.27 -19.62
N PHE B 346 0.75 -32.76 -20.46
CA PHE B 346 1.07 -32.53 -21.86
C PHE B 346 2.36 -31.72 -22.00
N GLN B 347 2.41 -30.55 -21.36
CA GLN B 347 3.57 -29.67 -21.52
C GLN B 347 4.82 -30.26 -20.89
N LYS B 348 4.70 -30.85 -19.70
CA LYS B 348 5.86 -31.39 -19.01
C LYS B 348 6.48 -32.54 -19.80
N GLU B 349 5.65 -33.42 -20.36
CA GLU B 349 6.18 -34.49 -21.18
C GLU B 349 6.83 -33.95 -22.44
N LEU B 350 6.26 -32.89 -23.03
CA LEU B 350 6.86 -32.30 -24.22
C LEU B 350 8.25 -31.75 -23.92
N ALA B 351 8.44 -31.17 -22.73
CA ALA B 351 9.74 -30.61 -22.39
C ALA B 351 10.81 -31.69 -22.30
N ALA B 352 10.45 -32.89 -21.84
CA ALA B 352 11.40 -34.00 -21.79
C ALA B 352 11.88 -34.40 -23.18
N MET B 353 11.12 -34.07 -24.22
CA MET B 353 11.51 -34.39 -25.60
C MET B 353 12.34 -33.29 -26.25
N GLY B 354 12.55 -32.16 -25.58
CA GLY B 354 13.26 -31.05 -26.15
C GLY B 354 12.40 -29.93 -26.66
N PHE B 355 11.08 -29.99 -26.45
CA PHE B 355 10.19 -28.90 -26.80
C PHE B 355 10.28 -27.86 -25.68
N LYS B 356 11.29 -26.99 -25.80
CA LYS B 356 11.64 -26.08 -24.72
C LYS B 356 10.88 -24.76 -24.76
N PHE B 357 10.21 -24.45 -25.87
CA PHE B 357 9.31 -23.30 -25.93
C PHE B 357 7.94 -23.77 -26.34
N GLN B 358 6.95 -23.55 -25.47
CA GLN B 358 5.57 -23.94 -25.71
C GLN B 358 4.67 -22.75 -25.45
N PHE B 359 3.60 -22.65 -26.21
CA PHE B 359 2.82 -21.42 -26.22
C PHE B 359 1.41 -21.69 -26.71
N ILE B 360 0.43 -21.15 -26.00
CA ILE B 360 -0.97 -21.16 -26.44
C ILE B 360 -1.20 -19.90 -27.25
N THR B 361 -1.31 -20.08 -28.57
CA THR B 361 -1.22 -18.95 -29.49
C THR B 361 -2.39 -17.99 -29.35
N LEU B 362 -3.62 -18.51 -29.30
CA LEU B 362 -4.80 -17.65 -29.31
C LEU B 362 -5.37 -17.43 -27.91
N ALA B 363 -4.56 -17.64 -26.87
CA ALA B 363 -5.05 -17.45 -25.51
C ALA B 363 -5.65 -16.06 -25.33
N GLY B 364 -5.02 -15.04 -25.91
CA GLY B 364 -5.55 -13.69 -25.77
C GLY B 364 -6.91 -13.52 -26.41
N PHE B 365 -7.08 -14.07 -27.62
CA PHE B 365 -8.36 -13.93 -28.32
C PHE B 365 -9.51 -14.52 -27.51
N HIS B 366 -9.35 -15.76 -27.03
CA HIS B 366 -10.45 -16.43 -26.37
C HIS B 366 -10.70 -15.87 -24.98
N ALA B 367 -9.65 -15.44 -24.27
CA ALA B 367 -9.86 -14.81 -22.97
C ALA B 367 -10.60 -13.49 -23.14
N LEU B 368 -10.25 -12.71 -24.16
CA LEU B 368 -10.90 -11.43 -24.38
C LEU B 368 -12.33 -11.61 -24.86
N ASN B 369 -12.53 -12.47 -25.87
CA ASN B 369 -13.86 -12.62 -26.45
C ASN B 369 -14.83 -13.28 -25.49
N TYR B 370 -14.37 -14.26 -24.70
CA TYR B 370 -15.28 -14.95 -23.79
C TYR B 370 -15.62 -14.10 -22.58
N SER B 371 -14.62 -13.45 -21.97
CA SER B 371 -14.88 -12.68 -20.76
C SER B 371 -15.85 -11.55 -21.02
N MET B 372 -15.72 -10.88 -22.19
CA MET B 372 -16.64 -9.79 -22.49
C MET B 372 -18.02 -10.29 -22.89
N PHE B 373 -18.12 -11.45 -23.53
CA PHE B 373 -19.44 -12.02 -23.79
C PHE B 373 -20.12 -12.40 -22.49
N ASP B 374 -19.39 -13.03 -21.57
CA ASP B 374 -20.00 -13.45 -20.30
C ASP B 374 -20.46 -12.23 -19.51
N LEU B 375 -19.68 -11.15 -19.53
CA LEU B 375 -20.09 -9.93 -18.82
C LEU B 375 -21.27 -9.27 -19.52
N ALA B 376 -21.18 -9.07 -20.83
CA ALA B 376 -22.23 -8.37 -21.56
C ALA B 376 -23.55 -9.13 -21.49
N TYR B 377 -23.49 -10.46 -21.61
CA TYR B 377 -24.72 -11.25 -21.57
C TYR B 377 -25.41 -11.12 -20.22
N GLY B 378 -24.67 -11.27 -19.12
CA GLY B 378 -25.24 -11.03 -17.81
C GLY B 378 -25.68 -9.60 -17.62
N TYR B 379 -24.92 -8.66 -18.19
CA TYR B 379 -25.24 -7.23 -18.06
C TYR B 379 -26.54 -6.89 -18.78
N ALA B 380 -26.84 -7.58 -19.88
CA ALA B 380 -28.08 -7.32 -20.60
C ALA B 380 -29.29 -7.78 -19.80
N GLN B 381 -29.15 -8.85 -19.01
CA GLN B 381 -30.26 -9.39 -18.26
C GLN B 381 -30.42 -8.76 -16.88
N ASN B 382 -29.31 -8.53 -16.18
CA ASN B 382 -29.36 -8.13 -14.78
C ASN B 382 -28.59 -6.85 -14.48
N GLN B 383 -28.03 -6.19 -15.48
CA GLN B 383 -27.40 -4.87 -15.33
C GLN B 383 -26.31 -4.98 -14.27
N MET B 384 -26.30 -4.14 -13.23
CA MET B 384 -25.13 -4.00 -12.37
C MET B 384 -24.79 -5.30 -11.65
N SER B 385 -25.79 -6.14 -11.37
CA SER B 385 -25.51 -7.38 -10.67
C SER B 385 -24.42 -8.17 -11.38
N ALA B 386 -24.42 -8.14 -12.71
CA ALA B 386 -23.44 -8.91 -13.47
C ALA B 386 -22.03 -8.37 -13.27
N TYR B 387 -21.87 -7.05 -13.19
CA TYR B 387 -20.53 -6.49 -13.04
C TYR B 387 -20.02 -6.63 -11.61
N VAL B 388 -20.90 -6.47 -10.63
CA VAL B 388 -20.50 -6.70 -9.24
C VAL B 388 -19.93 -8.10 -9.08
N GLU B 389 -20.51 -9.07 -9.78
CA GLU B 389 -19.98 -10.42 -9.79
C GLU B 389 -18.52 -10.43 -10.23
N LEU B 390 -18.19 -9.68 -11.28
CA LEU B 390 -16.82 -9.61 -11.76
C LEU B 390 -15.93 -8.87 -10.76
N GLN B 391 -16.40 -7.73 -10.26
CA GLN B 391 -15.60 -6.95 -9.32
C GLN B 391 -15.26 -7.77 -8.07
N GLU B 392 -16.20 -8.60 -7.62
CA GLU B 392 -15.94 -9.42 -6.44
C GLU B 392 -14.90 -10.48 -6.74
N ARG B 393 -14.91 -11.05 -7.94
CA ARG B 393 -13.84 -11.97 -8.33
C ARG B 393 -12.50 -11.26 -8.36
N GLU B 394 -12.49 -9.99 -8.79
CA GLU B 394 -11.26 -9.21 -8.77
C GLU B 394 -10.76 -9.02 -7.34
N PHE B 395 -11.66 -8.64 -6.42
CA PHE B 395 -11.28 -8.55 -5.02
C PHE B 395 -10.71 -9.86 -4.52
N ALA B 396 -11.39 -10.97 -4.82
CA ALA B 396 -10.94 -12.27 -4.32
C ALA B 396 -9.58 -12.65 -4.88
N ALA B 397 -9.25 -12.19 -6.08
CA ALA B 397 -8.00 -12.54 -6.72
C ALA B 397 -6.82 -11.75 -6.18
N GLU B 398 -7.05 -10.70 -5.39
CA GLU B 398 -5.95 -9.93 -4.83
C GLU B 398 -5.06 -10.79 -3.95
N GLU B 399 -5.63 -11.83 -3.32
CA GLU B 399 -4.82 -12.76 -2.55
C GLU B 399 -3.76 -13.43 -3.43
N ARG B 400 -4.08 -13.65 -4.70
CA ARG B 400 -3.19 -14.33 -5.62
C ARG B 400 -2.20 -13.38 -6.30
N GLY B 401 -2.19 -12.10 -5.94
CA GLY B 401 -1.29 -11.13 -6.54
C GLY B 401 -1.92 -10.23 -7.58
N TYR B 402 -3.21 -10.38 -7.86
CA TYR B 402 -3.88 -9.50 -8.80
C TYR B 402 -3.94 -8.08 -8.25
N THR B 403 -3.63 -7.09 -9.08
CA THR B 403 -3.56 -5.70 -8.64
C THR B 403 -4.41 -4.74 -9.46
N ALA B 404 -4.92 -5.15 -10.62
CA ALA B 404 -5.59 -4.21 -11.52
C ALA B 404 -6.93 -3.72 -10.98
N THR B 405 -7.41 -4.26 -9.85
CA THR B 405 -8.62 -3.72 -9.26
C THR B 405 -8.46 -2.23 -8.95
N LYS B 406 -7.31 -1.86 -8.36
CA LYS B 406 -6.95 -0.46 -8.18
C LYS B 406 -6.42 0.04 -9.52
N HIS B 407 -7.36 0.35 -10.42
CA HIS B 407 -7.01 0.57 -11.82
C HIS B 407 -6.21 1.85 -12.05
N GLN B 408 -6.32 2.84 -11.16
CA GLN B 408 -5.60 4.09 -11.37
C GLN B 408 -4.10 3.90 -11.25
N ARG B 409 -3.65 3.23 -10.20
CA ARG B 409 -2.22 2.95 -10.05
C ARG B 409 -1.75 1.90 -11.05
N GLU B 410 -2.64 1.00 -11.48
CA GLU B 410 -2.27 -0.04 -12.43
C GLU B 410 -1.75 0.55 -13.73
N VAL B 411 -2.31 1.69 -14.16
CA VAL B 411 -1.90 2.31 -15.41
C VAL B 411 -0.92 3.47 -15.18
N GLY B 412 -0.43 3.64 -13.96
CA GLY B 412 0.66 4.55 -13.69
C GLY B 412 0.28 5.89 -13.09
N ALA B 413 -0.88 6.00 -12.44
CA ALA B 413 -1.25 7.28 -11.84
C ALA B 413 -0.22 7.73 -10.82
N GLY B 414 0.27 6.80 -9.99
CA GLY B 414 1.29 7.15 -9.01
C GLY B 414 2.62 7.52 -9.64
N TYR B 415 2.97 6.86 -10.75
CA TYR B 415 4.24 7.15 -11.41
C TYR B 415 4.25 8.56 -11.98
N PHE B 416 3.16 8.97 -12.63
CA PHE B 416 3.09 10.32 -13.19
C PHE B 416 2.86 11.36 -12.09
N ASP B 417 2.22 10.98 -10.98
CA ASP B 417 2.23 11.85 -9.82
C ASP B 417 3.65 12.10 -9.34
N ARG B 418 4.49 11.06 -9.39
CA ARG B 418 5.90 11.22 -9.01
C ARG B 418 6.62 12.15 -9.97
N ILE B 419 6.38 12.00 -11.28
CA ILE B 419 6.95 12.93 -12.25
C ILE B 419 6.49 14.35 -11.95
N ALA B 420 5.19 14.52 -11.70
CA ALA B 420 4.64 15.85 -11.47
C ALA B 420 5.27 16.51 -10.24
N THR B 421 5.45 15.75 -9.16
CA THR B 421 6.06 16.30 -7.96
C THR B 421 7.56 16.51 -8.13
N THR B 422 8.21 15.71 -8.98
CA THR B 422 9.63 15.94 -9.27
C THR B 422 9.84 17.26 -9.98
N VAL B 423 8.96 17.58 -10.93
CA VAL B 423 9.06 18.85 -11.65
C VAL B 423 8.62 20.01 -10.76
N ASP B 424 7.56 19.82 -9.98
CA ASP B 424 7.02 20.86 -9.11
C ASP B 424 6.53 20.18 -7.83
N PRO B 425 7.33 20.18 -6.76
CA PRO B 425 6.91 19.49 -5.53
C PRO B 425 5.64 20.06 -4.91
N ASN B 426 5.28 21.31 -5.22
CA ASN B 426 4.11 21.96 -4.64
C ASN B 426 2.94 22.03 -5.61
N SER B 427 2.90 21.16 -6.61
CA SER B 427 1.77 21.14 -7.54
C SER B 427 0.53 20.61 -6.85
N SER B 428 -0.60 21.31 -7.04
CA SER B 428 -1.87 20.95 -6.43
C SER B 428 -2.82 20.28 -7.44
N THR B 429 -2.28 19.61 -8.46
CA THR B 429 -3.09 18.91 -9.45
C THR B 429 -2.67 17.46 -9.59
N THR B 430 -2.15 16.86 -8.51
CA THR B 430 -1.80 15.45 -8.55
C THR B 430 -3.07 14.60 -8.62
N ALA B 431 -2.90 13.38 -9.13
CA ALA B 431 -4.04 12.55 -9.50
C ALA B 431 -4.56 11.70 -8.33
N LEU B 432 -3.69 10.92 -7.69
CA LEU B 432 -4.16 9.90 -6.75
C LEU B 432 -4.62 10.48 -5.42
N THR B 433 -4.09 11.64 -5.02
CA THR B 433 -4.53 12.27 -3.78
C THR B 433 -5.93 12.84 -3.97
N GLY B 434 -6.91 12.28 -3.26
CA GLY B 434 -8.30 12.68 -3.37
C GLY B 434 -9.15 11.77 -4.22
N SER B 435 -8.54 10.88 -4.99
CA SER B 435 -9.31 9.97 -5.84
C SER B 435 -10.16 9.02 -4.99
N THR B 436 -11.24 8.52 -5.60
CA THR B 436 -12.05 7.51 -4.95
C THR B 436 -11.28 6.21 -4.74
N GLU B 437 -10.18 6.02 -5.47
CA GLU B 437 -9.39 4.80 -5.35
C GLU B 437 -8.75 4.69 -3.96
N GLU B 438 -8.09 5.76 -3.52
CA GLU B 438 -7.46 5.75 -2.20
C GLU B 438 -8.49 5.76 -1.07
N GLY B 439 -9.73 6.16 -1.35
CA GLY B 439 -10.78 6.25 -0.36
C GLY B 439 -11.85 5.18 -0.42
N GLN B 440 -11.72 4.18 -1.28
CA GLN B 440 -12.71 3.11 -1.36
C GLN B 440 -12.10 1.74 -1.60
N PHE B 441 -10.77 1.62 -1.66
CA PHE B 441 -10.12 0.35 -1.93
C PHE B 441 -9.04 0.04 -0.89
N MET C 15 17.21 -11.38 -15.49
CA MET C 15 18.48 -11.63 -14.74
C MET C 15 19.69 -11.30 -15.61
N SER C 16 19.63 -10.16 -16.29
CA SER C 16 20.68 -9.72 -17.20
C SER C 16 21.24 -8.38 -16.74
N VAL C 17 22.33 -7.96 -17.39
CA VAL C 17 23.00 -6.71 -17.08
C VAL C 17 22.74 -5.64 -18.13
N VAL C 18 22.20 -6.00 -19.29
CA VAL C 18 21.98 -5.02 -20.36
C VAL C 18 21.00 -3.95 -19.88
N GLY C 19 21.37 -2.69 -20.09
CA GLY C 19 20.50 -1.59 -19.73
C GLY C 19 20.43 -1.26 -18.25
N THR C 20 21.40 -1.72 -17.47
CA THR C 20 21.38 -1.46 -16.04
C THR C 20 21.44 0.04 -15.77
N PRO C 21 20.56 0.59 -14.94
CA PRO C 21 20.69 2.01 -14.60
C PRO C 21 21.89 2.25 -13.70
N LYS C 22 22.49 3.43 -13.85
CA LYS C 22 23.59 3.81 -13.01
C LYS C 22 23.07 4.49 -11.75
N SER C 23 23.94 4.58 -10.74
CA SER C 23 23.56 5.07 -9.44
C SER C 23 23.37 6.59 -9.47
N ALA C 24 22.78 7.11 -8.40
CA ALA C 24 22.59 8.55 -8.29
C ALA C 24 23.92 9.29 -8.17
N GLU C 25 24.88 8.70 -7.45
CA GLU C 25 26.19 9.33 -7.33
C GLU C 25 26.95 9.27 -8.65
N GLN C 26 26.71 8.23 -9.44
CA GLN C 26 27.30 8.15 -10.77
C GLN C 26 26.74 9.25 -11.68
N ILE C 27 25.44 9.50 -11.59
CA ILE C 27 24.84 10.61 -12.34
C ILE C 27 25.30 11.94 -11.75
N GLN C 28 25.25 12.06 -10.42
CA GLN C 28 25.69 13.29 -9.76
C GLN C 28 27.12 13.64 -10.14
N GLN C 29 27.96 12.64 -10.41
CA GLN C 29 29.33 12.91 -10.81
C GLN C 29 29.39 13.57 -12.18
N GLU C 30 28.52 13.13 -13.10
CA GLU C 30 28.51 13.72 -14.43
C GLU C 30 28.07 15.18 -14.38
N TRP C 31 27.05 15.49 -13.56
CA TRP C 31 26.59 16.86 -13.43
C TRP C 31 27.67 17.77 -12.84
N ASP C 32 28.51 17.22 -11.95
CA ASP C 32 29.51 18.03 -11.26
C ASP C 32 30.76 18.26 -12.11
N THR C 33 31.14 17.30 -12.95
CA THR C 33 32.40 17.34 -13.66
C THR C 33 32.27 17.63 -15.14
N ASN C 34 31.32 17.01 -15.83
CA ASN C 34 31.18 17.21 -17.27
C ASN C 34 30.90 18.68 -17.56
N PRO C 35 31.73 19.35 -18.37
CA PRO C 35 31.46 20.78 -18.67
C PRO C 35 30.16 21.01 -19.41
N ARG C 36 29.55 19.95 -19.97
CA ARG C 36 28.26 20.08 -20.62
C ARG C 36 27.24 20.72 -19.68
N TRP C 37 27.32 20.45 -18.38
CA TRP C 37 26.34 20.90 -17.40
C TRP C 37 26.85 22.06 -16.56
N LYS C 38 27.82 22.82 -17.07
CA LYS C 38 28.48 23.85 -16.25
C LYS C 38 27.49 24.91 -15.78
N ASP C 39 26.55 25.30 -16.64
CA ASP C 39 25.63 26.39 -16.34
C ASP C 39 24.17 25.91 -16.35
N VAL C 40 23.95 24.63 -16.07
CA VAL C 40 22.63 24.04 -16.09
C VAL C 40 22.14 23.86 -14.66
N THR C 41 21.00 24.47 -14.35
CA THR C 41 20.38 24.32 -13.04
C THR C 41 19.34 23.20 -13.08
N ARG C 42 19.39 22.31 -12.08
CA ARG C 42 18.42 21.24 -11.90
C ARG C 42 17.82 21.35 -10.51
N THR C 43 16.51 21.63 -10.44
CA THR C 43 15.83 21.76 -9.15
C THR C 43 15.42 20.42 -8.56
N TYR C 44 15.68 19.32 -9.26
CA TYR C 44 15.46 17.98 -8.74
C TYR C 44 16.81 17.30 -8.53
N SER C 45 16.79 16.20 -7.79
CA SER C 45 18.01 15.52 -7.38
C SER C 45 18.35 14.39 -8.33
N ALA C 46 19.60 13.90 -8.22
CA ALA C 46 20.00 12.72 -8.96
C ALA C 46 19.22 11.50 -8.51
N GLU C 47 18.94 11.39 -7.21
CA GLU C 47 18.13 10.29 -6.72
C GLU C 47 16.73 10.34 -7.31
N ASP C 48 16.19 11.54 -7.54
CA ASP C 48 14.88 11.66 -8.17
C ASP C 48 14.90 11.06 -9.57
N VAL C 49 15.98 11.29 -10.33
CA VAL C 49 16.05 10.75 -11.68
C VAL C 49 16.07 9.23 -11.65
N VAL C 50 16.93 8.65 -10.81
CA VAL C 50 17.04 7.19 -10.74
C VAL C 50 15.70 6.58 -10.37
N ALA C 51 14.92 7.26 -9.53
CA ALA C 51 13.65 6.71 -9.07
C ALA C 51 12.64 6.52 -10.19
N LEU C 52 12.82 7.21 -11.32
CA LEU C 52 11.87 7.17 -12.43
C LEU C 52 12.36 6.32 -13.59
N GLN C 53 13.42 5.54 -13.40
CA GLN C 53 14.05 4.81 -14.49
C GLN C 53 13.75 3.31 -14.48
N GLY C 54 13.04 2.82 -13.46
CA GLY C 54 12.73 1.41 -13.44
C GLY C 54 13.99 0.56 -13.34
N SER C 55 13.92 -0.63 -13.93
CA SER C 55 15.01 -1.60 -13.87
C SER C 55 15.94 -1.54 -15.08
N VAL C 56 15.47 -1.03 -16.22
CA VAL C 56 16.23 -1.01 -17.45
C VAL C 56 16.10 0.38 -18.07
N VAL C 57 17.20 0.88 -18.64
CA VAL C 57 17.24 2.17 -19.30
C VAL C 57 17.63 1.93 -20.75
N GLU C 58 16.68 2.15 -21.67
CA GLU C 58 16.96 1.98 -23.09
C GLU C 58 18.03 2.95 -23.56
N GLU C 59 18.89 2.47 -24.45
CA GLU C 59 19.94 3.30 -25.04
C GLU C 59 19.37 3.99 -26.29
N HIS C 60 19.45 5.32 -26.32
CA HIS C 60 18.96 6.12 -27.43
C HIS C 60 20.19 6.65 -28.18
N THR C 61 20.71 5.81 -29.09
CA THR C 61 22.01 6.06 -29.72
C THR C 61 22.00 7.36 -30.54
N LEU C 62 20.98 7.54 -31.38
CA LEU C 62 20.98 8.72 -32.24
C LEU C 62 20.69 9.99 -31.44
N ALA C 63 19.85 9.89 -30.41
CA ALA C 63 19.62 11.04 -29.55
C ALA C 63 20.90 11.42 -28.81
N ARG C 64 21.69 10.42 -28.42
CA ARG C 64 22.96 10.71 -27.75
C ARG C 64 23.98 11.25 -28.74
N ARG C 65 24.18 10.55 -29.86
CA ARG C 65 25.17 10.98 -30.84
C ARG C 65 24.83 12.37 -31.37
N GLY C 66 23.57 12.59 -31.74
CA GLY C 66 23.19 13.90 -32.26
C GLY C 66 23.35 15.02 -31.25
N ALA C 67 22.94 14.76 -30.00
CA ALA C 67 23.07 15.78 -28.97
C ALA C 67 24.54 16.12 -28.71
N GLU C 68 25.41 15.11 -28.71
CA GLU C 68 26.83 15.36 -28.51
C GLU C 68 27.43 16.10 -29.69
N VAL C 69 27.01 15.77 -30.91
CA VAL C 69 27.52 16.45 -32.09
C VAL C 69 27.05 17.90 -32.10
N LEU C 70 25.77 18.13 -31.85
CA LEU C 70 25.23 19.49 -31.89
C LEU C 70 25.94 20.38 -30.87
N TRP C 71 26.04 19.92 -29.63
CA TRP C 71 26.73 20.71 -28.61
C TRP C 71 28.17 21.00 -29.02
N GLU C 72 28.85 20.00 -29.61
CA GLU C 72 30.23 20.21 -30.03
C GLU C 72 30.31 21.22 -31.17
N GLN C 73 29.38 21.14 -32.14
CA GLN C 73 29.38 22.10 -33.24
C GLN C 73 29.12 23.51 -32.76
N LEU C 74 28.16 23.68 -31.82
CA LEU C 74 27.80 25.01 -31.35
C LEU C 74 28.98 25.75 -30.75
N HIS C 75 29.94 25.02 -30.19
CA HIS C 75 31.13 25.63 -29.61
C HIS C 75 32.31 25.68 -30.58
N ASP C 76 32.31 24.85 -31.63
CA ASP C 76 33.44 24.75 -32.55
C ASP C 76 33.25 25.53 -33.83
N LEU C 77 32.03 25.68 -34.32
CA LEU C 77 31.79 26.35 -35.58
C LEU C 77 31.51 27.83 -35.37
N GLU C 78 31.76 28.61 -36.42
CA GLU C 78 31.33 30.00 -36.44
C GLU C 78 29.88 30.13 -35.97
N TRP C 79 28.98 29.40 -36.63
CA TRP C 79 27.62 29.23 -36.16
C TRP C 79 27.00 28.06 -36.91
N VAL C 80 26.09 27.36 -36.24
CA VAL C 80 25.37 26.25 -36.83
C VAL C 80 24.08 26.78 -37.44
N ASN C 81 23.91 26.59 -38.74
CA ASN C 81 22.70 27.02 -39.42
C ASN C 81 22.04 25.81 -40.07
N ALA C 82 20.71 25.89 -40.22
CA ALA C 82 19.92 24.78 -40.71
C ALA C 82 18.73 25.31 -41.50
N LEU C 83 18.01 24.39 -42.13
CA LEU C 83 16.81 24.70 -42.90
C LEU C 83 15.68 23.80 -42.44
N GLY C 84 14.45 24.30 -42.58
CA GLY C 84 13.28 23.52 -42.25
C GLY C 84 13.14 22.33 -43.16
N ALA C 85 12.94 21.15 -42.58
CA ALA C 85 12.76 19.91 -43.33
C ALA C 85 11.50 19.23 -42.84
N LEU C 86 10.64 18.82 -43.78
CA LEU C 86 9.40 18.13 -43.46
C LEU C 86 9.30 16.74 -44.06
N THR C 87 10.28 16.31 -44.87
CA THR C 87 10.35 14.95 -45.36
C THR C 87 11.78 14.45 -45.26
N GLY C 88 11.92 13.13 -45.33
CA GLY C 88 13.24 12.52 -45.22
C GLY C 88 14.17 12.94 -46.35
N ASN C 89 13.66 12.96 -47.58
CA ASN C 89 14.49 13.36 -48.70
C ASN C 89 14.95 14.81 -48.58
N MET C 90 14.13 15.68 -47.99
CA MET C 90 14.55 17.06 -47.77
C MET C 90 15.81 17.12 -46.92
N ALA C 91 15.82 16.39 -45.81
CA ALA C 91 16.98 16.42 -44.92
C ALA C 91 18.20 15.83 -45.59
N VAL C 92 18.01 14.79 -46.41
CA VAL C 92 19.13 14.21 -47.15
C VAL C 92 19.81 15.24 -48.03
N GLN C 93 19.02 16.05 -48.75
CA GLN C 93 19.59 17.03 -49.66
C GLN C 93 20.25 18.19 -48.90
N GLN C 94 19.73 18.53 -47.72
CA GLN C 94 20.33 19.59 -46.93
C GLN C 94 21.72 19.22 -46.46
N VAL C 95 21.90 17.99 -45.99
CA VAL C 95 23.22 17.51 -45.61
C VAL C 95 24.11 17.35 -46.84
N ARG C 96 23.55 16.83 -47.93
CA ARG C 96 24.34 16.66 -49.15
C ARG C 96 24.94 17.97 -49.62
N ALA C 97 24.24 19.08 -49.40
CA ALA C 97 24.69 20.39 -49.85
C ALA C 97 25.65 21.06 -48.88
N GLY C 98 25.97 20.43 -47.74
CA GLY C 98 26.97 20.92 -46.82
C GLY C 98 26.45 21.35 -45.46
N LEU C 99 25.14 21.33 -45.23
CA LEU C 99 24.63 21.76 -43.94
C LEU C 99 24.89 20.69 -42.88
N LYS C 100 25.08 21.15 -41.65
CA LYS C 100 25.48 20.28 -40.54
C LYS C 100 24.41 20.16 -39.47
N ALA C 101 23.15 20.47 -39.81
CA ALA C 101 22.06 20.39 -38.85
C ALA C 101 20.74 20.44 -39.60
N ILE C 102 19.72 19.82 -39.01
CA ILE C 102 18.38 19.78 -39.58
C ILE C 102 17.43 20.46 -38.60
N TYR C 103 16.59 21.36 -39.11
CA TYR C 103 15.54 21.97 -38.30
C TYR C 103 14.21 21.34 -38.68
N LEU C 104 13.47 20.89 -37.67
CA LEU C 104 12.17 20.24 -37.87
C LEU C 104 11.09 21.20 -37.38
N SER C 105 10.50 21.93 -38.33
CA SER C 105 9.50 22.94 -38.02
C SER C 105 8.16 22.30 -37.65
N GLY C 106 7.60 22.72 -36.52
CA GLY C 106 6.23 22.32 -36.21
C GLY C 106 5.22 22.95 -37.14
N TRP C 107 5.47 24.19 -37.56
CA TRP C 107 4.64 24.84 -38.57
C TRP C 107 4.49 23.94 -39.80
N GLN C 108 5.62 23.49 -40.36
CA GLN C 108 5.58 22.67 -41.57
C GLN C 108 4.87 21.34 -41.30
N VAL C 109 5.10 20.73 -40.14
CA VAL C 109 4.39 19.51 -39.78
C VAL C 109 2.89 19.76 -39.80
N ALA C 110 2.45 20.89 -39.22
CA ALA C 110 1.03 21.21 -39.18
C ALA C 110 0.47 21.38 -40.59
N GLY C 111 1.26 21.98 -41.49
CA GLY C 111 0.76 22.31 -42.81
C GLY C 111 0.81 21.18 -43.83
N ASP C 112 1.66 20.16 -43.62
CA ASP C 112 1.80 19.15 -44.68
C ASP C 112 2.47 17.86 -44.23
N ALA C 113 2.54 17.54 -42.94
CA ALA C 113 3.16 16.28 -42.53
C ALA C 113 2.86 15.92 -41.09
N ASN C 114 1.58 15.89 -40.71
CA ASN C 114 1.17 15.49 -39.37
C ASN C 114 0.20 14.32 -39.46
N LEU C 115 0.11 13.58 -38.35
CA LEU C 115 -0.55 12.28 -38.34
C LEU C 115 -2.06 12.34 -38.48
N SER C 116 -2.67 13.53 -38.49
CA SER C 116 -4.11 13.61 -38.72
C SER C 116 -4.46 13.50 -40.20
N GLY C 117 -3.48 13.68 -41.08
CA GLY C 117 -3.74 13.75 -42.50
C GLY C 117 -4.24 15.09 -43.00
N HIS C 118 -4.53 16.03 -42.11
CA HIS C 118 -5.13 17.29 -42.51
C HIS C 118 -4.09 18.40 -42.62
N THR C 119 -4.43 19.42 -43.40
CA THR C 119 -3.66 20.66 -43.47
C THR C 119 -4.13 21.58 -42.35
N TYR C 120 -3.19 22.06 -41.53
CA TYR C 120 -3.53 22.85 -40.37
C TYR C 120 -2.73 24.15 -40.32
N PRO C 121 -3.32 25.24 -39.83
CA PRO C 121 -2.51 26.38 -39.40
C PRO C 121 -1.68 26.00 -38.17
N ASP C 122 -0.74 26.87 -37.83
CA ASP C 122 0.24 26.58 -36.78
C ASP C 122 -0.36 26.97 -35.43
N GLN C 123 -1.21 26.07 -34.91
CA GLN C 123 -1.94 26.32 -33.68
C GLN C 123 -2.06 25.06 -32.82
N SER C 124 -1.05 24.19 -32.87
CA SER C 124 -1.02 22.97 -32.06
C SER C 124 -2.28 22.12 -32.28
N LEU C 125 -2.77 22.10 -33.51
CA LEU C 125 -3.98 21.33 -33.82
C LEU C 125 -3.68 19.86 -34.06
N TYR C 126 -2.46 19.52 -34.50
CA TYR C 126 -2.20 18.15 -34.93
C TYR C 126 -1.89 17.24 -33.74
N PRO C 127 -1.96 15.92 -33.94
CA PRO C 127 -1.66 14.99 -32.83
C PRO C 127 -0.22 15.14 -32.34
N ALA C 128 -0.05 14.96 -31.03
CA ALA C 128 1.18 15.36 -30.35
C ALA C 128 2.38 14.49 -30.72
N ASN C 129 2.18 13.28 -31.23
CA ASN C 129 3.30 12.43 -31.62
C ASN C 129 3.72 12.64 -33.08
N SER C 130 3.27 13.72 -33.71
CA SER C 130 3.55 13.90 -35.14
C SER C 130 5.01 14.28 -35.37
N VAL C 131 5.55 15.18 -34.57
CA VAL C 131 6.92 15.65 -34.75
C VAL C 131 7.89 14.52 -34.45
N PRO C 132 7.71 13.75 -33.38
CA PRO C 132 8.57 12.56 -33.18
C PRO C 132 8.60 11.64 -34.38
N GLN C 133 7.47 11.40 -35.05
CA GLN C 133 7.47 10.56 -36.25
C GLN C 133 8.39 11.13 -37.33
N VAL C 134 8.38 12.45 -37.51
CA VAL C 134 9.22 13.05 -38.54
C VAL C 134 10.68 13.03 -38.11
N VAL C 135 10.95 13.17 -36.82
CA VAL C 135 12.32 12.99 -36.33
C VAL C 135 12.84 11.61 -36.72
N ARG C 136 12.07 10.57 -36.36
CA ARG C 136 12.43 9.21 -36.72
C ARG C 136 12.55 9.05 -38.24
N ARG C 137 11.64 9.67 -38.98
CA ARG C 137 11.69 9.57 -40.44
C ARG C 137 12.94 10.25 -40.99
N ILE C 138 13.24 11.45 -40.49
CA ILE C 138 14.43 12.15 -40.96
C ILE C 138 15.68 11.33 -40.67
N ASN C 139 15.75 10.75 -39.47
CA ASN C 139 16.90 9.91 -39.13
C ASN C 139 16.98 8.67 -40.01
N ASN C 140 15.82 8.07 -40.32
CA ASN C 140 15.81 6.92 -41.21
C ASN C 140 16.36 7.28 -42.59
N ALA C 141 15.97 8.44 -43.12
CA ALA C 141 16.46 8.86 -44.42
C ALA C 141 17.96 9.11 -44.39
N LEU C 142 18.44 9.78 -43.34
CA LEU C 142 19.88 10.06 -43.23
C LEU C 142 20.67 8.77 -43.06
N GLN C 143 20.12 7.80 -42.33
CA GLN C 143 20.77 6.50 -42.22
C GLN C 143 20.85 5.81 -43.58
N ARG C 144 19.80 5.93 -44.39
CA ARG C 144 19.82 5.29 -45.70
C ARG C 144 20.88 5.92 -46.60
N ALA C 145 21.00 7.26 -46.56
CA ALA C 145 22.05 7.92 -47.31
C ALA C 145 23.43 7.54 -46.78
N ASP C 146 23.54 7.38 -45.47
CA ASP C 146 24.79 6.93 -44.87
C ASP C 146 25.16 5.53 -45.38
N GLN C 147 24.17 4.64 -45.47
CA GLN C 147 24.43 3.27 -45.90
C GLN C 147 24.81 3.23 -47.38
N ILE C 148 24.06 3.94 -48.23
CA ILE C 148 24.40 3.99 -49.65
C ILE C 148 25.79 4.55 -49.84
N ALA C 149 26.13 5.62 -49.11
CA ALA C 149 27.43 6.24 -49.25
C ALA C 149 28.56 5.27 -48.88
N LYS C 150 28.31 4.35 -47.95
CA LYS C 150 29.35 3.43 -47.54
C LYS C 150 29.65 2.40 -48.64
N ILE C 151 28.61 1.84 -49.26
CA ILE C 151 28.83 0.85 -50.30
C ILE C 151 29.37 1.48 -51.58
N GLU C 152 29.12 2.77 -51.78
CA GLU C 152 29.60 3.48 -52.95
C GLU C 152 30.95 4.15 -52.72
N GLY C 153 31.55 3.96 -51.55
CA GLY C 153 32.81 4.62 -51.26
C GLY C 153 32.74 6.13 -51.28
N ASP C 154 31.57 6.68 -50.98
CA ASP C 154 31.36 8.13 -51.00
C ASP C 154 31.74 8.71 -49.64
N THR C 155 32.73 9.60 -49.64
CA THR C 155 33.19 10.26 -48.41
C THR C 155 33.10 11.78 -48.51
N SER C 156 32.31 12.29 -49.45
CA SER C 156 32.12 13.73 -49.56
C SER C 156 31.40 14.31 -48.36
N VAL C 157 30.66 13.50 -47.61
CA VAL C 157 29.97 13.93 -46.40
C VAL C 157 30.59 13.19 -45.22
N GLU C 158 31.09 13.95 -44.25
CA GLU C 158 31.73 13.34 -43.08
C GLU C 158 30.70 12.76 -42.12
N ASN C 159 29.59 13.47 -41.89
CA ASN C 159 28.56 13.03 -40.95
C ASN C 159 27.19 13.16 -41.62
N TRP C 160 26.65 12.04 -42.09
CA TRP C 160 25.29 12.05 -42.61
C TRP C 160 24.26 12.20 -41.50
N LEU C 161 24.59 11.75 -40.28
CA LEU C 161 23.67 11.87 -39.14
C LEU C 161 23.83 13.27 -38.52
N ALA C 162 23.37 14.25 -39.28
CA ALA C 162 23.38 15.62 -38.78
C ALA C 162 22.37 15.75 -37.64
N PRO C 163 22.70 16.49 -36.59
CA PRO C 163 21.76 16.63 -35.46
C PRO C 163 20.47 17.30 -35.88
N ILE C 164 19.39 16.89 -35.24
CA ILE C 164 18.05 17.39 -35.53
C ILE C 164 17.60 18.25 -34.35
N VAL C 165 17.20 19.48 -34.65
CA VAL C 165 16.55 20.37 -33.69
C VAL C 165 15.06 20.38 -34.01
N ALA C 166 14.25 19.84 -33.11
CA ALA C 166 12.83 19.64 -33.35
C ALA C 166 11.99 20.59 -32.51
N ASP C 167 10.76 20.83 -32.98
CA ASP C 167 9.85 21.80 -32.40
C ASP C 167 8.93 21.10 -31.40
N GLY C 168 9.04 21.46 -30.13
CA GLY C 168 8.14 21.01 -29.09
C GLY C 168 6.97 21.91 -28.85
N GLU C 169 6.90 23.04 -29.54
CA GLU C 169 5.77 23.98 -29.47
C GLU C 169 5.57 24.37 -28.01
N ALA C 170 4.35 24.31 -27.47
CA ALA C 170 4.07 24.66 -26.08
C ALA C 170 3.79 23.43 -25.23
N GLY C 171 4.14 22.24 -25.70
CA GLY C 171 4.03 21.04 -24.92
C GLY C 171 2.71 20.31 -25.00
N PHE C 172 1.72 20.87 -25.72
CA PHE C 172 0.43 20.22 -25.89
C PHE C 172 -0.26 19.96 -24.55
N GLY C 173 -0.07 20.83 -23.58
CA GLY C 173 -0.74 20.70 -22.30
C GLY C 173 0.11 21.11 -21.12
N GLY C 174 0.17 20.26 -20.10
CA GLY C 174 0.95 20.51 -18.91
C GLY C 174 2.32 19.86 -18.95
N ALA C 175 2.94 19.73 -17.78
CA ALA C 175 4.30 19.24 -17.70
C ALA C 175 4.38 17.78 -18.09
N LEU C 176 3.34 17.00 -17.81
CA LEU C 176 3.35 15.60 -18.20
C LEU C 176 3.25 15.45 -19.71
N ASN C 177 2.48 16.32 -20.37
CA ASN C 177 2.48 16.34 -21.83
C ASN C 177 3.87 16.73 -22.35
N VAL C 178 4.45 17.79 -21.77
CA VAL C 178 5.81 18.18 -22.12
C VAL C 178 6.76 17.01 -21.95
N TYR C 179 6.68 16.34 -20.80
CA TYR C 179 7.57 15.22 -20.52
C TYR C 179 7.46 14.15 -21.60
N GLU C 180 6.24 13.81 -22.01
CA GLU C 180 6.06 12.73 -22.97
C GLU C 180 6.51 13.10 -24.37
N LEU C 181 6.33 14.37 -24.76
CA LEU C 181 6.82 14.79 -26.07
C LEU C 181 8.34 14.72 -26.14
N GLN C 182 9.02 15.23 -25.11
CA GLN C 182 10.47 15.17 -25.08
C GLN C 182 10.95 13.72 -25.11
N LYS C 183 10.28 12.85 -24.36
CA LYS C 183 10.67 11.44 -24.34
C LYS C 183 10.51 10.81 -25.71
N ALA C 184 9.39 11.09 -26.39
CA ALA C 184 9.16 10.54 -27.72
C ALA C 184 10.14 11.12 -28.73
N LEU C 185 10.43 12.41 -28.62
CA LEU C 185 11.45 13.01 -29.50
C LEU C 185 12.80 12.34 -29.31
N ILE C 186 13.17 12.06 -28.07
CA ILE C 186 14.44 11.39 -27.79
C ILE C 186 14.44 9.98 -28.36
N ALA C 187 13.34 9.25 -28.16
CA ALA C 187 13.24 7.90 -28.71
C ALA C 187 13.41 7.92 -30.22
N ALA C 188 12.98 8.99 -30.88
CA ALA C 188 13.11 9.11 -32.32
C ALA C 188 14.51 9.53 -32.76
N GLY C 189 15.37 9.93 -31.83
CA GLY C 189 16.73 10.31 -32.14
C GLY C 189 16.97 11.80 -32.27
N VAL C 190 16.25 12.62 -31.53
CA VAL C 190 16.41 14.06 -31.65
C VAL C 190 17.68 14.49 -30.91
N ALA C 191 18.28 15.59 -31.38
CA ALA C 191 19.43 16.20 -30.71
C ALA C 191 19.06 17.39 -29.87
N GLY C 192 18.06 18.17 -30.29
CA GLY C 192 17.59 19.31 -29.50
C GLY C 192 16.11 19.52 -29.72
N SER C 193 15.50 20.20 -28.74
CA SER C 193 14.08 20.52 -28.80
C SER C 193 13.84 21.87 -28.15
N HIS C 194 13.02 22.69 -28.80
CA HIS C 194 12.74 24.03 -28.30
C HIS C 194 11.29 24.12 -27.81
N TRP C 195 11.09 24.98 -26.81
CA TRP C 195 9.84 25.06 -26.08
C TRP C 195 9.51 26.52 -25.84
N GLU C 196 8.26 26.90 -26.09
CA GLU C 196 7.83 28.29 -26.06
C GLU C 196 6.90 28.53 -24.88
N ASP C 197 6.82 29.78 -24.45
CA ASP C 197 6.03 30.17 -23.28
C ASP C 197 4.64 30.65 -23.67
N GLN C 198 3.95 29.86 -24.50
CA GLN C 198 2.59 30.15 -24.92
C GLN C 198 1.61 29.20 -24.24
N LEU C 199 0.36 29.66 -24.13
CA LEU C 199 -0.71 28.79 -23.69
C LEU C 199 -0.99 27.76 -24.77
N ALA C 200 -0.86 26.48 -24.42
CA ALA C 200 -0.96 25.42 -25.42
C ALA C 200 -2.28 25.47 -26.15
N SER C 201 -3.39 25.63 -25.41
CA SER C 201 -4.71 25.65 -26.04
C SER C 201 -4.89 26.83 -26.98
N GLU C 202 -4.02 27.85 -26.89
CA GLU C 202 -4.10 29.01 -27.77
C GLU C 202 -2.81 29.22 -28.55
N LYS C 203 -1.97 28.19 -28.64
CA LYS C 203 -0.67 28.33 -29.28
C LYS C 203 -0.82 28.90 -30.68
N LYS C 204 0.12 29.79 -31.05
CA LYS C 204 0.16 30.39 -32.38
C LYS C 204 1.59 30.36 -32.92
N GLY C 206 4.81 32.28 -33.98
CA GLY C 206 5.33 33.48 -33.39
C GLY C 206 4.91 34.73 -34.13
N HIS C 207 4.73 34.62 -35.45
CA HIS C 207 4.38 35.74 -36.31
C HIS C 207 2.91 35.76 -36.68
N LEU C 208 2.07 35.03 -35.95
CA LEU C 208 0.64 35.19 -36.01
C LEU C 208 0.17 36.00 -34.80
N GLY C 209 -1.07 36.50 -34.89
CA GLY C 209 -1.67 37.25 -33.81
C GLY C 209 -2.36 36.35 -32.81
N GLY C 210 -2.90 36.98 -31.78
CA GLY C 210 -3.65 36.27 -30.75
C GLY C 210 -2.82 35.32 -29.91
N LYS C 211 -1.59 35.72 -29.58
CA LYS C 211 -0.72 34.90 -28.74
C LYS C 211 -0.98 35.19 -27.28
N VAL C 212 -1.00 34.14 -26.47
CA VAL C 212 -1.26 34.22 -25.04
C VAL C 212 -0.09 33.60 -24.30
N LEU C 213 0.60 34.41 -23.49
CA LEU C 213 1.71 33.92 -22.71
C LEU C 213 1.24 33.20 -21.45
N ILE C 214 2.05 32.26 -20.98
CA ILE C 214 1.84 31.65 -19.67
C ILE C 214 2.80 32.33 -18.69
N PRO C 215 2.57 32.25 -17.38
CA PRO C 215 3.47 32.91 -16.43
C PRO C 215 4.88 32.34 -16.49
N THR C 216 5.85 33.18 -16.12
CA THR C 216 7.26 32.82 -16.24
C THR C 216 7.55 31.48 -15.55
N GLN C 217 7.07 31.32 -14.32
CA GLN C 217 7.35 30.09 -13.58
C GLN C 217 6.80 28.87 -14.31
N GLN C 218 5.66 29.01 -14.98
CA GLN C 218 5.08 27.87 -15.67
C GLN C 218 5.98 27.39 -16.81
N HIS C 219 6.70 28.30 -17.45
CA HIS C 219 7.62 27.87 -18.50
C HIS C 219 8.89 27.30 -17.91
N ILE C 220 9.37 27.83 -16.78
CA ILE C 220 10.46 27.16 -16.07
C ILE C 220 10.05 25.74 -15.72
N ARG C 221 8.79 25.55 -15.37
CA ARG C 221 8.26 24.21 -15.14
C ARG C 221 8.37 23.36 -16.40
N THR C 222 8.10 23.95 -17.56
CA THR C 222 8.24 23.23 -18.82
C THR C 222 9.69 22.86 -19.09
N LEU C 223 10.59 23.84 -19.00
CA LEU C 223 12.00 23.58 -19.25
C LEU C 223 12.54 22.53 -18.29
N THR C 224 12.10 22.58 -17.03
CA THR C 224 12.52 21.57 -16.06
C THR C 224 12.00 20.20 -16.46
N SER C 225 10.73 20.11 -16.86
CA SER C 225 10.18 18.84 -17.30
C SER C 225 10.92 18.31 -18.52
N ALA C 226 11.23 19.20 -19.48
CA ALA C 226 11.97 18.77 -20.67
C ALA C 226 13.34 18.24 -20.30
N ARG C 227 14.02 18.91 -19.37
CA ARG C 227 15.32 18.41 -18.91
C ARG C 227 15.16 17.08 -18.18
N LEU C 228 14.14 16.97 -17.33
CA LEU C 228 13.94 15.74 -16.57
C LEU C 228 13.79 14.54 -17.49
N ALA C 229 12.97 14.68 -18.53
CA ALA C 229 12.79 13.58 -19.47
C ALA C 229 14.11 13.22 -20.15
N ALA C 230 14.93 14.21 -20.47
CA ALA C 230 16.21 13.92 -21.09
C ALA C 230 17.15 13.21 -20.11
N ASP C 231 17.11 13.60 -18.84
CA ASP C 231 17.95 12.93 -17.84
C ASP C 231 17.47 11.50 -17.58
N VAL C 232 16.15 11.31 -17.47
CA VAL C 232 15.62 9.96 -17.28
C VAL C 232 15.98 9.09 -18.47
N ALA C 233 16.01 9.66 -19.68
CA ALA C 233 16.45 8.94 -20.85
C ALA C 233 17.97 8.80 -20.93
N ASP C 234 18.70 9.50 -20.07
CA ASP C 234 20.16 9.40 -20.00
C ASP C 234 20.82 9.91 -21.28
N VAL C 235 20.33 11.05 -21.77
CA VAL C 235 20.92 11.67 -22.96
C VAL C 235 20.99 13.18 -22.75
N PRO C 236 22.11 13.85 -23.32
CA PRO C 236 22.32 15.29 -23.09
C PRO C 236 21.60 16.17 -24.12
N THR C 237 20.29 15.95 -24.26
CA THR C 237 19.51 16.69 -25.25
C THR C 237 19.68 18.18 -25.04
N VAL C 238 19.89 18.90 -26.16
CA VAL C 238 19.97 20.35 -26.11
C VAL C 238 18.58 20.93 -25.93
N VAL C 239 18.38 21.67 -24.84
CA VAL C 239 17.08 22.25 -24.50
C VAL C 239 17.11 23.73 -24.84
N ILE C 240 16.12 24.17 -25.62
CA ILE C 240 16.06 25.53 -26.15
C ILE C 240 14.79 26.19 -25.64
N ALA C 241 14.91 27.40 -25.10
CA ALA C 241 13.79 28.15 -24.57
C ALA C 241 13.43 29.27 -25.54
N ARG C 242 12.17 29.29 -25.97
CA ARG C 242 11.64 30.33 -26.84
C ARG C 242 10.65 31.19 -26.07
N THR C 243 10.70 32.49 -26.30
CA THR C 243 9.76 33.43 -25.68
C THR C 243 9.00 34.18 -26.78
N ASP C 244 7.69 34.32 -26.58
CA ASP C 244 6.83 35.02 -27.53
C ASP C 244 6.35 36.36 -26.99
N ALA C 245 7.11 36.94 -26.05
CA ALA C 245 6.69 38.16 -25.38
C ALA C 245 6.83 39.41 -26.24
N GLU C 246 7.53 39.32 -27.38
CA GLU C 246 7.78 40.53 -28.17
C GLU C 246 6.47 41.09 -28.74
N ALA C 247 5.57 40.21 -29.17
CA ALA C 247 4.32 40.65 -29.81
C ALA C 247 3.08 40.30 -29.01
N ALA C 248 3.15 39.31 -28.12
CA ALA C 248 1.97 38.90 -27.36
C ALA C 248 1.55 40.00 -26.38
N THR C 249 0.27 40.36 -26.43
CA THR C 249 -0.30 41.32 -25.48
C THR C 249 -1.21 40.66 -24.47
N LEU C 250 -1.15 39.33 -24.35
CA LEU C 250 -2.02 38.59 -23.45
C LEU C 250 -1.21 37.61 -22.61
N ILE C 251 -1.63 37.46 -21.36
CA ILE C 251 -1.05 36.48 -20.45
C ILE C 251 -2.19 35.85 -19.66
N THR C 252 -2.00 34.60 -19.24
CA THR C 252 -3.09 33.86 -18.62
C THR C 252 -3.33 34.35 -17.19
N SER C 253 -2.28 34.65 -16.44
CA SER C 253 -2.41 34.95 -15.02
C SER C 253 -1.39 36.00 -14.63
N ASP C 254 -1.62 36.60 -13.45
CA ASP C 254 -0.72 37.58 -12.86
C ASP C 254 -0.05 37.04 -11.60
N VAL C 255 0.03 35.72 -11.45
CA VAL C 255 0.49 35.12 -10.21
C VAL C 255 1.99 35.27 -10.03
N ASP C 256 2.74 35.36 -11.12
CA ASP C 256 4.20 35.45 -11.06
C ASP C 256 4.61 36.92 -11.04
N GLU C 257 5.27 37.33 -9.94
CA GLU C 257 5.61 38.73 -9.77
C GLU C 257 6.61 39.23 -10.81
N ARG C 258 7.38 38.32 -11.44
CA ARG C 258 8.26 38.72 -12.51
C ARG C 258 7.51 39.18 -13.75
N ASP C 259 6.23 38.82 -13.87
CA ASP C 259 5.40 39.25 -14.99
C ASP C 259 4.56 40.48 -14.67
N GLN C 260 4.33 40.78 -13.39
CA GLN C 260 3.44 41.88 -13.06
C GLN C 260 3.93 43.26 -13.52
N PRO C 261 5.23 43.56 -13.64
CA PRO C 261 5.62 44.90 -14.10
C PRO C 261 5.21 45.22 -15.53
N PHE C 262 4.68 44.24 -16.28
CA PHE C 262 4.15 44.49 -17.61
C PHE C 262 2.64 44.36 -17.70
N ILE C 263 1.99 43.83 -16.66
CA ILE C 263 0.53 43.68 -16.66
C ILE C 263 -0.11 45.04 -16.45
N THR C 264 -1.05 45.39 -17.33
CA THR C 264 -1.63 46.72 -17.36
C THR C 264 -2.87 46.86 -16.48
N GLY C 265 -3.53 45.75 -16.17
CA GLY C 265 -4.81 45.76 -15.48
C GLY C 265 -6.00 45.48 -16.37
N GLU C 266 -5.84 45.65 -17.68
CA GLU C 266 -6.91 45.31 -18.62
C GLU C 266 -7.18 43.81 -18.60
N ARG C 267 -8.43 43.45 -18.92
CA ARG C 267 -8.86 42.07 -19.00
C ARG C 267 -9.66 41.85 -20.28
N THR C 268 -9.66 40.62 -20.76
CA THR C 268 -10.51 40.20 -21.87
C THR C 268 -11.70 39.44 -21.32
N ARG C 269 -12.67 39.18 -22.21
CA ARG C 269 -13.88 38.45 -21.79
C ARG C 269 -13.55 37.03 -21.35
N GLU C 270 -12.48 36.44 -21.88
CA GLU C 270 -12.11 35.08 -21.48
C GLU C 270 -11.43 35.04 -20.13
N GLY C 271 -10.95 36.16 -19.62
CA GLY C 271 -10.24 36.21 -18.37
C GLY C 271 -8.76 36.43 -18.48
N PHE C 272 -8.24 36.68 -19.67
CA PHE C 272 -6.82 36.95 -19.85
C PHE C 272 -6.47 38.33 -19.31
N TYR C 273 -5.17 38.58 -19.17
CA TYR C 273 -4.65 39.86 -18.72
C TYR C 273 -3.85 40.49 -19.85
N ARG C 274 -4.16 41.74 -20.17
CA ARG C 274 -3.35 42.48 -21.13
C ARG C 274 -1.98 42.79 -20.53
N THR C 275 -0.94 42.61 -21.34
CA THR C 275 0.42 42.85 -20.91
C THR C 275 1.15 43.69 -21.95
N LYS C 276 2.16 44.42 -21.50
CA LYS C 276 2.95 45.27 -22.38
C LYS C 276 3.99 44.42 -23.09
N ASN C 277 3.82 44.23 -24.39
CA ASN C 277 4.74 43.48 -25.21
C ASN C 277 5.99 44.30 -25.50
N GLY C 278 6.99 43.66 -26.10
CA GLY C 278 8.18 44.33 -26.54
C GLY C 278 9.42 43.57 -26.13
N ILE C 279 10.57 44.23 -26.30
CA ILE C 279 11.85 43.58 -26.03
C ILE C 279 12.13 43.50 -24.53
N GLU C 280 11.60 44.43 -23.73
CA GLU C 280 11.84 44.39 -22.30
C GLU C 280 11.39 43.08 -21.68
N PRO C 281 10.14 42.66 -21.83
CA PRO C 281 9.74 41.37 -21.25
C PRO C 281 10.44 40.17 -21.87
N CYS C 282 10.95 40.29 -23.09
CA CYS C 282 11.75 39.21 -23.68
C CYS C 282 13.08 39.07 -22.97
N ILE C 283 13.72 40.20 -22.64
CA ILE C 283 14.99 40.15 -21.91
C ILE C 283 14.76 39.61 -20.51
N ALA C 284 13.75 40.10 -19.82
CA ALA C 284 13.46 39.63 -18.46
C ALA C 284 13.17 38.14 -18.45
N ARG C 285 12.27 37.69 -19.32
CA ARG C 285 11.95 36.26 -19.37
C ARG C 285 13.19 35.44 -19.76
N ALA C 286 14.01 35.98 -20.66
CA ALA C 286 15.22 35.27 -21.06
C ALA C 286 16.14 35.03 -19.88
N LYS C 287 16.36 36.07 -19.06
CA LYS C 287 17.21 35.93 -17.88
C LYS C 287 16.65 34.89 -16.92
N ALA C 288 15.32 34.82 -16.81
CA ALA C 288 14.71 33.82 -15.95
C ALA C 288 14.87 32.41 -16.53
N TYR C 289 14.83 32.28 -17.87
CA TYR C 289 14.98 30.98 -18.51
C TYR C 289 16.43 30.54 -18.61
N ALA C 290 17.39 31.45 -18.48
CA ALA C 290 18.78 31.14 -18.78
C ALA C 290 19.30 29.93 -18.01
N PRO C 291 19.10 29.81 -16.70
CA PRO C 291 19.62 28.64 -15.98
C PRO C 291 18.99 27.32 -16.43
N PHE C 292 17.94 27.35 -17.25
CA PHE C 292 17.21 26.16 -17.64
C PHE C 292 17.20 25.93 -19.16
N ALA C 293 18.07 26.61 -19.89
CA ALA C 293 18.05 26.59 -21.34
C ALA C 293 19.47 26.58 -21.90
N ASP C 294 19.74 25.65 -22.82
CA ASP C 294 21.04 25.62 -23.47
C ASP C 294 21.14 26.70 -24.55
N LEU C 295 20.02 27.11 -25.12
CA LEU C 295 19.95 28.28 -25.97
C LEU C 295 18.65 29.01 -25.68
N ILE C 296 18.65 30.32 -25.93
CA ILE C 296 17.49 31.17 -25.73
C ILE C 296 17.14 31.82 -27.06
N TRP C 297 15.84 31.96 -27.30
CA TRP C 297 15.35 32.38 -28.61
C TRP C 297 14.21 33.35 -28.40
N MET C 298 14.33 34.54 -28.99
CA MET C 298 13.32 35.59 -28.93
C MET C 298 12.70 35.74 -30.30
N GLU C 299 11.40 35.48 -30.41
CA GLU C 299 10.69 35.74 -31.64
C GLU C 299 10.56 37.25 -31.85
N THR C 300 10.83 37.69 -33.08
CA THR C 300 10.80 39.11 -33.44
C THR C 300 9.87 39.31 -34.63
N GLY C 301 9.43 40.56 -34.80
CA GLY C 301 8.53 40.92 -35.88
C GLY C 301 9.18 41.37 -37.15
N THR C 302 10.49 41.65 -37.12
CA THR C 302 11.23 42.06 -38.30
C THR C 302 12.64 41.50 -38.20
N PRO C 303 13.34 41.30 -39.31
CA PRO C 303 14.75 40.92 -39.24
C PRO C 303 15.65 42.13 -39.01
N ASP C 304 15.87 42.49 -37.75
CA ASP C 304 16.60 43.70 -37.38
C ASP C 304 17.85 43.31 -36.59
N LEU C 305 19.03 43.64 -37.13
CA LEU C 305 20.27 43.31 -36.45
C LEU C 305 20.44 44.12 -35.17
N GLU C 306 20.01 45.39 -35.19
CA GLU C 306 20.14 46.21 -33.99
C GLU C 306 19.29 45.68 -32.85
N ALA C 307 18.05 45.28 -33.15
CA ALA C 307 17.19 44.70 -32.12
C ALA C 307 17.78 43.40 -31.57
N ALA C 308 18.46 42.63 -32.42
CA ALA C 308 19.10 41.41 -31.95
C ALA C 308 20.26 41.71 -31.01
N ARG C 309 21.01 42.78 -31.29
CA ARG C 309 22.12 43.16 -30.42
C ARG C 309 21.63 43.54 -29.03
N GLN C 310 20.55 44.32 -28.95
CA GLN C 310 19.98 44.69 -27.66
C GLN C 310 19.62 43.46 -26.84
N PHE C 311 18.97 42.49 -27.48
CA PHE C 311 18.62 41.26 -26.77
C PHE C 311 19.87 40.50 -26.36
N SER C 312 20.87 40.45 -27.25
CA SER C 312 22.07 39.68 -26.96
C SER C 312 22.87 40.29 -25.83
N GLU C 313 23.18 41.59 -25.93
CA GLU C 313 24.04 42.21 -24.95
C GLU C 313 23.38 42.29 -23.58
N ALA C 314 22.04 42.36 -23.54
CA ALA C 314 21.34 42.40 -22.25
C ALA C 314 21.38 41.04 -21.57
N VAL C 315 21.12 39.97 -22.31
CA VAL C 315 21.19 38.63 -21.73
C VAL C 315 22.63 38.31 -21.33
N LYS C 316 23.60 38.65 -22.19
CA LYS C 316 24.99 38.32 -21.93
C LYS C 316 25.61 39.20 -20.85
N ALA C 317 24.93 40.26 -20.42
CA ALA C 317 25.42 41.03 -19.29
C ALA C 317 25.36 40.22 -18.01
N GLU C 318 24.31 39.39 -17.86
CA GLU C 318 24.16 38.53 -16.70
C GLU C 318 24.68 37.11 -16.93
N TYR C 319 24.63 36.62 -18.16
CA TYR C 319 25.07 35.27 -18.50
C TYR C 319 26.01 35.35 -19.70
N PRO C 320 27.29 35.64 -19.47
CA PRO C 320 28.19 35.86 -20.62
C PRO C 320 28.23 34.71 -21.62
N ASP C 321 28.21 33.47 -21.14
CA ASP C 321 28.36 32.31 -22.02
C ASP C 321 27.04 31.79 -22.57
N GLN C 322 25.95 32.54 -22.40
CA GLN C 322 24.63 32.06 -22.83
C GLN C 322 24.53 32.14 -24.35
N MET C 323 24.43 30.99 -25.01
CA MET C 323 24.25 30.96 -26.44
C MET C 323 22.80 31.27 -26.81
N LEU C 324 22.63 31.88 -27.98
CA LEU C 324 21.33 32.34 -28.44
C LEU C 324 21.00 31.71 -29.79
N ALA C 325 19.71 31.64 -30.08
CA ALA C 325 19.20 31.15 -31.36
C ALA C 325 18.32 32.21 -32.00
N TYR C 326 18.38 32.27 -33.33
CA TYR C 326 17.64 33.28 -34.09
C TYR C 326 16.86 32.62 -35.21
N ASN C 327 15.58 32.99 -35.34
CA ASN C 327 14.71 32.49 -36.39
C ASN C 327 14.78 33.45 -37.57
N CYS C 328 15.38 33.00 -38.66
CA CYS C 328 15.36 33.74 -39.93
C CYS C 328 14.10 33.32 -40.67
N SER C 329 12.98 33.93 -40.28
CA SER C 329 11.67 33.42 -40.63
C SER C 329 11.24 33.86 -42.03
N PRO C 330 10.70 32.96 -42.85
CA PRO C 330 10.06 33.38 -44.10
C PRO C 330 8.81 34.24 -43.89
N SER C 331 8.30 34.34 -42.66
CA SER C 331 7.19 35.25 -42.39
C SER C 331 7.60 36.71 -42.51
N PHE C 332 8.89 36.99 -42.64
CA PHE C 332 9.38 38.34 -42.92
C PHE C 332 9.43 38.54 -44.43
N ASN C 333 9.02 39.73 -44.87
CA ASN C 333 9.25 40.17 -46.25
C ASN C 333 10.63 40.82 -46.29
N TRP C 334 11.61 40.09 -46.81
CA TRP C 334 13.00 40.43 -46.53
C TRP C 334 13.46 41.68 -47.29
N LYS C 335 13.15 41.77 -48.57
CA LYS C 335 13.56 42.95 -49.33
C LYS C 335 12.62 44.14 -49.13
N LYS C 336 11.58 43.99 -48.32
CA LYS C 336 10.82 45.15 -47.87
C LYS C 336 11.48 45.84 -46.68
N HIS C 337 12.42 45.16 -46.02
CA HIS C 337 13.09 45.69 -44.84
C HIS C 337 14.59 45.88 -45.00
N LEU C 338 15.26 45.06 -45.82
CA LEU C 338 16.71 45.03 -45.85
C LEU C 338 17.21 45.16 -47.28
N ASP C 339 18.35 45.84 -47.41
CA ASP C 339 19.09 45.88 -48.66
C ASP C 339 19.85 44.56 -48.86
N ASP C 340 20.33 44.35 -50.09
CA ASP C 340 21.06 43.13 -50.39
C ASP C 340 22.36 43.04 -49.59
N ALA C 341 22.98 44.18 -49.32
CA ALA C 341 24.23 44.19 -48.56
C ALA C 341 24.01 43.68 -47.13
N THR C 342 22.91 44.08 -46.51
CA THR C 342 22.62 43.64 -45.16
C THR C 342 22.12 42.20 -45.15
N ILE C 343 21.34 41.82 -46.16
CA ILE C 343 20.87 40.43 -46.25
C ILE C 343 22.05 39.48 -46.31
N ALA C 344 23.09 39.85 -47.07
CA ALA C 344 24.22 38.95 -47.25
C ALA C 344 24.95 38.71 -45.93
N LYS C 345 25.13 39.76 -45.12
CA LYS C 345 25.88 39.66 -43.88
C LYS C 345 25.00 39.35 -42.67
N PHE C 346 23.71 39.11 -42.90
CA PHE C 346 22.77 39.00 -41.78
C PHE C 346 23.20 37.90 -40.81
N GLN C 347 23.33 36.66 -41.30
CA GLN C 347 23.69 35.56 -40.43
C GLN C 347 25.07 35.78 -39.81
N LYS C 348 26.02 36.26 -40.61
CA LYS C 348 27.38 36.48 -40.09
C LYS C 348 27.36 37.48 -38.94
N GLU C 349 26.61 38.57 -39.09
CA GLU C 349 26.49 39.55 -38.01
C GLU C 349 25.86 38.93 -36.77
N LEU C 350 24.82 38.11 -36.95
CA LEU C 350 24.17 37.49 -35.81
C LEU C 350 25.12 36.56 -35.06
N ALA C 351 25.98 35.83 -35.80
CA ALA C 351 26.88 34.90 -35.15
C ALA C 351 27.86 35.63 -34.23
N ALA C 352 28.25 36.85 -34.57
CA ALA C 352 29.16 37.62 -33.74
C ALA C 352 28.49 38.10 -32.46
N MET C 353 27.16 38.09 -32.39
CA MET C 353 26.44 38.46 -31.19
C MET C 353 26.09 37.26 -30.32
N GLY C 354 26.52 36.06 -30.69
CA GLY C 354 26.23 34.88 -29.93
C GLY C 354 25.05 34.06 -30.39
N PHE C 355 24.44 34.39 -31.53
CA PHE C 355 23.35 33.60 -32.09
C PHE C 355 23.97 32.43 -32.85
N LYS C 356 24.19 31.33 -32.14
CA LYS C 356 24.95 30.21 -32.68
C LYS C 356 24.08 29.13 -33.31
N PHE C 357 22.76 29.24 -33.23
CA PHE C 357 21.86 28.40 -34.02
C PHE C 357 20.90 29.29 -34.77
N GLN C 358 20.99 29.27 -36.10
CA GLN C 358 20.15 30.09 -36.96
C GLN C 358 19.47 29.18 -37.98
N PHE C 359 18.21 29.46 -38.29
CA PHE C 359 17.40 28.52 -39.05
C PHE C 359 16.33 29.26 -39.83
N ILE C 360 16.05 28.79 -41.04
CA ILE C 360 14.95 29.28 -41.85
C ILE C 360 13.81 28.28 -41.69
N THR C 361 12.81 28.65 -40.90
CA THR C 361 11.83 27.70 -40.39
C THR C 361 11.04 27.06 -41.52
N LEU C 362 10.35 27.87 -42.34
CA LEU C 362 9.44 27.36 -43.35
C LEU C 362 10.11 27.15 -44.71
N ALA C 363 11.42 26.90 -44.72
CA ALA C 363 12.14 26.76 -45.98
C ALA C 363 11.62 25.58 -46.79
N GLY C 364 11.31 24.47 -46.12
CA GLY C 364 10.83 23.30 -46.83
C GLY C 364 9.46 23.53 -47.48
N PHE C 365 8.55 24.14 -46.73
CA PHE C 365 7.23 24.44 -47.27
C PHE C 365 7.32 25.25 -48.56
N HIS C 366 8.15 26.30 -48.56
CA HIS C 366 8.21 27.19 -49.71
C HIS C 366 8.97 26.56 -50.87
N ALA C 367 10.04 25.81 -50.57
CA ALA C 367 10.76 25.11 -51.62
C ALA C 367 9.85 24.09 -52.30
N LEU C 368 9.12 23.31 -51.51
CA LEU C 368 8.23 22.28 -52.07
C LEU C 368 7.08 22.93 -52.83
N ASN C 369 6.41 23.92 -52.23
CA ASN C 369 5.22 24.48 -52.85
C ASN C 369 5.56 25.26 -54.12
N TYR C 370 6.63 26.05 -54.09
CA TYR C 370 6.99 26.82 -55.29
C TYR C 370 7.46 25.90 -56.40
N SER C 371 8.36 24.96 -56.09
CA SER C 371 8.93 24.12 -57.14
C SER C 371 7.85 23.31 -57.85
N MET C 372 6.82 22.86 -57.13
CA MET C 372 5.77 22.09 -57.77
C MET C 372 4.78 22.97 -58.52
N PHE C 373 4.51 24.19 -58.03
CA PHE C 373 3.69 25.10 -58.81
C PHE C 373 4.38 25.51 -60.10
N ASP C 374 5.68 25.81 -60.02
CA ASP C 374 6.43 26.20 -61.21
C ASP C 374 6.38 25.09 -62.26
N LEU C 375 6.57 23.84 -61.84
CA LEU C 375 6.53 22.73 -62.79
C LEU C 375 5.13 22.51 -63.32
N ALA C 376 4.15 22.41 -62.42
CA ALA C 376 2.78 22.12 -62.83
C ALA C 376 2.24 23.20 -63.77
N TYR C 377 2.60 24.46 -63.53
CA TYR C 377 2.14 25.54 -64.40
C TYR C 377 2.68 25.35 -65.81
N GLY C 378 4.01 25.19 -65.94
CA GLY C 378 4.58 24.93 -67.24
C GLY C 378 4.10 23.63 -67.85
N TYR C 379 3.86 22.63 -67.00
CA TYR C 379 3.35 21.35 -67.49
C TYR C 379 1.97 21.52 -68.12
N ALA C 380 1.10 22.29 -67.46
CA ALA C 380 -0.24 22.52 -67.99
C ALA C 380 -0.20 23.34 -69.28
N GLN C 381 0.92 24.00 -69.57
CA GLN C 381 1.04 24.84 -70.76
C GLN C 381 1.80 24.16 -71.89
N ASN C 382 2.91 23.50 -71.58
CA ASN C 382 3.79 22.92 -72.59
C ASN C 382 4.12 21.45 -72.32
N GLN C 383 3.38 20.80 -71.43
CA GLN C 383 3.56 19.38 -71.16
C GLN C 383 5.03 19.02 -70.94
N MET C 384 5.58 18.09 -71.74
CA MET C 384 6.87 17.51 -71.42
C MET C 384 7.99 18.54 -71.45
N SER C 385 7.86 19.58 -72.28
CA SER C 385 8.88 20.62 -72.32
C SER C 385 9.18 21.15 -70.92
N ALA C 386 8.13 21.37 -70.11
CA ALA C 386 8.33 21.90 -68.77
C ALA C 386 9.16 20.95 -67.91
N TYR C 387 8.89 19.65 -68.00
CA TYR C 387 9.64 18.72 -67.18
C TYR C 387 11.09 18.63 -67.63
N VAL C 388 11.33 18.54 -68.94
CA VAL C 388 12.69 18.38 -69.44
C VAL C 388 13.56 19.55 -69.00
N GLU C 389 12.97 20.74 -68.82
CA GLU C 389 13.71 21.85 -68.26
C GLU C 389 14.23 21.51 -66.87
N LEU C 390 13.36 20.95 -66.02
CA LEU C 390 13.76 20.56 -64.69
C LEU C 390 14.81 19.46 -64.74
N GLN C 391 14.61 18.46 -65.60
CA GLN C 391 15.58 17.38 -65.71
C GLN C 391 16.94 17.92 -66.17
N GLU C 392 16.94 18.91 -67.05
CA GLU C 392 18.19 19.49 -67.51
C GLU C 392 18.88 20.26 -66.38
N ARG C 393 18.12 20.99 -65.58
CA ARG C 393 18.72 21.68 -64.43
C ARG C 393 19.28 20.68 -63.43
N GLU C 394 18.67 19.51 -63.31
CA GLU C 394 19.20 18.48 -62.42
C GLU C 394 20.52 17.95 -62.94
N PHE C 395 20.64 17.76 -64.26
CA PHE C 395 21.91 17.35 -64.83
C PHE C 395 23.00 18.37 -64.51
N ALA C 396 22.73 19.65 -64.78
CA ALA C 396 23.74 20.68 -64.55
C ALA C 396 24.13 20.76 -63.09
N ALA C 397 23.24 20.34 -62.18
CA ALA C 397 23.54 20.40 -60.75
C ALA C 397 24.48 19.30 -60.29
N GLU C 398 24.78 18.33 -61.14
CA GLU C 398 25.70 17.27 -60.75
C GLU C 398 27.09 17.81 -60.49
N GLU C 399 27.47 18.92 -61.13
CA GLU C 399 28.75 19.55 -60.84
C GLU C 399 28.86 19.95 -59.38
N ARG C 400 27.74 20.32 -58.76
CA ARG C 400 27.73 20.80 -57.39
C ARG C 400 27.51 19.70 -56.36
N GLY C 401 27.42 18.45 -56.79
CA GLY C 401 27.25 17.33 -55.89
C GLY C 401 25.88 16.69 -55.90
N TYR C 402 24.98 17.14 -56.76
CA TYR C 402 23.64 16.59 -56.81
C TYR C 402 23.68 15.16 -57.32
N THR C 403 22.95 14.26 -56.63
CA THR C 403 22.96 12.85 -56.98
C THR C 403 21.58 12.26 -57.24
N ALA C 404 20.50 12.93 -56.84
CA ALA C 404 19.16 12.37 -56.96
C ALA C 404 18.67 12.25 -58.41
N THR C 405 19.44 12.71 -59.39
CA THR C 405 19.06 12.46 -60.78
C THR C 405 19.02 10.95 -61.06
N LYS C 406 20.00 10.21 -60.53
CA LYS C 406 19.95 8.74 -60.55
C LYS C 406 19.13 8.31 -59.33
N HIS C 407 17.81 8.32 -59.52
CA HIS C 407 16.89 8.20 -58.39
C HIS C 407 16.85 6.79 -57.81
N GLN C 408 17.14 5.77 -58.62
CA GLN C 408 17.08 4.39 -58.12
C GLN C 408 18.11 4.17 -57.01
N ARG C 409 19.38 4.45 -57.29
CA ARG C 409 20.40 4.36 -56.25
C ARG C 409 20.17 5.38 -55.15
N GLU C 410 19.56 6.52 -55.48
CA GLU C 410 19.33 7.57 -54.48
C GLU C 410 18.49 7.06 -53.32
N VAL C 411 17.53 6.16 -53.59
CA VAL C 411 16.66 5.64 -52.55
C VAL C 411 17.09 4.25 -52.08
N GLY C 412 18.25 3.79 -52.51
CA GLY C 412 18.84 2.57 -51.99
C GLY C 412 18.62 1.32 -52.80
N ALA C 413 18.33 1.43 -54.09
CA ALA C 413 18.23 0.23 -54.92
C ALA C 413 19.52 -0.58 -54.86
N GLY C 414 20.67 0.08 -54.96
CA GLY C 414 21.94 -0.62 -54.86
C GLY C 414 22.16 -1.22 -53.49
N TYR C 415 21.81 -0.49 -52.44
CA TYR C 415 21.99 -1.01 -51.09
C TYR C 415 21.18 -2.28 -50.86
N PHE C 416 19.93 -2.29 -51.32
CA PHE C 416 19.10 -3.48 -51.17
C PHE C 416 19.50 -4.58 -52.16
N ASP C 417 20.08 -4.22 -53.30
CA ASP C 417 20.72 -5.24 -54.14
C ASP C 417 21.83 -5.95 -53.39
N ARG C 418 22.60 -5.19 -52.60
CA ARG C 418 23.66 -5.80 -51.80
C ARG C 418 23.08 -6.78 -50.78
N ILE C 419 22.02 -6.38 -50.08
CA ILE C 419 21.38 -7.27 -49.12
C ILE C 419 20.89 -8.53 -49.83
N ALA C 420 20.38 -8.37 -51.06
CA ALA C 420 19.87 -9.53 -51.80
C ALA C 420 21.00 -10.51 -52.12
N THR C 421 22.12 -10.00 -52.66
CA THR C 421 23.23 -10.87 -53.00
C THR C 421 23.98 -11.37 -51.77
N THR C 422 23.91 -10.65 -50.66
CA THR C 422 24.48 -11.17 -49.42
C THR C 422 23.71 -12.38 -48.92
N VAL C 423 22.39 -12.37 -49.09
CA VAL C 423 21.56 -13.51 -48.69
C VAL C 423 21.74 -14.67 -49.65
N ASP C 424 21.63 -14.40 -50.95
CA ASP C 424 21.80 -15.41 -51.98
C ASP C 424 22.63 -14.84 -53.12
N PRO C 425 23.88 -15.29 -53.29
CA PRO C 425 24.69 -14.74 -54.40
C PRO C 425 24.05 -14.91 -55.77
N ASN C 426 23.44 -16.07 -56.03
CA ASN C 426 22.89 -16.38 -57.36
C ASN C 426 21.46 -15.91 -57.53
N SER C 427 21.08 -14.79 -56.93
CA SER C 427 19.71 -14.30 -57.05
C SER C 427 19.48 -13.73 -58.44
N SER C 428 18.41 -14.17 -59.09
CA SER C 428 18.02 -13.69 -60.40
C SER C 428 17.08 -12.49 -60.34
N THR C 429 16.80 -11.97 -59.15
CA THR C 429 15.81 -10.91 -58.95
C THR C 429 16.44 -9.66 -58.35
N THR C 430 17.62 -9.28 -58.85
CA THR C 430 18.24 -8.03 -58.42
C THR C 430 17.65 -6.86 -59.21
N ALA C 431 17.73 -5.68 -58.61
CA ALA C 431 16.97 -4.53 -59.09
C ALA C 431 17.72 -3.71 -60.14
N LEU C 432 18.98 -3.36 -59.90
CA LEU C 432 19.66 -2.38 -60.74
C LEU C 432 20.23 -2.95 -62.02
N THR C 433 20.52 -4.26 -62.06
CA THR C 433 21.08 -4.85 -63.28
C THR C 433 19.99 -4.99 -64.34
N GLY C 434 20.17 -4.31 -65.46
CA GLY C 434 19.19 -4.33 -66.55
C GLY C 434 18.19 -3.20 -66.50
N SER C 435 18.48 -2.12 -65.78
CA SER C 435 17.54 -1.02 -65.58
C SER C 435 17.92 0.16 -66.46
N THR C 436 16.96 1.08 -66.61
CA THR C 436 17.21 2.31 -67.35
C THR C 436 18.15 3.25 -66.61
N GLU C 437 18.42 3.01 -65.33
CA GLU C 437 19.37 3.85 -64.60
C GLU C 437 20.81 3.53 -65.00
N GLU C 438 21.16 2.25 -65.03
CA GLU C 438 22.51 1.86 -65.46
C GLU C 438 22.70 1.99 -66.97
N GLY C 439 21.63 2.23 -67.73
CA GLY C 439 21.72 2.25 -69.17
C GLY C 439 21.57 3.64 -69.78
N GLN C 440 20.93 4.56 -69.05
CA GLN C 440 20.67 5.90 -69.57
C GLN C 440 21.19 7.01 -68.66
N PHE C 441 22.01 6.68 -67.67
CA PHE C 441 22.56 7.69 -66.77
C PHE C 441 24.05 7.46 -66.50
N MET D 15 -31.97 -0.12 -37.16
CA MET D 15 -33.41 0.31 -37.23
C MET D 15 -33.64 1.39 -38.29
N SER D 16 -32.54 1.96 -38.79
CA SER D 16 -32.61 3.02 -39.79
C SER D 16 -32.48 2.44 -41.19
N VAL D 17 -32.64 3.30 -42.19
CA VAL D 17 -32.51 2.92 -43.59
C VAL D 17 -31.31 3.58 -44.25
N VAL D 18 -30.45 4.25 -43.46
CA VAL D 18 -29.23 4.82 -44.01
C VAL D 18 -28.31 3.71 -44.44
N GLY D 19 -27.75 3.82 -45.64
CA GLY D 19 -26.83 2.82 -46.16
C GLY D 19 -27.45 1.50 -46.54
N THR D 20 -28.76 1.47 -46.75
CA THR D 20 -29.41 0.23 -47.17
C THR D 20 -28.80 -0.22 -48.51
N PRO D 21 -28.37 -1.48 -48.63
CA PRO D 21 -27.82 -1.93 -49.92
C PRO D 21 -28.89 -1.98 -51.00
N LYS D 22 -28.46 -1.73 -52.24
CA LYS D 22 -29.33 -1.92 -53.37
C LYS D 22 -29.53 -3.41 -53.64
N SER D 23 -30.63 -3.74 -54.30
CA SER D 23 -30.93 -5.11 -54.66
C SER D 23 -30.06 -5.55 -55.83
N ALA D 24 -29.99 -6.86 -56.04
CA ALA D 24 -29.24 -7.39 -57.17
C ALA D 24 -29.82 -6.88 -58.49
N GLU D 25 -31.15 -6.77 -58.58
CA GLU D 25 -31.78 -6.31 -59.81
C GLU D 25 -31.38 -4.89 -60.13
N GLN D 26 -31.32 -4.02 -59.11
CA GLN D 26 -30.88 -2.65 -59.32
C GLN D 26 -29.45 -2.59 -59.86
N ILE D 27 -28.55 -3.36 -59.24
CA ILE D 27 -27.17 -3.39 -59.69
C ILE D 27 -27.10 -3.92 -61.13
N GLN D 28 -27.75 -5.06 -61.38
CA GLN D 28 -27.74 -5.65 -62.71
C GLN D 28 -28.26 -4.66 -63.75
N GLN D 29 -29.26 -3.86 -63.38
CA GLN D 29 -29.80 -2.88 -64.32
C GLN D 29 -28.79 -1.77 -64.60
N GLU D 30 -28.06 -1.34 -63.57
CA GLU D 30 -26.99 -0.37 -63.78
C GLU D 30 -25.94 -0.91 -64.73
N TRP D 31 -25.55 -2.18 -64.56
CA TRP D 31 -24.56 -2.79 -65.45
C TRP D 31 -25.08 -2.89 -66.88
N ASP D 32 -26.39 -3.12 -67.05
CA ASP D 32 -26.94 -3.37 -68.38
C ASP D 32 -27.15 -2.09 -69.17
N THR D 33 -27.37 -0.96 -68.51
CA THR D 33 -27.75 0.27 -69.18
C THR D 33 -26.75 1.42 -69.02
N ASN D 34 -26.07 1.52 -67.88
CA ASN D 34 -25.13 2.61 -67.67
C ASN D 34 -23.97 2.47 -68.64
N PRO D 35 -23.75 3.41 -69.57
CA PRO D 35 -22.66 3.26 -70.53
C PRO D 35 -21.28 3.22 -69.90
N ARG D 36 -21.15 3.57 -68.62
CA ARG D 36 -19.87 3.45 -67.93
C ARG D 36 -19.37 2.01 -67.96
N TRP D 37 -20.28 1.04 -67.99
CA TRP D 37 -19.93 -0.38 -68.00
C TRP D 37 -20.08 -1.00 -69.38
N LYS D 38 -20.03 -0.19 -70.44
CA LYS D 38 -20.34 -0.69 -71.77
C LYS D 38 -19.40 -1.83 -72.17
N ASP D 39 -18.10 -1.67 -71.92
CA ASP D 39 -17.10 -2.66 -72.32
C ASP D 39 -16.45 -3.34 -71.13
N VAL D 40 -17.21 -3.55 -70.05
CA VAL D 40 -16.69 -4.08 -68.80
C VAL D 40 -17.24 -5.50 -68.62
N THR D 41 -16.33 -6.47 -68.55
CA THR D 41 -16.69 -7.85 -68.31
C THR D 41 -16.56 -8.17 -66.82
N ARG D 42 -17.61 -8.77 -66.26
CA ARG D 42 -17.62 -9.22 -64.87
C ARG D 42 -17.93 -10.72 -64.88
N THR D 43 -16.94 -11.54 -64.48
CA THR D 43 -17.14 -12.98 -64.41
C THR D 43 -17.96 -13.39 -63.20
N TYR D 44 -18.19 -12.50 -62.26
CA TYR D 44 -19.05 -12.74 -61.11
C TYR D 44 -20.40 -12.05 -61.34
N SER D 45 -21.37 -12.43 -60.51
CA SER D 45 -22.75 -12.01 -60.70
C SER D 45 -23.09 -10.81 -59.81
N ALA D 46 -24.16 -10.10 -60.19
CA ALA D 46 -24.68 -9.05 -59.35
C ALA D 46 -25.13 -9.61 -58.00
N GLU D 47 -25.65 -10.83 -57.97
CA GLU D 47 -26.03 -11.45 -56.71
C GLU D 47 -24.80 -11.72 -55.83
N ASP D 48 -23.64 -11.97 -56.44
CA ASP D 48 -22.43 -12.17 -55.65
C ASP D 48 -22.03 -10.89 -54.94
N VAL D 49 -22.11 -9.74 -55.63
CA VAL D 49 -21.78 -8.46 -55.00
C VAL D 49 -22.64 -8.24 -53.75
N VAL D 50 -23.96 -8.48 -53.88
CA VAL D 50 -24.86 -8.21 -52.76
C VAL D 50 -24.53 -9.12 -51.59
N ALA D 51 -24.20 -10.38 -51.85
CA ALA D 51 -23.94 -11.31 -50.76
C ALA D 51 -22.76 -10.89 -49.89
N LEU D 52 -21.92 -9.97 -50.37
CA LEU D 52 -20.72 -9.57 -49.66
C LEU D 52 -20.86 -8.21 -48.99
N GLN D 53 -22.04 -7.59 -49.02
CA GLN D 53 -22.22 -6.21 -48.60
C GLN D 53 -22.82 -6.08 -47.20
N GLY D 54 -23.05 -7.18 -46.50
CA GLY D 54 -23.61 -7.06 -45.17
C GLY D 54 -24.97 -6.38 -45.19
N SER D 55 -25.26 -5.61 -44.14
CA SER D 55 -26.53 -4.92 -44.00
C SER D 55 -26.45 -3.42 -44.31
N VAL D 56 -25.25 -2.84 -44.32
CA VAL D 56 -25.06 -1.42 -44.56
C VAL D 56 -23.91 -1.26 -45.53
N VAL D 57 -24.04 -0.29 -46.43
CA VAL D 57 -22.99 0.04 -47.39
C VAL D 57 -22.62 1.49 -47.17
N GLU D 58 -21.40 1.73 -46.68
CA GLU D 58 -20.93 3.08 -46.48
C GLU D 58 -20.84 3.81 -47.81
N GLU D 59 -21.22 5.08 -47.81
CA GLU D 59 -21.07 5.93 -48.99
C GLU D 59 -19.65 6.49 -49.04
N HIS D 60 -18.98 6.33 -50.17
CA HIS D 60 -17.63 6.83 -50.40
C HIS D 60 -17.73 8.03 -51.34
N THR D 61 -18.05 9.20 -50.76
CA THR D 61 -18.37 10.38 -51.56
C THR D 61 -17.24 10.76 -52.49
N LEU D 62 -16.02 10.86 -51.96
CA LEU D 62 -14.92 11.35 -52.79
C LEU D 62 -14.50 10.30 -53.82
N ALA D 63 -14.60 9.02 -53.47
CA ALA D 63 -14.32 7.98 -54.45
C ALA D 63 -15.32 8.05 -55.60
N ARG D 64 -16.61 8.15 -55.28
CA ARG D 64 -17.65 8.23 -56.31
C ARG D 64 -17.45 9.47 -57.18
N ARG D 65 -17.32 10.64 -56.54
CA ARG D 65 -17.21 11.88 -57.30
C ARG D 65 -15.95 11.88 -58.14
N GLY D 66 -14.82 11.48 -57.54
CA GLY D 66 -13.59 11.45 -58.28
C GLY D 66 -13.64 10.51 -59.47
N ALA D 67 -14.19 9.31 -59.27
CA ALA D 67 -14.30 8.37 -60.37
C ALA D 67 -15.19 8.92 -61.47
N GLU D 68 -16.33 9.50 -61.10
CA GLU D 68 -17.22 10.08 -62.11
C GLU D 68 -16.54 11.20 -62.87
N VAL D 69 -15.91 12.14 -62.15
CA VAL D 69 -15.23 13.24 -62.82
C VAL D 69 -14.12 12.72 -63.71
N LEU D 70 -13.37 11.71 -63.25
CA LEU D 70 -12.28 11.18 -64.06
C LEU D 70 -12.81 10.62 -65.36
N TRP D 71 -13.79 9.71 -65.28
CA TRP D 71 -14.38 9.14 -66.49
C TRP D 71 -14.92 10.21 -67.42
N GLU D 72 -15.44 11.30 -66.86
CA GLU D 72 -15.97 12.37 -67.70
C GLU D 72 -14.85 13.09 -68.43
N GLN D 73 -13.72 13.32 -67.75
CA GLN D 73 -12.62 14.06 -68.35
C GLN D 73 -11.91 13.26 -69.42
N LEU D 74 -11.87 11.92 -69.26
CA LEU D 74 -11.19 11.08 -70.23
C LEU D 74 -11.92 11.08 -71.57
N HIS D 75 -13.23 11.34 -71.58
CA HIS D 75 -14.02 11.38 -72.81
C HIS D 75 -14.33 12.79 -73.29
N ASP D 76 -14.10 13.80 -72.47
CA ASP D 76 -14.43 15.19 -72.80
C ASP D 76 -13.21 16.01 -73.19
N LEU D 77 -12.07 15.78 -72.55
CA LEU D 77 -10.85 16.51 -72.85
C LEU D 77 -10.03 15.76 -73.88
N GLU D 78 -9.12 16.49 -74.54
CA GLU D 78 -8.24 15.86 -75.52
C GLU D 78 -7.40 14.77 -74.89
N TRP D 79 -6.94 15.00 -73.66
CA TRP D 79 -6.40 13.94 -72.82
C TRP D 79 -6.28 14.49 -71.41
N VAL D 80 -5.91 13.60 -70.49
CA VAL D 80 -5.81 13.93 -69.07
C VAL D 80 -4.38 13.69 -68.65
N ASN D 81 -3.65 14.77 -68.35
CA ASN D 81 -2.26 14.65 -67.92
C ASN D 81 -2.16 14.95 -66.42
N ALA D 82 -1.12 14.40 -65.81
CA ALA D 82 -0.95 14.50 -64.36
C ALA D 82 0.53 14.44 -64.00
N LEU D 83 0.82 14.80 -62.75
CA LEU D 83 2.16 14.75 -62.20
C LEU D 83 2.12 14.02 -60.86
N GLY D 84 3.14 13.20 -60.62
CA GLY D 84 3.23 12.49 -59.36
C GLY D 84 3.33 13.44 -58.17
N ALA D 85 2.53 13.20 -57.13
CA ALA D 85 2.50 14.01 -55.93
C ALA D 85 2.52 13.09 -54.70
N LEU D 86 3.39 13.41 -53.75
CA LEU D 86 3.55 12.59 -52.55
C LEU D 86 3.22 13.31 -51.25
N THR D 87 2.90 14.61 -51.30
CA THR D 87 2.39 15.33 -50.14
C THR D 87 1.13 16.08 -50.55
N GLY D 88 0.33 16.43 -49.54
CA GLY D 88 -0.89 17.17 -49.79
C GLY D 88 -0.63 18.51 -50.47
N ASN D 89 0.36 19.26 -50.00
CA ASN D 89 0.66 20.55 -50.60
C ASN D 89 1.01 20.40 -52.07
N MET D 90 1.70 19.32 -52.44
CA MET D 90 2.04 19.11 -53.85
C MET D 90 0.77 19.06 -54.70
N ALA D 91 -0.20 18.26 -54.29
CA ALA D 91 -1.44 18.16 -55.06
C ALA D 91 -2.13 19.52 -55.17
N VAL D 92 -2.15 20.27 -54.07
CA VAL D 92 -2.79 21.59 -54.08
C VAL D 92 -2.17 22.46 -55.16
N GLN D 93 -0.84 22.49 -55.24
CA GLN D 93 -0.17 23.34 -56.22
C GLN D 93 -0.39 22.82 -57.64
N GLN D 94 -0.52 21.51 -57.81
CA GLN D 94 -0.81 20.96 -59.13
C GLN D 94 -2.18 21.41 -59.63
N VAL D 95 -3.19 21.35 -58.76
CA VAL D 95 -4.51 21.83 -59.14
C VAL D 95 -4.51 23.35 -59.29
N ARG D 96 -3.87 24.06 -58.35
CA ARG D 96 -3.78 25.51 -58.44
C ARG D 96 -3.23 25.94 -59.80
N ALA D 97 -2.18 25.28 -60.27
CA ALA D 97 -1.54 25.63 -61.53
C ALA D 97 -2.35 25.21 -62.76
N GLY D 98 -3.45 24.49 -62.58
CA GLY D 98 -4.38 24.22 -63.67
C GLY D 98 -4.56 22.76 -64.04
N LEU D 99 -3.91 21.82 -63.37
CA LEU D 99 -4.06 20.41 -63.73
C LEU D 99 -5.38 19.86 -63.22
N LYS D 100 -5.91 18.88 -63.96
CA LYS D 100 -7.23 18.33 -63.69
C LYS D 100 -7.19 16.95 -63.05
N ALA D 101 -6.00 16.43 -62.73
CA ALA D 101 -5.90 15.09 -62.15
C ALA D 101 -4.58 14.97 -61.40
N ILE D 102 -4.58 14.11 -60.38
CA ILE D 102 -3.41 13.85 -59.55
C ILE D 102 -3.00 12.40 -59.74
N TYR D 103 -1.70 12.16 -59.87
CA TYR D 103 -1.16 10.80 -59.90
C TYR D 103 -0.37 10.54 -58.64
N LEU D 104 -0.64 9.39 -58.01
CA LEU D 104 0.00 9.01 -56.75
C LEU D 104 0.96 7.87 -57.04
N SER D 105 2.24 8.21 -57.18
CA SER D 105 3.27 7.24 -57.50
C SER D 105 3.57 6.35 -56.31
N GLY D 106 3.64 5.04 -56.55
CA GLY D 106 4.11 4.12 -55.52
C GLY D 106 5.61 4.22 -55.32
N TRP D 107 6.35 4.48 -56.40
CA TRP D 107 7.78 4.73 -56.27
C TRP D 107 8.05 5.82 -55.24
N GLN D 108 7.37 6.97 -55.40
CA GLN D 108 7.60 8.11 -54.51
C GLN D 108 7.23 7.78 -53.07
N VAL D 109 6.16 6.99 -52.87
CA VAL D 109 5.78 6.60 -51.52
C VAL D 109 6.85 5.72 -50.91
N ALA D 110 7.36 4.75 -51.67
CA ALA D 110 8.44 3.91 -51.17
C ALA D 110 9.67 4.74 -50.82
N GLY D 111 9.88 5.84 -51.54
CA GLY D 111 11.10 6.62 -51.39
C GLY D 111 11.06 7.65 -50.28
N ASP D 112 9.89 8.24 -50.01
CA ASP D 112 9.85 9.39 -49.12
C ASP D 112 8.50 9.63 -48.46
N ALA D 113 7.59 8.66 -48.49
CA ALA D 113 6.29 8.88 -47.89
C ALA D 113 5.50 7.60 -47.61
N ASN D 114 6.08 6.67 -46.85
CA ASN D 114 5.39 5.44 -46.50
C ASN D 114 5.44 5.24 -44.99
N LEU D 115 4.54 4.38 -44.50
CA LEU D 115 4.27 4.24 -43.07
C LEU D 115 5.36 3.47 -42.32
N SER D 116 6.41 2.99 -42.99
CA SER D 116 7.52 2.39 -42.27
C SER D 116 8.48 3.44 -41.75
N GLY D 117 8.42 4.66 -42.28
CA GLY D 117 9.38 5.70 -41.95
C GLY D 117 10.71 5.58 -42.67
N HIS D 118 10.91 4.55 -43.48
CA HIS D 118 12.20 4.31 -44.12
C HIS D 118 12.15 4.72 -45.59
N THR D 119 13.35 4.93 -46.15
CA THR D 119 13.51 5.16 -47.58
C THR D 119 13.69 3.81 -48.25
N TYR D 120 12.85 3.53 -49.26
CA TYR D 120 12.84 2.23 -49.92
C TYR D 120 12.94 2.37 -51.42
N PRO D 121 13.66 1.48 -52.09
CA PRO D 121 13.51 1.35 -53.54
C PRO D 121 12.14 0.76 -53.86
N ASP D 122 11.77 0.84 -55.14
CA ASP D 122 10.42 0.48 -55.57
C ASP D 122 10.34 -1.03 -55.77
N GLN D 123 10.13 -1.73 -54.64
CA GLN D 123 10.07 -3.19 -54.66
C GLN D 123 9.00 -3.71 -53.70
N SER D 124 7.93 -2.94 -53.50
CA SER D 124 6.81 -3.35 -52.65
C SER D 124 7.29 -3.72 -51.24
N LEU D 125 8.13 -2.87 -50.68
CA LEU D 125 8.69 -3.11 -49.36
C LEU D 125 7.90 -2.45 -48.24
N TYR D 126 7.16 -1.38 -48.53
CA TYR D 126 6.48 -0.62 -47.50
C TYR D 126 5.15 -1.26 -47.11
N PRO D 127 4.58 -0.88 -45.96
CA PRO D 127 3.29 -1.44 -45.56
C PRO D 127 2.18 -1.14 -46.54
N ALA D 128 1.30 -2.13 -46.74
CA ALA D 128 0.36 -2.11 -47.85
C ALA D 128 -0.68 -0.99 -47.75
N ASN D 129 -0.90 -0.42 -46.57
CA ASN D 129 -1.86 0.66 -46.43
C ASN D 129 -1.22 2.03 -46.60
N SER D 130 0.01 2.10 -47.11
CA SER D 130 0.71 3.38 -47.23
C SER D 130 0.06 4.27 -48.28
N VAL D 131 -0.16 3.73 -49.48
CA VAL D 131 -0.72 4.55 -50.57
C VAL D 131 -2.11 5.05 -50.21
N PRO D 132 -3.01 4.24 -49.63
CA PRO D 132 -4.30 4.79 -49.19
C PRO D 132 -4.16 6.01 -48.28
N GLN D 133 -3.22 5.96 -47.34
CA GLN D 133 -3.04 7.10 -46.43
C GLN D 133 -2.74 8.38 -47.21
N VAL D 134 -1.91 8.27 -48.27
CA VAL D 134 -1.57 9.45 -49.05
C VAL D 134 -2.78 9.91 -49.86
N VAL D 135 -3.61 8.97 -50.33
CA VAL D 135 -4.85 9.35 -50.99
C VAL D 135 -5.71 10.19 -50.05
N ARG D 136 -5.91 9.70 -48.83
CA ARG D 136 -6.66 10.47 -47.85
C ARG D 136 -6.00 11.82 -47.59
N ARG D 137 -4.68 11.82 -47.41
CA ARG D 137 -3.95 13.07 -47.19
C ARG D 137 -4.19 14.06 -48.33
N ILE D 138 -4.06 13.59 -49.57
CA ILE D 138 -4.20 14.48 -50.72
C ILE D 138 -5.63 15.03 -50.77
N ASN D 139 -6.63 14.16 -50.59
CA ASN D 139 -8.01 14.64 -50.57
C ASN D 139 -8.21 15.65 -49.44
N ASN D 140 -7.63 15.39 -48.27
CA ASN D 140 -7.74 16.33 -47.15
C ASN D 140 -7.14 17.68 -47.53
N ALA D 141 -5.96 17.68 -48.13
CA ALA D 141 -5.32 18.94 -48.50
C ALA D 141 -6.12 19.67 -49.58
N LEU D 142 -6.62 18.94 -50.57
CA LEU D 142 -7.43 19.57 -51.61
C LEU D 142 -8.72 20.13 -51.02
N GLN D 143 -9.31 19.42 -50.05
CA GLN D 143 -10.50 19.93 -49.37
C GLN D 143 -10.20 21.25 -48.66
N ARG D 144 -9.05 21.33 -47.99
CA ARG D 144 -8.73 22.56 -47.27
C ARG D 144 -8.59 23.74 -48.24
N ALA D 145 -7.91 23.52 -49.36
CA ALA D 145 -7.83 24.57 -50.36
C ALA D 145 -9.22 24.94 -50.86
N ASP D 146 -10.09 23.95 -51.06
CA ASP D 146 -11.45 24.21 -51.47
C ASP D 146 -12.17 25.07 -50.44
N GLN D 147 -12.06 24.72 -49.16
CA GLN D 147 -12.65 25.51 -48.10
C GLN D 147 -12.07 26.93 -48.08
N ILE D 148 -10.75 27.03 -48.11
CA ILE D 148 -10.10 28.34 -48.09
C ILE D 148 -10.59 29.19 -49.25
N ALA D 149 -10.66 28.60 -50.44
CA ALA D 149 -11.09 29.36 -51.61
C ALA D 149 -12.51 29.88 -51.44
N LYS D 150 -13.36 29.13 -50.74
CA LYS D 150 -14.75 29.56 -50.58
C LYS D 150 -14.84 30.83 -49.74
N ILE D 151 -14.23 30.82 -48.54
CA ILE D 151 -14.32 31.99 -47.68
C ILE D 151 -13.60 33.17 -48.31
N GLU D 152 -12.57 32.91 -49.12
CA GLU D 152 -11.82 33.96 -49.79
C GLU D 152 -12.52 34.47 -51.04
N GLY D 153 -13.66 33.90 -51.42
CA GLY D 153 -14.32 34.30 -52.65
C GLY D 153 -13.49 34.05 -53.88
N ASP D 154 -12.73 32.96 -53.90
CA ASP D 154 -11.82 32.64 -54.99
C ASP D 154 -12.46 31.57 -55.88
N THR D 155 -12.90 31.98 -57.07
CA THR D 155 -13.51 31.07 -58.03
C THR D 155 -12.59 30.78 -59.21
N SER D 156 -11.30 31.08 -59.09
CA SER D 156 -10.37 30.89 -60.19
C SER D 156 -10.20 29.42 -60.57
N VAL D 157 -10.51 28.49 -59.65
CA VAL D 157 -10.41 27.06 -59.90
C VAL D 157 -11.81 26.46 -59.74
N GLU D 158 -12.26 25.75 -60.77
CA GLU D 158 -13.61 25.20 -60.78
C GLU D 158 -13.75 23.99 -59.87
N ASN D 159 -12.75 23.09 -59.86
CA ASN D 159 -12.85 21.83 -59.12
C ASN D 159 -11.52 21.57 -58.42
N TRP D 160 -11.48 21.83 -57.10
CA TRP D 160 -10.31 21.50 -56.31
C TRP D 160 -10.18 20.00 -56.05
N LEU D 161 -11.31 19.27 -56.05
CA LEU D 161 -11.29 17.83 -55.81
C LEU D 161 -10.99 17.11 -57.13
N ALA D 162 -9.75 17.24 -57.56
CA ALA D 162 -9.33 16.59 -58.79
C ALA D 162 -9.25 15.08 -58.57
N PRO D 163 -9.62 14.27 -59.56
CA PRO D 163 -9.52 12.81 -59.39
C PRO D 163 -8.09 12.38 -59.14
N ILE D 164 -7.93 11.44 -58.21
CA ILE D 164 -6.62 10.87 -57.88
C ILE D 164 -6.53 9.47 -58.49
N VAL D 165 -5.44 9.21 -59.22
CA VAL D 165 -5.12 7.89 -59.73
C VAL D 165 -3.94 7.37 -58.94
N ALA D 166 -4.15 6.30 -58.18
CA ALA D 166 -3.17 5.80 -57.23
C ALA D 166 -2.57 4.48 -57.70
N ASP D 167 -1.38 4.20 -57.19
CA ASP D 167 -0.60 3.03 -57.58
C ASP D 167 -0.97 1.85 -56.68
N GLY D 168 -1.53 0.80 -57.27
CA GLY D 168 -1.82 -0.42 -56.57
C GLY D 168 -0.70 -1.45 -56.61
N GLU D 169 0.39 -1.15 -57.30
CA GLU D 169 1.54 -2.05 -57.44
C GLU D 169 1.03 -3.42 -57.88
N ALA D 170 1.43 -4.52 -57.23
CA ALA D 170 0.98 -5.86 -57.57
C ALA D 170 0.04 -6.44 -56.51
N GLY D 171 -0.53 -5.59 -55.66
CA GLY D 171 -1.52 -6.01 -54.70
C GLY D 171 -0.98 -6.51 -53.38
N PHE D 172 0.35 -6.61 -53.24
CA PHE D 172 0.96 -7.00 -51.97
C PHE D 172 0.55 -8.41 -51.55
N GLY D 173 0.41 -9.31 -52.52
CA GLY D 173 0.10 -10.69 -52.23
C GLY D 173 -0.84 -11.33 -53.22
N GLY D 174 -1.85 -12.02 -52.70
CA GLY D 174 -2.82 -12.72 -53.51
C GLY D 174 -4.03 -11.87 -53.86
N ALA D 175 -5.09 -12.55 -54.31
CA ALA D 175 -6.32 -11.86 -54.68
C ALA D 175 -6.89 -11.07 -53.52
N LEU D 176 -6.84 -11.65 -52.31
CA LEU D 176 -7.44 -11.00 -51.15
C LEU D 176 -6.65 -9.77 -50.72
N ASN D 177 -5.33 -9.78 -50.89
CA ASN D 177 -4.54 -8.58 -50.65
C ASN D 177 -4.88 -7.50 -51.67
N VAL D 178 -5.09 -7.88 -52.92
CA VAL D 178 -5.58 -6.94 -53.92
C VAL D 178 -6.90 -6.33 -53.46
N TYR D 179 -7.83 -7.19 -53.04
CA TYR D 179 -9.16 -6.72 -52.66
C TYR D 179 -9.06 -5.67 -51.56
N GLU D 180 -8.25 -5.91 -50.53
CA GLU D 180 -8.18 -5.01 -49.40
C GLU D 180 -7.52 -3.68 -49.77
N LEU D 181 -6.49 -3.73 -50.63
CA LEU D 181 -5.87 -2.49 -51.07
C LEU D 181 -6.85 -1.62 -51.85
N GLN D 182 -7.64 -2.24 -52.74
CA GLN D 182 -8.65 -1.48 -53.49
C GLN D 182 -9.70 -0.92 -52.56
N LYS D 183 -10.16 -1.72 -51.60
CA LYS D 183 -11.12 -1.23 -50.61
C LYS D 183 -10.56 -0.04 -49.85
N ALA D 184 -9.30 -0.11 -49.43
CA ALA D 184 -8.71 0.99 -48.67
C ALA D 184 -8.54 2.22 -49.53
N LEU D 185 -8.09 2.05 -50.77
CA LEU D 185 -7.98 3.19 -51.69
C LEU D 185 -9.33 3.86 -51.87
N ILE D 186 -10.40 3.09 -51.91
CA ILE D 186 -11.73 3.66 -52.11
C ILE D 186 -12.18 4.37 -50.85
N ALA D 187 -11.98 3.76 -49.68
CA ALA D 187 -12.31 4.43 -48.43
C ALA D 187 -11.60 5.78 -48.34
N ALA D 188 -10.34 5.83 -48.80
CA ALA D 188 -9.56 7.06 -48.77
C ALA D 188 -9.98 8.08 -49.82
N GLY D 189 -10.79 7.67 -50.80
CA GLY D 189 -11.31 8.58 -51.79
C GLY D 189 -10.64 8.57 -53.15
N VAL D 190 -10.03 7.45 -53.56
CA VAL D 190 -9.34 7.41 -54.84
C VAL D 190 -10.36 7.42 -55.98
N ALA D 191 -9.92 7.93 -57.14
CA ALA D 191 -10.73 7.89 -58.35
C ALA D 191 -10.36 6.73 -59.26
N GLY D 192 -9.10 6.29 -59.25
CA GLY D 192 -8.67 5.17 -60.07
C GLY D 192 -7.44 4.53 -59.48
N SER D 193 -7.18 3.30 -59.92
CA SER D 193 -6.02 2.55 -59.45
C SER D 193 -5.52 1.66 -60.58
N HIS D 194 -4.20 1.49 -60.66
CA HIS D 194 -3.58 0.65 -61.67
C HIS D 194 -2.87 -0.52 -61.01
N TRP D 195 -2.92 -1.67 -61.68
CA TRP D 195 -2.42 -2.93 -61.14
C TRP D 195 -1.57 -3.61 -62.19
N GLU D 196 -0.40 -4.09 -61.79
CA GLU D 196 0.59 -4.64 -62.70
C GLU D 196 0.67 -6.15 -62.56
N ASP D 197 1.11 -6.81 -63.62
CA ASP D 197 1.20 -8.27 -63.67
C ASP D 197 2.57 -8.79 -63.23
N GLN D 198 3.12 -8.23 -62.15
CA GLN D 198 4.37 -8.69 -61.56
C GLN D 198 4.08 -9.55 -60.33
N LEU D 199 5.04 -10.41 -60.00
CA LEU D 199 5.01 -11.14 -58.75
C LEU D 199 5.27 -10.18 -57.59
N ALA D 200 4.28 -10.06 -56.69
CA ALA D 200 4.41 -9.11 -55.59
C ALA D 200 5.65 -9.39 -54.74
N SER D 201 6.03 -10.67 -54.59
CA SER D 201 7.17 -11.01 -53.76
C SER D 201 8.46 -10.41 -54.32
N GLU D 202 8.58 -10.32 -55.63
CA GLU D 202 9.77 -9.80 -56.29
C GLU D 202 9.44 -8.56 -57.11
N LYS D 203 8.50 -7.76 -56.62
CA LYS D 203 8.06 -6.58 -57.36
C LYS D 203 9.22 -5.64 -57.63
N LYS D 204 9.20 -5.03 -58.81
CA LYS D 204 10.20 -4.03 -59.18
C LYS D 204 9.52 -2.85 -59.87
N GLY D 206 8.92 -0.52 -63.00
CA GLY D 206 8.85 -0.92 -64.40
C GLY D 206 10.14 -0.76 -65.16
N HIS D 207 10.97 0.19 -64.73
CA HIS D 207 12.25 0.46 -65.36
C HIS D 207 13.41 -0.06 -64.51
N LEU D 208 13.16 -1.07 -63.68
CA LEU D 208 14.19 -1.81 -62.98
C LEU D 208 14.32 -3.20 -63.59
N GLY D 209 15.41 -3.88 -63.23
CA GLY D 209 15.68 -5.21 -63.71
C GLY D 209 15.24 -6.29 -62.74
N GLY D 210 15.30 -7.53 -63.20
CA GLY D 210 14.90 -8.66 -62.38
C GLY D 210 13.40 -8.76 -62.17
N LYS D 211 12.61 -8.39 -63.17
CA LYS D 211 11.17 -8.43 -63.04
C LYS D 211 10.66 -9.83 -63.39
N VAL D 212 9.74 -10.33 -62.56
CA VAL D 212 9.15 -11.64 -62.73
C VAL D 212 7.66 -11.47 -62.99
N LEU D 213 7.19 -11.92 -64.14
CA LEU D 213 5.79 -11.84 -64.47
C LEU D 213 5.00 -12.95 -63.80
N ILE D 214 3.70 -12.73 -63.65
CA ILE D 214 2.77 -13.76 -63.20
C ILE D 214 1.95 -14.18 -64.41
N PRO D 215 1.37 -15.37 -64.41
CA PRO D 215 0.62 -15.83 -65.60
C PRO D 215 -0.51 -14.86 -65.95
N THR D 216 -0.87 -14.87 -67.24
CA THR D 216 -1.91 -13.97 -67.72
C THR D 216 -3.19 -14.10 -66.89
N GLN D 217 -3.59 -15.32 -66.56
CA GLN D 217 -4.83 -15.50 -65.82
C GLN D 217 -4.75 -14.96 -64.40
N GLN D 218 -3.56 -15.02 -63.78
CA GLN D 218 -3.43 -14.53 -62.42
C GLN D 218 -3.68 -13.03 -62.35
N HIS D 219 -3.26 -12.28 -63.37
CA HIS D 219 -3.54 -10.86 -63.38
C HIS D 219 -4.98 -10.56 -63.78
N ILE D 220 -5.58 -11.39 -64.63
CA ILE D 220 -7.01 -11.29 -64.88
C ILE D 220 -7.77 -11.48 -63.57
N ARG D 221 -7.27 -12.37 -62.72
CA ARG D 221 -7.85 -12.54 -61.39
C ARG D 221 -7.63 -11.29 -60.54
N THR D 222 -6.49 -10.62 -60.71
CA THR D 222 -6.25 -9.38 -59.96
C THR D 222 -7.23 -8.29 -60.40
N LEU D 223 -7.36 -8.07 -61.70
CA LEU D 223 -8.29 -7.07 -62.20
C LEU D 223 -9.73 -7.41 -61.82
N THR D 224 -10.05 -8.69 -61.70
CA THR D 224 -11.39 -9.08 -61.27
C THR D 224 -11.61 -8.73 -59.80
N SER D 225 -10.66 -9.10 -58.95
CA SER D 225 -10.76 -8.75 -57.54
C SER D 225 -10.81 -7.25 -57.32
N ALA D 226 -10.11 -6.48 -58.17
CA ALA D 226 -10.13 -5.03 -58.04
C ALA D 226 -11.50 -4.46 -58.39
N ARG D 227 -12.10 -4.95 -59.49
CA ARG D 227 -13.44 -4.52 -59.85
C ARG D 227 -14.45 -4.93 -58.78
N LEU D 228 -14.31 -6.15 -58.26
CA LEU D 228 -15.25 -6.63 -57.25
C LEU D 228 -15.24 -5.73 -56.02
N ALA D 229 -14.05 -5.36 -55.54
CA ALA D 229 -13.96 -4.51 -54.36
C ALA D 229 -14.64 -3.16 -54.62
N ALA D 230 -14.53 -2.64 -55.83
CA ALA D 230 -15.22 -1.39 -56.17
C ALA D 230 -16.73 -1.60 -56.23
N ASP D 231 -17.17 -2.73 -56.79
CA ASP D 231 -18.60 -3.01 -56.85
C ASP D 231 -19.20 -3.17 -55.46
N VAL D 232 -18.52 -3.92 -54.58
CA VAL D 232 -19.01 -4.07 -53.22
C VAL D 232 -19.05 -2.72 -52.51
N ALA D 233 -18.10 -1.84 -52.84
CA ALA D 233 -18.10 -0.49 -52.30
C ALA D 233 -19.06 0.43 -53.04
N ASP D 234 -19.65 -0.01 -54.16
CA ASP D 234 -20.68 0.73 -54.88
C ASP D 234 -20.15 2.04 -55.44
N VAL D 235 -18.93 2.01 -55.98
CA VAL D 235 -18.34 3.18 -56.63
C VAL D 235 -17.71 2.72 -57.94
N PRO D 236 -17.79 3.56 -59.07
CA PRO D 236 -17.27 3.14 -60.38
C PRO D 236 -15.78 3.44 -60.55
N THR D 237 -14.97 2.87 -59.66
CA THR D 237 -13.54 3.13 -59.67
C THR D 237 -12.95 2.78 -61.03
N VAL D 238 -12.15 3.71 -61.56
CA VAL D 238 -11.45 3.44 -62.81
C VAL D 238 -10.35 2.42 -62.56
N VAL D 239 -10.44 1.27 -63.22
CA VAL D 239 -9.48 0.19 -63.06
C VAL D 239 -8.52 0.23 -64.25
N ILE D 240 -7.23 0.33 -63.95
CA ILE D 240 -6.19 0.38 -64.97
C ILE D 240 -5.34 -0.89 -64.87
N ALA D 241 -5.04 -1.49 -66.01
CA ALA D 241 -4.22 -2.69 -66.09
C ALA D 241 -2.86 -2.32 -66.66
N ARG D 242 -1.80 -2.70 -65.96
CA ARG D 242 -0.42 -2.46 -66.40
C ARG D 242 0.28 -3.78 -66.65
N THR D 243 1.08 -3.83 -67.71
CA THR D 243 1.89 -5.00 -68.02
C THR D 243 3.36 -4.60 -68.11
N ASP D 244 4.22 -5.45 -67.56
CA ASP D 244 5.66 -5.22 -67.54
C ASP D 244 6.42 -6.15 -68.48
N ALA D 245 5.72 -6.79 -69.41
CA ALA D 245 6.33 -7.81 -70.25
C ALA D 245 7.31 -7.25 -71.29
N GLU D 246 7.46 -5.93 -71.41
CA GLU D 246 8.37 -5.39 -72.41
C GLU D 246 9.83 -5.60 -72.02
N ALA D 247 10.12 -5.63 -70.73
CA ALA D 247 11.49 -5.83 -70.24
C ALA D 247 11.67 -7.11 -69.43
N ALA D 248 10.62 -7.60 -68.78
CA ALA D 248 10.75 -8.75 -67.90
C ALA D 248 11.14 -9.99 -68.68
N THR D 249 12.20 -10.66 -68.24
CA THR D 249 12.65 -11.92 -68.83
C THR D 249 12.38 -13.12 -67.93
N LEU D 250 11.46 -12.98 -66.98
CA LEU D 250 11.12 -14.06 -66.07
C LEU D 250 9.61 -14.14 -65.88
N ILE D 251 9.14 -15.34 -65.57
CA ILE D 251 7.74 -15.58 -65.24
C ILE D 251 7.71 -16.70 -64.21
N THR D 252 6.62 -16.76 -63.45
CA THR D 252 6.55 -17.71 -62.34
C THR D 252 6.15 -19.11 -62.80
N SER D 253 5.31 -19.21 -63.83
CA SER D 253 4.78 -20.51 -64.24
C SER D 253 4.46 -20.49 -65.73
N ASP D 254 4.44 -21.68 -66.32
CA ASP D 254 4.05 -21.87 -67.71
C ASP D 254 2.66 -22.45 -67.84
N VAL D 255 1.81 -22.27 -66.83
CA VAL D 255 0.51 -22.94 -66.79
C VAL D 255 -0.43 -22.36 -67.83
N ASP D 256 -0.36 -21.05 -68.06
CA ASP D 256 -1.28 -20.40 -68.99
C ASP D 256 -0.78 -20.58 -70.42
N GLU D 257 -1.65 -21.10 -71.29
CA GLU D 257 -1.27 -21.35 -72.67
C GLU D 257 -1.05 -20.05 -73.45
N ARG D 258 -1.59 -18.93 -72.97
CA ARG D 258 -1.34 -17.66 -73.63
C ARG D 258 0.09 -17.18 -73.42
N ASP D 259 0.74 -17.60 -72.34
CA ASP D 259 2.12 -17.22 -72.07
C ASP D 259 3.13 -18.23 -72.62
N GLN D 260 2.71 -19.45 -72.91
CA GLN D 260 3.64 -20.48 -73.36
C GLN D 260 4.36 -20.13 -74.65
N PRO D 261 3.75 -19.44 -75.64
CA PRO D 261 4.50 -19.16 -76.88
C PRO D 261 5.73 -18.29 -76.68
N PHE D 262 5.94 -17.79 -75.45
CA PHE D 262 7.13 -17.02 -75.11
C PHE D 262 8.05 -17.73 -74.13
N ILE D 263 7.64 -18.87 -73.58
CA ILE D 263 8.50 -19.64 -72.68
C ILE D 263 9.64 -20.24 -73.50
N THR D 264 10.87 -20.03 -73.03
CA THR D 264 12.04 -20.56 -73.71
C THR D 264 12.35 -22.00 -73.31
N GLY D 265 11.86 -22.46 -72.17
CA GLY D 265 12.15 -23.76 -71.64
C GLY D 265 13.23 -23.78 -70.58
N GLU D 266 14.00 -22.70 -70.46
CA GLU D 266 15.02 -22.61 -69.42
C GLU D 266 14.38 -22.38 -68.05
N ARG D 267 15.21 -22.51 -67.02
CA ARG D 267 14.77 -22.31 -65.64
C ARG D 267 15.86 -21.58 -64.88
N THR D 268 15.50 -21.11 -63.68
CA THR D 268 16.44 -20.51 -62.76
C THR D 268 16.54 -21.37 -61.51
N ARG D 269 17.51 -21.07 -60.65
CA ARG D 269 17.64 -21.80 -59.40
C ARG D 269 16.41 -21.64 -58.53
N GLU D 270 15.69 -20.53 -58.66
CA GLU D 270 14.49 -20.28 -57.87
C GLU D 270 13.26 -20.98 -58.44
N GLY D 271 13.33 -21.50 -59.66
CA GLY D 271 12.19 -22.12 -60.29
C GLY D 271 11.44 -21.24 -61.27
N PHE D 272 11.95 -20.05 -61.56
CA PHE D 272 11.30 -19.18 -62.53
C PHE D 272 11.57 -19.66 -63.94
N TYR D 273 10.70 -19.26 -64.87
CA TYR D 273 10.80 -19.64 -66.27
C TYR D 273 11.29 -18.44 -67.07
N ARG D 274 12.34 -18.66 -67.86
CA ARG D 274 12.81 -17.63 -68.78
C ARG D 274 11.78 -17.40 -69.88
N THR D 275 11.53 -16.14 -70.19
CA THR D 275 10.53 -15.77 -71.19
C THR D 275 11.10 -14.65 -72.06
N LYS D 276 10.55 -14.56 -73.27
CA LYS D 276 11.03 -13.62 -74.28
C LYS D 276 10.25 -12.32 -74.13
N ASN D 277 10.96 -11.25 -73.75
CA ASN D 277 10.35 -9.95 -73.58
C ASN D 277 10.18 -9.25 -74.93
N GLY D 278 9.47 -8.13 -74.90
CA GLY D 278 9.24 -7.34 -76.10
C GLY D 278 7.85 -6.76 -76.18
N ILE D 279 7.58 -5.98 -77.23
CA ILE D 279 6.26 -5.39 -77.40
C ILE D 279 5.23 -6.45 -77.78
N GLU D 280 5.67 -7.61 -78.25
CA GLU D 280 4.72 -8.64 -78.68
C GLU D 280 3.98 -9.24 -77.50
N PRO D 281 4.64 -9.76 -76.46
CA PRO D 281 3.88 -10.25 -75.30
C PRO D 281 3.10 -9.17 -74.58
N CYS D 282 3.43 -7.89 -74.78
CA CYS D 282 2.63 -6.82 -74.20
C CYS D 282 1.31 -6.66 -74.96
N ILE D 283 1.37 -6.71 -76.29
CA ILE D 283 0.15 -6.69 -77.09
C ILE D 283 -0.75 -7.85 -76.69
N ALA D 284 -0.18 -9.06 -76.56
CA ALA D 284 -0.97 -10.23 -76.24
C ALA D 284 -1.62 -10.11 -74.86
N ARG D 285 -0.84 -9.73 -73.85
CA ARG D 285 -1.39 -9.60 -72.51
C ARG D 285 -2.39 -8.46 -72.43
N ALA D 286 -2.13 -7.37 -73.16
CA ALA D 286 -3.09 -6.27 -73.20
C ALA D 286 -4.40 -6.72 -73.82
N LYS D 287 -4.34 -7.51 -74.89
CA LYS D 287 -5.57 -8.06 -75.48
C LYS D 287 -6.31 -8.91 -74.47
N ALA D 288 -5.59 -9.71 -73.68
CA ALA D 288 -6.24 -10.53 -72.66
C ALA D 288 -6.83 -9.67 -71.55
N TYR D 289 -6.11 -8.60 -71.16
CA TYR D 289 -6.56 -7.73 -70.09
C TYR D 289 -7.69 -6.81 -70.49
N ALA D 290 -7.88 -6.57 -71.79
CA ALA D 290 -8.79 -5.51 -72.24
C ALA D 290 -10.19 -5.63 -71.64
N PRO D 291 -10.85 -6.79 -71.65
CA PRO D 291 -12.20 -6.85 -71.08
C PRO D 291 -12.28 -6.45 -69.62
N PHE D 292 -11.15 -6.35 -68.91
CA PHE D 292 -11.14 -6.13 -67.47
C PHE D 292 -10.44 -4.83 -67.09
N ALA D 293 -10.22 -3.92 -68.05
CA ALA D 293 -9.48 -2.70 -67.78
C ALA D 293 -10.15 -1.52 -68.46
N ASP D 294 -10.33 -0.44 -67.70
CA ASP D 294 -10.82 0.81 -68.28
C ASP D 294 -9.72 1.49 -69.09
N LEU D 295 -8.46 1.32 -68.69
CA LEU D 295 -7.31 1.76 -69.46
C LEU D 295 -6.23 0.70 -69.36
N ILE D 296 -5.35 0.66 -70.36
CA ILE D 296 -4.26 -0.30 -70.39
C ILE D 296 -2.95 0.45 -70.59
N TRP D 297 -1.92 -0.08 -69.95
CA TRP D 297 -0.63 0.59 -69.86
C TRP D 297 0.47 -0.45 -69.97
N MET D 298 1.43 -0.22 -70.85
CA MET D 298 2.63 -1.04 -70.93
C MET D 298 3.84 -0.18 -70.59
N GLU D 299 4.63 -0.64 -69.63
CA GLU D 299 5.93 -0.03 -69.37
C GLU D 299 6.86 -0.28 -70.54
N THR D 300 7.64 0.73 -70.89
CA THR D 300 8.55 0.66 -72.04
C THR D 300 9.93 1.16 -71.66
N GLY D 301 10.94 0.66 -72.38
CA GLY D 301 12.32 0.99 -72.07
C GLY D 301 12.75 2.38 -72.51
N THR D 302 12.07 2.97 -73.49
CA THR D 302 12.38 4.30 -73.97
C THR D 302 11.08 5.01 -74.31
N PRO D 303 11.08 6.34 -74.32
CA PRO D 303 9.91 7.09 -74.79
C PRO D 303 9.90 7.22 -76.31
N ASP D 304 9.15 6.36 -77.00
CA ASP D 304 9.16 6.29 -78.45
C ASP D 304 7.72 6.38 -78.95
N LEU D 305 7.46 7.34 -79.84
CA LEU D 305 6.11 7.52 -80.35
C LEU D 305 5.68 6.35 -81.24
N GLU D 306 6.57 5.89 -82.11
CA GLU D 306 6.20 4.80 -83.02
C GLU D 306 5.96 3.51 -82.25
N ALA D 307 6.81 3.20 -81.27
CA ALA D 307 6.55 2.03 -80.44
C ALA D 307 5.22 2.16 -79.73
N ALA D 308 4.86 3.39 -79.32
CA ALA D 308 3.55 3.61 -78.71
C ALA D 308 2.43 3.49 -79.73
N ARG D 309 2.68 3.91 -80.97
CA ARG D 309 1.67 3.76 -82.02
C ARG D 309 1.48 2.30 -82.39
N GLN D 310 2.57 1.52 -82.38
CA GLN D 310 2.46 0.09 -82.67
C GLN D 310 1.60 -0.61 -81.64
N PHE D 311 1.86 -0.35 -80.35
CA PHE D 311 1.02 -0.91 -79.29
C PHE D 311 -0.42 -0.42 -79.42
N SER D 312 -0.59 0.88 -79.67
CA SER D 312 -1.93 1.46 -79.73
C SER D 312 -2.77 0.81 -80.83
N GLU D 313 -2.30 0.91 -82.08
CA GLU D 313 -3.08 0.40 -83.21
C GLU D 313 -3.34 -1.10 -83.07
N ALA D 314 -2.38 -1.84 -82.52
CA ALA D 314 -2.56 -3.28 -82.38
C ALA D 314 -3.69 -3.59 -81.40
N VAL D 315 -3.69 -2.94 -80.23
CA VAL D 315 -4.75 -3.18 -79.26
C VAL D 315 -6.09 -2.74 -79.82
N LYS D 316 -6.14 -1.55 -80.42
CA LYS D 316 -7.39 -1.05 -80.97
C LYS D 316 -7.87 -1.85 -82.18
N ALA D 317 -7.05 -2.76 -82.70
CA ALA D 317 -7.50 -3.64 -83.77
C ALA D 317 -8.53 -4.65 -83.27
N GLU D 318 -8.40 -5.06 -82.00
CA GLU D 318 -9.36 -5.95 -81.37
C GLU D 318 -10.41 -5.20 -80.55
N TYR D 319 -10.00 -4.12 -79.89
CA TYR D 319 -10.89 -3.32 -79.03
C TYR D 319 -10.70 -1.85 -79.40
N PRO D 320 -11.42 -1.36 -80.42
CA PRO D 320 -11.14 -0.01 -80.94
C PRO D 320 -11.52 1.11 -79.98
N ASP D 321 -12.30 0.84 -78.94
CA ASP D 321 -12.69 1.86 -77.96
C ASP D 321 -11.88 1.78 -76.67
N GLN D 322 -10.82 0.99 -76.66
CA GLN D 322 -10.02 0.81 -75.44
C GLN D 322 -9.09 2.01 -75.26
N MET D 323 -9.28 2.75 -74.18
CA MET D 323 -8.36 3.82 -73.83
C MET D 323 -7.07 3.26 -73.25
N LEU D 324 -6.00 4.00 -73.44
CA LEU D 324 -4.68 3.59 -72.99
C LEU D 324 -4.08 4.65 -72.07
N ALA D 325 -3.08 4.24 -71.31
CA ALA D 325 -2.34 5.14 -70.42
C ALA D 325 -0.85 5.04 -70.74
N TYR D 326 -0.13 6.12 -70.47
CA TYR D 326 1.28 6.21 -70.80
C TYR D 326 2.05 6.93 -69.71
N ASN D 327 3.19 6.36 -69.35
CA ASN D 327 4.09 6.92 -68.33
C ASN D 327 5.24 7.63 -69.03
N CYS D 328 5.25 8.96 -68.94
CA CYS D 328 6.39 9.76 -69.40
C CYS D 328 7.43 9.74 -68.29
N SER D 329 8.23 8.69 -68.28
CA SER D 329 8.99 8.34 -67.09
C SER D 329 10.14 9.32 -66.85
N PRO D 330 10.34 9.79 -65.62
CA PRO D 330 11.60 10.46 -65.28
C PRO D 330 12.80 9.55 -65.41
N SER D 331 12.61 8.23 -65.31
CA SER D 331 13.72 7.29 -65.52
C SER D 331 14.29 7.38 -66.93
N PHE D 332 13.66 8.13 -67.82
CA PHE D 332 14.16 8.33 -69.17
C PHE D 332 15.18 9.46 -69.20
N ASN D 333 15.70 9.73 -70.39
CA ASN D 333 16.66 10.81 -70.62
C ASN D 333 16.23 11.49 -71.91
N TRP D 334 15.54 12.62 -71.80
CA TRP D 334 14.75 13.13 -72.90
C TRP D 334 15.58 13.90 -73.92
N LYS D 335 16.47 14.79 -73.46
CA LYS D 335 17.32 15.50 -74.41
C LYS D 335 18.32 14.58 -75.09
N LYS D 336 18.55 13.39 -74.53
CA LYS D 336 19.38 12.39 -75.20
C LYS D 336 18.66 11.83 -76.41
N HIS D 337 17.49 11.22 -76.19
CA HIS D 337 16.73 10.59 -77.26
C HIS D 337 16.17 11.61 -78.23
N LEU D 338 15.26 12.46 -77.76
CA LEU D 338 14.41 13.26 -78.62
C LEU D 338 14.93 14.69 -78.72
N ASP D 339 14.49 15.36 -79.79
CA ASP D 339 14.77 16.78 -79.98
C ASP D 339 13.71 17.60 -79.22
N ASP D 340 13.88 18.93 -79.25
CA ASP D 340 12.94 19.81 -78.55
C ASP D 340 11.55 19.74 -79.18
N ALA D 341 11.48 19.79 -80.51
CA ALA D 341 10.18 19.85 -81.17
C ALA D 341 9.37 18.60 -80.91
N THR D 342 10.02 17.42 -80.90
CA THR D 342 9.29 16.19 -80.62
C THR D 342 8.81 16.14 -79.18
N ILE D 343 9.63 16.65 -78.25
CA ILE D 343 9.23 16.71 -76.85
C ILE D 343 7.98 17.57 -76.69
N ALA D 344 7.92 18.68 -77.43
CA ALA D 344 6.79 19.59 -77.32
C ALA D 344 5.49 18.91 -77.73
N LYS D 345 5.49 18.23 -78.88
CA LYS D 345 4.30 17.57 -79.39
C LYS D 345 4.04 16.21 -78.75
N PHE D 346 4.93 15.75 -77.88
CA PHE D 346 4.92 14.35 -77.46
C PHE D 346 3.55 13.93 -76.91
N GLN D 347 3.09 14.59 -75.85
CA GLN D 347 1.82 14.20 -75.24
C GLN D 347 0.66 14.41 -76.21
N LYS D 348 0.70 15.48 -76.99
CA LYS D 348 -0.40 15.77 -77.90
C LYS D 348 -0.55 14.66 -78.94
N GLU D 349 0.57 14.20 -79.51
CA GLU D 349 0.50 13.13 -80.49
C GLU D 349 0.13 11.81 -79.82
N LEU D 350 0.63 11.56 -78.61
CA LEU D 350 0.22 10.35 -77.90
C LEU D 350 -1.27 10.31 -77.66
N ALA D 351 -1.90 11.48 -77.43
CA ALA D 351 -3.33 11.52 -77.18
C ALA D 351 -4.11 11.11 -78.43
N ALA D 352 -3.68 11.60 -79.60
CA ALA D 352 -4.37 11.25 -80.84
C ALA D 352 -4.34 9.75 -81.11
N MET D 353 -3.45 9.01 -80.45
CA MET D 353 -3.36 7.56 -80.61
C MET D 353 -4.20 6.80 -79.59
N GLY D 354 -4.87 7.49 -78.67
CA GLY D 354 -5.72 6.85 -77.68
C GLY D 354 -5.16 6.81 -76.28
N PHE D 355 -3.95 7.31 -76.05
CA PHE D 355 -3.38 7.39 -74.71
C PHE D 355 -4.02 8.57 -74.00
N LYS D 356 -5.14 8.30 -73.33
CA LYS D 356 -5.97 9.37 -72.79
C LYS D 356 -5.67 9.69 -71.33
N PHE D 357 -4.72 8.99 -70.70
CA PHE D 357 -4.23 9.38 -69.39
C PHE D 357 -2.71 9.27 -69.40
N GLN D 358 -2.04 10.40 -69.25
CA GLN D 358 -0.59 10.47 -69.26
C GLN D 358 -0.11 11.13 -67.96
N PHE D 359 1.09 10.75 -67.53
CA PHE D 359 1.55 11.18 -66.22
C PHE D 359 3.05 11.03 -66.12
N ILE D 360 3.67 11.92 -65.34
CA ILE D 360 5.09 11.85 -65.01
C ILE D 360 5.19 11.31 -63.58
N THR D 361 5.63 10.06 -63.45
CA THR D 361 5.53 9.35 -62.19
C THR D 361 6.31 10.06 -61.07
N LEU D 362 7.62 10.25 -61.26
CA LEU D 362 8.49 10.77 -60.20
C LEU D 362 8.65 12.28 -60.25
N ALA D 363 7.63 13.01 -60.71
CA ALA D 363 7.74 14.46 -60.81
C ALA D 363 7.86 15.09 -59.42
N GLY D 364 7.13 14.56 -58.43
CA GLY D 364 7.22 15.10 -57.09
C GLY D 364 8.58 14.85 -56.45
N PHE D 365 9.11 13.64 -56.61
CA PHE D 365 10.42 13.32 -56.06
C PHE D 365 11.48 14.30 -56.56
N HIS D 366 11.51 14.53 -57.87
CA HIS D 366 12.56 15.37 -58.43
C HIS D 366 12.37 16.84 -58.08
N ALA D 367 11.12 17.30 -58.06
CA ALA D 367 10.87 18.69 -57.68
C ALA D 367 11.28 18.95 -56.23
N LEU D 368 11.04 17.98 -55.34
CA LEU D 368 11.36 18.16 -53.93
C LEU D 368 12.87 18.07 -53.70
N ASN D 369 13.53 17.09 -54.30
CA ASN D 369 14.95 16.88 -54.03
C ASN D 369 15.80 17.99 -54.65
N TYR D 370 15.48 18.40 -55.87
CA TYR D 370 16.30 19.40 -56.54
C TYR D 370 16.14 20.76 -55.87
N SER D 371 14.90 21.19 -55.65
CA SER D 371 14.66 22.52 -55.09
C SER D 371 15.28 22.65 -53.71
N MET D 372 15.31 21.56 -52.93
CA MET D 372 15.92 21.64 -51.61
C MET D 372 17.43 21.60 -51.71
N PHE D 373 17.98 20.80 -52.62
CA PHE D 373 19.42 20.83 -52.84
C PHE D 373 19.86 22.19 -53.35
N ASP D 374 19.12 22.74 -54.32
CA ASP D 374 19.47 24.04 -54.88
C ASP D 374 19.43 25.13 -53.81
N LEU D 375 18.43 25.08 -52.92
CA LEU D 375 18.36 26.07 -51.85
C LEU D 375 19.41 25.79 -50.78
N ALA D 376 19.58 24.53 -50.39
CA ALA D 376 20.55 24.20 -49.35
C ALA D 376 21.96 24.53 -49.80
N TYR D 377 22.28 24.28 -51.07
CA TYR D 377 23.61 24.59 -51.56
C TYR D 377 23.88 26.09 -51.54
N GLY D 378 22.96 26.89 -52.10
CA GLY D 378 23.11 28.33 -52.02
C GLY D 378 23.11 28.82 -50.59
N TYR D 379 22.28 28.23 -49.74
CA TYR D 379 22.25 28.61 -48.34
C TYR D 379 23.58 28.36 -47.65
N ALA D 380 24.29 27.31 -48.07
CA ALA D 380 25.57 26.99 -47.45
C ALA D 380 26.61 28.06 -47.76
N GLN D 381 26.57 28.63 -48.98
CA GLN D 381 27.57 29.59 -49.41
C GLN D 381 27.21 31.02 -49.04
N ASN D 382 25.94 31.40 -49.21
CA ASN D 382 25.52 32.80 -49.11
C ASN D 382 24.45 33.01 -48.05
N GLN D 383 24.13 31.99 -47.27
CA GLN D 383 23.19 32.15 -46.18
C GLN D 383 21.87 32.78 -46.65
N MET D 384 21.48 33.93 -46.09
CA MET D 384 20.14 34.45 -46.36
C MET D 384 19.96 34.88 -47.82
N SER D 385 21.04 35.31 -48.48
CA SER D 385 20.92 35.70 -49.88
C SER D 385 20.26 34.62 -50.72
N ALA D 386 20.51 33.34 -50.39
CA ALA D 386 19.96 32.25 -51.18
C ALA D 386 18.44 32.17 -51.04
N TYR D 387 17.92 32.28 -49.82
CA TYR D 387 16.48 32.13 -49.63
C TYR D 387 15.72 33.32 -50.20
N VAL D 388 16.28 34.53 -50.07
CA VAL D 388 15.61 35.72 -50.60
C VAL D 388 15.41 35.59 -52.10
N GLU D 389 16.32 34.91 -52.81
CA GLU D 389 16.10 34.66 -54.23
C GLU D 389 14.85 33.82 -54.46
N LEU D 390 14.59 32.87 -53.57
CA LEU D 390 13.38 32.05 -53.69
C LEU D 390 12.13 32.87 -53.41
N GLN D 391 12.12 33.62 -52.31
CA GLN D 391 10.94 34.38 -51.93
C GLN D 391 10.58 35.40 -53.01
N GLU D 392 11.58 36.05 -53.59
CA GLU D 392 11.32 36.97 -54.69
C GLU D 392 10.82 36.23 -55.92
N ARG D 393 11.35 35.03 -56.16
CA ARG D 393 10.81 34.19 -57.21
C ARG D 393 9.37 33.78 -56.89
N GLU D 394 9.07 33.58 -55.61
CA GLU D 394 7.70 33.32 -55.19
C GLU D 394 6.80 34.53 -55.44
N PHE D 395 7.25 35.72 -55.02
CA PHE D 395 6.49 36.94 -55.28
C PHE D 395 6.19 37.08 -56.77
N ALA D 396 7.18 36.79 -57.62
CA ALA D 396 7.00 36.97 -59.06
C ALA D 396 5.91 36.05 -59.62
N ALA D 397 5.76 34.86 -59.03
CA ALA D 397 4.80 33.87 -59.54
C ALA D 397 3.36 34.21 -59.21
N GLU D 398 3.09 35.25 -58.41
CA GLU D 398 1.72 35.54 -58.01
C GLU D 398 0.85 35.89 -59.20
N GLU D 399 1.42 36.49 -60.25
CA GLU D 399 0.63 36.82 -61.44
C GLU D 399 0.35 35.60 -62.31
N ARG D 400 0.94 34.45 -62.01
CA ARG D 400 0.57 33.20 -62.65
C ARG D 400 -0.43 32.40 -61.82
N GLY D 401 -0.83 32.92 -60.67
CA GLY D 401 -1.80 32.26 -59.80
C GLY D 401 -1.23 31.80 -58.47
N TYR D 402 0.09 31.83 -58.30
CA TYR D 402 0.71 31.30 -57.08
C TYR D 402 0.23 32.10 -55.87
N THR D 403 -0.09 31.37 -54.79
CA THR D 403 -0.62 31.97 -53.58
C THR D 403 0.13 31.60 -52.30
N ALA D 404 1.08 30.67 -52.35
CA ALA D 404 1.66 30.13 -51.13
C ALA D 404 2.72 31.03 -50.51
N THR D 405 3.11 32.12 -51.17
CA THR D 405 3.95 33.10 -50.51
C THR D 405 3.33 33.52 -49.18
N LYS D 406 2.02 33.80 -49.19
CA LYS D 406 1.26 34.01 -47.97
C LYS D 406 0.92 32.64 -47.39
N HIS D 407 1.85 32.08 -46.62
CA HIS D 407 1.74 30.70 -46.17
C HIS D 407 0.70 30.52 -45.07
N GLN D 408 0.45 31.55 -44.25
CA GLN D 408 -0.51 31.40 -43.16
C GLN D 408 -1.91 31.12 -43.71
N ARG D 409 -2.37 31.92 -44.67
CA ARG D 409 -3.67 31.67 -45.29
C ARG D 409 -3.65 30.40 -46.13
N GLU D 410 -2.50 30.06 -46.71
CA GLU D 410 -2.41 28.91 -47.60
C GLU D 410 -2.76 27.61 -46.87
N VAL D 411 -2.47 27.52 -45.58
CA VAL D 411 -2.70 26.30 -44.81
C VAL D 411 -3.96 26.41 -43.95
N GLY D 412 -4.71 27.49 -44.09
CA GLY D 412 -6.00 27.61 -43.45
C GLY D 412 -6.05 28.45 -42.19
N ALA D 413 -5.15 29.42 -42.03
CA ALA D 413 -5.21 30.29 -40.86
C ALA D 413 -6.49 31.12 -40.87
N GLY D 414 -6.87 31.63 -42.04
CA GLY D 414 -8.12 32.38 -42.13
C GLY D 414 -9.33 31.49 -41.98
N TYR D 415 -9.26 30.27 -42.51
CA TYR D 415 -10.39 29.35 -42.41
C TYR D 415 -10.70 29.01 -40.96
N PHE D 416 -9.67 28.77 -40.15
CA PHE D 416 -9.88 28.47 -38.74
C PHE D 416 -10.21 29.72 -37.93
N ASP D 417 -9.76 30.90 -38.37
CA ASP D 417 -10.29 32.13 -37.78
C ASP D 417 -11.80 32.18 -37.96
N ARG D 418 -12.31 31.74 -39.12
CA ARG D 418 -13.74 31.74 -39.36
C ARG D 418 -14.46 30.76 -38.44
N ILE D 419 -13.86 29.60 -38.19
CA ILE D 419 -14.43 28.67 -37.23
C ILE D 419 -14.41 29.28 -35.83
N ALA D 420 -13.29 29.91 -35.46
CA ALA D 420 -13.16 30.48 -34.12
C ALA D 420 -14.15 31.61 -33.91
N THR D 421 -14.33 32.48 -34.91
CA THR D 421 -15.29 33.57 -34.77
C THR D 421 -16.73 33.08 -34.86
N THR D 422 -16.96 31.91 -35.48
CA THR D 422 -18.32 31.36 -35.51
C THR D 422 -18.70 30.80 -34.14
N VAL D 423 -17.75 30.18 -33.44
CA VAL D 423 -18.01 29.68 -32.10
C VAL D 423 -18.02 30.81 -31.09
N ASP D 424 -17.06 31.73 -31.19
CA ASP D 424 -16.93 32.85 -30.25
C ASP D 424 -16.54 34.08 -31.06
N PRO D 425 -17.51 34.90 -31.47
CA PRO D 425 -17.16 36.10 -32.25
C PRO D 425 -16.37 37.14 -31.46
N ASN D 426 -16.36 37.05 -30.13
CA ASN D 426 -15.61 37.99 -29.31
C ASN D 426 -14.22 37.48 -28.96
N SER D 427 -13.77 36.39 -29.59
CA SER D 427 -12.48 35.81 -29.25
C SER D 427 -11.37 36.82 -29.47
N SER D 428 -10.50 36.97 -28.48
CA SER D 428 -9.34 37.84 -28.57
C SER D 428 -8.07 37.08 -28.95
N THR D 429 -8.20 35.86 -29.47
CA THR D 429 -7.06 35.00 -29.76
C THR D 429 -7.13 34.43 -31.17
N THR D 430 -7.64 35.19 -32.12
CA THR D 430 -7.61 34.76 -33.52
C THR D 430 -6.22 35.02 -34.10
N ALA D 431 -6.01 34.53 -35.33
CA ALA D 431 -4.67 34.34 -35.87
C ALA D 431 -4.22 35.42 -36.84
N LEU D 432 -5.02 35.76 -37.84
CA LEU D 432 -4.51 36.61 -38.92
C LEU D 432 -4.43 38.08 -38.53
N THR D 433 -5.33 38.57 -37.67
CA THR D 433 -5.25 39.95 -37.23
C THR D 433 -4.00 40.14 -36.39
N GLY D 434 -3.12 41.04 -36.84
CA GLY D 434 -1.86 41.30 -36.16
C GLY D 434 -0.70 40.44 -36.60
N SER D 435 -0.89 39.59 -37.61
CA SER D 435 0.19 38.73 -38.10
C SER D 435 1.13 39.52 -39.00
N THR D 436 2.38 39.06 -39.07
CA THR D 436 3.33 39.67 -39.99
C THR D 436 2.89 39.51 -41.44
N GLU D 437 2.19 38.41 -41.73
CA GLU D 437 1.64 38.21 -43.06
C GLU D 437 0.65 39.32 -43.40
N GLU D 438 -0.15 39.75 -42.43
CA GLU D 438 -1.11 40.83 -42.70
C GLU D 438 -0.40 42.17 -42.89
N GLY D 439 0.66 42.41 -42.13
CA GLY D 439 1.33 43.69 -42.13
C GLY D 439 2.51 43.82 -43.07
N GLN D 440 2.93 42.74 -43.72
CA GLN D 440 4.11 42.76 -44.59
C GLN D 440 3.90 42.16 -45.96
N PHE D 441 2.79 41.45 -46.21
CA PHE D 441 2.52 40.84 -47.50
C PHE D 441 1.25 41.46 -48.07
N HIS D 442 1.41 42.31 -49.08
CA HIS D 442 0.29 42.99 -49.70
C HIS D 442 -0.15 42.24 -50.97
N MET E 15 -1.21 22.99 21.58
CA MET E 15 -0.74 24.26 20.93
C MET E 15 0.65 24.65 21.40
N SER E 16 1.35 23.71 22.05
CA SER E 16 2.68 23.94 22.58
C SER E 16 3.72 23.40 21.61
N VAL E 17 4.98 23.35 22.07
CA VAL E 17 6.09 22.85 21.26
C VAL E 17 6.88 21.76 21.97
N VAL E 18 6.50 21.36 23.18
CA VAL E 18 7.21 20.32 23.89
C VAL E 18 7.07 19.01 23.14
N GLY E 19 8.20 18.40 22.78
CA GLY E 19 8.19 17.12 22.11
C GLY E 19 7.76 17.18 20.67
N THR E 20 8.04 18.27 19.97
CA THR E 20 7.74 18.34 18.54
C THR E 20 8.69 17.42 17.78
N PRO E 21 8.20 16.58 16.88
CA PRO E 21 9.12 15.67 16.17
C PRO E 21 10.06 16.40 15.24
N LYS E 22 11.23 15.80 15.03
CA LYS E 22 12.16 16.30 14.05
C LYS E 22 11.64 16.03 12.64
N SER E 23 12.15 16.80 11.67
CA SER E 23 11.84 16.54 10.28
C SER E 23 12.64 15.35 9.78
N ALA E 24 12.15 14.73 8.71
CA ALA E 24 12.89 13.63 8.09
C ALA E 24 14.29 14.08 7.68
N GLU E 25 14.44 15.34 7.27
CA GLU E 25 15.76 15.85 6.91
C GLU E 25 16.73 15.78 8.09
N GLN E 26 16.28 16.22 9.27
CA GLN E 26 17.14 16.15 10.45
C GLN E 26 17.56 14.70 10.70
N ILE E 27 16.58 13.80 10.82
CA ILE E 27 16.88 12.39 11.05
C ILE E 27 17.86 11.87 10.01
N GLN E 28 17.64 12.22 8.74
CA GLN E 28 18.51 11.76 7.67
C GLN E 28 19.94 12.22 7.90
N GLN E 29 20.12 13.49 8.25
CA GLN E 29 21.46 14.00 8.53
CA GLN E 29 21.46 14.00 8.53
C GLN E 29 22.09 13.24 9.69
N GLU E 30 21.30 12.92 10.72
CA GLU E 30 21.83 12.16 11.84
C GLU E 30 22.27 10.77 11.40
N TRP E 31 21.54 10.17 10.46
CA TRP E 31 21.93 8.87 9.95
C TRP E 31 23.23 8.94 9.15
N ASP E 32 23.39 10.00 8.36
CA ASP E 32 24.57 10.11 7.50
C ASP E 32 25.80 10.60 8.26
N THR E 33 25.63 11.55 9.17
CA THR E 33 26.78 12.21 9.81
C THR E 33 27.21 11.51 11.10
N ASN E 34 26.26 11.02 11.89
CA ASN E 34 26.61 10.45 13.18
C ASN E 34 27.36 9.14 12.98
N PRO E 35 28.57 8.98 13.54
CA PRO E 35 29.29 7.71 13.38
C PRO E 35 28.63 6.53 14.10
N ARG E 36 27.63 6.79 14.94
CA ARG E 36 26.89 5.71 15.58
C ARG E 36 26.27 4.77 14.55
N TRP E 37 25.90 5.30 13.38
CA TRP E 37 25.23 4.52 12.34
C TRP E 37 26.15 4.22 11.16
N LYS E 38 27.45 4.08 11.42
CA LYS E 38 28.42 3.91 10.34
C LYS E 38 28.15 2.64 9.55
N ASP E 39 27.81 1.55 10.25
CA ASP E 39 27.62 0.25 9.62
C ASP E 39 26.21 -0.27 9.89
N VAL E 40 25.21 0.59 9.78
CA VAL E 40 23.83 0.24 10.09
C VAL E 40 23.00 0.41 8.84
N THR E 41 22.37 -0.68 8.39
CA THR E 41 21.48 -0.65 7.24
C THR E 41 20.05 -0.47 7.70
N ARG E 42 19.32 0.40 7.02
CA ARG E 42 17.89 0.63 7.27
C ARG E 42 17.16 0.44 5.95
N THR E 43 16.33 -0.59 5.87
CA THR E 43 15.52 -0.82 4.68
C THR E 43 14.28 0.06 4.64
N TYR E 44 14.17 1.04 5.53
CA TYR E 44 13.12 2.04 5.51
C TYR E 44 13.75 3.42 5.51
N SER E 45 12.93 4.43 5.22
CA SER E 45 13.40 5.79 5.06
C SER E 45 13.17 6.60 6.33
N ALA E 46 13.75 7.80 6.35
CA ALA E 46 13.48 8.73 7.44
C ALA E 46 12.03 9.18 7.42
N GLU E 47 11.45 9.34 6.23
CA GLU E 47 10.04 9.69 6.13
C GLU E 47 9.16 8.61 6.76
N ASP E 48 9.53 7.34 6.58
CA ASP E 48 8.75 6.26 7.17
C ASP E 48 8.71 6.38 8.70
N VAL E 49 9.81 6.81 9.30
CA VAL E 49 9.87 6.93 10.76
C VAL E 49 8.99 8.08 11.24
N VAL E 50 9.07 9.22 10.56
CA VAL E 50 8.25 10.37 10.94
C VAL E 50 6.78 10.05 10.77
N ALA E 51 6.42 9.26 9.76
CA ALA E 51 5.03 8.94 9.49
C ALA E 51 4.38 8.20 10.64
N LEU E 52 5.16 7.59 11.53
CA LEU E 52 4.64 6.78 12.61
C LEU E 52 4.71 7.48 13.97
N GLN E 53 5.26 8.69 14.03
CA GLN E 53 5.57 9.34 15.29
C GLN E 53 4.45 10.24 15.81
N GLY E 54 3.37 10.42 15.04
CA GLY E 54 2.30 11.28 15.52
C GLY E 54 2.74 12.73 15.63
N SER E 55 2.12 13.43 16.59
CA SER E 55 2.36 14.86 16.78
C SER E 55 3.40 15.16 17.85
N VAL E 56 3.67 14.21 18.75
CA VAL E 56 4.57 14.42 19.88
C VAL E 56 5.41 13.17 20.06
N VAL E 57 6.71 13.37 20.28
CA VAL E 57 7.65 12.29 20.59
C VAL E 57 7.99 12.38 22.07
N GLU E 58 7.61 11.36 22.83
CA GLU E 58 8.01 11.28 24.22
C GLU E 58 9.53 11.11 24.31
N GLU E 59 10.12 11.82 25.26
CA GLU E 59 11.55 11.71 25.53
C GLU E 59 11.79 10.55 26.50
N HIS E 60 12.78 9.71 26.19
CA HIS E 60 13.13 8.56 27.01
C HIS E 60 14.55 8.78 27.53
N THR E 61 14.65 9.58 28.60
CA THR E 61 15.95 10.01 29.10
C THR E 61 16.86 8.83 29.39
N LEU E 62 16.39 7.90 30.23
CA LEU E 62 17.24 6.79 30.64
C LEU E 62 17.58 5.87 29.46
N ALA E 63 16.64 5.67 28.54
CA ALA E 63 16.93 4.86 27.37
C ALA E 63 17.98 5.52 26.48
N ARG E 64 17.92 6.85 26.37
CA ARG E 64 18.91 7.58 25.56
C ARG E 64 20.27 7.55 26.24
N ARG E 65 20.31 7.89 27.53
CA ARG E 65 21.58 7.96 28.24
C ARG E 65 22.26 6.60 28.29
N GLY E 66 21.50 5.55 28.60
CA GLY E 66 22.08 4.22 28.69
C GLY E 66 22.64 3.74 27.36
N ALA E 67 21.90 3.95 26.27
CA ALA E 67 22.37 3.52 24.96
C ALA E 67 23.65 4.24 24.58
N GLU E 68 23.73 5.54 24.86
CA GLU E 68 24.95 6.29 24.57
C GLU E 68 26.12 5.79 25.41
N VAL E 69 25.91 5.68 26.73
CA VAL E 69 26.98 5.23 27.61
C VAL E 69 27.42 3.81 27.24
N LEU E 70 26.46 2.95 26.87
CA LEU E 70 26.81 1.59 26.46
C LEU E 70 27.66 1.61 25.20
N TRP E 71 27.30 2.45 24.22
CA TRP E 71 28.02 2.47 22.96
C TRP E 71 29.44 2.99 23.14
N GLU E 72 29.64 3.96 24.04
CA GLU E 72 30.99 4.49 24.27
C GLU E 72 31.84 3.50 25.06
N GLN E 73 31.24 2.82 26.03
CA GLN E 73 31.99 1.82 26.80
C GLN E 73 32.42 0.66 25.92
N LEU E 74 31.57 0.26 24.97
CA LEU E 74 31.93 -0.83 24.07
C LEU E 74 33.13 -0.49 23.20
N HIS E 75 33.44 0.79 23.01
CA HIS E 75 34.60 1.21 22.25
C HIS E 75 35.75 1.68 23.13
N ASP E 76 35.45 2.28 24.28
CA ASP E 76 36.51 2.79 25.16
C ASP E 76 37.15 1.69 25.99
N LEU E 77 36.33 0.81 26.59
CA LEU E 77 36.84 -0.21 27.49
C LEU E 77 37.40 -1.40 26.72
N GLU E 78 38.28 -2.14 27.38
CA GLU E 78 38.77 -3.41 26.82
C GLU E 78 37.58 -4.29 26.46
N TRP E 79 36.66 -4.49 27.40
CA TRP E 79 35.36 -5.06 27.09
C TRP E 79 34.41 -4.73 28.23
N VAL E 80 33.12 -4.91 27.96
CA VAL E 80 32.07 -4.68 28.95
C VAL E 80 31.56 -6.03 29.40
N ASN E 81 31.58 -6.27 30.70
CA ASN E 81 31.01 -7.50 31.24
C ASN E 81 29.92 -7.17 32.26
N ALA E 82 29.03 -8.13 32.48
CA ALA E 82 27.87 -7.90 33.34
C ALA E 82 27.38 -9.23 33.90
N LEU E 83 26.50 -9.12 34.89
CA LEU E 83 25.89 -10.27 35.55
C LEU E 83 24.38 -10.16 35.46
N GLY E 84 23.71 -11.32 35.44
CA GLY E 84 22.27 -11.35 35.41
C GLY E 84 21.67 -10.74 36.66
N ALA E 85 20.67 -9.87 36.50
CA ALA E 85 19.99 -9.23 37.62
C ALA E 85 18.49 -9.40 37.43
N LEU E 86 17.83 -9.95 38.45
CA LEU E 86 16.38 -10.14 38.42
C LEU E 86 15.66 -9.31 39.48
N THR E 87 16.37 -8.55 40.31
CA THR E 87 15.76 -7.61 41.24
C THR E 87 16.55 -6.32 41.24
N GLY E 88 15.91 -5.25 41.76
CA GLY E 88 16.57 -3.97 41.79
C GLY E 88 17.81 -3.95 42.66
N ASN E 89 17.73 -4.56 43.84
CA ASN E 89 18.89 -4.56 44.74
C ASN E 89 20.08 -5.25 44.11
N MET E 90 19.85 -6.34 43.37
CA MET E 90 20.94 -7.03 42.71
C MET E 90 21.73 -6.07 41.82
N ALA E 91 21.02 -5.34 40.96
CA ALA E 91 21.70 -4.39 40.07
C ALA E 91 22.48 -3.36 40.88
N VAL E 92 21.91 -2.91 42.00
CA VAL E 92 22.59 -1.93 42.85
C VAL E 92 23.93 -2.48 43.31
N GLN E 93 23.94 -3.73 43.80
CA GLN E 93 25.18 -4.31 44.31
C GLN E 93 26.18 -4.54 43.18
N GLN E 94 25.70 -4.96 42.02
CA GLN E 94 26.59 -5.12 40.86
C GLN E 94 27.30 -3.82 40.54
N VAL E 95 26.57 -2.71 40.53
CA VAL E 95 27.18 -1.41 40.26
C VAL E 95 28.05 -0.99 41.44
N ARG E 96 27.58 -1.23 42.67
CA ARG E 96 28.38 -0.91 43.84
C ARG E 96 29.71 -1.66 43.82
N ALA E 97 29.74 -2.87 43.28
CA ALA E 97 30.96 -3.67 43.25
C ALA E 97 31.88 -3.31 42.09
N GLY E 98 31.55 -2.30 41.31
CA GLY E 98 32.42 -1.82 40.25
C GLY E 98 31.98 -2.12 38.85
N LEU E 99 30.98 -2.99 38.65
CA LEU E 99 30.56 -3.34 37.32
C LEU E 99 29.89 -2.13 36.64
N LYS E 100 29.95 -2.12 35.31
CA LYS E 100 29.52 -0.97 34.52
C LYS E 100 28.38 -1.32 33.56
N ALA E 101 27.71 -2.45 33.77
CA ALA E 101 26.59 -2.84 32.94
C ALA E 101 25.77 -3.90 33.66
N ILE E 102 24.48 -3.92 33.34
CA ILE E 102 23.53 -4.87 33.93
C ILE E 102 22.96 -5.72 32.79
N TYR E 103 22.89 -7.03 33.02
CA TYR E 103 22.26 -7.95 32.07
C TYR E 103 20.94 -8.44 32.65
N LEU E 104 19.85 -8.23 31.91
CA LEU E 104 18.52 -8.66 32.34
C LEU E 104 18.18 -9.94 31.58
N SER E 105 18.30 -11.07 32.28
CA SER E 105 18.08 -12.39 31.69
C SER E 105 16.59 -12.71 31.61
N GLY E 106 16.14 -13.12 30.43
CA GLY E 106 14.78 -13.62 30.30
C GLY E 106 14.57 -14.92 31.06
N TRP E 107 15.59 -15.78 31.05
CA TRP E 107 15.54 -17.01 31.84
C TRP E 107 15.19 -16.70 33.29
N GLN E 108 15.88 -15.73 33.89
CA GLN E 108 15.66 -15.41 35.29
C GLN E 108 14.27 -14.83 35.52
N VAL E 109 13.78 -14.01 34.59
CA VAL E 109 12.43 -13.48 34.69
C VAL E 109 11.40 -14.61 34.67
N ALA E 110 11.59 -15.58 33.79
CA ALA E 110 10.68 -16.72 33.75
C ALA E 110 10.72 -17.51 35.06
N GLY E 111 11.91 -17.62 35.65
CA GLY E 111 12.07 -18.48 36.81
C GLY E 111 11.65 -17.87 38.12
N ASP E 112 11.64 -16.54 38.25
CA ASP E 112 11.42 -15.96 39.57
C ASP E 112 11.02 -14.49 39.55
N ALA E 113 10.73 -13.91 38.39
CA ALA E 113 10.41 -12.49 38.36
C ALA E 113 9.56 -12.08 37.16
N ASN E 114 8.46 -12.78 36.90
CA ASN E 114 7.57 -12.43 35.81
C ASN E 114 6.16 -12.18 36.34
N LEU E 115 5.37 -11.49 35.51
CA LEU E 115 4.08 -10.95 35.93
C LEU E 115 2.98 -11.98 36.06
N SER E 116 3.23 -13.24 35.68
CA SER E 116 2.25 -14.28 35.94
C SER E 116 2.25 -14.74 37.38
N GLY E 117 3.36 -14.49 38.10
CA GLY E 117 3.52 -15.01 39.43
C GLY E 117 3.98 -16.44 39.52
N HIS E 118 4.19 -17.11 38.38
CA HIS E 118 4.54 -18.51 38.36
C HIS E 118 6.02 -18.70 38.03
N THR E 119 6.55 -19.86 38.45
CA THR E 119 7.89 -20.27 38.09
C THR E 119 7.82 -20.97 36.73
N TYR E 120 8.61 -20.50 35.77
CA TYR E 120 8.55 -21.02 34.41
C TYR E 120 9.94 -21.44 33.95
N PRO E 121 10.04 -22.49 33.16
CA PRO E 121 11.25 -22.70 32.35
C PRO E 121 11.31 -21.67 31.23
N ASP E 122 12.48 -21.57 30.62
CA ASP E 122 12.77 -20.50 29.65
C ASP E 122 12.17 -20.88 28.30
N GLN E 123 10.86 -20.66 28.18
CA GLN E 123 10.13 -21.03 26.97
C GLN E 123 9.08 -19.98 26.59
N SER E 124 9.35 -18.71 26.89
CA SER E 124 8.46 -17.60 26.51
C SER E 124 7.03 -17.84 27.00
N LEU E 125 6.91 -18.30 28.23
CA LEU E 125 5.60 -18.61 28.80
C LEU E 125 4.98 -17.44 29.55
N TYR E 126 5.79 -16.45 29.98
CA TYR E 126 5.32 -15.38 30.83
C TYR E 126 4.79 -14.21 30.01
N PRO E 127 4.00 -13.32 30.61
CA PRO E 127 3.45 -12.19 29.86
C PRO E 127 4.56 -11.31 29.27
N ALA E 128 4.31 -10.80 28.06
CA ALA E 128 5.36 -10.22 27.25
C ALA E 128 5.88 -8.90 27.81
N ASN E 129 5.18 -8.26 28.75
CA ASN E 129 5.66 -7.03 29.34
C ASN E 129 6.44 -7.26 30.64
N SER E 130 6.82 -8.51 30.92
CA SER E 130 7.51 -8.81 32.18
C SER E 130 8.90 -8.20 32.20
N VAL E 131 9.67 -8.37 31.14
CA VAL E 131 11.05 -7.87 31.10
C VAL E 131 11.03 -6.34 31.13
N PRO E 132 10.18 -5.68 30.33
CA PRO E 132 10.07 -4.21 30.46
C PRO E 132 9.85 -3.74 31.89
N GLN E 133 9.02 -4.44 32.66
CA GLN E 133 8.80 -4.05 34.06
C GLN E 133 10.09 -4.15 34.86
N VAL E 134 10.86 -5.22 34.64
CA VAL E 134 12.09 -5.39 35.41
C VAL E 134 13.12 -4.33 35.00
N VAL E 135 13.15 -3.93 33.73
CA VAL E 135 14.01 -2.84 33.32
C VAL E 135 13.68 -1.59 34.12
N ARG E 136 12.38 -1.25 34.19
CA ARG E 136 11.94 -0.11 34.98
C ARG E 136 12.31 -0.29 36.45
N ARG E 137 12.15 -1.50 36.98
CA ARG E 137 12.50 -1.75 38.37
C ARG E 137 13.98 -1.50 38.61
N ILE E 138 14.84 -1.97 37.71
CA ILE E 138 16.28 -1.83 37.90
C ILE E 138 16.68 -0.36 37.78
N ASN E 139 16.11 0.36 36.80
CA ASN E 139 16.40 1.79 36.70
C ASN E 139 15.94 2.53 37.94
N ASN E 140 14.78 2.15 38.49
CA ASN E 140 14.31 2.79 39.72
C ASN E 140 15.26 2.53 40.88
N ALA E 141 15.74 1.29 41.01
CA ALA E 141 16.63 0.94 42.10
C ALA E 141 17.96 1.67 41.99
N LEU E 142 18.51 1.74 40.78
CA LEU E 142 19.77 2.47 40.59
C LEU E 142 19.58 3.97 40.84
N GLN E 143 18.41 4.50 40.46
CA GLN E 143 18.13 5.91 40.70
C GLN E 143 18.11 6.22 42.19
N ARG E 144 17.59 5.28 42.99
CA ARG E 144 17.59 5.48 44.43
C ARG E 144 19.02 5.44 44.99
N ALA E 145 19.82 4.47 44.54
CA ALA E 145 21.22 4.44 44.94
C ALA E 145 21.93 5.72 44.54
N ASP E 146 21.56 6.30 43.40
CA ASP E 146 22.15 7.56 42.97
C ASP E 146 21.68 8.72 43.85
N GLN E 147 20.41 8.70 44.25
CA GLN E 147 19.90 9.75 45.13
C GLN E 147 20.53 9.66 46.51
N ILE E 148 20.66 8.45 47.05
CA ILE E 148 21.28 8.29 48.37
C ILE E 148 22.71 8.81 48.34
N ALA E 149 23.49 8.35 47.37
CA ALA E 149 24.90 8.73 47.30
C ALA E 149 25.08 10.24 47.24
N LYS E 150 24.15 10.94 46.61
CA LYS E 150 24.28 12.40 46.52
C LYS E 150 24.18 13.04 47.90
N ILE E 151 23.11 12.76 48.64
CA ILE E 151 22.94 13.36 49.95
C ILE E 151 23.99 12.85 50.93
N GLU E 152 24.47 11.62 50.72
CA GLU E 152 25.50 11.06 51.58
C GLU E 152 26.90 11.57 51.21
N GLY E 153 27.05 12.23 50.07
CA GLY E 153 28.37 12.65 49.63
C GLY E 153 29.24 11.52 49.12
N ASP E 154 28.63 10.40 48.75
CA ASP E 154 29.36 9.22 48.29
C ASP E 154 29.65 9.37 46.79
N THR E 155 30.92 9.54 46.45
CA THR E 155 31.35 9.64 45.07
C THR E 155 32.17 8.43 44.62
N SER E 156 32.05 7.30 45.34
CA SER E 156 32.85 6.13 44.99
C SER E 156 32.43 5.52 43.66
N VAL E 157 31.14 5.58 43.34
CA VAL E 157 30.61 5.11 42.07
C VAL E 157 30.37 6.33 41.18
N GLU E 158 30.96 6.32 39.99
CA GLU E 158 30.85 7.47 39.10
C GLU E 158 29.52 7.49 38.35
N ASN E 159 28.98 6.33 38.01
CA ASN E 159 27.72 6.23 37.24
C ASN E 159 26.87 5.12 37.85
N TRP E 160 25.87 5.51 38.63
CA TRP E 160 24.92 4.54 39.15
C TRP E 160 23.98 4.04 38.05
N LEU E 161 23.71 4.88 37.05
CA LEU E 161 22.81 4.52 35.94
C LEU E 161 23.62 3.76 34.88
N ALA E 162 23.95 2.52 35.22
CA ALA E 162 24.65 1.65 34.30
C ALA E 162 23.70 1.17 33.21
N PRO E 163 24.17 1.05 31.97
CA PRO E 163 23.29 0.57 30.89
C PRO E 163 22.78 -0.84 31.16
N ILE E 164 21.53 -1.07 30.81
CA ILE E 164 20.87 -2.36 30.95
C ILE E 164 20.74 -3.00 29.57
N VAL E 165 21.22 -4.23 29.44
CA VAL E 165 21.00 -5.04 28.25
C VAL E 165 19.92 -6.06 28.58
N ALA E 166 18.78 -5.96 27.90
CA ALA E 166 17.59 -6.74 28.23
C ALA E 166 17.26 -7.75 27.15
N ASP E 167 16.57 -8.81 27.56
CA ASP E 167 16.31 -9.97 26.72
C ASP E 167 14.96 -9.81 26.02
N GLY E 168 14.99 -9.70 24.70
CA GLY E 168 13.80 -9.70 23.88
C GLY E 168 13.33 -11.07 23.44
N GLU E 169 14.05 -12.12 23.82
CA GLU E 169 13.69 -13.52 23.50
C GLU E 169 13.42 -13.57 21.99
N ALA E 170 12.34 -14.21 21.55
CA ALA E 170 12.02 -14.34 20.13
C ALA E 170 10.91 -13.41 19.70
N GLY E 171 10.59 -12.40 20.50
CA GLY E 171 9.61 -11.39 20.13
C GLY E 171 8.19 -11.70 20.55
N PHE E 172 7.92 -12.89 21.07
CA PHE E 172 6.57 -13.27 21.50
C PHE E 172 5.55 -13.15 20.36
N GLY E 173 5.96 -13.59 19.17
CA GLY E 173 5.08 -13.55 18.02
C GLY E 173 5.74 -13.01 16.77
N GLY E 174 5.08 -12.09 16.09
CA GLY E 174 5.55 -11.55 14.84
C GLY E 174 6.29 -10.24 15.00
N ALA E 175 6.47 -9.54 13.88
CA ALA E 175 7.23 -8.30 13.88
C ALA E 175 6.57 -7.24 14.76
N LEU E 176 5.23 -7.21 14.78
CA LEU E 176 4.54 -6.22 15.60
C LEU E 176 4.71 -6.52 17.08
N ASN E 177 4.74 -7.80 17.46
CA ASN E 177 5.06 -8.15 18.84
C ASN E 177 6.49 -7.74 19.19
N VAL E 178 7.43 -7.96 18.27
CA VAL E 178 8.79 -7.46 18.44
C VAL E 178 8.78 -5.95 18.63
N TYR E 179 8.02 -5.25 17.80
CA TYR E 179 7.99 -3.80 17.85
C TYR E 179 7.57 -3.31 19.23
N GLU E 180 6.46 -3.86 19.75
CA GLU E 180 5.94 -3.38 21.03
C GLU E 180 6.87 -3.71 22.17
N LEU E 181 7.50 -4.89 22.14
CA LEU E 181 8.45 -5.24 23.19
C LEU E 181 9.61 -4.25 23.22
N GLN E 182 10.20 -3.97 22.05
CA GLN E 182 11.25 -2.98 21.97
C GLN E 182 10.77 -1.64 22.50
N LYS E 183 9.57 -1.22 22.10
CA LYS E 183 9.02 0.05 22.55
C LYS E 183 8.86 0.06 24.07
N ALA E 184 8.38 -1.03 24.65
CA ALA E 184 8.19 -1.09 26.10
C ALA E 184 9.53 -1.11 26.82
N LEU E 185 10.52 -1.82 26.27
CA LEU E 185 11.85 -1.78 26.86
C LEU E 185 12.41 -0.37 26.87
N ILE E 186 12.20 0.37 25.77
CA ILE E 186 12.75 1.72 25.67
C ILE E 186 12.07 2.65 26.66
N ALA E 187 10.74 2.59 26.73
CA ALA E 187 10.01 3.42 27.68
C ALA E 187 10.49 3.15 29.10
N ALA E 188 10.88 1.91 29.40
CA ALA E 188 11.37 1.56 30.73
C ALA E 188 12.83 1.97 30.93
N GLY E 189 13.52 2.41 29.89
CA GLY E 189 14.88 2.89 30.02
C GLY E 189 15.97 1.89 29.72
N VAL E 190 15.74 0.95 28.80
CA VAL E 190 16.76 -0.01 28.43
C VAL E 190 17.84 0.66 27.60
N ALA E 191 19.05 0.10 27.63
CA ALA E 191 20.15 0.57 26.81
C ALA E 191 20.39 -0.31 25.58
N GLY E 192 20.14 -1.61 25.70
CA GLY E 192 20.26 -2.51 24.57
C GLY E 192 19.33 -3.69 24.75
N SER E 193 19.01 -4.33 23.64
CA SER E 193 18.14 -5.49 23.62
C SER E 193 18.63 -6.48 22.59
N HIS E 194 18.47 -7.77 22.89
CA HIS E 194 18.91 -8.83 22.00
C HIS E 194 17.74 -9.71 21.59
N TRP E 195 17.83 -10.24 20.37
CA TRP E 195 16.72 -10.93 19.70
C TRP E 195 17.24 -12.16 18.97
N GLU E 196 16.55 -13.28 19.14
CA GLU E 196 17.03 -14.58 18.68
C GLU E 196 16.16 -15.11 17.54
N ASP E 197 16.78 -15.91 16.68
CA ASP E 197 16.12 -16.42 15.47
C ASP E 197 15.41 -17.75 15.73
N GLN E 198 14.52 -17.73 16.73
CA GLN E 198 13.73 -18.89 17.10
C GLN E 198 12.26 -18.65 16.86
N LEU E 199 11.51 -19.73 16.65
CA LEU E 199 10.06 -19.68 16.62
C LEU E 199 9.56 -19.36 18.03
N ALA E 200 8.95 -18.18 18.20
CA ALA E 200 8.54 -17.74 19.53
C ALA E 200 7.67 -18.78 20.23
N SER E 201 6.75 -19.41 19.48
CA SER E 201 5.82 -20.37 20.07
C SER E 201 6.50 -21.63 20.58
N GLU E 202 7.76 -21.87 20.18
CA GLU E 202 8.54 -23.00 20.69
C GLU E 202 9.88 -22.53 21.23
N LYS E 203 9.92 -21.30 21.75
CA LYS E 203 11.16 -20.70 22.22
C LYS E 203 11.81 -21.56 23.31
N LYS E 204 13.13 -21.66 23.25
CA LYS E 204 13.90 -22.38 24.26
C LYS E 204 15.09 -21.54 24.70
N GLY E 206 18.99 -21.17 24.99
CA GLY E 206 19.99 -21.62 24.03
C GLY E 206 20.57 -22.98 24.34
N HIS E 207 20.59 -23.34 25.62
CA HIS E 207 21.23 -24.56 26.08
C HIS E 207 20.24 -25.63 26.51
N LEU E 208 18.97 -25.47 26.15
CA LEU E 208 17.97 -26.52 26.23
C LEU E 208 17.79 -27.14 24.85
N GLY E 209 17.06 -28.26 24.80
CA GLY E 209 16.76 -28.92 23.55
C GLY E 209 15.46 -28.41 22.94
N GLY E 210 15.16 -28.96 21.77
CA GLY E 210 13.90 -28.68 21.10
C GLY E 210 13.77 -27.29 20.52
N LYS E 211 14.86 -26.74 19.98
CA LYS E 211 14.85 -25.40 19.41
C LYS E 211 14.42 -25.46 17.95
N VAL E 212 13.59 -24.51 17.55
CA VAL E 212 13.09 -24.40 16.19
C VAL E 212 13.52 -23.05 15.64
N LEU E 213 14.30 -23.05 14.56
CA LEU E 213 14.72 -21.81 13.94
C LEU E 213 13.62 -21.24 13.05
N ILE E 214 13.79 -19.98 12.70
CA ILE E 214 12.95 -19.33 11.70
C ILE E 214 13.86 -18.94 10.54
N PRO E 215 13.30 -18.70 9.36
CA PRO E 215 14.15 -18.39 8.21
C PRO E 215 14.97 -17.13 8.43
N THR E 216 16.12 -17.07 7.76
CA THR E 216 17.04 -15.96 7.96
C THR E 216 16.34 -14.61 7.76
N GLN E 217 15.58 -14.50 6.68
CA GLN E 217 14.91 -13.23 6.38
C GLN E 217 13.91 -12.85 7.47
N GLN E 218 13.29 -13.84 8.11
CA GLN E 218 12.31 -13.52 9.14
C GLN E 218 12.98 -12.90 10.36
N HIS E 219 14.22 -13.28 10.66
CA HIS E 219 14.93 -12.64 11.75
C HIS E 219 15.49 -11.28 11.35
N ILE E 220 15.86 -11.11 10.08
CA ILE E 220 16.17 -9.77 9.58
C ILE E 220 14.96 -8.87 9.77
N ARG E 221 13.76 -9.39 9.53
N ARG E 221 13.77 -9.39 9.50
CA ARG E 221 12.56 -8.60 9.79
CA ARG E 221 12.55 -8.65 9.79
C ARG E 221 12.45 -8.26 11.28
C ARG E 221 12.48 -8.26 11.26
N THR E 222 12.82 -9.19 12.16
CA THR E 222 12.82 -8.91 13.59
C THR E 222 13.80 -7.80 13.92
N LEU E 223 15.04 -7.92 13.44
CA LEU E 223 16.03 -6.88 13.70
C LEU E 223 15.59 -5.55 13.11
N THR E 224 14.93 -5.58 11.94
CA THR E 224 14.45 -4.35 11.33
C THR E 224 13.31 -3.75 12.13
N SER E 225 12.45 -4.59 12.72
CA SER E 225 11.39 -4.09 13.58
C SER E 225 11.98 -3.53 14.87
N ALA E 226 13.05 -4.12 15.39
CA ALA E 226 13.65 -3.63 16.61
C ALA E 226 14.31 -2.28 16.40
N ARG E 227 14.93 -2.06 15.23
CA ARG E 227 15.51 -0.77 14.94
C ARG E 227 14.43 0.28 14.69
N LEU E 228 13.38 -0.08 13.95
CA LEU E 228 12.32 0.87 13.66
C LEU E 228 11.70 1.41 14.95
N ALA E 229 11.41 0.53 15.90
CA ALA E 229 10.83 0.98 17.17
C ALA E 229 11.79 1.91 17.91
N ALA E 230 13.11 1.70 17.75
CA ALA E 230 14.07 2.61 18.38
C ALA E 230 14.08 3.96 17.68
N ASP E 231 14.09 3.96 16.34
CA ASP E 231 14.05 5.22 15.60
C ASP E 231 12.76 5.98 15.86
N VAL E 232 11.62 5.27 15.85
CA VAL E 232 10.35 5.93 16.14
C VAL E 232 10.38 6.54 17.54
N ALA E 233 11.00 5.84 18.48
CA ALA E 233 11.17 6.36 19.83
C ALA E 233 12.32 7.35 19.94
N ASP E 234 13.10 7.52 18.87
CA ASP E 234 14.14 8.55 18.81
C ASP E 234 15.22 8.32 19.87
N VAL E 235 15.68 7.09 19.98
CA VAL E 235 16.79 6.75 20.86
C VAL E 235 17.69 5.74 20.16
N PRO E 236 19.06 5.86 20.29
CA PRO E 236 19.98 4.95 19.58
C PRO E 236 20.20 3.63 20.31
N THR E 237 19.11 2.90 20.57
CA THR E 237 19.20 1.64 21.29
C THR E 237 20.18 0.70 20.60
N VAL E 238 20.96 -0.02 21.41
CA VAL E 238 21.87 -1.03 20.90
C VAL E 238 21.08 -2.30 20.60
N VAL E 239 21.14 -2.76 19.36
CA VAL E 239 20.40 -3.93 18.90
C VAL E 239 21.38 -5.08 18.73
N ILE E 240 21.16 -6.16 19.48
CA ILE E 240 22.00 -7.34 19.45
C ILE E 240 21.24 -8.47 18.77
N ALA E 241 21.93 -9.20 17.90
CA ALA E 241 21.35 -10.35 17.21
C ALA E 241 21.94 -11.62 17.79
N ARG E 242 21.08 -12.54 18.18
CA ARG E 242 21.47 -13.86 18.66
C ARG E 242 21.01 -14.91 17.67
N THR E 243 21.84 -15.92 17.44
CA THR E 243 21.48 -17.05 16.59
C THR E 243 21.61 -18.34 17.37
N ASP E 244 20.63 -19.23 17.20
CA ASP E 244 20.60 -20.52 17.88
C ASP E 244 20.90 -21.68 16.95
N ALA E 245 21.55 -21.43 15.82
CA ALA E 245 21.77 -22.45 14.79
C ALA E 245 22.81 -23.49 15.18
N GLU E 246 23.54 -23.29 16.28
CA GLU E 246 24.61 -24.23 16.63
C GLU E 246 24.05 -25.60 17.01
N ALA E 247 22.95 -25.63 17.76
CA ALA E 247 22.36 -26.88 18.23
C ALA E 247 20.95 -27.14 17.73
N ALA E 248 20.28 -26.15 17.15
CA ALA E 248 18.90 -26.35 16.70
C ALA E 248 18.88 -27.20 15.44
N THR E 249 18.03 -28.24 15.44
CA THR E 249 17.89 -29.14 14.31
C THR E 249 16.57 -28.97 13.59
N LEU E 250 15.81 -27.93 13.91
CA LEU E 250 14.50 -27.69 13.31
C LEU E 250 14.42 -26.26 12.80
N ILE E 251 13.60 -26.07 11.76
CA ILE E 251 13.37 -24.75 11.19
C ILE E 251 11.96 -24.74 10.61
N THR E 252 11.26 -23.61 10.75
CA THR E 252 9.85 -23.56 10.37
C THR E 252 9.66 -23.74 8.87
N SER E 253 10.60 -23.28 8.05
CA SER E 253 10.41 -23.29 6.61
C SER E 253 11.76 -23.33 5.90
N ASP E 254 11.74 -23.87 4.67
CA ASP E 254 12.90 -23.91 3.79
C ASP E 254 12.83 -22.86 2.69
N VAL E 255 12.08 -21.79 2.91
CA VAL E 255 11.78 -20.83 1.83
C VAL E 255 12.99 -19.95 1.52
N ASP E 256 13.81 -19.64 2.53
CA ASP E 256 14.94 -18.74 2.33
C ASP E 256 16.09 -19.51 1.67
N GLU E 257 16.53 -19.02 0.51
CA GLU E 257 17.62 -19.69 -0.20
C GLU E 257 18.88 -19.77 0.64
N ARG E 258 19.06 -18.83 1.58
CA ARG E 258 20.25 -18.86 2.42
C ARG E 258 20.21 -20.01 3.42
N ASP E 259 19.03 -20.54 3.72
CA ASP E 259 18.91 -21.67 4.65
C ASP E 259 18.84 -23.02 3.95
N GLN E 260 18.56 -23.04 2.66
CA GLN E 260 18.32 -24.30 1.97
C GLN E 260 19.52 -25.25 2.02
N PRO E 261 20.78 -24.79 1.90
CA PRO E 261 21.92 -25.74 1.90
C PRO E 261 21.97 -26.63 3.12
N PHE E 262 21.29 -26.23 4.21
CA PHE E 262 21.31 -26.99 5.46
C PHE E 262 20.06 -27.81 5.69
N ILE E 263 19.03 -27.66 4.86
CA ILE E 263 17.83 -28.47 5.01
C ILE E 263 18.18 -29.93 4.81
N THR E 264 17.60 -30.80 5.63
CA THR E 264 17.94 -32.21 5.64
C THR E 264 16.69 -33.04 5.93
N GLY E 265 16.75 -34.32 5.57
CA GLY E 265 15.78 -35.32 5.92
C GLY E 265 14.36 -34.95 5.56
N GLU E 266 13.41 -35.50 6.33
CA GLU E 266 11.99 -35.28 6.14
C GLU E 266 11.45 -34.42 7.28
N ARG E 267 10.36 -33.71 6.99
CA ARG E 267 9.73 -32.85 7.98
C ARG E 267 9.21 -33.68 9.14
N THR E 268 9.06 -33.03 10.30
CA THR E 268 8.45 -33.66 11.46
C THR E 268 6.94 -33.69 11.29
N ARG E 269 6.28 -34.41 12.20
CA ARG E 269 4.82 -34.50 12.14
C ARG E 269 4.18 -33.13 12.28
N GLU E 270 4.82 -32.20 13.01
CA GLU E 270 4.29 -30.85 13.17
C GLU E 270 4.52 -29.98 11.94
N GLY E 271 5.30 -30.44 10.97
CA GLY E 271 5.61 -29.66 9.79
C GLY E 271 6.93 -28.94 9.82
N PHE E 272 7.74 -29.16 10.86
CA PHE E 272 9.04 -28.49 10.94
C PHE E 272 10.03 -29.17 10.00
N TYR E 273 10.79 -28.36 9.28
CA TYR E 273 11.90 -28.89 8.51
C TYR E 273 13.08 -29.21 9.44
N ARG E 274 13.85 -30.22 9.05
CA ARG E 274 15.08 -30.52 9.76
C ARG E 274 16.24 -29.81 9.08
N THR E 275 17.29 -29.52 9.86
CA THR E 275 18.39 -28.72 9.34
C THR E 275 19.69 -29.16 10.01
N LYS E 276 20.78 -29.05 9.27
CA LYS E 276 22.11 -29.42 9.74
C LYS E 276 22.64 -28.35 10.69
N ASN E 277 22.73 -28.68 11.98
CA ASN E 277 23.17 -27.72 12.98
C ASN E 277 24.69 -27.73 13.10
N GLY E 278 25.25 -26.58 13.48
CA GLY E 278 26.68 -26.47 13.65
C GLY E 278 27.12 -25.02 13.51
N ILE E 279 28.44 -24.84 13.53
CA ILE E 279 29.01 -23.50 13.42
C ILE E 279 28.82 -22.94 12.02
N GLU E 280 28.66 -23.81 11.01
CA GLU E 280 28.51 -23.33 9.64
C GLU E 280 27.31 -22.40 9.49
N PRO E 281 26.08 -22.81 9.78
CA PRO E 281 24.95 -21.88 9.64
C PRO E 281 25.02 -20.68 10.57
N CYS E 282 25.63 -20.84 11.76
CA CYS E 282 25.81 -19.69 12.64
C CYS E 282 26.61 -18.59 11.94
N ILE E 283 27.74 -18.97 11.32
CA ILE E 283 28.55 -18.01 10.60
C ILE E 283 27.75 -17.40 9.46
N ALA E 284 27.06 -18.24 8.69
CA ALA E 284 26.28 -17.74 7.56
C ALA E 284 25.19 -16.79 8.02
N ARG E 285 24.48 -17.13 9.09
CA ARG E 285 23.42 -16.25 9.58
C ARG E 285 23.99 -14.98 10.18
N ALA E 286 25.15 -15.08 10.85
CA ALA E 286 25.79 -13.89 11.41
C ALA E 286 26.11 -12.87 10.33
N LYS E 287 26.67 -13.34 9.21
CA LYS E 287 26.96 -12.43 8.10
C LYS E 287 25.70 -11.80 7.55
N ALA E 288 24.59 -12.56 7.54
CA ALA E 288 23.34 -12.02 7.04
C ALA E 288 22.76 -11.00 8.02
N TYR E 289 22.97 -11.20 9.32
CA TYR E 289 22.46 -10.27 10.32
C TYR E 289 23.34 -9.05 10.52
N ALA E 290 24.59 -9.09 10.05
CA ALA E 290 25.55 -8.05 10.39
C ALA E 290 25.06 -6.65 10.06
N PRO E 291 24.53 -6.36 8.87
CA PRO E 291 24.05 -5.01 8.60
C PRO E 291 22.92 -4.56 9.51
N PHE E 292 22.33 -5.47 10.30
CA PHE E 292 21.17 -5.16 11.12
C PHE E 292 21.44 -5.37 12.60
N ALA E 293 22.69 -5.46 13.02
CA ALA E 293 23.01 -5.80 14.40
C ALA E 293 24.24 -5.03 14.86
N ASP E 294 24.10 -4.37 16.01
CA ASP E 294 25.24 -3.69 16.61
C ASP E 294 26.21 -4.69 17.25
N LEU E 295 25.71 -5.83 17.71
CA LEU E 295 26.52 -6.94 18.18
C LEU E 295 25.89 -8.23 17.70
N ILE E 296 26.73 -9.23 17.43
CA ILE E 296 26.29 -10.53 16.97
C ILE E 296 26.74 -11.59 17.98
N TRP E 297 25.89 -12.57 18.20
CA TRP E 297 26.10 -13.54 19.27
C TRP E 297 25.56 -14.88 18.79
N MET E 298 26.37 -15.93 18.92
CA MET E 298 25.93 -17.29 18.63
C MET E 298 25.99 -18.10 19.92
N GLU E 299 24.91 -18.82 20.20
CA GLU E 299 24.91 -19.72 21.34
C GLU E 299 25.75 -20.94 21.03
N THR E 300 26.48 -21.41 22.03
CA THR E 300 27.40 -22.52 21.88
C THR E 300 27.13 -23.53 22.99
N GLY E 301 27.48 -24.78 22.73
CA GLY E 301 27.26 -25.84 23.71
C GLY E 301 28.33 -26.02 24.75
N THR E 302 29.46 -25.31 24.63
CA THR E 302 30.55 -25.43 25.59
C THR E 302 31.32 -24.12 25.62
N PRO E 303 31.94 -23.78 26.76
CA PRO E 303 32.85 -22.62 26.76
C PRO E 303 34.17 -22.97 26.10
N ASP E 304 34.34 -22.53 24.86
CA ASP E 304 35.44 -22.99 24.02
C ASP E 304 36.05 -21.79 23.30
N LEU E 305 37.29 -21.45 23.66
CA LEU E 305 37.94 -20.30 23.05
C LEU E 305 38.23 -20.53 21.56
N GLU E 306 38.61 -21.76 21.20
CA GLU E 306 38.91 -22.02 19.80
C GLU E 306 37.65 -21.95 18.94
N ALA E 307 36.54 -22.49 19.43
CA ALA E 307 35.29 -22.36 18.69
C ALA E 307 34.86 -20.90 18.60
N ALA E 308 35.15 -20.11 19.63
CA ALA E 308 34.82 -18.68 19.59
C ALA E 308 35.69 -17.95 18.58
N ARG E 309 37.00 -18.23 18.59
CA ARG E 309 37.90 -17.61 17.62
C ARG E 309 37.48 -17.96 16.19
N GLN E 310 37.08 -19.22 15.97
CA GLN E 310 36.60 -19.62 14.65
C GLN E 310 35.43 -18.76 14.20
N PHE E 311 34.41 -18.63 15.07
CA PHE E 311 33.27 -17.79 14.73
C PHE E 311 33.71 -16.34 14.53
N SER E 312 34.53 -15.82 15.46
CA SER E 312 34.97 -14.44 15.39
C SER E 312 35.72 -14.15 14.09
N GLU E 313 36.70 -14.99 13.76
CA GLU E 313 37.51 -14.74 12.57
C GLU E 313 36.69 -14.82 11.30
N ALA E 314 35.72 -15.74 11.26
CA ALA E 314 34.91 -15.89 10.04
C ALA E 314 34.03 -14.67 9.81
N VAL E 315 33.42 -14.14 10.87
CA VAL E 315 32.55 -12.98 10.72
C VAL E 315 33.38 -11.73 10.46
N LYS E 316 34.49 -11.57 11.19
CA LYS E 316 35.29 -10.37 11.03
C LYS E 316 36.00 -10.31 9.68
N ALA E 317 36.18 -11.46 9.01
CA ALA E 317 36.77 -11.43 7.68
C ALA E 317 35.90 -10.66 6.70
N GLU E 318 34.59 -10.69 6.90
CA GLU E 318 33.66 -9.93 6.07
C GLU E 318 33.28 -8.59 6.68
N TYR E 319 33.29 -8.49 8.01
CA TYR E 319 32.96 -7.24 8.70
C TYR E 319 34.00 -7.01 9.79
N PRO E 320 35.13 -6.40 9.45
CA PRO E 320 36.21 -6.28 10.44
C PRO E 320 35.85 -5.44 11.66
N ASP E 321 34.83 -4.60 11.59
CA ASP E 321 34.44 -3.75 12.71
C ASP E 321 33.27 -4.31 13.50
N GLN E 322 32.72 -5.45 13.10
CA GLN E 322 31.55 -5.98 13.79
C GLN E 322 31.92 -6.46 15.18
N MET E 323 31.20 -5.97 16.19
CA MET E 323 31.40 -6.40 17.57
C MET E 323 30.56 -7.63 17.87
N LEU E 324 31.05 -8.43 18.80
CA LEU E 324 30.39 -9.68 19.18
C LEU E 324 30.06 -9.66 20.67
N ALA E 325 29.15 -10.56 21.05
CA ALA E 325 28.83 -10.79 22.44
C ALA E 325 28.90 -12.28 22.73
N TYR E 326 29.27 -12.62 23.96
CA TYR E 326 29.44 -14.01 24.35
C TYR E 326 28.69 -14.29 25.64
N ASN E 327 28.01 -15.43 25.69
CA ASN E 327 27.25 -15.85 26.86
C ASN E 327 28.12 -16.78 27.69
N CYS E 328 28.66 -16.25 28.79
CA CYS E 328 29.37 -17.08 29.77
C CYS E 328 28.32 -17.75 30.64
N SER E 329 27.78 -18.83 30.10
CA SER E 329 26.53 -19.37 30.60
C SER E 329 26.76 -20.26 31.82
N PRO E 330 25.98 -20.09 32.89
CA PRO E 330 26.00 -21.10 33.96
C PRO E 330 25.42 -22.45 33.55
N SER E 331 24.79 -22.54 32.37
CA SER E 331 24.38 -23.85 31.87
C SER E 331 25.57 -24.70 31.47
N PHE E 332 26.77 -24.13 31.43
CA PHE E 332 28.00 -24.90 31.24
C PHE E 332 28.53 -25.37 32.59
N ASN E 333 29.04 -26.60 32.61
CA ASN E 333 29.81 -27.10 33.76
C ASN E 333 31.26 -26.68 33.54
N TRP E 334 31.66 -25.58 34.16
CA TRP E 334 32.90 -24.91 33.78
C TRP E 334 34.12 -25.75 34.11
N LYS E 335 34.20 -26.31 35.32
CA LYS E 335 35.38 -27.08 35.69
C LYS E 335 35.41 -28.47 35.09
N LYS E 336 34.31 -28.93 34.49
CA LYS E 336 34.36 -30.20 33.76
C LYS E 336 35.04 -30.04 32.41
N HIS E 337 34.92 -28.86 31.79
CA HIS E 337 35.48 -28.62 30.47
C HIS E 337 36.82 -27.90 30.47
N LEU E 338 37.04 -27.00 31.43
CA LEU E 338 38.18 -26.10 31.39
C LEU E 338 38.99 -26.19 32.68
N ASP E 339 40.28 -25.94 32.57
CA ASP E 339 41.16 -25.80 33.71
C ASP E 339 41.03 -24.40 34.29
N ASP E 340 41.59 -24.21 35.49
CA ASP E 340 41.44 -22.93 36.18
C ASP E 340 42.20 -21.81 35.47
N ALA E 341 43.33 -22.12 34.83
CA ALA E 341 44.06 -21.10 34.10
C ALA E 341 43.27 -20.63 32.88
N THR E 342 42.69 -21.57 32.12
CA THR E 342 41.86 -21.18 30.99
C THR E 342 40.61 -20.45 31.48
N ILE E 343 40.01 -20.91 32.57
CA ILE E 343 38.86 -20.22 33.14
C ILE E 343 39.23 -18.78 33.49
N ALA E 344 40.42 -18.58 34.06
CA ALA E 344 40.81 -17.26 34.54
C ALA E 344 41.02 -16.29 33.39
N LYS E 345 41.61 -16.74 32.28
CA LYS E 345 41.86 -15.90 31.13
C LYS E 345 40.66 -15.79 30.18
N PHE E 346 39.59 -16.56 30.43
CA PHE E 346 38.55 -16.77 29.44
C PHE E 346 38.03 -15.46 28.85
N GLN E 347 37.53 -14.57 29.71
CA GLN E 347 36.93 -13.34 29.21
C GLN E 347 37.97 -12.45 28.54
N LYS E 348 39.17 -12.35 29.12
CA LYS E 348 40.20 -11.50 28.56
C LYS E 348 40.52 -11.91 27.12
N GLU E 349 40.63 -13.21 26.86
CA GLU E 349 40.98 -13.66 25.52
C GLU E 349 39.81 -13.54 24.56
N LEU E 350 38.58 -13.71 25.04
CA LEU E 350 37.42 -13.45 24.20
C LEU E 350 37.39 -12.00 23.73
N ALA E 351 37.74 -11.06 24.61
CA ALA E 351 37.70 -9.65 24.25
C ALA E 351 38.65 -9.34 23.12
N ALA E 352 39.82 -10.01 23.09
CA ALA E 352 40.77 -9.78 22.01
C ALA E 352 40.24 -10.27 20.68
N MET E 353 39.37 -11.29 20.69
CA MET E 353 38.73 -11.77 19.48
C MET E 353 37.59 -10.87 19.02
N GLY E 354 37.21 -9.87 19.81
CA GLY E 354 36.13 -8.96 19.45
C GLY E 354 34.85 -9.16 20.24
N PHE E 355 34.81 -10.08 21.19
CA PHE E 355 33.66 -10.24 22.08
C PHE E 355 33.70 -9.14 23.12
N LYS E 356 33.01 -8.04 22.84
CA LYS E 356 33.10 -6.84 23.65
C LYS E 356 32.02 -6.73 24.71
N PHE E 357 30.96 -7.53 24.62
CA PHE E 357 29.97 -7.64 25.69
C PHE E 357 29.88 -9.11 26.10
N GLN E 358 30.20 -9.38 27.37
CA GLN E 358 30.20 -10.72 27.91
C GLN E 358 29.41 -10.71 29.21
N PHE E 359 28.64 -11.76 29.47
CA PHE E 359 27.67 -11.72 30.55
C PHE E 359 27.41 -13.12 31.08
N ILE E 360 27.27 -13.22 32.41
CA ILE E 360 26.88 -14.45 33.07
C ILE E 360 25.38 -14.38 33.29
N THR E 361 24.63 -15.12 32.47
CA THR E 361 23.19 -14.89 32.31
C THR E 361 22.43 -15.17 33.61
N LEU E 362 22.69 -16.31 34.24
CA LEU E 362 21.91 -16.77 35.38
C LEU E 362 22.62 -16.52 36.72
N ALA E 363 23.57 -15.57 36.75
CA ALA E 363 24.28 -15.30 38.00
C ALA E 363 23.34 -14.89 39.12
N GLY E 364 22.25 -14.20 38.79
CA GLY E 364 21.30 -13.79 39.82
C GLY E 364 20.57 -14.98 40.41
N PHE E 365 20.08 -15.87 39.56
CA PHE E 365 19.33 -17.03 40.02
C PHE E 365 20.18 -17.84 41.00
N HIS E 366 21.44 -18.08 40.66
CA HIS E 366 22.25 -18.97 41.49
C HIS E 366 22.69 -18.28 42.77
N ALA E 367 23.13 -17.03 42.69
CA ALA E 367 23.49 -16.31 43.91
C ALA E 367 22.32 -16.26 44.88
N LEU E 368 21.11 -16.01 44.36
CA LEU E 368 19.93 -15.94 45.20
C LEU E 368 19.57 -17.30 45.77
N ASN E 369 19.60 -18.34 44.93
CA ASN E 369 19.15 -19.66 45.37
C ASN E 369 20.17 -20.31 46.31
N TYR E 370 21.47 -20.15 46.06
CA TYR E 370 22.47 -20.79 46.90
C TYR E 370 22.60 -20.07 48.25
N SER E 371 22.71 -18.74 48.22
CA SER E 371 22.89 -18.01 49.47
C SER E 371 21.73 -18.21 50.42
N MET E 372 20.51 -18.39 49.89
CA MET E 372 19.37 -18.61 50.77
C MET E 372 19.32 -20.04 51.29
N PHE E 373 19.63 -21.02 50.43
CA PHE E 373 19.72 -22.41 50.91
C PHE E 373 20.79 -22.53 51.98
N ASP E 374 21.96 -21.94 51.75
CA ASP E 374 23.03 -22.01 52.74
C ASP E 374 22.59 -21.38 54.06
N LEU E 375 21.90 -20.24 54.00
CA LEU E 375 21.43 -19.59 55.22
C LEU E 375 20.33 -20.39 55.89
N ALA E 376 19.32 -20.80 55.12
CA ALA E 376 18.22 -21.56 55.68
C ALA E 376 18.71 -22.89 56.24
N TYR E 377 19.66 -23.52 55.56
CA TYR E 377 20.19 -24.80 56.03
C TYR E 377 20.84 -24.66 57.40
N GLY E 378 21.81 -23.75 57.51
CA GLY E 378 22.42 -23.51 58.81
C GLY E 378 21.42 -23.03 59.84
N TYR E 379 20.51 -22.14 59.44
CA TYR E 379 19.48 -21.65 60.35
C TYR E 379 18.62 -22.79 60.88
N ALA E 380 18.43 -23.85 60.08
CA ALA E 380 17.63 -24.99 60.53
C ALA E 380 18.35 -25.82 61.58
N GLN E 381 19.68 -25.74 61.65
CA GLN E 381 20.44 -26.54 62.60
C GLN E 381 20.80 -25.77 63.86
N ASN E 382 21.29 -24.53 63.73
N ASN E 382 21.29 -24.54 63.73
CA ASN E 382 21.79 -23.76 64.85
CA ASN E 382 21.77 -23.76 64.87
C ASN E 382 21.10 -22.41 65.01
C ASN E 382 21.13 -22.37 64.95
N GLN E 383 19.98 -22.18 64.30
CA GLN E 383 19.22 -20.95 64.44
C GLN E 383 20.05 -19.68 64.30
N MET E 384 20.14 -18.86 65.35
CA MET E 384 20.68 -17.52 65.20
C MET E 384 22.16 -17.51 64.87
N SER E 385 22.92 -18.49 65.38
CA SER E 385 24.35 -18.56 65.05
C SER E 385 24.57 -18.51 63.55
N ALA E 386 23.69 -19.18 62.79
CA ALA E 386 23.85 -19.23 61.33
C ALA E 386 23.71 -17.84 60.71
N TYR E 387 22.76 -17.04 61.19
CA TYR E 387 22.56 -15.73 60.58
C TYR E 387 23.67 -14.76 60.99
N VAL E 388 24.11 -14.83 62.24
CA VAL E 388 25.16 -13.94 62.72
C VAL E 388 26.41 -14.07 61.85
N GLU E 389 26.72 -15.28 61.39
CA GLU E 389 27.83 -15.44 60.47
C GLU E 389 27.64 -14.58 59.23
N LEU E 390 26.43 -14.54 58.68
CA LEU E 390 26.17 -13.70 57.52
C LEU E 390 26.37 -12.23 57.87
N GLN E 391 25.76 -11.76 58.96
CA GLN E 391 25.88 -10.36 59.33
C GLN E 391 27.33 -9.98 59.55
N GLU E 392 28.11 -10.88 60.16
CA GLU E 392 29.52 -10.59 60.38
C GLU E 392 30.28 -10.52 59.07
N ARG E 393 29.93 -11.39 58.11
CA ARG E 393 30.54 -11.28 56.79
C ARG E 393 30.17 -9.96 56.12
N GLU E 394 28.95 -9.49 56.35
CA GLU E 394 28.56 -8.19 55.84
C GLU E 394 29.40 -7.09 56.48
N PHE E 395 29.60 -7.16 57.80
CA PHE E 395 30.47 -6.20 58.47
C PHE E 395 31.87 -6.22 57.87
N ALA E 396 32.43 -7.41 57.63
CA ALA E 396 33.77 -7.50 57.10
C ALA E 396 33.84 -6.93 55.68
N ALA E 397 32.77 -7.05 54.91
CA ALA E 397 32.78 -6.60 53.52
C ALA E 397 32.79 -5.08 53.40
N GLU E 398 32.60 -4.34 54.50
CA GLU E 398 32.49 -2.89 54.40
C GLU E 398 33.75 -2.24 53.85
N GLU E 399 34.91 -2.85 54.07
CA GLU E 399 36.15 -2.30 53.54
C GLU E 399 36.32 -2.56 52.04
N ARG E 400 35.52 -3.46 51.46
CA ARG E 400 35.48 -3.63 50.02
C ARG E 400 34.49 -2.72 49.33
N GLY E 401 33.67 -1.98 50.09
CA GLY E 401 32.68 -1.07 49.53
C GLY E 401 31.24 -1.45 49.83
N TYR E 402 31.00 -2.55 50.55
CA TYR E 402 29.64 -2.99 50.84
C TYR E 402 28.99 -2.04 51.85
N THR E 403 27.76 -1.64 51.56
CA THR E 403 27.02 -0.73 52.44
C THR E 403 25.66 -1.23 52.87
N ALA E 404 25.16 -2.35 52.34
CA ALA E 404 23.81 -2.80 52.67
C ALA E 404 23.70 -3.37 54.08
N THR E 405 24.80 -3.43 54.84
CA THR E 405 24.70 -3.82 56.24
C THR E 405 23.81 -2.85 57.00
N LYS E 406 23.93 -1.55 56.71
CA LYS E 406 22.99 -0.55 57.19
C LYS E 406 21.82 -0.53 56.20
N HIS E 407 20.87 -1.44 56.44
CA HIS E 407 19.81 -1.65 55.47
C HIS E 407 18.81 -0.51 55.44
N GLN E 408 18.65 0.22 56.55
CA GLN E 408 17.69 1.32 56.57
C GLN E 408 18.08 2.39 55.56
N ARG E 409 19.32 2.87 55.63
CA ARG E 409 19.79 3.87 54.68
C ARG E 409 19.95 3.28 53.28
N GLU E 410 20.21 1.97 53.18
CA GLU E 410 20.45 1.36 51.87
C GLU E 410 19.22 1.50 50.97
N VAL E 411 18.02 1.39 51.55
CA VAL E 411 16.79 1.48 50.78
C VAL E 411 16.20 2.89 50.79
N GLY E 412 16.92 3.87 51.33
CA GLY E 412 16.55 5.27 51.19
C GLY E 412 15.88 5.91 52.38
N ALA E 413 15.99 5.33 53.57
CA ALA E 413 15.38 5.97 54.74
C ALA E 413 15.90 7.39 54.93
N GLY E 414 17.20 7.58 54.74
CA GLY E 414 17.76 8.92 54.85
C GLY E 414 17.33 9.83 53.73
N TYR E 415 17.12 9.27 52.53
CA TYR E 415 16.68 10.09 51.41
C TYR E 415 15.26 10.61 51.63
N PHE E 416 14.37 9.76 52.16
CA PHE E 416 13.02 10.19 52.46
C PHE E 416 12.94 11.02 53.73
N ASP E 417 13.91 10.89 54.63
CA ASP E 417 14.01 11.86 55.73
C ASP E 417 14.28 13.26 55.17
N ARG E 418 15.12 13.37 54.14
N ARG E 418 15.14 13.35 54.15
CA ARG E 418 15.41 14.68 53.58
CA ARG E 418 15.43 14.65 53.55
C ARG E 418 14.20 15.25 52.86
C ARG E 418 14.19 15.24 52.90
N ILE E 419 13.42 14.40 52.18
CA ILE E 419 12.18 14.87 51.58
C ILE E 419 11.25 15.40 52.66
N ALA E 420 11.13 14.65 53.77
CA ALA E 420 10.17 15.01 54.81
C ALA E 420 10.52 16.36 55.42
N THR E 421 11.80 16.58 55.76
CA THR E 421 12.23 17.83 56.36
C THR E 421 12.31 18.97 55.34
N THR E 422 12.34 18.64 54.05
CA THR E 422 12.17 19.69 53.04
C THR E 422 10.73 20.19 53.02
N VAL E 423 9.78 19.27 53.08
CA VAL E 423 8.36 19.65 53.13
C VAL E 423 8.02 20.27 54.47
N ASP E 424 8.52 19.69 55.56
CA ASP E 424 8.19 20.14 56.90
C ASP E 424 9.40 19.99 57.80
N PRO E 425 10.23 21.04 57.91
CA PRO E 425 11.44 20.93 58.75
C PRO E 425 11.17 20.64 60.23
N ASN E 426 9.93 20.79 60.69
N ASN E 426 9.94 20.80 60.71
CA ASN E 426 9.58 20.59 62.09
CA ASN E 426 9.65 20.56 62.12
C ASN E 426 9.02 19.20 62.39
C ASN E 426 8.92 19.25 62.35
N SER E 427 8.99 18.32 61.39
CA SER E 427 8.36 17.01 61.58
C SER E 427 9.05 16.24 62.70
N SER E 428 8.23 15.62 63.55
CA SER E 428 8.72 14.75 64.62
C SER E 428 8.58 13.27 64.27
N THR E 429 8.48 12.94 62.97
CA THR E 429 8.21 11.57 62.54
C THR E 429 9.16 11.15 61.43
N THR E 430 10.42 11.60 61.49
CA THR E 430 11.43 11.08 60.58
C THR E 430 11.93 9.72 61.08
N ALA E 431 12.60 9.00 60.19
CA ALA E 431 12.88 7.58 60.39
C ALA E 431 14.27 7.30 60.96
N LEU E 432 15.32 7.93 60.43
CA LEU E 432 16.67 7.55 60.84
C LEU E 432 16.97 8.00 62.27
N THR E 433 16.63 9.24 62.62
CA THR E 433 16.90 9.71 63.98
C THR E 433 16.17 8.82 64.98
N GLY E 434 16.93 8.22 65.90
CA GLY E 434 16.35 7.36 66.90
C GLY E 434 16.22 5.91 66.49
N SER E 435 16.79 5.51 65.36
CA SER E 435 16.74 4.14 64.91
C SER E 435 17.86 3.33 65.54
N THR E 436 17.65 2.00 65.61
CA THR E 436 18.69 1.11 66.07
C THR E 436 19.88 1.08 65.12
N GLU E 437 19.67 1.44 63.85
CA GLU E 437 20.78 1.47 62.91
C GLU E 437 21.77 2.57 63.29
N GLU E 438 21.28 3.80 63.49
CA GLU E 438 22.18 4.87 63.89
C GLU E 438 22.76 4.63 65.28
N GLY E 439 22.05 3.90 66.13
CA GLY E 439 22.49 3.66 67.49
C GLY E 439 23.42 2.46 67.66
N GLN E 440 23.30 1.46 66.79
CA GLN E 440 24.03 0.21 66.93
C GLN E 440 25.01 -0.08 65.80
N PHE E 441 25.01 0.71 64.73
CA PHE E 441 25.86 0.46 63.56
C PHE E 441 26.78 1.66 63.39
N HIS E 442 27.97 1.59 63.99
CA HIS E 442 28.95 2.66 63.88
C HIS E 442 29.63 2.60 62.51
N MET F 15 -28.92 -22.03 39.65
CA MET F 15 -29.52 -22.93 40.69
C MET F 15 -28.54 -24.04 41.04
N SER F 16 -27.28 -23.68 41.28
CA SER F 16 -26.25 -24.61 41.69
C SER F 16 -26.03 -24.53 43.19
N VAL F 17 -25.19 -25.44 43.70
CA VAL F 17 -24.89 -25.51 45.12
C VAL F 17 -23.40 -25.42 45.41
N VAL F 18 -22.56 -25.25 44.38
CA VAL F 18 -21.13 -25.08 44.58
C VAL F 18 -20.90 -23.73 45.26
N GLY F 19 -20.41 -23.76 46.50
CA GLY F 19 -20.13 -22.55 47.23
C GLY F 19 -21.27 -22.02 48.06
N THR F 20 -22.31 -22.82 48.29
CA THR F 20 -23.44 -22.36 49.09
C THR F 20 -22.94 -21.94 50.48
N PRO F 21 -23.27 -20.73 50.95
CA PRO F 21 -22.82 -20.33 52.29
C PRO F 21 -23.48 -21.18 53.36
N LYS F 22 -22.72 -21.47 54.42
CA LYS F 22 -23.25 -22.22 55.54
C LYS F 22 -24.16 -21.34 56.38
N SER F 23 -24.86 -21.97 57.32
CA SER F 23 -25.83 -21.28 58.16
C SER F 23 -25.17 -20.67 59.38
N ALA F 24 -25.83 -19.66 59.95
CA ALA F 24 -25.31 -19.01 61.14
C ALA F 24 -25.12 -20.00 62.28
N GLU F 25 -25.99 -21.01 62.37
CA GLU F 25 -25.87 -22.02 63.42
C GLU F 25 -24.61 -22.87 63.20
N GLN F 26 -24.35 -23.25 61.94
CA GLN F 26 -23.12 -23.96 61.64
C GLN F 26 -21.90 -23.13 62.03
N ILE F 27 -21.94 -21.82 61.75
CA ILE F 27 -20.84 -20.95 62.14
C ILE F 27 -20.75 -20.86 63.66
N GLN F 28 -21.90 -20.61 64.31
CA GLN F 28 -21.90 -20.47 65.77
C GLN F 28 -21.40 -21.74 66.44
N GLN F 29 -21.76 -22.90 65.90
CA GLN F 29 -21.31 -24.16 66.49
C GLN F 29 -19.80 -24.32 66.36
N GLU F 30 -19.23 -23.90 65.23
CA GLU F 30 -17.78 -23.94 65.08
C GLU F 30 -17.10 -23.11 66.15
N TRP F 31 -17.59 -21.89 66.37
CA TRP F 31 -16.99 -21.01 67.37
C TRP F 31 -17.07 -21.61 68.77
N ASP F 32 -18.07 -22.45 69.02
CA ASP F 32 -18.25 -23.06 70.33
C ASP F 32 -17.55 -24.41 70.45
N THR F 33 -17.56 -25.20 69.37
CA THR F 33 -17.04 -26.56 69.41
C THR F 33 -15.54 -26.59 69.12
N ASN F 34 -15.13 -26.05 67.98
CA ASN F 34 -13.75 -26.17 67.53
C ASN F 34 -12.80 -25.58 68.57
N PRO F 35 -11.82 -26.33 69.09
CA PRO F 35 -10.86 -25.73 70.02
C PRO F 35 -10.02 -24.62 69.41
N ARG F 36 -10.12 -24.40 68.10
CA ARG F 36 -9.37 -23.32 67.45
C ARG F 36 -9.73 -21.97 68.05
N TRP F 37 -10.94 -21.82 68.57
CA TRP F 37 -11.46 -20.54 69.05
C TRP F 37 -11.63 -20.53 70.57
N LYS F 38 -10.78 -21.25 71.29
CA LYS F 38 -10.96 -21.39 72.74
C LYS F 38 -10.92 -20.02 73.43
N ASP F 39 -9.91 -19.22 73.12
CA ASP F 39 -9.71 -17.92 73.74
C ASP F 39 -9.80 -16.80 72.70
N VAL F 40 -10.73 -16.93 71.77
CA VAL F 40 -10.94 -15.95 70.71
C VAL F 40 -12.27 -15.25 70.98
N THR F 41 -12.21 -13.95 71.22
CA THR F 41 -13.39 -13.15 71.49
C THR F 41 -13.81 -12.42 70.21
N ARG F 42 -15.09 -12.53 69.87
CA ARG F 42 -15.66 -11.88 68.70
C ARG F 42 -16.75 -10.91 69.15
N THR F 43 -16.55 -9.62 68.91
CA THR F 43 -17.54 -8.62 69.28
C THR F 43 -18.73 -8.59 68.34
N TYR F 44 -18.67 -9.31 67.22
CA TYR F 44 -19.79 -9.47 66.30
C TYR F 44 -20.35 -10.87 66.41
N SER F 45 -21.46 -11.11 65.71
CA SER F 45 -22.19 -12.35 65.81
C SER F 45 -22.00 -13.18 64.54
N ALA F 46 -22.53 -14.40 64.59
CA ALA F 46 -22.49 -15.29 63.44
C ALA F 46 -23.37 -14.77 62.31
N GLU F 47 -24.55 -14.24 62.64
CA GLU F 47 -25.43 -13.69 61.62
C GLU F 47 -24.76 -12.55 60.88
N ASP F 48 -23.99 -11.73 61.59
CA ASP F 48 -23.30 -10.61 60.94
C ASP F 48 -22.36 -11.12 59.84
N VAL F 49 -21.65 -12.21 60.11
CA VAL F 49 -20.76 -12.77 59.08
C VAL F 49 -21.58 -13.23 57.88
N VAL F 50 -22.64 -14.01 58.12
CA VAL F 50 -23.47 -14.51 57.03
C VAL F 50 -24.01 -13.36 56.19
N ALA F 51 -24.39 -12.26 56.85
CA ALA F 51 -24.99 -11.14 56.12
C ALA F 51 -24.05 -10.59 55.05
N LEU F 52 -22.73 -10.77 55.24
CA LEU F 52 -21.75 -10.20 54.34
C LEU F 52 -21.24 -11.19 53.30
N GLN F 53 -21.67 -12.45 53.35
CA GLN F 53 -21.14 -13.48 52.48
C GLN F 53 -21.84 -13.56 51.12
N GLY F 54 -22.91 -12.81 50.92
CA GLY F 54 -23.59 -12.89 49.63
C GLY F 54 -24.18 -14.26 49.40
N SER F 55 -24.28 -14.63 48.11
CA SER F 55 -24.86 -15.90 47.71
C SER F 55 -23.84 -17.01 47.54
N VAL F 56 -22.56 -16.66 47.39
CA VAL F 56 -21.51 -17.63 47.10
C VAL F 56 -20.28 -17.27 47.91
N VAL F 57 -19.65 -18.29 48.48
CA VAL F 57 -18.39 -18.14 49.21
C VAL F 57 -17.31 -18.88 48.44
N GLU F 58 -16.26 -18.14 48.05
CA GLU F 58 -15.13 -18.76 47.36
C GLU F 58 -14.30 -19.56 48.35
N GLU F 59 -13.95 -20.78 47.97
CA GLU F 59 -13.05 -21.62 48.75
C GLU F 59 -11.62 -21.13 48.52
N HIS F 60 -10.91 -20.86 49.62
CA HIS F 60 -9.52 -20.45 49.57
C HIS F 60 -8.69 -21.60 50.12
N THR F 61 -8.31 -22.51 49.23
CA THR F 61 -7.69 -23.78 49.63
C THR F 61 -6.39 -23.54 50.38
N LEU F 62 -5.44 -22.84 49.76
CA LEU F 62 -4.13 -22.67 50.37
C LEU F 62 -4.20 -21.90 51.67
N ALA F 63 -5.11 -20.91 51.75
CA ALA F 63 -5.27 -20.18 53.01
C ALA F 63 -5.80 -21.09 54.11
N ARG F 64 -6.73 -21.98 53.77
CA ARG F 64 -7.26 -22.92 54.75
C ARG F 64 -6.20 -23.92 55.17
N ARG F 65 -5.57 -24.57 54.20
CA ARG F 65 -4.55 -25.57 54.50
C ARG F 65 -3.42 -24.97 55.32
N GLY F 66 -2.94 -23.79 54.93
CA GLY F 66 -1.84 -23.17 55.66
C GLY F 66 -2.21 -22.80 57.08
N ALA F 67 -3.36 -22.16 57.25
CA ALA F 67 -3.78 -21.71 58.59
C ALA F 67 -4.02 -22.88 59.52
N GLU F 68 -4.42 -24.04 58.97
CA GLU F 68 -4.56 -25.24 59.79
C GLU F 68 -3.20 -25.84 60.12
N VAL F 69 -2.32 -25.95 59.12
CA VAL F 69 -1.00 -26.54 59.36
C VAL F 69 -0.18 -25.67 60.30
N LEU F 70 -0.19 -24.36 60.08
CA LEU F 70 0.55 -23.46 60.98
C LEU F 70 0.07 -23.62 62.41
N TRP F 71 -1.25 -23.56 62.62
CA TRP F 71 -1.80 -23.71 63.96
C TRP F 71 -1.43 -25.06 64.55
N GLU F 72 -1.49 -26.12 63.74
CA GLU F 72 -1.05 -27.43 64.20
C GLU F 72 0.40 -27.41 64.63
N GLN F 73 1.26 -26.75 63.85
CA GLN F 73 2.68 -26.77 64.14
C GLN F 73 3.02 -25.94 65.38
N LEU F 74 2.23 -24.88 65.65
CA LEU F 74 2.51 -24.06 66.82
C LEU F 74 2.25 -24.79 68.13
N HIS F 75 1.42 -25.83 68.12
CA HIS F 75 1.14 -26.61 69.32
C HIS F 75 1.90 -27.92 69.39
N ASP F 76 2.38 -28.44 68.26
CA ASP F 76 3.07 -29.71 68.24
C ASP F 76 4.60 -29.56 68.32
N LEU F 77 5.14 -28.47 67.80
CA LEU F 77 6.58 -28.29 67.74
C LEU F 77 7.08 -27.43 68.89
N GLU F 78 8.37 -27.55 69.17
CA GLU F 78 8.98 -26.74 70.22
C GLU F 78 8.79 -25.26 69.94
N TRP F 79 9.12 -24.82 68.73
CA TRP F 79 8.75 -23.50 68.24
C TRP F 79 8.81 -23.54 66.72
N VAL F 80 8.28 -22.49 66.11
CA VAL F 80 8.19 -22.38 64.65
C VAL F 80 9.06 -21.21 64.22
N ASN F 81 10.16 -21.51 63.54
CA ASN F 81 11.08 -20.48 63.08
C ASN F 81 10.97 -20.30 61.57
N ALA F 82 11.33 -19.11 61.11
CA ALA F 82 11.20 -18.77 59.70
C ALA F 82 12.19 -17.67 59.34
N LEU F 83 12.37 -17.46 58.04
CA LEU F 83 13.20 -16.40 57.50
C LEU F 83 12.37 -15.59 56.51
N GLY F 84 12.70 -14.30 56.39
CA GLY F 84 11.95 -13.44 55.49
C GLY F 84 12.28 -13.75 54.05
N ALA F 85 11.24 -13.87 53.22
CA ALA F 85 11.37 -14.19 51.80
C ALA F 85 10.69 -13.13 50.96
N LEU F 86 11.39 -12.66 49.93
CA LEU F 86 10.84 -11.66 49.02
C LEU F 86 10.71 -12.14 47.58
N THR F 87 11.15 -13.37 47.27
CA THR F 87 10.87 -13.97 45.97
C THR F 87 10.45 -15.41 46.17
N GLY F 88 9.80 -15.97 45.14
CA GLY F 88 9.34 -17.34 45.22
C GLY F 88 10.46 -18.34 45.38
N ASN F 89 11.55 -18.15 44.61
CA ASN F 89 12.69 -19.05 44.74
C ASN F 89 13.27 -19.04 46.14
N MET F 90 13.25 -17.88 46.82
CA MET F 90 13.73 -17.81 48.19
C MET F 90 12.97 -18.78 49.08
N ALA F 91 11.64 -18.75 49.00
CA ALA F 91 10.82 -19.63 49.82
C ALA F 91 11.10 -21.09 49.48
N VAL F 92 11.31 -21.40 48.21
CA VAL F 92 11.60 -22.77 47.80
C VAL F 92 12.83 -23.29 48.54
N GLN F 93 13.91 -22.49 48.54
CA GLN F 93 15.14 -22.94 49.17
C GLN F 93 14.99 -23.05 50.69
N GLN F 94 14.16 -22.18 51.29
CA GLN F 94 13.94 -22.27 52.73
C GLN F 94 13.25 -23.58 53.10
N VAL F 95 12.24 -23.98 52.31
CA VAL F 95 11.55 -25.24 52.57
C VAL F 95 12.45 -26.42 52.25
N ARG F 96 13.20 -26.34 51.15
CA ARG F 96 14.15 -27.40 50.82
C ARG F 96 15.13 -27.62 51.95
N ALA F 97 15.60 -26.55 52.59
CA ALA F 97 16.55 -26.66 53.68
C ALA F 97 15.92 -27.16 54.98
N GLY F 98 14.61 -27.39 55.00
CA GLY F 98 13.95 -27.98 56.15
C GLY F 98 13.05 -27.05 56.93
N LEU F 99 12.97 -25.77 56.58
CA LEU F 99 12.12 -24.86 57.33
C LEU F 99 10.65 -25.15 57.08
N LYS F 100 9.82 -24.86 58.09
CA LYS F 100 8.42 -25.25 58.09
C LYS F 100 7.48 -24.06 57.96
N ALA F 101 7.99 -22.86 57.74
CA ALA F 101 7.14 -21.69 57.61
C ALA F 101 7.89 -20.60 56.86
N ILE F 102 7.14 -19.73 56.19
CA ILE F 102 7.68 -18.62 55.41
C ILE F 102 7.22 -17.33 56.06
N TYR F 103 8.16 -16.45 56.38
CA TYR F 103 7.83 -15.09 56.81
C TYR F 103 7.91 -14.16 55.62
N LEU F 104 6.90 -13.31 55.46
CA LEU F 104 6.84 -12.36 54.35
C LEU F 104 6.96 -10.96 54.95
N SER F 105 8.15 -10.40 54.88
CA SER F 105 8.45 -9.10 55.47
C SER F 105 7.94 -7.99 54.58
N GLY F 106 7.14 -7.09 55.16
CA GLY F 106 6.78 -5.87 54.45
C GLY F 106 7.97 -4.98 54.19
N TRP F 107 8.95 -4.98 55.10
CA TRP F 107 10.19 -4.25 54.89
C TRP F 107 10.84 -4.65 53.58
N GLN F 108 11.09 -5.95 53.39
CA GLN F 108 11.71 -6.43 52.17
C GLN F 108 10.86 -6.09 50.95
N VAL F 109 9.53 -6.24 51.08
CA VAL F 109 8.63 -5.84 50.00
C VAL F 109 8.88 -4.38 49.63
N ALA F 110 8.91 -3.50 50.63
CA ALA F 110 9.15 -2.09 50.38
C ALA F 110 10.51 -1.87 49.74
N GLY F 111 11.51 -2.63 50.17
CA GLY F 111 12.86 -2.40 49.72
C GLY F 111 13.15 -2.93 48.33
N ASP F 112 12.47 -4.00 47.91
CA ASP F 112 12.88 -4.64 46.66
C ASP F 112 11.81 -5.52 46.02
N ALA F 113 10.53 -5.38 46.37
CA ALA F 113 9.52 -6.25 45.78
C ALA F 113 8.10 -5.71 45.95
N ASN F 114 7.86 -4.46 45.54
CA ASN F 114 6.54 -3.85 45.65
C ASN F 114 6.07 -3.39 44.27
N LEU F 115 4.75 -3.22 44.15
CA LEU F 115 4.10 -3.02 42.86
C LEU F 115 4.26 -1.62 42.29
N SER F 116 5.01 -0.74 42.96
CA SER F 116 5.33 0.57 42.39
C SER F 116 6.60 0.55 41.56
N GLY F 117 7.39 -0.51 41.65
CA GLY F 117 8.68 -0.57 40.99
C GLY F 117 9.80 0.17 41.69
N HIS F 118 9.53 0.88 42.79
CA HIS F 118 10.53 1.70 43.45
C HIS F 118 11.08 1.03 44.70
N THR F 119 12.26 1.48 45.10
CA THR F 119 12.84 1.11 46.38
C THR F 119 12.39 2.12 47.45
N TYR F 120 11.81 1.60 48.53
CA TYR F 120 11.24 2.44 49.58
C TYR F 120 11.79 2.05 50.93
N PRO F 121 11.91 3.00 51.85
CA PRO F 121 12.03 2.65 53.27
C PRO F 121 10.71 2.13 53.80
N ASP F 122 10.77 1.53 54.99
CA ASP F 122 9.64 0.80 55.55
C ASP F 122 8.66 1.77 56.21
N GLN F 123 7.89 2.48 55.39
CA GLN F 123 6.95 3.47 55.89
C GLN F 123 5.60 3.42 55.18
N SER F 124 5.17 2.23 54.75
CA SER F 124 3.86 2.05 54.10
C SER F 124 3.71 2.96 52.89
N LEU F 125 4.76 3.05 52.07
CA LEU F 125 4.72 3.86 50.87
C LEU F 125 4.20 3.13 49.64
N TYR F 126 4.28 1.80 49.62
CA TYR F 126 3.98 1.06 48.41
C TYR F 126 2.50 0.74 48.29
N PRO F 127 2.03 0.39 47.09
CA PRO F 127 0.61 0.05 46.92
C PRO F 127 0.18 -1.10 47.82
N ALA F 128 -1.01 -0.97 48.40
CA ALA F 128 -1.47 -1.85 49.47
C ALA F 128 -1.65 -3.30 49.05
N ASN F 129 -1.65 -3.61 47.75
CA ASN F 129 -1.80 -4.99 47.29
C ASN F 129 -0.46 -5.61 46.89
N SER F 130 0.65 -5.08 47.40
CA SER F 130 1.96 -5.62 47.06
C SER F 130 2.26 -6.91 47.81
N VAL F 131 2.06 -6.91 49.14
CA VAL F 131 2.27 -8.12 49.90
C VAL F 131 1.36 -9.25 49.43
N PRO F 132 0.05 -9.04 49.26
CA PRO F 132 -0.80 -10.14 48.74
C PRO F 132 -0.24 -10.83 47.50
N GLN F 133 0.32 -10.07 46.55
CA GLN F 133 0.84 -10.69 45.34
C GLN F 133 2.10 -11.50 45.62
N VAL F 134 2.90 -11.10 46.61
CA VAL F 134 4.07 -11.89 46.98
C VAL F 134 3.64 -13.17 47.69
N VAL F 135 2.55 -13.11 48.45
CA VAL F 135 1.96 -14.33 49.01
C VAL F 135 1.60 -15.29 47.89
N ARG F 136 0.86 -14.80 46.89
CA ARG F 136 0.49 -15.62 45.74
C ARG F 136 1.73 -16.13 45.03
N ARG F 137 2.73 -15.27 44.85
CA ARG F 137 3.95 -15.67 44.15
C ARG F 137 4.64 -16.81 44.88
N ILE F 138 4.77 -16.69 46.20
CA ILE F 138 5.46 -17.72 46.99
C ILE F 138 4.72 -19.04 46.89
N ASN F 139 3.38 -19.01 47.00
CA ASN F 139 2.61 -20.24 46.86
C ASN F 139 2.82 -20.86 45.49
N ASN F 140 2.76 -20.06 44.42
CA ASN F 140 2.99 -20.58 43.08
C ASN F 140 4.35 -21.25 42.98
N ALA F 141 5.38 -20.65 43.59
CA ALA F 141 6.72 -21.23 43.52
C ALA F 141 6.80 -22.53 44.33
N LEU F 142 6.21 -22.54 45.52
CA LEU F 142 6.18 -23.78 46.30
C LEU F 142 5.38 -24.85 45.57
N GLN F 143 4.26 -24.47 44.95
CA GLN F 143 3.47 -25.43 44.18
C GLN F 143 4.29 -26.01 43.05
N ARG F 144 5.11 -25.20 42.38
CA ARG F 144 5.94 -25.72 41.31
C ARG F 144 6.92 -26.75 41.84
N ALA F 145 7.57 -26.45 42.97
CA ALA F 145 8.45 -27.44 43.60
C ALA F 145 7.67 -28.67 44.04
N ASP F 146 6.41 -28.50 44.44
CA ASP F 146 5.59 -29.64 44.82
C ASP F 146 5.27 -30.51 43.60
N GLN F 147 5.07 -29.88 42.44
CA GLN F 147 4.80 -30.64 41.23
C GLN F 147 6.08 -31.30 40.71
N ILE F 148 7.20 -30.58 40.74
CA ILE F 148 8.47 -31.14 40.30
C ILE F 148 8.82 -32.35 41.16
N ALA F 149 8.75 -32.19 42.47
CA ALA F 149 9.09 -33.29 43.37
C ALA F 149 8.27 -34.53 43.08
N LYS F 150 7.02 -34.37 42.65
CA LYS F 150 6.15 -35.51 42.45
C LYS F 150 6.58 -36.34 41.26
N ILE F 151 6.97 -35.69 40.16
CA ILE F 151 7.38 -36.42 38.97
C ILE F 151 8.81 -36.93 39.09
N GLU F 152 9.62 -36.35 39.97
CA GLU F 152 10.99 -36.81 40.19
C GLU F 152 11.09 -37.87 41.28
N GLY F 153 9.98 -38.24 41.92
CA GLY F 153 10.04 -39.16 43.02
C GLY F 153 10.72 -38.60 44.26
N ASP F 154 10.76 -37.28 44.40
CA ASP F 154 11.45 -36.64 45.50
C ASP F 154 10.51 -36.57 46.70
N THR F 155 10.84 -37.29 47.77
CA THR F 155 10.10 -37.26 49.02
C THR F 155 10.92 -36.64 50.15
N SER F 156 11.94 -35.84 49.81
CA SER F 156 12.78 -35.23 50.83
C SER F 156 11.96 -34.32 51.74
N VAL F 157 11.13 -33.46 51.14
CA VAL F 157 10.29 -32.52 51.87
C VAL F 157 8.92 -33.14 52.05
N GLU F 158 8.44 -33.21 53.30
CA GLU F 158 7.14 -33.80 53.56
C GLU F 158 6.02 -32.86 53.14
N ASN F 159 6.20 -31.56 53.32
CA ASN F 159 5.19 -30.56 53.00
C ASN F 159 5.85 -29.39 52.29
N TRP F 160 5.59 -29.25 50.99
CA TRP F 160 6.13 -28.12 50.24
C TRP F 160 5.33 -26.85 50.48
N LEU F 161 4.03 -26.96 50.74
CA LEU F 161 3.18 -25.79 50.98
C LEU F 161 3.30 -25.37 52.44
N ALA F 162 4.44 -24.79 52.75
CA ALA F 162 4.67 -24.30 54.11
C ALA F 162 3.79 -23.08 54.36
N PRO F 163 3.24 -22.93 55.57
CA PRO F 163 2.42 -21.75 55.86
C PRO F 163 3.21 -20.47 55.74
N ILE F 164 2.53 -19.42 55.30
CA ILE F 164 3.12 -18.10 55.11
C ILE F 164 2.55 -17.15 56.16
N VAL F 165 3.45 -16.46 56.86
CA VAL F 165 3.07 -15.37 57.75
C VAL F 165 3.43 -14.08 57.05
N ALA F 166 2.43 -13.28 56.72
CA ALA F 166 2.61 -12.07 55.93
C ALA F 166 2.41 -10.83 56.80
N ASP F 167 2.85 -9.69 56.27
CA ASP F 167 2.92 -8.44 57.00
C ASP F 167 1.76 -7.55 56.57
N GLY F 168 0.83 -7.29 57.50
CA GLY F 168 -0.25 -6.36 57.28
C GLY F 168 0.07 -4.92 57.60
N GLU F 169 1.20 -4.67 58.24
CA GLU F 169 1.67 -3.31 58.58
C GLU F 169 0.61 -2.66 59.47
N ALA F 170 0.17 -1.43 59.17
CA ALA F 170 -0.86 -0.77 59.96
C ALA F 170 -2.20 -0.72 59.23
N GLY F 171 -2.40 -1.57 58.23
CA GLY F 171 -3.66 -1.64 57.52
C GLY F 171 -3.81 -0.68 56.37
N PHE F 172 -2.84 0.23 56.16
CA PHE F 172 -2.90 1.20 55.07
C PHE F 172 -4.16 2.05 55.15
N GLY F 173 -4.53 2.44 56.36
CA GLY F 173 -5.67 3.32 56.55
C GLY F 173 -6.57 2.91 57.70
N GLY F 174 -7.88 2.92 57.44
CA GLY F 174 -8.87 2.60 58.44
C GLY F 174 -9.20 1.12 58.49
N ALA F 175 -10.33 0.81 59.13
CA ALA F 175 -10.72 -0.59 59.31
C ALA F 175 -11.04 -1.27 57.99
N LEU F 176 -11.65 -0.53 57.05
CA LEU F 176 -11.98 -1.12 55.77
C LEU F 176 -10.73 -1.39 54.94
N ASN F 177 -9.69 -0.57 55.10
CA ASN F 177 -8.41 -0.89 54.49
C ASN F 177 -7.81 -2.14 55.11
N VAL F 178 -7.86 -2.25 56.44
CA VAL F 178 -7.46 -3.48 57.10
C VAL F 178 -8.24 -4.66 56.52
N TYR F 179 -9.56 -4.50 56.43
CA TYR F 179 -10.40 -5.58 55.93
C TYR F 179 -9.97 -6.03 54.55
N GLU F 180 -9.75 -5.07 53.64
CA GLU F 180 -9.42 -5.42 52.26
C GLU F 180 -8.03 -6.03 52.17
N LEU F 181 -7.11 -5.63 53.04
CA LEU F 181 -5.78 -6.24 53.01
C LEU F 181 -5.83 -7.68 53.48
N GLN F 182 -6.53 -7.94 54.59
CA GLN F 182 -6.69 -9.32 55.06
C GLN F 182 -7.35 -10.19 54.00
N LYS F 183 -8.39 -9.67 53.34
CA LYS F 183 -9.10 -10.45 52.33
C LYS F 183 -8.19 -10.78 51.15
N ALA F 184 -7.37 -9.83 50.71
CA ALA F 184 -6.48 -10.09 49.59
C ALA F 184 -5.39 -11.09 49.98
N LEU F 185 -4.91 -11.00 51.22
CA LEU F 185 -3.91 -11.97 51.69
C LEU F 185 -4.48 -13.38 51.68
N ILE F 186 -5.74 -13.53 52.13
CA ILE F 186 -6.38 -14.84 52.17
C ILE F 186 -6.56 -15.39 50.76
N ALA F 187 -7.08 -14.57 49.85
CA ALA F 187 -7.31 -15.03 48.48
C ALA F 187 -6.02 -15.54 47.84
N ALA F 188 -4.88 -14.98 48.24
CA ALA F 188 -3.58 -15.39 47.70
C ALA F 188 -2.99 -16.58 48.45
N GLY F 189 -3.59 -17.01 49.55
CA GLY F 189 -3.19 -18.22 50.24
C GLY F 189 -2.39 -18.04 51.51
N VAL F 190 -2.49 -16.89 52.19
CA VAL F 190 -1.71 -16.67 53.39
C VAL F 190 -2.23 -17.56 54.51
N ALA F 191 -1.33 -17.92 55.43
CA ALA F 191 -1.72 -18.67 56.62
C ALA F 191 -1.86 -17.78 57.86
N GLY F 192 -1.10 -16.69 57.92
CA GLY F 192 -1.18 -15.79 59.07
C GLY F 192 -0.75 -14.40 58.67
N SER F 193 -1.28 -13.40 59.39
CA SER F 193 -0.96 -12.02 59.14
C SER F 193 -0.89 -11.28 60.47
N HIS F 194 0.06 -10.37 60.60
CA HIS F 194 0.26 -9.61 61.83
C HIS F 194 -0.04 -8.14 61.58
N TRP F 195 -0.48 -7.47 62.63
CA TRP F 195 -0.96 -6.09 62.55
C TRP F 195 -0.43 -5.28 63.72
N GLU F 196 0.00 -4.06 63.44
CA GLU F 196 0.68 -3.21 64.42
C GLU F 196 -0.17 -1.99 64.75
N ASP F 197 0.02 -1.48 65.96
CA ASP F 197 -0.79 -0.38 66.49
C ASP F 197 -0.10 0.97 66.22
N GLN F 198 0.16 1.23 64.95
CA GLN F 198 0.77 2.48 64.50
C GLN F 198 -0.21 3.25 63.62
N LEU F 199 -0.04 4.57 63.62
CA LEU F 199 -0.77 5.41 62.66
C LEU F 199 -0.30 5.08 61.25
N ALA F 200 -1.23 4.71 60.38
CA ALA F 200 -0.86 4.22 59.05
C ALA F 200 -0.08 5.27 58.27
N SER F 201 -0.47 6.54 58.38
CA SER F 201 0.17 7.59 57.61
C SER F 201 1.60 7.86 58.05
N GLU F 202 2.00 7.40 59.24
CA GLU F 202 3.36 7.59 59.75
C GLU F 202 4.01 6.26 60.11
N LYS F 203 3.57 5.18 59.48
CA LYS F 203 4.08 3.85 59.78
C LYS F 203 5.59 3.81 59.66
N LYS F 204 6.22 3.10 60.58
CA LYS F 204 7.67 2.91 60.56
C LYS F 204 8.01 1.45 60.78
N GLY F 206 9.75 -1.22 63.09
CA GLY F 206 9.78 -1.21 64.55
C GLY F 206 11.05 -0.63 65.14
N HIS F 207 12.12 -0.62 64.35
CA HIS F 207 13.42 -0.16 64.81
C HIS F 207 13.87 1.11 64.11
N LEU F 208 12.95 1.81 63.45
CA LEU F 208 13.17 3.18 63.00
C LEU F 208 12.59 4.15 64.02
N GLY F 209 12.95 5.42 63.88
CA GLY F 209 12.44 6.46 64.75
C GLY F 209 11.12 7.04 64.26
N GLY F 210 10.59 7.98 65.04
CA GLY F 210 9.40 8.70 64.65
C GLY F 210 8.16 7.84 64.53
N LYS F 211 7.98 6.89 65.44
CA LYS F 211 6.77 6.07 65.45
C LYS F 211 5.66 6.78 66.19
N VAL F 212 4.43 6.58 65.73
CA VAL F 212 3.25 7.18 66.33
C VAL F 212 2.24 6.06 66.60
N LEU F 213 1.87 5.90 67.87
CA LEU F 213 0.86 4.91 68.24
C LEU F 213 -0.54 5.44 67.95
N ILE F 214 -1.49 4.51 67.85
CA ILE F 214 -2.91 4.84 67.79
C ILE F 214 -3.54 4.31 69.07
N PRO F 215 -4.70 4.80 69.47
CA PRO F 215 -5.28 4.36 70.75
C PRO F 215 -5.45 2.85 70.80
N THR F 216 -5.37 2.31 72.02
CA THR F 216 -5.50 0.87 72.21
C THR F 216 -6.76 0.34 71.51
N GLN F 217 -7.88 1.03 71.71
CA GLN F 217 -9.13 0.59 71.12
C GLN F 217 -9.06 0.59 69.61
N GLN F 218 -8.38 1.57 69.02
CA GLN F 218 -8.32 1.65 67.56
C GLN F 218 -7.63 0.42 66.98
N HIS F 219 -6.65 -0.14 67.70
CA HIS F 219 -6.03 -1.37 67.23
C HIS F 219 -6.92 -2.57 67.45
N ILE F 220 -7.77 -2.52 68.48
CA ILE F 220 -8.75 -3.60 68.66
C ILE F 220 -9.70 -3.65 67.47
N ARG F 221 -10.08 -2.49 66.94
CA ARG F 221 -10.84 -2.47 65.69
C ARG F 221 -10.06 -3.15 64.58
N THR F 222 -8.76 -2.88 64.49
CA THR F 222 -7.93 -3.52 63.48
C THR F 222 -7.98 -5.03 63.62
N LEU F 223 -7.84 -5.54 64.84
CA LEU F 223 -7.79 -6.99 65.05
C LEU F 223 -9.16 -7.62 64.85
N THR F 224 -10.23 -6.92 65.21
CA THR F 224 -11.58 -7.44 64.97
C THR F 224 -11.94 -7.36 63.49
N SER F 225 -11.49 -6.30 62.80
CA SER F 225 -11.71 -6.22 61.36
C SER F 225 -10.93 -7.31 60.62
N ALA F 226 -9.72 -7.60 61.08
CA ALA F 226 -8.94 -8.67 60.46
C ALA F 226 -9.59 -10.03 60.71
N ARG F 227 -10.07 -10.27 61.92
CA ARG F 227 -10.76 -11.53 62.21
C ARG F 227 -12.04 -11.65 61.40
N LEU F 228 -12.73 -10.52 61.19
CA LEU F 228 -13.97 -10.56 60.44
C LEU F 228 -13.74 -10.95 58.99
N ALA F 229 -12.75 -10.33 58.35
CA ALA F 229 -12.46 -10.67 56.96
C ALA F 229 -12.15 -12.15 56.81
N ALA F 230 -11.45 -12.74 57.77
CA ALA F 230 -11.21 -14.17 57.75
C ALA F 230 -12.50 -14.95 57.93
N ASP F 231 -13.39 -14.46 58.81
CA ASP F 231 -14.66 -15.15 59.04
C ASP F 231 -15.52 -15.12 57.78
N VAL F 232 -15.64 -13.96 57.14
CA VAL F 232 -16.42 -13.88 55.91
C VAL F 232 -15.80 -14.75 54.83
N ALA F 233 -14.48 -14.91 54.86
CA ALA F 233 -13.79 -15.81 53.93
C ALA F 233 -13.82 -17.25 54.41
N ASP F 234 -14.36 -17.53 55.59
CA ASP F 234 -14.55 -18.91 56.07
C ASP F 234 -13.24 -19.66 56.14
N VAL F 235 -12.20 -19.00 56.65
CA VAL F 235 -10.89 -19.64 56.83
C VAL F 235 -10.33 -19.25 58.19
N PRO F 236 -9.69 -20.18 58.93
CA PRO F 236 -9.20 -19.90 60.29
C PRO F 236 -7.84 -19.21 60.32
N THR F 237 -7.71 -18.10 59.59
CA THR F 237 -6.45 -17.39 59.49
C THR F 237 -5.89 -17.09 60.88
N VAL F 238 -4.59 -17.29 61.03
CA VAL F 238 -3.90 -16.96 62.28
C VAL F 238 -3.68 -15.45 62.33
N VAL F 239 -4.14 -14.81 63.38
CA VAL F 239 -4.07 -13.35 63.53
C VAL F 239 -3.08 -13.02 64.64
N ILE F 240 -2.12 -12.15 64.32
CA ILE F 240 -1.07 -11.77 65.25
C ILE F 240 -1.18 -10.27 65.51
N ALA F 241 -1.07 -9.88 66.77
CA ALA F 241 -1.10 -8.47 67.16
C ALA F 241 0.30 -8.02 67.55
N ARG F 242 0.74 -6.93 66.95
CA ARG F 242 2.03 -6.33 67.24
C ARG F 242 1.83 -4.97 67.89
N THR F 243 2.68 -4.66 68.87
CA THR F 243 2.68 -3.36 69.54
C THR F 243 4.04 -2.71 69.40
N ASP F 244 4.04 -1.43 69.05
CA ASP F 244 5.26 -0.64 68.90
C ASP F 244 5.45 0.35 70.05
N ALA F 245 4.96 0.00 71.24
CA ALA F 245 4.97 0.93 72.37
C ALA F 245 6.30 0.98 73.11
N GLU F 246 7.22 0.06 72.85
CA GLU F 246 8.48 0.05 73.58
C GLU F 246 9.29 1.31 73.33
N ALA F 247 9.20 1.87 72.12
CA ALA F 247 9.99 3.04 71.75
C ALA F 247 9.18 4.21 71.23
N ALA F 248 7.93 4.02 70.84
CA ALA F 248 7.14 5.11 70.28
C ALA F 248 6.87 6.16 71.35
N THR F 249 7.30 7.39 71.09
CA THR F 249 7.11 8.50 72.01
C THR F 249 5.85 9.30 71.70
N LEU F 250 5.11 8.95 70.65
CA LEU F 250 3.97 9.71 70.18
C LEU F 250 2.74 8.82 70.07
N ILE F 251 1.59 9.42 70.31
CA ILE F 251 0.30 8.78 70.15
C ILE F 251 -0.67 9.81 69.60
N THR F 252 -1.66 9.36 68.83
CA THR F 252 -2.53 10.29 68.12
C THR F 252 -3.56 10.95 69.04
N SER F 253 -4.03 10.25 70.06
CA SER F 253 -5.08 10.78 70.91
C SER F 253 -4.99 10.18 72.30
N ASP F 254 -5.55 10.90 73.27
CA ASP F 254 -5.59 10.47 74.66
C ASP F 254 -6.99 10.05 75.08
N VAL F 255 -7.86 9.72 74.13
CA VAL F 255 -9.26 9.45 74.45
C VAL F 255 -9.40 8.12 75.17
N ASP F 256 -8.50 7.17 74.90
CA ASP F 256 -8.60 5.84 75.50
C ASP F 256 -8.01 5.87 76.91
N GLU F 257 -8.83 5.52 77.90
CA GLU F 257 -8.38 5.59 79.29
C GLU F 257 -7.19 4.69 79.56
N ARG F 258 -6.99 3.65 78.75
CA ARG F 258 -5.88 2.73 78.97
C ARG F 258 -4.54 3.32 78.54
N ASP F 259 -4.54 4.31 77.66
CA ASP F 259 -3.32 4.96 77.21
C ASP F 259 -2.98 6.21 78.02
N GLN F 260 -3.91 6.73 78.81
CA GLN F 260 -3.72 7.97 79.56
C GLN F 260 -2.68 7.85 80.67
N PRO F 261 -2.56 6.71 81.34
CA PRO F 261 -1.52 6.58 82.38
C PRO F 261 -0.12 6.89 81.88
N PHE F 262 0.12 6.85 80.57
CA PHE F 262 1.43 7.13 79.99
C PHE F 262 1.48 8.46 79.27
N ILE F 263 0.38 9.20 79.24
CA ILE F 263 0.27 10.44 78.46
C ILE F 263 0.50 11.62 79.39
N THR F 264 1.19 12.64 78.90
CA THR F 264 1.55 13.82 79.68
C THR F 264 1.04 15.10 79.03
N GLY F 265 -0.15 15.04 78.43
CA GLY F 265 -0.82 16.24 77.95
C GLY F 265 -0.13 17.01 76.85
N GLU F 266 1.20 17.12 76.91
CA GLU F 266 1.94 17.91 75.94
C GLU F 266 1.77 17.36 74.53
N ARG F 267 1.64 18.26 73.56
CA ARG F 267 1.45 17.89 72.16
C ARG F 267 2.50 18.57 71.29
N THR F 268 2.81 17.91 70.17
CA THR F 268 3.75 18.43 69.19
C THR F 268 3.02 19.33 68.20
N ARG F 269 3.79 19.99 67.33
CA ARG F 269 3.23 20.88 66.33
C ARG F 269 2.11 20.19 65.54
N GLU F 270 2.33 18.94 65.14
CA GLU F 270 1.35 18.22 64.34
C GLU F 270 0.07 17.93 65.13
N GLY F 271 0.13 17.92 66.46
CA GLY F 271 -0.99 17.53 67.29
C GLY F 271 -0.86 16.18 67.94
N PHE F 272 0.31 15.55 67.90
CA PHE F 272 0.52 14.25 68.49
C PHE F 272 0.81 14.39 69.99
N TYR F 273 0.13 13.60 70.80
CA TYR F 273 0.40 13.56 72.23
C TYR F 273 1.68 12.79 72.51
N ARG F 274 2.39 13.22 73.55
CA ARG F 274 3.61 12.54 73.98
C ARG F 274 3.24 11.45 74.99
N THR F 275 3.77 10.25 74.78
CA THR F 275 3.51 9.12 75.65
C THR F 275 4.83 8.55 76.18
N LYS F 276 4.79 8.05 77.41
CA LYS F 276 5.96 7.42 78.02
C LYS F 276 6.14 6.02 77.44
N ASN F 277 7.23 5.81 76.73
CA ASN F 277 7.51 4.54 76.09
C ASN F 277 8.25 3.60 77.04
N GLY F 278 8.12 2.31 76.76
CA GLY F 278 8.79 1.29 77.54
C GLY F 278 8.03 -0.01 77.49
N ILE F 279 8.40 -0.92 78.39
CA ILE F 279 7.79 -2.24 78.42
C ILE F 279 6.43 -2.20 79.12
N GLU F 280 6.23 -1.27 80.05
CA GLU F 280 4.96 -1.21 80.77
C GLU F 280 3.79 -0.97 79.84
N PRO F 281 3.83 -0.04 78.89
CA PRO F 281 2.72 0.05 77.92
C PRO F 281 2.59 -1.18 77.03
N CYS F 282 3.71 -1.80 76.66
CA CYS F 282 3.64 -3.02 75.86
C CYS F 282 2.88 -4.12 76.59
N ILE F 283 3.13 -4.25 77.90
CA ILE F 283 2.43 -5.26 78.69
C ILE F 283 0.94 -4.93 78.75
N ALA F 284 0.60 -3.66 78.98
CA ALA F 284 -0.81 -3.28 79.08
C ALA F 284 -1.53 -3.53 77.76
N ARG F 285 -0.94 -3.10 76.65
CA ARG F 285 -1.60 -3.27 75.36
C ARG F 285 -1.68 -4.74 74.97
N ALA F 286 -0.63 -5.51 75.27
CA ALA F 286 -0.67 -6.95 74.99
C ALA F 286 -1.84 -7.61 75.71
N LYS F 287 -2.06 -7.26 76.98
CA LYS F 287 -3.20 -7.79 77.71
C LYS F 287 -4.51 -7.38 77.04
N ALA F 288 -4.59 -6.15 76.55
CA ALA F 288 -5.80 -5.69 75.89
C ALA F 288 -6.00 -6.38 74.55
N TYR F 289 -4.91 -6.84 73.93
CA TYR F 289 -4.99 -7.48 72.62
C TYR F 289 -5.22 -8.99 72.70
N ALA F 290 -4.93 -9.61 73.83
CA ALA F 290 -4.94 -11.08 73.91
C ALA F 290 -6.25 -11.71 73.46
N PRO F 291 -7.43 -11.21 73.85
CA PRO F 291 -8.67 -11.84 73.37
C PRO F 291 -8.84 -11.79 71.85
N PHE F 292 -8.07 -10.97 71.15
CA PHE F 292 -8.21 -10.79 69.71
C PHE F 292 -6.96 -11.17 68.93
N ALA F 293 -6.00 -11.85 69.56
CA ALA F 293 -4.71 -12.13 68.93
C ALA F 293 -4.32 -13.58 69.19
N ASP F 294 -4.12 -14.34 68.11
CA ASP F 294 -3.62 -15.71 68.24
C ASP F 294 -2.19 -15.73 68.75
N LEU F 295 -1.39 -14.73 68.36
CA LEU F 295 -0.08 -14.52 68.93
C LEU F 295 0.10 -13.03 69.18
N ILE F 296 0.92 -12.69 70.19
CA ILE F 296 1.21 -11.31 70.53
C ILE F 296 2.70 -11.08 70.37
N TRP F 297 3.05 -9.91 69.85
CA TRP F 297 4.42 -9.60 69.46
C TRP F 297 4.74 -8.19 69.91
N MET F 298 5.85 -8.05 70.62
CA MET F 298 6.33 -6.76 71.11
C MET F 298 7.65 -6.43 70.45
N GLU F 299 7.71 -5.30 69.76
CA GLU F 299 8.97 -4.82 69.21
C GLU F 299 9.83 -4.25 70.33
N THR F 300 11.13 -4.50 70.26
CA THR F 300 12.06 -4.07 71.29
C THR F 300 13.30 -3.48 70.62
N GLY F 301 14.15 -2.85 71.44
CA GLY F 301 15.31 -2.16 70.92
C GLY F 301 16.56 -3.00 70.84
N THR F 302 16.61 -4.10 71.59
CA THR F 302 17.79 -4.97 71.65
C THR F 302 17.34 -6.41 71.75
N PRO F 303 18.21 -7.36 71.37
CA PRO F 303 17.91 -8.78 71.62
C PRO F 303 18.26 -9.15 73.05
N ASP F 304 17.26 -9.17 73.92
CA ASP F 304 17.47 -9.36 75.37
C ASP F 304 16.60 -10.51 75.83
N LEU F 305 17.24 -11.59 76.28
CA LEU F 305 16.49 -12.75 76.77
C LEU F 305 15.71 -12.41 78.03
N GLU F 306 16.29 -11.59 78.90
CA GLU F 306 15.63 -11.28 80.17
C GLU F 306 14.41 -10.41 79.96
N ALA F 307 14.56 -9.31 79.21
CA ALA F 307 13.40 -8.46 78.91
C ALA F 307 12.33 -9.23 78.17
N ALA F 308 12.69 -10.32 77.48
CA ALA F 308 11.69 -11.14 76.81
C ALA F 308 10.88 -11.94 77.82
N ARG F 309 11.52 -12.44 78.88
CA ARG F 309 10.80 -13.16 79.92
C ARG F 309 9.94 -12.22 80.75
N GLN F 310 10.38 -10.97 80.92
CA GLN F 310 9.56 -10.00 81.64
C GLN F 310 8.24 -9.77 80.92
N PHE F 311 8.29 -9.62 79.59
CA PHE F 311 7.06 -9.49 78.81
C PHE F 311 6.25 -10.79 78.85
N SER F 312 6.93 -11.93 78.72
CA SER F 312 6.24 -13.22 78.67
C SER F 312 5.52 -13.52 79.96
N GLU F 313 6.20 -13.32 81.10
CA GLU F 313 5.58 -13.63 82.39
C GLU F 313 4.43 -12.68 82.69
N ALA F 314 4.56 -11.41 82.32
CA ALA F 314 3.51 -10.44 82.58
C ALA F 314 2.24 -10.80 81.81
N VAL F 315 2.39 -11.17 80.54
CA VAL F 315 1.21 -11.50 79.74
C VAL F 315 0.63 -12.85 80.17
N LYS F 316 1.50 -13.85 80.36
CA LYS F 316 1.02 -15.16 80.76
C LYS F 316 0.41 -15.16 82.16
N ALA F 317 0.74 -14.16 82.98
CA ALA F 317 0.13 -14.05 84.31
C ALA F 317 -1.37 -13.82 84.23
N GLU F 318 -1.86 -13.29 83.11
CA GLU F 318 -3.29 -13.16 82.87
C GLU F 318 -3.83 -14.16 81.86
N TYR F 319 -3.02 -14.54 80.86
CA TYR F 319 -3.41 -15.51 79.84
C TYR F 319 -2.26 -16.51 79.70
N PRO F 320 -2.19 -17.51 80.58
CA PRO F 320 -1.05 -18.45 80.52
C PRO F 320 -0.99 -19.27 79.25
N ASP F 321 -2.03 -19.27 78.42
CA ASP F 321 -2.03 -20.01 77.16
C ASP F 321 -1.86 -19.09 75.95
N GLN F 322 -1.49 -17.83 76.16
CA GLN F 322 -1.29 -16.90 75.05
C GLN F 322 0.07 -17.13 74.43
N MET F 323 0.08 -17.52 73.15
CA MET F 323 1.32 -17.70 72.43
C MET F 323 1.90 -16.35 72.03
N LEU F 324 3.22 -16.29 71.96
CA LEU F 324 3.92 -15.06 71.65
C LEU F 324 4.80 -15.25 70.42
N ALA F 325 5.20 -14.14 69.81
CA ALA F 325 6.06 -14.14 68.65
C ALA F 325 7.18 -13.13 68.86
N TYR F 326 8.40 -13.50 68.45
CA TYR F 326 9.57 -12.67 68.66
C TYR F 326 10.26 -12.39 67.33
N ASN F 327 10.70 -11.14 67.16
CA ASN F 327 11.36 -10.70 65.95
C ASN F 327 12.88 -10.76 66.17
N CYS F 328 13.51 -11.79 65.60
CA CYS F 328 14.97 -11.89 65.61
C CYS F 328 15.50 -11.01 64.49
N SER F 329 15.52 -9.70 64.76
CA SER F 329 15.65 -8.70 63.70
C SER F 329 17.12 -8.50 63.34
N PRO F 330 17.44 -8.43 62.05
CA PRO F 330 18.79 -7.99 61.64
C PRO F 330 19.05 -6.51 61.89
N SER F 331 18.06 -5.74 62.33
CA SER F 331 18.31 -4.36 62.74
C SER F 331 19.14 -4.28 64.01
N PHE F 332 19.32 -5.40 64.70
CA PHE F 332 20.22 -5.47 65.85
C PHE F 332 21.64 -5.80 65.38
N ASN F 333 22.62 -5.15 66.00
CA ASN F 333 24.02 -5.57 65.87
C ASN F 333 24.24 -6.67 66.89
N TRP F 334 24.15 -7.92 66.44
CA TRP F 334 24.01 -9.04 67.36
C TRP F 334 25.25 -9.24 68.22
N LYS F 335 26.44 -9.21 67.60
CA LYS F 335 27.66 -9.45 68.37
C LYS F 335 28.10 -8.23 69.17
N LYS F 336 27.54 -7.05 68.90
CA LYS F 336 27.76 -5.89 69.75
C LYS F 336 27.01 -6.00 71.07
N HIS F 337 26.10 -6.97 71.19
CA HIS F 337 25.26 -7.13 72.38
C HIS F 337 25.45 -8.46 73.09
N LEU F 338 25.59 -9.56 72.35
CA LEU F 338 25.57 -10.90 72.91
C LEU F 338 26.83 -11.66 72.53
N ASP F 339 27.20 -12.62 73.37
CA ASP F 339 28.27 -13.54 73.06
C ASP F 339 27.74 -14.73 72.26
N ASP F 340 28.66 -15.51 71.71
CA ASP F 340 28.26 -16.61 70.82
C ASP F 340 27.40 -17.65 71.53
N ALA F 341 27.67 -17.89 72.81
CA ALA F 341 26.89 -18.87 73.55
C ALA F 341 25.43 -18.46 73.64
N THR F 342 25.18 -17.19 73.99
CA THR F 342 23.80 -16.71 74.08
C THR F 342 23.13 -16.67 72.72
N ILE F 343 23.89 -16.36 71.66
CA ILE F 343 23.33 -16.38 70.32
C ILE F 343 22.90 -17.79 69.93
N ALA F 344 23.70 -18.79 70.30
CA ALA F 344 23.41 -20.16 69.90
C ALA F 344 22.12 -20.66 70.55
N LYS F 345 21.91 -20.32 71.83
CA LYS F 345 20.75 -20.77 72.58
C LYS F 345 19.60 -19.78 72.54
N PHE F 346 19.71 -18.70 71.76
CA PHE F 346 18.75 -17.61 71.83
C PHE F 346 17.33 -18.07 71.52
N GLN F 347 17.14 -18.66 70.33
CA GLN F 347 15.80 -19.10 69.94
C GLN F 347 15.28 -20.20 70.85
N LYS F 348 16.17 -21.09 71.33
CA LYS F 348 15.72 -22.16 72.21
C LYS F 348 15.22 -21.63 73.54
N GLU F 349 15.82 -20.54 74.03
CA GLU F 349 15.40 -19.98 75.31
C GLU F 349 14.08 -19.21 75.19
N LEU F 350 13.86 -18.55 74.05
CA LEU F 350 12.60 -17.84 73.85
C LEU F 350 11.43 -18.81 73.74
N ALA F 351 11.64 -19.96 73.09
CA ALA F 351 10.57 -20.93 72.95
C ALA F 351 10.07 -21.41 74.30
N ALA F 352 10.98 -21.57 75.26
CA ALA F 352 10.57 -21.98 76.60
C ALA F 352 9.70 -20.93 77.27
N MET F 353 9.91 -19.66 76.95
CA MET F 353 9.10 -18.58 77.50
C MET F 353 7.74 -18.46 76.83
N GLY F 354 7.48 -19.23 75.78
CA GLY F 354 6.22 -19.17 75.06
C GLY F 354 6.30 -18.49 73.71
N PHE F 355 7.47 -18.01 73.30
CA PHE F 355 7.63 -17.39 71.98
C PHE F 355 7.67 -18.51 70.94
N LYS F 356 6.49 -18.89 70.44
CA LYS F 356 6.34 -20.05 69.59
C LYS F 356 6.48 -19.73 68.10
N PHE F 357 6.67 -18.48 67.74
CA PHE F 357 6.95 -18.10 66.35
C PHE F 357 8.06 -17.06 66.36
N GLN F 358 9.22 -17.42 65.86
CA GLN F 358 10.38 -16.55 65.78
C GLN F 358 10.84 -16.46 64.34
N PHE F 359 11.31 -15.28 63.94
CA PHE F 359 11.57 -15.04 62.52
C PHE F 359 12.62 -13.97 62.34
N ILE F 360 13.59 -14.24 61.46
CA ILE F 360 14.56 -13.24 61.03
C ILE F 360 13.95 -12.49 59.85
N THR F 361 13.60 -11.23 60.07
CA THR F 361 12.71 -10.52 59.14
C THR F 361 13.40 -10.18 57.84
N LEU F 362 14.62 -9.66 57.90
CA LEU F 362 15.33 -9.18 56.71
C LEU F 362 16.39 -10.17 56.23
N ALA F 363 16.23 -11.46 56.54
CA ALA F 363 17.21 -12.46 56.11
C ALA F 363 17.32 -12.47 54.59
N GLY F 364 16.20 -12.38 53.90
CA GLY F 364 16.23 -12.38 52.45
C GLY F 364 16.96 -11.17 51.87
N PHE F 365 16.70 -9.98 52.42
CA PHE F 365 17.37 -8.79 51.93
C PHE F 365 18.88 -8.91 52.05
N HIS F 366 19.37 -9.43 53.18
CA HIS F 366 20.81 -9.48 53.39
C HIS F 366 21.45 -10.64 52.64
N ALA F 367 20.79 -11.80 52.58
CA ALA F 367 21.30 -12.89 51.77
C ALA F 367 21.41 -12.48 50.31
N LEU F 368 20.40 -11.77 49.80
CA LEU F 368 20.41 -11.37 48.39
C LEU F 368 21.45 -10.30 48.13
N ASN F 369 21.45 -9.25 48.94
CA ASN F 369 22.36 -8.14 48.69
C ASN F 369 23.81 -8.55 48.87
N TYR F 370 24.12 -9.28 49.94
CA TYR F 370 25.50 -9.66 50.18
C TYR F 370 26.00 -10.63 49.12
N SER F 371 25.24 -11.68 48.84
CA SER F 371 25.73 -12.69 47.90
C SER F 371 26.04 -12.07 46.55
N MET F 372 25.19 -11.16 46.08
CA MET F 372 25.45 -10.53 44.80
C MET F 372 26.62 -9.56 44.85
N PHE F 373 26.80 -8.86 45.98
CA PHE F 373 27.97 -7.99 46.10
C PHE F 373 29.26 -8.80 46.10
N ASP F 374 29.29 -9.89 46.88
CA ASP F 374 30.46 -10.74 46.93
C ASP F 374 30.77 -11.31 45.55
N LEU F 375 29.75 -11.81 44.86
CA LEU F 375 29.96 -12.36 43.51
C LEU F 375 30.42 -11.26 42.55
N ALA F 376 29.72 -10.13 42.54
CA ALA F 376 30.04 -9.07 41.60
C ALA F 376 31.43 -8.48 41.86
N TYR F 377 31.84 -8.38 43.14
CA TYR F 377 33.15 -7.85 43.45
C TYR F 377 34.25 -8.73 42.88
N GLY F 378 34.20 -10.03 43.19
CA GLY F 378 35.18 -10.95 42.62
C GLY F 378 35.12 -10.98 41.10
N TYR F 379 33.90 -10.92 40.55
CA TYR F 379 33.74 -10.89 39.10
C TYR F 379 34.43 -9.68 38.49
N ALA F 380 34.31 -8.52 39.15
CA ALA F 380 35.00 -7.32 38.68
C ALA F 380 36.52 -7.50 38.67
N GLN F 381 37.05 -8.36 39.55
CA GLN F 381 38.49 -8.58 39.65
C GLN F 381 38.97 -9.77 38.83
N ASN F 382 38.29 -10.92 38.93
CA ASN F 382 38.76 -12.17 38.34
C ASN F 382 37.86 -12.69 37.22
N GLN F 383 36.69 -12.08 37.00
CA GLN F 383 35.75 -12.50 35.96
C GLN F 383 35.31 -13.93 36.27
N MET F 384 35.57 -14.91 35.40
CA MET F 384 34.92 -16.21 35.53
C MET F 384 35.36 -16.96 36.78
N SER F 385 36.61 -16.76 37.22
CA SER F 385 37.09 -17.44 38.42
C SER F 385 36.15 -17.19 39.59
N ALA F 386 35.60 -15.98 39.68
CA ALA F 386 34.69 -15.66 40.78
C ALA F 386 33.42 -16.49 40.71
N TYR F 387 32.87 -16.67 39.51
CA TYR F 387 31.61 -17.41 39.41
C TYR F 387 31.84 -18.91 39.55
N VAL F 388 32.90 -19.44 38.96
CA VAL F 388 33.17 -20.87 39.09
C VAL F 388 33.28 -21.28 40.56
N GLU F 389 33.79 -20.38 41.41
CA GLU F 389 33.79 -20.66 42.84
C GLU F 389 32.38 -20.86 43.36
N LEU F 390 31.43 -20.04 42.90
CA LEU F 390 30.05 -20.19 43.33
C LEU F 390 29.45 -21.50 42.82
N GLN F 391 29.63 -21.79 41.53
CA GLN F 391 29.10 -23.03 40.97
C GLN F 391 29.66 -24.24 41.69
N GLU F 392 30.95 -24.19 42.04
CA GLU F 392 31.56 -25.33 42.75
C GLU F 392 31.05 -25.43 44.18
N ARG F 393 30.71 -24.30 44.81
CA ARG F 393 30.05 -24.37 46.10
C ARG F 393 28.65 -24.95 45.97
N GLU F 394 27.95 -24.64 44.87
CA GLU F 394 26.66 -25.25 44.61
C GLU F 394 26.80 -26.75 44.43
N PHE F 395 27.79 -27.20 43.65
CA PHE F 395 28.04 -28.63 43.50
C PHE F 395 28.28 -29.29 44.85
N ALA F 396 29.05 -28.62 45.71
CA ALA F 396 29.34 -29.18 47.03
C ALA F 396 28.11 -29.20 47.93
N ALA F 397 27.13 -28.34 47.69
CA ALA F 397 25.95 -28.29 48.52
C ALA F 397 24.94 -29.38 48.20
N GLU F 398 25.14 -30.11 47.10
CA GLU F 398 24.18 -31.17 46.75
C GLU F 398 24.16 -32.25 47.82
N GLU F 399 25.27 -32.46 48.52
CA GLU F 399 25.29 -33.43 49.61
C GLU F 399 24.31 -33.04 50.71
N ARG F 400 24.07 -31.74 50.87
CA ARG F 400 23.14 -31.23 51.88
C ARG F 400 21.71 -31.17 51.38
N GLY F 401 21.46 -31.54 50.12
CA GLY F 401 20.13 -31.50 49.55
C GLY F 401 19.88 -30.38 48.56
N TYR F 402 20.90 -29.61 48.20
CA TYR F 402 20.74 -28.50 47.29
C TYR F 402 20.57 -29.01 45.87
N THR F 403 19.53 -28.55 45.19
CA THR F 403 19.19 -29.05 43.86
C THR F 403 19.24 -27.99 42.77
N ALA F 404 19.33 -26.70 43.12
CA ALA F 404 19.19 -25.65 42.12
C ALA F 404 20.41 -25.51 41.23
N THR F 405 21.49 -26.26 41.47
CA THR F 405 22.61 -26.24 40.55
C THR F 405 22.15 -26.62 39.14
N LYS F 406 21.25 -27.60 39.05
CA LYS F 406 20.58 -27.94 37.80
C LYS F 406 19.38 -27.02 37.67
N HIS F 407 19.62 -25.83 37.13
CA HIS F 407 18.59 -24.79 37.16
C HIS F 407 17.42 -25.10 36.24
N GLN F 408 17.65 -25.85 35.15
CA GLN F 408 16.57 -26.14 34.22
C GLN F 408 15.46 -26.94 34.90
N ARG F 409 15.81 -28.10 35.48
CA ARG F 409 14.80 -28.87 36.19
C ARG F 409 14.27 -28.12 37.40
N GLU F 410 15.09 -27.25 38.00
CA GLU F 410 14.69 -26.57 39.22
C GLU F 410 13.47 -25.69 38.98
N VAL F 411 13.39 -25.03 37.82
CA VAL F 411 12.29 -24.12 37.51
C VAL F 411 11.21 -24.79 36.68
N GLY F 412 11.27 -26.11 36.49
CA GLY F 412 10.18 -26.85 35.91
C GLY F 412 10.31 -27.23 34.45
N ALA F 413 11.53 -27.30 33.91
CA ALA F 413 11.71 -27.73 32.54
C ALA F 413 11.22 -29.17 32.35
N GLY F 414 11.44 -30.01 33.36
CA GLY F 414 10.98 -31.39 33.26
C GLY F 414 9.48 -31.52 33.44
N TYR F 415 8.89 -30.67 34.27
CA TYR F 415 7.45 -30.72 34.49
C TYR F 415 6.69 -30.31 33.24
N PHE F 416 7.13 -29.23 32.58
CA PHE F 416 6.47 -28.82 31.35
C PHE F 416 6.78 -29.78 30.21
N ASP F 417 7.92 -30.45 30.25
CA ASP F 417 8.17 -31.53 29.29
C ASP F 417 7.08 -32.58 29.38
N ARG F 418 6.72 -32.99 30.60
CA ARG F 418 5.66 -33.96 30.78
C ARG F 418 4.34 -33.45 30.20
N ILE F 419 3.99 -32.21 30.51
CA ILE F 419 2.79 -31.62 29.93
C ILE F 419 2.82 -31.71 28.42
N ALA F 420 3.99 -31.46 27.82
CA ALA F 420 4.11 -31.48 26.36
C ALA F 420 3.92 -32.88 25.81
N THR F 421 4.49 -33.90 26.47
CA THR F 421 4.34 -35.28 26.01
C THR F 421 2.98 -35.86 26.37
N THR F 422 2.33 -35.33 27.40
CA THR F 422 0.93 -35.70 27.66
C THR F 422 0.03 -35.23 26.54
N VAL F 423 0.28 -34.03 26.02
CA VAL F 423 -0.51 -33.52 24.90
C VAL F 423 -0.12 -34.23 23.61
N ASP F 424 1.18 -34.29 23.33
CA ASP F 424 1.70 -34.92 22.10
C ASP F 424 2.85 -35.84 22.48
N PRO F 425 2.61 -37.15 22.60
CA PRO F 425 3.71 -38.06 22.93
C PRO F 425 4.90 -37.95 21.99
N ASN F 426 4.65 -37.65 20.71
CA ASN F 426 5.72 -37.59 19.71
C ASN F 426 6.28 -36.18 19.54
N SER F 427 5.98 -35.26 20.45
CA SER F 427 6.48 -33.90 20.32
C SER F 427 7.99 -33.90 20.13
N SER F 428 8.45 -33.09 19.17
CA SER F 428 9.88 -32.95 18.90
C SER F 428 10.44 -31.64 19.44
N THR F 429 9.71 -30.97 20.33
CA THR F 429 10.10 -29.66 20.84
C THR F 429 10.20 -29.65 22.36
N THR F 430 10.52 -30.79 22.96
CA THR F 430 10.74 -30.85 24.40
C THR F 430 12.14 -30.32 24.73
N ALA F 431 12.34 -30.00 26.01
CA ALA F 431 13.47 -29.17 26.44
C ALA F 431 14.63 -29.96 27.05
N LEU F 432 14.37 -30.87 27.98
CA LEU F 432 15.48 -31.46 28.74
C LEU F 432 16.34 -32.37 27.87
N THR F 433 15.72 -33.25 27.07
CA THR F 433 16.48 -34.14 26.20
C THR F 433 17.35 -33.31 25.25
N GLY F 434 18.66 -33.57 25.28
CA GLY F 434 19.58 -32.82 24.46
C GLY F 434 20.06 -31.52 25.07
N SER F 435 19.63 -31.18 26.28
CA SER F 435 20.10 -29.98 26.94
C SER F 435 21.52 -30.17 27.45
N THR F 436 22.22 -29.06 27.64
CA THR F 436 23.53 -29.11 28.27
C THR F 436 23.44 -29.53 29.73
N GLU F 437 22.25 -29.41 30.33
CA GLU F 437 22.08 -29.86 31.71
C GLU F 437 22.09 -31.37 31.81
N GLU F 438 21.41 -32.06 30.89
CA GLU F 438 21.43 -33.51 30.92
C GLU F 438 22.74 -34.09 30.41
N GLY F 439 23.52 -33.31 29.68
CA GLY F 439 24.77 -33.78 29.14
C GLY F 439 25.99 -33.46 29.99
N GLN F 440 25.89 -32.42 30.85
CA GLN F 440 27.03 -31.91 31.59
C GLN F 440 26.85 -31.88 33.10
N PHE F 441 25.64 -32.14 33.62
CA PHE F 441 25.41 -32.08 35.06
C PHE F 441 24.96 -33.44 35.59
N HIS F 442 25.81 -34.45 35.45
CA HIS F 442 25.46 -35.81 35.86
C HIS F 442 25.00 -35.85 37.31
N MET G 15 0.36 -33.19 57.99
CA MET G 15 -0.79 -34.11 57.74
C MET G 15 -2.11 -33.34 57.73
N SER G 16 -2.45 -32.77 56.57
CA SER G 16 -3.71 -32.05 56.39
C SER G 16 -4.41 -32.62 55.17
N VAL G 17 -5.71 -32.85 55.31
CA VAL G 17 -6.52 -33.46 54.25
C VAL G 17 -7.15 -32.41 53.33
N VAL G 18 -6.81 -31.13 53.49
CA VAL G 18 -7.36 -30.08 52.66
C VAL G 18 -6.69 -30.13 51.29
N GLY G 19 -7.49 -30.16 50.24
CA GLY G 19 -6.96 -30.15 48.89
C GLY G 19 -6.32 -31.44 48.44
N THR G 20 -6.63 -32.56 49.10
CA THR G 20 -6.02 -33.84 48.73
C THR G 20 -6.48 -34.23 47.34
N PRO G 21 -5.59 -34.54 46.41
CA PRO G 21 -6.03 -34.85 45.04
C PRO G 21 -6.90 -36.10 45.01
N LYS G 22 -7.69 -36.20 43.94
CA LYS G 22 -8.44 -37.42 43.68
C LYS G 22 -7.53 -38.48 43.08
N SER G 23 -7.93 -39.74 43.25
CA SER G 23 -7.20 -40.84 42.63
C SER G 23 -7.56 -40.92 41.15
N ALA G 24 -6.71 -41.61 40.39
CA ALA G 24 -7.02 -41.83 38.98
C ALA G 24 -8.31 -42.63 38.82
N GLU G 25 -8.60 -43.52 39.77
CA GLU G 25 -9.83 -44.28 39.73
C GLU G 25 -11.04 -43.37 39.87
N GLN G 26 -10.97 -42.40 40.79
CA GLN G 26 -12.08 -41.46 40.95
C GLN G 26 -12.25 -40.60 39.70
N ILE G 27 -11.15 -40.17 39.09
CA ILE G 27 -11.23 -39.36 37.88
C ILE G 27 -11.82 -40.18 36.75
N GLN G 28 -11.34 -41.40 36.55
CA GLN G 28 -11.86 -42.25 35.48
C GLN G 28 -13.32 -42.57 35.70
N GLN G 29 -13.71 -42.85 36.95
CA GLN G 29 -15.12 -43.05 37.27
C GLN G 29 -15.95 -41.86 36.80
N GLU G 30 -15.45 -40.64 37.00
CA GLU G 30 -16.17 -39.45 36.56
C GLU G 30 -16.24 -39.38 35.05
N TRP G 31 -15.16 -39.74 34.36
CA TRP G 31 -15.15 -39.67 32.90
C TRP G 31 -16.10 -40.68 32.28
N ASP G 32 -16.36 -41.79 32.96
CA ASP G 32 -17.24 -42.82 32.44
C ASP G 32 -18.70 -42.62 32.88
N THR G 33 -18.91 -42.04 34.06
CA THR G 33 -20.26 -41.93 34.61
C THR G 33 -20.91 -40.59 34.26
N ASN G 34 -20.19 -39.49 34.43
CA ASN G 34 -20.78 -38.17 34.28
C ASN G 34 -21.22 -37.93 32.84
N PRO G 35 -22.49 -37.62 32.58
CA PRO G 35 -22.90 -37.35 31.19
C PRO G 35 -22.19 -36.13 30.59
N ARG G 36 -21.62 -35.27 31.42
CA ARG G 36 -20.89 -34.11 30.93
C ARG G 36 -19.79 -34.51 29.96
N TRP G 37 -19.25 -35.72 30.10
CA TRP G 37 -18.13 -36.17 29.28
C TRP G 37 -18.53 -37.26 28.28
N LYS G 38 -19.81 -37.39 27.96
CA LYS G 38 -20.26 -38.54 27.18
C LYS G 38 -19.75 -38.51 25.75
N ASP G 39 -19.39 -37.34 25.21
CA ASP G 39 -18.89 -37.22 23.85
C ASP G 39 -17.49 -36.60 23.81
N VAL G 40 -16.80 -36.56 24.95
CA VAL G 40 -15.50 -35.91 25.05
C VAL G 40 -14.41 -36.97 24.91
N THR G 41 -13.55 -36.79 23.91
CA THR G 41 -12.40 -37.66 23.72
C THR G 41 -11.20 -37.06 24.44
N ARG G 42 -10.47 -37.88 25.17
CA ARG G 42 -9.23 -37.50 25.83
C ARG G 42 -8.14 -38.45 25.36
N THR G 43 -7.14 -37.93 24.65
CA THR G 43 -6.03 -38.75 24.18
C THR G 43 -4.98 -39.00 25.26
N TYR G 44 -5.25 -38.63 26.50
CA TYR G 44 -4.39 -38.93 27.64
C TYR G 44 -5.22 -39.66 28.70
N SER G 45 -4.52 -40.22 29.68
CA SER G 45 -5.13 -41.08 30.68
C SER G 45 -5.40 -40.32 31.97
N ALA G 46 -6.27 -40.91 32.80
CA ALA G 46 -6.52 -40.33 34.12
C ALA G 46 -5.25 -40.30 34.95
N GLU G 47 -4.39 -41.32 34.81
CA GLU G 47 -3.13 -41.33 35.53
C GLU G 47 -2.25 -40.17 35.11
N ASP G 48 -2.33 -39.75 33.84
CA ASP G 48 -1.53 -38.62 33.38
C ASP G 48 -1.94 -37.32 34.05
N VAL G 49 -3.23 -37.17 34.34
CA VAL G 49 -3.70 -35.96 35.04
C VAL G 49 -3.18 -35.96 36.46
N VAL G 50 -3.40 -37.06 37.19
CA VAL G 50 -2.96 -37.12 38.58
C VAL G 50 -1.47 -36.84 38.68
N ALA G 51 -0.69 -37.30 37.71
CA ALA G 51 0.76 -37.12 37.77
C ALA G 51 1.15 -35.64 37.75
N LEU G 52 0.25 -34.75 37.35
CA LEU G 52 0.55 -33.34 37.19
C LEU G 52 -0.04 -32.46 38.29
N GLN G 53 -0.75 -33.04 39.26
CA GLN G 53 -1.49 -32.27 40.24
C GLN G 53 -0.72 -32.03 41.54
N GLY G 54 0.54 -32.46 41.62
CA GLY G 54 1.27 -32.26 42.85
C GLY G 54 0.60 -32.96 44.02
N SER G 55 0.78 -32.38 45.21
CA SER G 55 0.23 -32.93 46.43
C SER G 55 -1.07 -32.25 46.87
N VAL G 56 -1.37 -31.07 46.34
CA VAL G 56 -2.55 -30.31 46.73
C VAL G 56 -3.19 -29.75 45.48
N VAL G 57 -4.53 -29.82 45.42
CA VAL G 57 -5.29 -29.29 44.30
C VAL G 57 -6.10 -28.10 44.81
N GLU G 58 -5.85 -26.93 44.24
CA GLU G 58 -6.60 -25.74 44.60
C GLU G 58 -8.02 -25.84 44.08
N GLU G 59 -8.99 -25.54 44.95
CA GLU G 59 -10.39 -25.49 44.56
C GLU G 59 -10.67 -24.16 43.88
N HIS G 60 -11.24 -24.21 42.69
CA HIS G 60 -11.58 -23.01 41.91
C HIS G 60 -13.10 -22.91 41.88
N THR G 61 -13.65 -22.25 42.90
CA THR G 61 -15.10 -22.27 43.12
C THR G 61 -15.85 -21.63 41.95
N LEU G 62 -15.49 -20.40 41.59
CA LEU G 62 -16.24 -19.70 40.55
C LEU G 62 -16.06 -20.37 39.19
N ALA G 63 -14.88 -20.96 38.93
CA ALA G 63 -14.69 -21.69 37.68
C ALA G 63 -15.56 -22.93 37.65
N ARG G 64 -15.65 -23.65 38.77
CA ARG G 64 -16.49 -24.85 38.83
C ARG G 64 -17.96 -24.49 38.69
N ARG G 65 -18.46 -23.61 39.55
CA ARG G 65 -19.86 -23.24 39.52
C ARG G 65 -20.24 -22.65 38.16
N GLY G 66 -19.36 -21.83 37.59
CA GLY G 66 -19.67 -21.22 36.31
C GLY G 66 -19.77 -22.21 35.18
N ALA G 67 -18.87 -23.19 35.14
CA ALA G 67 -18.91 -24.20 34.09
C ALA G 67 -20.15 -25.07 34.21
N GLU G 68 -20.56 -25.39 35.45
CA GLU G 68 -21.76 -26.19 35.64
C GLU G 68 -23.00 -25.42 35.20
N VAL G 69 -23.13 -24.17 35.63
CA VAL G 69 -24.29 -23.36 35.28
C VAL G 69 -24.35 -23.16 33.77
N LEU G 70 -23.20 -22.93 33.14
CA LEU G 70 -23.18 -22.74 31.70
C LEU G 70 -23.63 -24.01 30.98
N TRP G 71 -23.09 -25.16 31.39
CA TRP G 71 -23.49 -26.43 30.77
C TRP G 71 -24.97 -26.70 30.97
N GLU G 72 -25.51 -26.34 32.14
CA GLU G 72 -26.94 -26.53 32.38
C GLU G 72 -27.76 -25.59 31.50
N GLN G 73 -27.37 -24.32 31.44
CA GLN G 73 -28.13 -23.37 30.63
C GLN G 73 -28.08 -23.74 29.15
N LEU G 74 -26.95 -24.26 28.67
CA LEU G 74 -26.84 -24.64 27.27
C LEU G 74 -27.81 -25.75 26.90
N HIS G 75 -28.18 -26.58 27.87
CA HIS G 75 -29.14 -27.66 27.62
C HIS G 75 -30.55 -27.33 28.08
N ASP G 76 -30.69 -26.48 29.10
CA ASP G 76 -32.01 -26.16 29.63
C ASP G 76 -32.72 -25.11 28.78
N LEU G 77 -32.03 -24.03 28.43
CA LEU G 77 -32.65 -22.91 27.75
C LEU G 77 -32.72 -23.15 26.25
N GLU G 78 -33.56 -22.34 25.58
CA GLU G 78 -33.64 -22.42 24.12
C GLU G 78 -32.30 -22.08 23.49
N TRP G 79 -31.63 -21.06 24.01
CA TRP G 79 -30.23 -20.79 23.70
C TRP G 79 -29.74 -19.74 24.68
N VAL G 80 -28.42 -19.70 24.84
CA VAL G 80 -27.75 -18.75 25.72
C VAL G 80 -27.14 -17.66 24.85
N ASN G 81 -27.47 -16.40 25.15
CA ASN G 81 -26.90 -15.27 24.45
C ASN G 81 -26.22 -14.34 25.44
N ALA G 82 -25.29 -13.53 24.94
CA ALA G 82 -24.47 -12.69 25.80
C ALA G 82 -24.00 -11.48 25.01
N LEU G 83 -23.43 -10.51 25.75
CA LEU G 83 -22.84 -9.31 25.18
C LEU G 83 -21.41 -9.18 25.67
N GLY G 84 -20.58 -8.55 24.84
CA GLY G 84 -19.17 -8.39 25.20
C GLY G 84 -19.00 -7.36 26.29
N ALA G 85 -18.28 -7.74 27.34
CA ALA G 85 -18.04 -6.86 28.49
C ALA G 85 -16.54 -6.71 28.70
N LEU G 86 -16.08 -5.47 28.80
CA LEU G 86 -14.67 -5.19 29.03
C LEU G 86 -14.38 -4.52 30.38
N THR G 87 -15.43 -4.13 31.13
CA THR G 87 -15.27 -3.63 32.49
C THR G 87 -16.21 -4.39 33.41
N GLY G 88 -15.97 -4.28 34.71
CA GLY G 88 -16.81 -4.96 35.68
C GLY G 88 -18.23 -4.43 35.70
N ASN G 89 -18.40 -3.10 35.67
CA ASN G 89 -19.75 -2.53 35.68
C ASN G 89 -20.56 -2.98 34.47
N MET G 90 -19.90 -3.11 33.31
CA MET G 90 -20.59 -3.60 32.12
C MET G 90 -21.28 -4.93 32.39
N ALA G 91 -20.55 -5.88 32.96
CA ALA G 91 -21.13 -7.19 33.23
C ALA G 91 -22.25 -7.10 34.26
N VAL G 92 -22.08 -6.24 35.27
CA VAL G 92 -23.11 -6.05 36.29
C VAL G 92 -24.42 -5.62 35.62
N GLN G 93 -24.35 -4.64 34.73
CA GLN G 93 -25.56 -4.16 34.06
C GLN G 93 -26.16 -5.25 33.19
N GLN G 94 -25.32 -6.03 32.51
CA GLN G 94 -25.83 -7.10 31.66
C GLN G 94 -26.67 -8.09 32.46
N VAL G 95 -26.15 -8.52 33.61
CA VAL G 95 -26.92 -9.41 34.46
C VAL G 95 -28.14 -8.70 35.03
N ARG G 96 -27.98 -7.43 35.43
CA ARG G 96 -29.11 -6.66 35.91
C ARG G 96 -30.23 -6.60 34.88
N ALA G 97 -29.87 -6.50 33.60
CA ALA G 97 -30.86 -6.35 32.53
C ALA G 97 -31.53 -7.66 32.14
N GLY G 98 -31.09 -8.80 32.68
CA GLY G 98 -31.72 -10.08 32.42
C GLY G 98 -30.87 -11.08 31.68
N LEU G 99 -29.67 -10.73 31.23
CA LEU G 99 -28.84 -11.69 30.51
C LEU G 99 -28.22 -12.70 31.48
N LYS G 100 -28.00 -13.91 30.98
CA LYS G 100 -27.60 -15.03 31.83
C LYS G 100 -26.21 -15.55 31.48
N ALA G 101 -25.38 -14.73 30.82
CA ALA G 101 -23.99 -15.10 30.55
C ALA G 101 -23.23 -13.86 30.09
N ILE G 102 -21.92 -13.89 30.29
CA ILE G 102 -21.03 -12.80 29.93
C ILE G 102 -20.03 -13.31 28.90
N TYR G 103 -19.83 -12.55 27.82
CA TYR G 103 -18.80 -12.85 26.85
C TYR G 103 -17.65 -11.87 27.01
N LEU G 104 -16.43 -12.40 27.10
CA LEU G 104 -15.23 -11.59 27.30
C LEU G 104 -14.45 -11.58 25.99
N SER G 105 -14.68 -10.55 25.19
CA SER G 105 -14.00 -10.40 23.91
C SER G 105 -12.53 -10.07 24.11
N GLY G 106 -11.67 -10.79 23.39
CA GLY G 106 -10.26 -10.42 23.35
C GLY G 106 -10.02 -9.19 22.51
N TRP G 107 -10.81 -8.99 21.46
CA TRP G 107 -10.76 -7.76 20.68
C TRP G 107 -10.88 -6.54 21.59
N GLN G 108 -11.89 -6.55 22.48
CA GLN G 108 -12.14 -5.41 23.35
C GLN G 108 -11.01 -5.22 24.37
N VAL G 109 -10.46 -6.32 24.88
CA VAL G 109 -9.33 -6.23 25.81
C VAL G 109 -8.16 -5.53 25.13
N ALA G 110 -7.82 -5.97 23.92
CA ALA G 110 -6.76 -5.32 23.16
C ALA G 110 -7.08 -3.85 22.92
N GLY G 111 -8.35 -3.51 22.71
CA GLY G 111 -8.70 -2.16 22.33
C GLY G 111 -8.78 -1.18 23.47
N ASP G 112 -9.04 -1.66 24.69
CA ASP G 112 -9.30 -0.71 25.77
C ASP G 112 -9.20 -1.32 27.17
N ALA G 113 -8.62 -2.50 27.35
CA ALA G 113 -8.55 -3.08 28.69
C ALA G 113 -7.49 -4.18 28.82
N ASN G 114 -6.25 -3.90 28.43
CA ASN G 114 -5.18 -4.87 28.54
C ASN G 114 -4.02 -4.30 29.34
N LEU G 115 -3.16 -5.19 29.83
CA LEU G 115 -2.17 -4.83 30.84
C LEU G 115 -0.96 -4.09 30.29
N SER G 116 -0.90 -3.84 28.99
CA SER G 116 0.15 -2.97 28.47
C SER G 116 -0.18 -1.50 28.64
N GLY G 117 -1.45 -1.16 28.82
CA GLY G 117 -1.90 0.22 28.85
C GLY G 117 -2.17 0.84 27.50
N HIS G 118 -1.87 0.13 26.42
CA HIS G 118 -1.97 0.67 25.06
C HIS G 118 -3.24 0.21 24.37
N THR G 119 -3.60 0.93 23.31
CA THR G 119 -4.72 0.57 22.44
C THR G 119 -4.17 -0.26 21.28
N TYR G 120 -4.70 -1.47 21.11
CA TYR G 120 -4.15 -2.41 20.14
C TYR G 120 -5.24 -2.91 19.18
N PRO G 121 -4.89 -3.17 17.92
CA PRO G 121 -5.76 -3.99 17.08
C PRO G 121 -5.70 -5.45 17.53
N ASP G 122 -6.70 -6.21 17.09
CA ASP G 122 -6.88 -7.60 17.53
C ASP G 122 -5.88 -8.49 16.81
N GLN G 123 -4.64 -8.50 17.34
CA GLN G 123 -3.57 -9.28 16.72
C GLN G 123 -2.66 -9.92 17.78
N SER G 124 -3.21 -10.26 18.93
CA SER G 124 -2.47 -10.93 20.00
C SER G 124 -1.25 -10.12 20.43
N LEU G 125 -1.43 -8.81 20.56
CA LEU G 125 -0.32 -7.93 20.90
C LEU G 125 -0.19 -7.66 22.39
N TYR G 126 -1.23 -7.96 23.18
CA TYR G 126 -1.21 -7.58 24.58
C TYR G 126 -0.66 -8.70 25.45
N PRO G 127 -0.25 -8.39 26.68
CA PRO G 127 0.28 -9.43 27.58
C PRO G 127 -0.74 -10.53 27.83
N ALA G 128 -0.27 -11.78 27.77
CA ALA G 128 -1.13 -12.96 27.70
C ALA G 128 -1.96 -13.19 28.96
N ASN G 129 -1.74 -12.44 30.04
CA ASN G 129 -2.58 -12.57 31.23
C ASN G 129 -3.62 -11.47 31.32
N SER G 130 -3.85 -10.71 30.25
CA SER G 130 -4.81 -9.61 30.30
C SER G 130 -6.23 -10.13 30.46
N VAL G 131 -6.62 -11.14 29.70
CA VAL G 131 -8.00 -11.62 29.72
C VAL G 131 -8.30 -12.29 31.06
N PRO G 132 -7.42 -13.14 31.58
CA PRO G 132 -7.66 -13.68 32.93
C PRO G 132 -7.90 -12.58 33.96
N GLN G 133 -7.15 -11.48 33.90
CA GLN G 133 -7.38 -10.37 34.82
C GLN G 133 -8.80 -9.85 34.71
N VAL G 134 -9.26 -9.62 33.48
CA VAL G 134 -10.62 -9.12 33.28
C VAL G 134 -11.65 -10.14 33.74
N VAL G 135 -11.34 -11.44 33.62
CA VAL G 135 -12.22 -12.47 34.16
C VAL G 135 -12.37 -12.27 35.67
N ARG G 136 -11.24 -12.14 36.36
CA ARG G 136 -11.28 -11.90 37.80
C ARG G 136 -12.00 -10.59 38.11
N ARG G 137 -11.78 -9.56 37.29
CA ARG G 137 -12.46 -8.29 37.50
C ARG G 137 -13.97 -8.44 37.38
N ILE G 138 -14.44 -9.07 36.29
CA ILE G 138 -15.86 -9.24 36.10
C ILE G 138 -16.47 -10.03 37.26
N ASN G 139 -15.83 -11.13 37.65
CA ASN G 139 -16.31 -11.91 38.78
C ASN G 139 -16.35 -11.07 40.05
N ASN G 140 -15.31 -10.28 40.31
CA ASN G 140 -15.31 -9.42 41.48
C ASN G 140 -16.47 -8.43 41.44
N ALA G 141 -16.80 -7.95 40.25
CA ALA G 141 -17.91 -6.99 40.12
C ALA G 141 -19.25 -7.67 40.37
N LEU G 142 -19.44 -8.87 39.81
CA LEU G 142 -20.68 -9.60 40.04
C LEU G 142 -20.81 -10.01 41.50
N GLN G 143 -19.69 -10.36 42.14
CA GLN G 143 -19.73 -10.68 43.57
C GLN G 143 -20.18 -9.48 44.38
N ARG G 144 -19.74 -8.27 44.01
CA ARG G 144 -20.17 -7.08 44.73
C ARG G 144 -21.67 -6.85 44.58
N ALA G 145 -22.17 -6.92 43.35
CA ALA G 145 -23.62 -6.80 43.15
C ALA G 145 -24.36 -7.87 43.92
N ASP G 146 -23.81 -9.09 43.98
CA ASP G 146 -24.41 -10.14 44.80
C ASP G 146 -24.44 -9.73 46.27
N GLN G 147 -23.33 -9.18 46.78
CA GLN G 147 -23.27 -8.76 48.16
C GLN G 147 -24.27 -7.64 48.44
N ILE G 148 -24.30 -6.62 47.57
CA ILE G 148 -25.20 -5.49 47.77
C ILE G 148 -26.65 -5.96 47.74
N ALA G 149 -26.99 -6.82 46.77
CA ALA G 149 -28.36 -7.30 46.65
C ALA G 149 -28.82 -8.00 47.92
N LYS G 150 -27.92 -8.71 48.59
CA LYS G 150 -28.31 -9.45 49.79
C LYS G 150 -28.70 -8.50 50.92
N ILE G 151 -27.86 -7.51 51.21
CA ILE G 151 -28.15 -6.60 52.31
C ILE G 151 -29.36 -5.72 51.99
N GLU G 152 -29.65 -5.51 50.71
CA GLU G 152 -30.81 -4.75 50.29
C GLU G 152 -32.06 -5.61 50.14
N GLY G 153 -31.97 -6.91 50.39
CA GLY G 153 -33.11 -7.79 50.21
C GLY G 153 -33.61 -7.83 48.79
N ASP G 154 -32.72 -7.67 47.82
CA ASP G 154 -33.08 -7.65 46.41
C ASP G 154 -33.04 -9.06 45.85
N THR G 155 -34.18 -9.57 45.42
CA THR G 155 -34.29 -10.89 44.82
C THR G 155 -34.63 -10.82 43.34
N SER G 156 -34.47 -9.65 42.72
CA SER G 156 -34.83 -9.49 41.31
C SER G 156 -33.94 -10.31 40.39
N VAL G 157 -32.72 -10.62 40.82
CA VAL G 157 -31.77 -11.40 40.01
C VAL G 157 -31.57 -12.75 40.70
N GLU G 158 -31.83 -13.83 39.96
CA GLU G 158 -31.71 -15.16 40.53
C GLU G 158 -30.24 -15.54 40.75
N ASN G 159 -29.38 -15.27 39.76
CA ASN G 159 -27.98 -15.66 39.82
C ASN G 159 -27.12 -14.49 39.33
N TRP G 160 -26.40 -13.84 40.25
CA TRP G 160 -25.48 -12.78 39.88
C TRP G 160 -24.18 -13.33 39.28
N LEU G 161 -23.78 -14.55 39.67
CA LEU G 161 -22.55 -15.15 39.15
C LEU G 161 -22.85 -15.83 37.82
N ALA G 162 -23.15 -14.99 36.83
CA ALA G 162 -23.43 -15.50 35.50
C ALA G 162 -22.16 -16.12 34.91
N PRO G 163 -22.28 -17.18 34.10
CA PRO G 163 -21.10 -17.79 33.50
C PRO G 163 -20.32 -16.82 32.62
N ILE G 164 -19.00 -16.97 32.62
CA ILE G 164 -18.10 -16.15 31.83
C ILE G 164 -17.49 -17.03 30.74
N VAL G 165 -17.60 -16.59 29.49
CA VAL G 165 -16.96 -17.23 28.34
C VAL G 165 -15.91 -16.26 27.82
N ALA G 166 -14.64 -16.66 27.87
CA ALA G 166 -13.52 -15.77 27.60
C ALA G 166 -12.76 -16.20 26.35
N ASP G 167 -11.99 -15.26 25.80
CA ASP G 167 -11.30 -15.41 24.52
C ASP G 167 -9.88 -15.89 24.78
N GLY G 168 -9.57 -17.11 24.34
CA GLY G 168 -8.23 -17.64 24.40
C GLY G 168 -7.38 -17.31 23.20
N GLU G 169 -7.97 -16.65 22.19
CA GLU G 169 -7.27 -16.23 20.97
C GLU G 169 -6.61 -17.47 20.36
N ALA G 170 -5.34 -17.43 20.00
CA ALA G 170 -4.63 -18.56 19.41
C ALA G 170 -3.63 -19.19 20.37
N GLY G 171 -3.75 -18.89 21.67
CA GLY G 171 -2.93 -19.52 22.67
C GLY G 171 -1.69 -18.73 23.07
N PHE G 172 -1.35 -17.66 22.34
CA PHE G 172 -0.15 -16.87 22.63
C PHE G 172 1.11 -17.73 22.59
N GLY G 173 1.17 -18.64 21.62
CA GLY G 173 2.30 -19.53 21.47
C GLY G 173 1.90 -20.95 21.15
N GLY G 174 2.59 -21.92 21.77
CA GLY G 174 2.35 -23.32 21.53
C GLY G 174 1.43 -23.95 22.56
N ALA G 175 1.45 -25.28 22.60
CA ALA G 175 0.55 -26.00 23.52
C ALA G 175 0.78 -25.59 24.97
N LEU G 176 2.01 -25.23 25.34
CA LEU G 176 2.28 -24.84 26.73
C LEU G 176 1.70 -23.46 27.04
N ASN G 177 1.77 -22.54 26.07
CA ASN G 177 1.13 -21.24 26.26
C ASN G 177 -0.38 -21.38 26.35
N VAL G 178 -0.97 -22.28 25.56
CA VAL G 178 -2.39 -22.57 25.68
C VAL G 178 -2.70 -23.08 27.09
N TYR G 179 -1.87 -23.99 27.59
CA TYR G 179 -2.11 -24.59 28.89
C TYR G 179 -2.12 -23.55 30.00
N GLU G 180 -1.18 -22.61 29.97
CA GLU G 180 -1.08 -21.61 31.03
C GLU G 180 -2.23 -20.60 30.96
N LEU G 181 -2.64 -20.22 29.75
CA LEU G 181 -3.77 -19.31 29.63
C LEU G 181 -5.03 -19.94 30.19
N GLN G 182 -5.29 -21.20 29.84
CA GLN G 182 -6.46 -21.89 30.37
C GLN G 182 -6.40 -21.96 31.89
N LYS G 183 -5.23 -22.29 32.44
CA LYS G 183 -5.09 -22.34 33.90
C LYS G 183 -5.33 -20.98 34.52
N ALA G 184 -4.85 -19.91 33.89
CA ALA G 184 -5.06 -18.57 34.42
C ALA G 184 -6.52 -18.15 34.32
N LEU G 185 -7.21 -18.54 33.24
CA LEU G 185 -8.63 -18.25 33.11
C LEU G 185 -9.42 -18.98 34.19
N ILE G 186 -9.07 -20.24 34.45
CA ILE G 186 -9.76 -21.01 35.49
C ILE G 186 -9.48 -20.43 36.86
N ALA G 187 -8.23 -20.03 37.11
CA ALA G 187 -7.90 -19.43 38.40
C ALA G 187 -8.73 -18.19 38.67
N ALA G 188 -9.05 -17.42 37.62
CA ALA G 188 -9.84 -16.21 37.77
C ALA G 188 -11.34 -16.47 37.78
N GLY G 189 -11.76 -17.70 37.52
CA GLY G 189 -13.16 -18.07 37.61
C GLY G 189 -13.91 -18.12 36.30
N VAL G 190 -13.23 -18.46 35.19
CA VAL G 190 -13.90 -18.54 33.91
C VAL G 190 -14.80 -19.78 33.87
N ALA G 191 -15.85 -19.72 33.05
CA ALA G 191 -16.72 -20.85 32.82
C ALA G 191 -16.46 -21.54 31.49
N GLY G 192 -15.96 -20.81 30.50
CA GLY G 192 -15.64 -21.38 29.21
C GLY G 192 -14.63 -20.52 28.48
N SER G 193 -13.91 -21.14 27.55
CA SER G 193 -12.91 -20.46 26.75
C SER G 193 -12.92 -21.04 25.34
N HIS G 194 -12.62 -20.18 24.37
CA HIS G 194 -12.59 -20.60 22.97
C HIS G 194 -11.21 -20.34 22.35
N TRP G 195 -10.86 -21.21 21.40
CA TRP G 195 -9.52 -21.25 20.82
C TRP G 195 -9.62 -21.39 19.32
N GLU G 196 -8.91 -20.53 18.59
CA GLU G 196 -8.98 -20.51 17.15
C GLU G 196 -7.76 -21.17 16.53
N ASP G 197 -7.92 -21.66 15.31
CA ASP G 197 -6.86 -22.38 14.60
C ASP G 197 -6.01 -21.47 13.73
N GLN G 198 -5.49 -20.39 14.33
CA GLN G 198 -4.65 -19.43 13.63
C GLN G 198 -3.22 -19.49 14.16
N LEU G 199 -2.27 -19.13 13.30
CA LEU G 199 -0.90 -18.97 13.71
C LEU G 199 -0.82 -17.86 14.76
N ALA G 200 -0.34 -18.21 15.95
CA ALA G 200 -0.35 -17.26 17.06
C ALA G 200 0.37 -15.98 16.70
N SER G 201 1.53 -16.09 16.04
CA SER G 201 2.32 -14.91 15.70
C SER G 201 1.63 -13.98 14.72
N GLU G 202 0.59 -14.45 14.02
CA GLU G 202 -0.10 -13.65 13.02
C GLU G 202 -1.61 -13.56 13.30
N LYS G 203 -2.02 -13.80 14.54
CA LYS G 203 -3.44 -13.80 14.89
C LYS G 203 -4.11 -12.53 14.39
N LYS G 204 -5.32 -12.69 13.87
CA LYS G 204 -6.17 -11.58 13.47
C LYS G 204 -7.56 -11.76 14.05
N GLY G 206 -11.39 -12.40 13.41
CA GLY G 206 -11.99 -13.24 12.38
C GLY G 206 -12.44 -12.47 11.17
N HIS G 207 -12.73 -11.18 11.35
CA HIS G 207 -13.23 -10.32 10.28
C HIS G 207 -12.19 -9.31 9.82
N LEU G 208 -10.93 -9.52 10.18
CA LEU G 208 -9.81 -8.83 9.57
C LEU G 208 -9.15 -9.74 8.54
N GLY G 209 -8.40 -9.12 7.62
CA GLY G 209 -7.71 -9.86 6.58
C GLY G 209 -6.36 -10.37 7.03
N GLY G 210 -5.70 -11.07 6.11
CA GLY G 210 -4.35 -11.57 6.34
C GLY G 210 -4.25 -12.64 7.41
N LYS G 211 -5.20 -13.56 7.45
CA LYS G 211 -5.19 -14.63 8.44
C LYS G 211 -4.38 -15.82 7.91
N VAL G 212 -3.74 -16.54 8.84
CA VAL G 212 -2.92 -17.69 8.53
C VAL G 212 -3.38 -18.84 9.41
N LEU G 213 -3.79 -19.94 8.78
CA LEU G 213 -4.23 -21.12 9.53
C LEU G 213 -3.03 -21.95 9.98
N ILE G 214 -3.31 -22.82 10.95
CA ILE G 214 -2.35 -23.84 11.36
C ILE G 214 -2.97 -25.20 11.05
N PRO G 215 -2.15 -26.25 10.93
CA PRO G 215 -2.69 -27.55 10.51
C PRO G 215 -3.79 -28.04 11.45
N THR G 216 -4.67 -28.88 10.90
CA THR G 216 -5.79 -29.39 11.70
C THR G 216 -5.29 -30.05 12.98
N GLN G 217 -4.24 -30.87 12.89
CA GLN G 217 -3.76 -31.59 14.06
C GLN G 217 -3.22 -30.62 15.12
N GLN G 218 -2.61 -29.51 14.70
CA GLN G 218 -2.07 -28.58 15.68
C GLN G 218 -3.16 -27.96 16.53
N HIS G 219 -4.35 -27.73 15.96
CA HIS G 219 -5.44 -27.19 16.77
C HIS G 219 -6.06 -28.26 17.66
N ILE G 220 -6.04 -29.52 17.24
CA ILE G 220 -6.42 -30.60 18.14
C ILE G 220 -5.47 -30.64 19.34
N ARG G 221 -4.20 -30.30 19.14
CA ARG G 221 -3.28 -30.19 20.28
C ARG G 221 -3.69 -29.04 21.18
N THR G 222 -3.99 -27.88 20.57
CA THR G 222 -4.47 -26.74 21.36
C THR G 222 -5.68 -27.14 22.19
N LEU G 223 -6.67 -27.78 21.55
CA LEU G 223 -7.88 -28.17 22.26
C LEU G 223 -7.60 -29.23 23.31
N THR G 224 -6.66 -30.14 23.03
CA THR G 224 -6.29 -31.14 24.02
C THR G 224 -5.56 -30.52 25.21
N SER G 225 -4.77 -29.48 24.97
CA SER G 225 -4.08 -28.80 26.07
C SER G 225 -5.07 -28.01 26.92
N ALA G 226 -6.03 -27.34 26.29
CA ALA G 226 -7.05 -26.62 27.03
C ALA G 226 -7.84 -27.57 27.92
N ARG G 227 -8.12 -28.78 27.43
CA ARG G 227 -8.80 -29.76 28.25
C ARG G 227 -7.91 -30.28 29.36
N LEU G 228 -6.63 -30.54 29.04
CA LEU G 228 -5.70 -31.03 30.05
C LEU G 228 -5.59 -30.06 31.23
N ALA G 229 -5.47 -28.76 30.93
CA ALA G 229 -5.36 -27.77 32.00
C ALA G 229 -6.60 -27.76 32.88
N ALA G 230 -7.78 -27.89 32.28
CA ALA G 230 -9.01 -27.93 33.06
C ALA G 230 -9.09 -29.18 33.93
N ASP G 231 -8.63 -30.33 33.39
CA ASP G 231 -8.66 -31.57 34.17
C ASP G 231 -7.72 -31.49 35.36
N VAL G 232 -6.50 -31.01 35.14
CA VAL G 232 -5.55 -30.89 36.24
C VAL G 232 -6.10 -29.97 37.32
N ALA G 233 -6.79 -28.89 36.92
CA ALA G 233 -7.42 -27.97 37.85
C ALA G 233 -8.75 -28.49 38.38
N ASP G 234 -9.22 -29.63 37.89
CA ASP G 234 -10.38 -30.32 38.45
C ASP G 234 -11.67 -29.51 38.30
N VAL G 235 -11.82 -28.83 37.18
CA VAL G 235 -13.06 -28.12 36.88
C VAL G 235 -13.55 -28.54 35.49
N PRO G 236 -14.92 -28.61 35.25
CA PRO G 236 -15.44 -29.04 33.94
C PRO G 236 -15.58 -27.89 32.95
N THR G 237 -14.49 -27.16 32.75
CA THR G 237 -14.52 -25.97 31.91
C THR G 237 -15.04 -26.30 30.51
N VAL G 238 -15.93 -25.45 30.01
CA VAL G 238 -16.45 -25.60 28.67
C VAL G 238 -15.38 -25.17 27.67
N VAL G 239 -15.07 -26.04 26.72
CA VAL G 239 -14.01 -25.81 25.74
C VAL G 239 -14.67 -25.62 24.38
N ILE G 240 -14.42 -24.48 23.75
CA ILE G 240 -15.01 -24.12 22.47
C ILE G 240 -13.93 -24.07 21.42
N ALA G 241 -14.21 -24.63 20.24
CA ALA G 241 -13.28 -24.62 19.13
C ALA G 241 -13.77 -23.65 18.06
N ARG G 242 -12.87 -22.80 17.58
CA ARG G 242 -13.18 -21.82 16.55
C ARG G 242 -12.28 -22.05 15.34
N THR G 243 -12.87 -22.01 14.15
CA THR G 243 -12.12 -22.12 12.91
C THR G 243 -12.26 -20.83 12.12
N ASP G 244 -11.13 -20.38 11.56
CA ASP G 244 -11.09 -19.19 10.72
C ASP G 244 -10.90 -19.54 9.24
N ALA G 245 -11.25 -20.76 8.84
CA ALA G 245 -11.00 -21.24 7.49
C ALA G 245 -11.98 -20.69 6.46
N GLU G 246 -13.02 -19.98 6.88
CA GLU G 246 -13.97 -19.45 5.90
C GLU G 246 -13.32 -18.40 5.03
N ALA G 247 -12.41 -17.60 5.59
CA ALA G 247 -11.78 -16.50 4.89
C ALA G 247 -10.26 -16.61 4.76
N ALA G 248 -9.60 -17.35 5.64
CA ALA G 248 -8.14 -17.46 5.59
C ALA G 248 -7.72 -18.16 4.30
N THR G 249 -6.85 -17.51 3.54
CA THR G 249 -6.28 -18.09 2.32
C THR G 249 -4.84 -18.56 2.52
N LEU G 250 -4.37 -18.63 3.77
CA LEU G 250 -2.99 -19.00 4.08
C LEU G 250 -2.97 -20.03 5.21
N ILE G 251 -2.00 -20.93 5.14
CA ILE G 251 -1.79 -21.94 6.16
C ILE G 251 -0.28 -22.16 6.30
N THR G 252 0.15 -22.56 7.50
CA THR G 252 1.58 -22.65 7.77
C THR G 252 2.22 -23.82 7.03
N SER G 253 1.54 -24.96 7.00
CA SER G 253 2.12 -26.18 6.43
C SER G 253 1.03 -27.04 5.83
N ASP G 254 1.43 -27.90 4.90
CA ASP G 254 0.54 -28.87 4.28
C ASP G 254 0.78 -30.29 4.79
N VAL G 255 1.40 -30.43 5.97
CA VAL G 255 1.80 -31.73 6.46
C VAL G 255 0.59 -32.60 6.82
N ASP G 256 -0.53 -31.97 7.16
CA ASP G 256 -1.73 -32.70 7.59
C ASP G 256 -2.54 -33.09 6.36
N GLU G 257 -2.76 -34.41 6.20
CA GLU G 257 -3.48 -34.92 5.04
C GLU G 257 -4.86 -34.30 4.94
N ARG G 258 -5.51 -34.05 6.08
CA ARG G 258 -6.85 -33.48 6.07
C ARG G 258 -6.88 -32.07 5.49
N ASP G 259 -5.76 -31.34 5.50
CA ASP G 259 -5.68 -30.00 4.94
C ASP G 259 -5.25 -29.98 3.49
N GLN G 260 -4.72 -31.08 2.97
CA GLN G 260 -4.13 -31.11 1.64
C GLN G 260 -5.16 -30.90 0.53
N PRO G 261 -6.40 -31.37 0.69
CA PRO G 261 -7.39 -31.16 -0.39
C PRO G 261 -7.64 -29.69 -0.72
N PHE G 262 -7.12 -28.75 0.07
CA PHE G 262 -7.36 -27.33 -0.17
C PHE G 262 -6.11 -26.57 -0.55
N ILE G 263 -4.94 -27.20 -0.49
CA ILE G 263 -3.70 -26.51 -0.86
C ILE G 263 -3.66 -26.29 -2.36
N THR G 264 -3.22 -25.11 -2.77
CA THR G 264 -3.17 -24.75 -4.19
C THR G 264 -1.77 -24.88 -4.78
N GLY G 265 -0.76 -25.14 -3.96
CA GLY G 265 0.58 -25.37 -4.46
C GLY G 265 1.51 -24.19 -4.28
N GLU G 266 0.99 -22.98 -4.48
CA GLU G 266 1.81 -21.78 -4.34
C GLU G 266 2.18 -21.53 -2.89
N ARG G 267 3.20 -20.70 -2.70
CA ARG G 267 3.63 -20.29 -1.37
C ARG G 267 4.08 -18.83 -1.41
N THR G 268 3.89 -18.15 -0.29
CA THR G 268 4.33 -16.77 -0.15
C THR G 268 5.81 -16.70 0.20
N ARG G 269 6.37 -15.51 0.09
CA ARG G 269 7.80 -15.33 0.39
C ARG G 269 8.11 -15.55 1.86
N GLU G 270 7.12 -15.57 2.74
CA GLU G 270 7.33 -15.94 4.14
C GLU G 270 7.29 -17.44 4.35
N GLY G 271 6.83 -18.22 3.36
CA GLY G 271 6.76 -19.66 3.47
C GLY G 271 5.36 -20.21 3.68
N PHE G 272 4.35 -19.36 3.78
CA PHE G 272 2.99 -19.84 3.98
C PHE G 272 2.49 -20.55 2.73
N TYR G 273 1.64 -21.56 2.92
CA TYR G 273 0.97 -22.24 1.82
C TYR G 273 -0.35 -21.56 1.53
N ARG G 274 -0.61 -21.27 0.25
CA ARG G 274 -1.92 -20.80 -0.14
C ARG G 274 -2.92 -21.95 -0.04
N THR G 275 -4.09 -21.65 0.51
CA THR G 275 -5.15 -22.64 0.67
C THR G 275 -6.46 -22.05 0.18
N LYS G 276 -7.39 -22.94 -0.16
CA LYS G 276 -8.68 -22.54 -0.74
C LYS G 276 -9.70 -22.35 0.37
N ASN G 277 -10.05 -21.09 0.64
CA ASN G 277 -10.96 -20.76 1.72
C ASN G 277 -12.40 -21.08 1.32
N GLY G 278 -13.26 -21.17 2.33
CA GLY G 278 -14.67 -21.38 2.09
C GLY G 278 -15.29 -22.15 3.25
N ILE G 279 -16.57 -22.48 3.07
CA ILE G 279 -17.29 -23.21 4.10
C ILE G 279 -16.86 -24.67 4.15
N GLU G 280 -16.40 -25.23 3.02
CA GLU G 280 -15.98 -26.63 3.01
C GLU G 280 -14.85 -26.91 3.98
N PRO G 281 -13.72 -26.20 3.95
CA PRO G 281 -12.68 -26.47 4.94
C PRO G 281 -13.14 -26.24 6.37
N CYS G 282 -14.11 -25.34 6.58
CA CYS G 282 -14.65 -25.15 7.93
C CYS G 282 -15.39 -26.40 8.40
N ILE G 283 -16.18 -27.01 7.52
CA ILE G 283 -16.93 -28.21 7.87
C ILE G 283 -15.98 -29.35 8.25
N ALA G 284 -14.98 -29.61 7.40
CA ALA G 284 -14.04 -30.68 7.68
C ALA G 284 -13.31 -30.43 8.99
N ARG G 285 -12.78 -29.23 9.19
CA ARG G 285 -12.10 -28.91 10.44
C ARG G 285 -13.05 -29.04 11.62
N ALA G 286 -14.30 -28.59 11.46
CA ALA G 286 -15.29 -28.75 12.53
C ALA G 286 -15.50 -30.22 12.88
N LYS G 287 -15.59 -31.07 11.86
CA LYS G 287 -15.72 -32.50 12.10
C LYS G 287 -14.51 -33.05 12.83
N ALA G 288 -13.32 -32.56 12.47
CA ALA G 288 -12.10 -33.04 13.11
C ALA G 288 -12.01 -32.56 14.55
N TYR G 289 -12.43 -31.32 14.82
CA TYR G 289 -12.40 -30.79 16.18
C TYR G 289 -13.49 -31.38 17.06
N ALA G 290 -14.56 -31.93 16.45
CA ALA G 290 -15.77 -32.25 17.20
C ALA G 290 -15.54 -33.12 18.43
N PRO G 291 -14.74 -34.18 18.37
CA PRO G 291 -14.51 -34.97 19.60
C PRO G 291 -13.76 -34.23 20.69
N PHE G 292 -13.34 -32.99 20.46
CA PHE G 292 -12.55 -32.23 21.43
C PHE G 292 -13.16 -30.90 21.80
N ALA G 293 -14.36 -30.58 21.32
CA ALA G 293 -14.97 -29.27 21.52
C ALA G 293 -16.39 -29.42 22.03
N ASP G 294 -16.67 -28.87 23.21
CA ASP G 294 -18.04 -28.84 23.71
C ASP G 294 -18.94 -28.00 22.81
N LEU G 295 -18.37 -27.02 22.12
CA LEU G 295 -19.08 -26.25 21.11
C LEU G 295 -18.12 -25.90 19.99
N ILE G 296 -18.67 -25.70 18.80
CA ILE G 296 -17.87 -25.35 17.63
C ILE G 296 -18.45 -24.10 16.99
N TRP G 297 -17.56 -23.31 16.39
CA TRP G 297 -17.90 -21.99 15.88
C TRP G 297 -17.01 -21.69 14.70
N MET G 298 -17.61 -21.29 13.59
CA MET G 298 -16.87 -20.88 12.41
C MET G 298 -17.11 -19.39 12.16
N GLU G 299 -16.04 -18.64 11.98
CA GLU G 299 -16.17 -17.23 11.61
C GLU G 299 -16.70 -17.12 10.19
N THR G 300 -17.62 -16.19 10.00
CA THR G 300 -18.24 -16.00 8.70
C THR G 300 -18.14 -14.53 8.30
N GLY G 301 -18.20 -14.29 6.99
CA GLY G 301 -18.08 -12.95 6.47
C GLY G 301 -19.34 -12.12 6.50
N THR G 302 -20.51 -12.77 6.51
CA THR G 302 -21.78 -12.07 6.52
C THR G 302 -22.75 -12.77 7.47
N PRO G 303 -23.68 -12.02 8.06
CA PRO G 303 -24.73 -12.67 8.86
C PRO G 303 -25.79 -13.30 7.97
N ASP G 304 -25.68 -14.61 7.75
CA ASP G 304 -26.52 -15.31 6.79
C ASP G 304 -27.06 -16.58 7.43
N LEU G 305 -28.39 -16.69 7.51
CA LEU G 305 -29.00 -17.85 8.14
C LEU G 305 -28.81 -19.12 7.31
N GLU G 306 -28.74 -19.00 5.99
CA GLU G 306 -28.64 -20.19 5.16
C GLU G 306 -27.24 -20.81 5.26
N ALA G 307 -26.20 -20.00 5.07
CA ALA G 307 -24.85 -20.50 5.28
C ALA G 307 -24.69 -21.09 6.68
N ALA G 308 -25.36 -20.50 7.67
CA ALA G 308 -25.33 -21.07 9.02
C ALA G 308 -25.98 -22.44 9.04
N ARG G 309 -27.16 -22.57 8.44
CA ARG G 309 -27.84 -23.85 8.40
C ARG G 309 -27.00 -24.89 7.66
N GLN G 310 -26.37 -24.48 6.55
CA GLN G 310 -25.52 -25.39 5.79
C GLN G 310 -24.40 -25.95 6.66
N PHE G 311 -23.74 -25.10 7.45
CA PHE G 311 -22.68 -25.58 8.33
C PHE G 311 -23.24 -26.43 9.46
N SER G 312 -24.40 -26.04 10.02
CA SER G 312 -24.98 -26.80 11.13
C SER G 312 -25.45 -28.17 10.66
N GLU G 313 -26.06 -28.25 9.49
CA GLU G 313 -26.56 -29.53 8.99
C GLU G 313 -25.41 -30.46 8.62
N ALA G 314 -24.36 -29.92 7.99
CA ALA G 314 -23.23 -30.73 7.61
C ALA G 314 -22.49 -31.27 8.83
N VAL G 315 -22.36 -30.45 9.87
CA VAL G 315 -21.66 -30.90 11.08
C VAL G 315 -22.51 -31.91 11.84
N LYS G 316 -23.78 -31.58 12.07
CA LYS G 316 -24.64 -32.46 12.86
C LYS G 316 -24.98 -33.76 12.13
N ALA G 317 -24.70 -33.85 10.83
CA ALA G 317 -24.93 -35.12 10.13
C ALA G 317 -24.07 -36.24 10.71
N GLU G 318 -22.85 -35.92 11.16
CA GLU G 318 -21.97 -36.91 11.76
C GLU G 318 -21.92 -36.85 13.28
N TYR G 319 -22.09 -35.66 13.87
CA TYR G 319 -22.10 -35.48 15.32
C TYR G 319 -23.43 -34.81 15.68
N PRO G 320 -24.50 -35.60 15.83
CA PRO G 320 -25.84 -34.99 15.95
C PRO G 320 -26.03 -34.09 17.16
N ASP G 321 -25.38 -34.40 18.28
CA ASP G 321 -25.58 -33.62 19.51
C ASP G 321 -24.54 -32.51 19.68
N GLN G 322 -23.71 -32.27 18.67
CA GLN G 322 -22.67 -31.25 18.78
C GLN G 322 -23.30 -29.87 18.82
N MET G 323 -23.13 -29.17 19.93
CA MET G 323 -23.63 -27.80 20.04
C MET G 323 -22.70 -26.84 19.31
N LEU G 324 -23.28 -25.77 18.78
CA LEU G 324 -22.55 -24.79 17.99
C LEU G 324 -22.68 -23.41 18.61
N ALA G 325 -21.76 -22.52 18.21
CA ALA G 325 -21.79 -21.13 18.65
C ALA G 325 -21.69 -20.23 17.44
N TYR G 326 -22.27 -19.03 17.56
CA TYR G 326 -22.33 -18.08 16.46
C TYR G 326 -21.97 -16.69 16.95
N ASN G 327 -21.10 -16.01 16.20
CA ASN G 327 -20.63 -14.67 16.54
C ASN G 327 -21.50 -13.66 15.80
N CYS G 328 -22.39 -12.99 16.53
CA CYS G 328 -23.20 -11.92 15.97
C CYS G 328 -22.37 -10.63 16.00
N SER G 329 -21.51 -10.49 14.99
CA SER G 329 -20.39 -9.58 15.07
C SER G 329 -20.80 -8.15 14.71
N PRO G 330 -20.42 -7.14 15.51
CA PRO G 330 -20.53 -5.75 15.05
C PRO G 330 -19.67 -5.44 13.84
N SER G 331 -18.73 -6.31 13.48
CA SER G 331 -17.99 -6.13 12.24
C SER G 331 -18.86 -6.31 11.01
N PHE G 332 -20.08 -6.84 11.18
CA PHE G 332 -21.05 -6.86 10.09
C PHE G 332 -21.80 -5.53 10.04
N ASN G 333 -22.01 -5.03 8.83
CA ASN G 333 -22.97 -3.95 8.61
C ASN G 333 -24.34 -4.59 8.47
N TRP G 334 -25.10 -4.60 9.56
CA TRP G 334 -26.23 -5.53 9.67
C TRP G 334 -27.36 -5.18 8.71
N LYS G 335 -27.70 -3.91 8.55
CA LYS G 335 -28.87 -3.55 7.75
C LYS G 335 -28.58 -3.48 6.26
N LYS G 336 -27.33 -3.50 5.84
CA LYS G 336 -27.03 -3.62 4.42
C LYS G 336 -26.97 -5.07 3.96
N HIS G 337 -27.18 -6.02 4.88
CA HIS G 337 -27.27 -7.43 4.54
C HIS G 337 -28.59 -8.07 4.91
N LEU G 338 -29.31 -7.53 5.90
CA LEU G 338 -30.55 -8.13 6.38
C LEU G 338 -31.61 -7.04 6.54
N ASP G 339 -32.86 -7.42 6.27
CA ASP G 339 -33.99 -6.55 6.57
C ASP G 339 -34.41 -6.73 8.02
N ASP G 340 -35.28 -5.82 8.48
CA ASP G 340 -35.68 -5.82 9.88
C ASP G 340 -36.38 -7.11 10.28
N ALA G 341 -37.07 -7.76 9.34
CA ALA G 341 -37.75 -9.00 9.65
C ALA G 341 -36.76 -10.11 9.95
N THR G 342 -35.69 -10.24 9.15
CA THR G 342 -34.70 -11.26 9.40
C THR G 342 -33.89 -10.97 10.66
N ILE G 343 -33.55 -9.69 10.87
CA ILE G 343 -32.81 -9.31 12.07
C ILE G 343 -33.56 -9.74 13.33
N ALA G 344 -34.88 -9.54 13.34
CA ALA G 344 -35.65 -9.83 14.56
C ALA G 344 -35.67 -11.32 14.87
N LYS G 345 -35.76 -12.17 13.84
CA LYS G 345 -35.77 -13.62 14.03
C LYS G 345 -34.39 -14.24 13.97
N PHE G 346 -33.34 -13.43 13.87
CA PHE G 346 -32.01 -13.95 13.56
C PHE G 346 -31.54 -14.96 14.62
N GLN G 347 -31.58 -14.58 15.90
CA GLN G 347 -31.05 -15.46 16.93
C GLN G 347 -31.95 -16.68 17.14
N LYS G 348 -33.27 -16.49 17.09
CA LYS G 348 -34.16 -17.63 17.33
C LYS G 348 -34.04 -18.68 16.23
N GLU G 349 -33.79 -18.25 15.00
CA GLU G 349 -33.55 -19.22 13.92
C GLU G 349 -32.24 -19.96 14.13
N LEU G 350 -31.19 -19.25 14.54
CA LEU G 350 -29.92 -19.90 14.79
C LEU G 350 -30.03 -20.95 15.89
N ALA G 351 -30.81 -20.66 16.93
CA ALA G 351 -30.93 -21.60 18.03
C ALA G 351 -31.61 -22.89 17.60
N ALA G 352 -32.57 -22.81 16.66
CA ALA G 352 -33.21 -24.02 16.15
C ALA G 352 -32.24 -24.87 15.35
N MET G 353 -31.22 -24.26 14.74
CA MET G 353 -30.21 -25.00 14.01
C MET G 353 -29.19 -25.67 14.92
N GLY G 354 -29.13 -25.29 16.19
CA GLY G 354 -28.17 -25.84 17.13
C GLY G 354 -27.17 -24.84 17.68
N PHE G 355 -27.28 -23.55 17.35
CA PHE G 355 -26.35 -22.55 17.87
C PHE G 355 -26.85 -22.12 19.26
N LYS G 356 -26.40 -22.85 20.28
CA LYS G 356 -26.87 -22.64 21.64
C LYS G 356 -26.09 -21.56 22.39
N PHE G 357 -25.07 -20.98 21.78
CA PHE G 357 -24.38 -19.84 22.37
C PHE G 357 -24.13 -18.79 21.30
N GLN G 358 -24.73 -17.61 21.47
CA GLN G 358 -24.61 -16.52 20.52
C GLN G 358 -24.23 -15.26 21.27
N PHE G 359 -23.37 -14.43 20.65
CA PHE G 359 -22.79 -13.33 21.39
C PHE G 359 -22.46 -12.18 20.45
N ILE G 360 -22.64 -10.96 20.94
CA ILE G 360 -22.21 -9.75 20.24
C ILE G 360 -20.88 -9.34 20.85
N THR G 361 -19.81 -9.53 20.07
CA THR G 361 -18.46 -9.50 20.62
C THR G 361 -18.05 -8.09 21.06
N LEU G 362 -18.24 -7.11 20.19
CA LEU G 362 -17.76 -5.75 20.44
C LEU G 362 -18.87 -4.83 20.96
N ALA G 363 -19.89 -5.40 21.61
CA ALA G 363 -21.00 -4.59 22.10
C ALA G 363 -20.55 -3.60 23.17
N GLY G 364 -19.61 -4.03 24.02
CA GLY G 364 -19.09 -3.12 25.04
C GLY G 364 -18.33 -1.95 24.43
N PHE G 365 -17.44 -2.25 23.49
CA PHE G 365 -16.68 -1.19 22.82
C PHE G 365 -17.62 -0.16 22.21
N HIS G 366 -18.64 -0.61 21.49
CA HIS G 366 -19.51 0.34 20.79
C HIS G 366 -20.43 1.06 21.75
N ALA G 367 -20.95 0.35 22.75
CA ALA G 367 -21.76 1.01 23.78
C ALA G 367 -20.95 2.10 24.48
N LEU G 368 -19.71 1.79 24.84
CA LEU G 368 -18.87 2.74 25.57
C LEU G 368 -18.50 3.93 24.69
N ASN G 369 -18.09 3.67 23.45
CA ASN G 369 -17.58 4.75 22.60
C ASN G 369 -18.69 5.69 22.14
N TYR G 370 -19.84 5.14 21.73
CA TYR G 370 -20.93 6.00 21.29
C TYR G 370 -21.50 6.81 22.44
N SER G 371 -21.78 6.16 23.56
CA SER G 371 -22.39 6.86 24.69
C SER G 371 -21.53 8.03 25.15
N MET G 372 -20.21 7.83 25.22
CA MET G 372 -19.35 8.93 25.69
C MET G 372 -19.21 10.00 24.63
N PHE G 373 -19.18 9.63 23.35
CA PHE G 373 -19.15 10.64 22.30
C PHE G 373 -20.43 11.46 22.30
N ASP G 374 -21.58 10.81 22.45
CA ASP G 374 -22.86 11.52 22.43
C ASP G 374 -22.96 12.48 23.61
N LEU G 375 -22.51 12.06 24.78
CA LEU G 375 -22.53 12.95 25.95
C LEU G 375 -21.51 14.07 25.80
N ALA G 376 -20.32 13.76 25.32
CA ALA G 376 -19.28 14.79 25.19
C ALA G 376 -19.66 15.83 24.14
N TYR G 377 -20.23 15.39 23.01
CA TYR G 377 -20.57 16.33 21.95
C TYR G 377 -21.61 17.34 22.43
N GLY G 378 -22.66 16.86 23.08
CA GLY G 378 -23.64 17.77 23.65
C GLY G 378 -23.04 18.64 24.75
N TYR G 379 -22.20 18.04 25.60
CA TYR G 379 -21.52 18.80 26.64
C TYR G 379 -20.71 19.95 26.04
N ALA G 380 -20.12 19.73 24.86
CA ALA G 380 -19.36 20.77 24.20
C ALA G 380 -20.25 21.90 23.74
N GLN G 381 -21.48 21.60 23.31
CA GLN G 381 -22.37 22.63 22.80
C GLN G 381 -23.07 23.38 23.93
N ASN G 382 -23.73 22.65 24.84
CA ASN G 382 -24.60 23.27 25.84
C ASN G 382 -24.33 22.74 27.24
N GLN G 383 -23.10 22.29 27.50
CA GLN G 383 -22.65 21.95 28.86
C GLN G 383 -23.66 21.12 29.64
N MET G 384 -24.15 21.65 30.77
CA MET G 384 -24.92 20.83 31.71
C MET G 384 -26.25 20.35 31.14
N SER G 385 -26.81 21.05 30.15
CA SER G 385 -28.03 20.58 29.54
C SER G 385 -27.86 19.17 28.99
N ALA G 386 -26.68 18.89 28.43
CA ALA G 386 -26.43 17.57 27.87
C ALA G 386 -26.45 16.49 28.95
N TYR G 387 -25.84 16.76 30.10
CA TYR G 387 -25.74 15.73 31.13
C TYR G 387 -27.10 15.47 31.78
N VAL G 388 -27.89 16.51 32.01
CA VAL G 388 -29.18 16.32 32.64
C VAL G 388 -30.07 15.42 31.80
N GLU G 389 -29.97 15.51 30.48
CA GLU G 389 -30.68 14.57 29.62
C GLU G 389 -30.32 13.14 29.98
N LEU G 390 -29.03 12.87 30.19
CA LEU G 390 -28.60 11.52 30.55
C LEU G 390 -29.14 11.12 31.92
N GLN G 391 -29.00 12.01 32.91
CA GLN G 391 -29.45 11.68 34.24
C GLN G 391 -30.95 11.43 34.29
N GLU G 392 -31.71 12.13 33.43
CA GLU G 392 -33.15 11.93 33.41
C GLU G 392 -33.53 10.61 32.75
N ARG G 393 -32.83 10.23 31.67
CA ARG G 393 -33.04 8.91 31.10
C ARG G 393 -32.71 7.82 32.12
N GLU G 394 -31.69 8.06 32.95
CA GLU G 394 -31.38 7.12 34.02
C GLU G 394 -32.53 7.01 35.01
N PHE G 395 -33.09 8.15 35.41
CA PHE G 395 -34.26 8.13 36.29
C PHE G 395 -35.39 7.32 35.69
N ALA G 396 -35.73 7.59 34.42
CA ALA G 396 -36.81 6.88 33.76
C ALA G 396 -36.49 5.40 33.56
N ALA G 397 -35.22 5.02 33.57
CA ALA G 397 -34.84 3.63 33.41
C ALA G 397 -35.08 2.79 34.66
N GLU G 398 -35.36 3.44 35.80
CA GLU G 398 -35.51 2.68 37.05
C GLU G 398 -36.73 1.78 37.02
N GLU G 399 -37.76 2.11 36.24
CA GLU G 399 -38.89 1.21 36.09
C GLU G 399 -38.52 -0.04 35.31
N ARG G 400 -37.51 0.04 34.46
CA ARG G 400 -36.99 -1.11 33.73
C ARG G 400 -36.01 -1.93 34.56
N GLY G 401 -35.71 -1.53 35.79
CA GLY G 401 -34.81 -2.26 36.67
C GLY G 401 -33.49 -1.58 36.92
N TYR G 402 -33.21 -0.46 36.26
CA TYR G 402 -31.94 0.24 36.41
C TYR G 402 -31.79 0.76 37.84
N THR G 403 -30.56 0.66 38.37
CA THR G 403 -30.28 1.08 39.74
C THR G 403 -29.05 1.98 39.86
N ALA G 404 -28.21 2.09 38.84
CA ALA G 404 -26.94 2.79 39.00
C ALA G 404 -27.10 4.29 39.14
N THR G 405 -28.30 4.83 39.01
CA THR G 405 -28.50 6.26 39.30
C THR G 405 -28.05 6.58 40.72
N LYS G 406 -28.42 5.73 41.68
CA LYS G 406 -27.88 5.78 43.04
C LYS G 406 -26.49 5.15 42.98
N HIS G 407 -25.52 5.95 42.52
CA HIS G 407 -24.20 5.41 42.23
C HIS G 407 -23.44 5.03 43.49
N GLN G 408 -23.76 5.65 44.63
CA GLN G 408 -23.04 5.34 45.86
C GLN G 408 -23.30 3.90 46.29
N ARG G 409 -24.57 3.54 46.46
CA ARG G 409 -24.91 2.17 46.82
C ARG G 409 -24.60 1.19 45.71
N GLU G 410 -24.55 1.65 44.46
CA GLU G 410 -24.27 0.75 43.34
C GLU G 410 -22.88 0.16 43.42
N VAL G 411 -21.91 0.91 43.97
CA VAL G 411 -20.53 0.46 44.06
C VAL G 411 -20.19 -0.09 45.44
N GLY G 412 -21.16 -0.17 46.35
CA GLY G 412 -20.98 -0.85 47.61
C GLY G 412 -20.87 0.04 48.84
N ALA G 413 -21.15 1.34 48.73
CA ALA G 413 -21.07 2.22 49.89
C ALA G 413 -21.90 1.68 51.04
N GLY G 414 -23.07 1.13 50.75
CA GLY G 414 -23.88 0.53 51.79
C GLY G 414 -23.28 -0.76 52.32
N TYR G 415 -22.69 -1.56 51.42
CA TYR G 415 -22.11 -2.83 51.85
C TYR G 415 -20.91 -2.61 52.78
N PHE G 416 -20.08 -1.62 52.47
CA PHE G 416 -18.93 -1.33 53.33
C PHE G 416 -19.35 -0.60 54.61
N ASP G 417 -20.38 0.24 54.55
CA ASP G 417 -20.96 0.76 55.78
C ASP G 417 -21.41 -0.36 56.69
N ARG G 418 -21.91 -1.47 56.11
CA ARG G 418 -22.30 -2.62 56.91
C ARG G 418 -21.08 -3.27 57.56
N ILE G 419 -19.97 -3.36 56.82
CA ILE G 419 -18.73 -3.85 57.41
C ILE G 419 -18.28 -2.92 58.53
N ALA G 420 -18.30 -1.61 58.27
CA ALA G 420 -17.87 -0.64 59.27
C ALA G 420 -18.67 -0.78 60.55
N THR G 421 -20.00 -0.82 60.44
CA THR G 421 -20.83 -0.91 61.63
C THR G 421 -20.70 -2.28 62.31
N THR G 422 -20.35 -3.32 61.54
CA THR G 422 -20.12 -4.62 62.16
C THR G 422 -18.85 -4.63 63.00
N VAL G 423 -17.84 -3.85 62.61
CA VAL G 423 -16.62 -3.78 63.39
C VAL G 423 -16.77 -2.80 64.55
N ASP G 424 -17.51 -1.73 64.35
CA ASP G 424 -17.75 -0.72 65.39
C ASP G 424 -19.13 -0.11 65.15
N PRO G 425 -20.16 -0.62 65.82
CA PRO G 425 -21.52 -0.10 65.56
C PRO G 425 -21.67 1.38 65.81
N ASN G 426 -20.93 1.95 66.77
CA ASN G 426 -20.99 3.36 67.06
C ASN G 426 -19.97 4.18 66.27
N SER G 427 -19.60 3.72 65.08
CA SER G 427 -18.62 4.44 64.28
C SER G 427 -19.18 5.78 63.82
N SER G 428 -18.34 6.82 63.92
CA SER G 428 -18.74 8.16 63.55
C SER G 428 -18.52 8.48 62.08
N THR G 429 -17.85 7.60 61.33
CA THR G 429 -17.39 7.91 59.99
C THR G 429 -17.98 6.95 58.95
N THR G 430 -19.27 6.64 59.05
CA THR G 430 -19.94 5.89 58.00
C THR G 430 -20.32 6.84 56.85
N ALA G 431 -20.62 6.25 55.70
CA ALA G 431 -20.68 6.99 54.44
C ALA G 431 -22.08 7.40 54.03
N LEU G 432 -23.06 6.48 54.11
CA LEU G 432 -24.38 6.78 53.55
C LEU G 432 -25.15 7.78 54.39
N THR G 433 -24.97 7.78 55.71
CA THR G 433 -25.66 8.74 56.57
C THR G 433 -25.22 10.15 56.22
N GLY G 434 -26.19 11.01 55.92
CA GLY G 434 -25.92 12.39 55.57
C GLY G 434 -25.45 12.61 54.14
N SER G 435 -25.35 11.55 53.34
CA SER G 435 -24.95 11.69 51.94
C SER G 435 -26.01 12.45 51.15
N THR G 436 -25.57 13.04 50.04
CA THR G 436 -26.52 13.72 49.15
C THR G 436 -27.36 12.71 48.37
N GLU G 437 -26.93 11.45 48.29
CA GLU G 437 -27.76 10.43 47.68
C GLU G 437 -28.94 10.05 48.57
N GLU G 438 -28.70 9.91 49.87
CA GLU G 438 -29.79 9.68 50.81
C GLU G 438 -30.75 10.86 50.86
N GLY G 439 -30.23 12.08 50.68
CA GLY G 439 -31.03 13.29 50.82
C GLY G 439 -31.65 13.82 49.57
N GLN G 440 -31.23 13.34 48.38
CA GLN G 440 -31.75 13.85 47.12
C GLN G 440 -32.25 12.76 46.17
N PHE G 441 -32.11 11.48 46.53
CA PHE G 441 -32.56 10.39 45.66
C PHE G 441 -33.55 9.49 46.41
N MET H 15 30.58 11.06 32.03
CA MET H 15 30.14 10.04 31.04
C MET H 15 29.23 10.67 29.97
N SER H 16 28.02 11.04 30.37
CA SER H 16 27.04 11.62 29.48
C SER H 16 26.39 12.83 30.11
N VAL H 17 25.95 13.77 29.27
CA VAL H 17 25.28 14.98 29.73
C VAL H 17 23.77 14.87 29.70
N VAL H 18 23.23 13.78 29.14
CA VAL H 18 21.78 13.64 29.02
C VAL H 18 21.14 13.66 30.40
N GLY H 19 20.15 14.52 30.57
CA GLY H 19 19.41 14.58 31.83
C GLY H 19 20.13 15.25 32.97
N THR H 20 21.20 15.98 32.71
CA THR H 20 21.93 16.63 33.79
C THR H 20 21.00 17.62 34.48
N PRO H 21 20.91 17.61 35.81
CA PRO H 21 20.00 18.54 36.49
C PRO H 21 20.47 19.98 36.35
N LYS H 22 19.49 20.89 36.34
CA LYS H 22 19.79 22.31 36.30
C LYS H 22 20.47 22.74 37.59
N SER H 23 21.11 23.91 37.55
CA SER H 23 21.67 24.50 38.74
C SER H 23 20.57 25.18 39.56
N ALA H 24 20.87 25.42 40.84
CA ALA H 24 19.91 26.12 41.68
C ALA H 24 19.64 27.52 41.16
N GLU H 25 20.64 28.17 40.55
CA GLU H 25 20.44 29.50 40.02
C GLU H 25 19.41 29.50 38.90
N GLN H 26 19.51 28.53 37.99
CA GLN H 26 18.52 28.42 36.92
C GLN H 26 17.13 28.16 37.49
N ILE H 27 17.03 27.29 38.50
CA ILE H 27 15.74 27.04 39.13
C ILE H 27 15.22 28.30 39.81
N GLN H 28 16.10 29.01 40.51
CA GLN H 28 15.70 30.23 41.21
C GLN H 28 15.28 31.30 40.22
N GLN H 29 16.01 31.45 39.11
CA GLN H 29 15.64 32.43 38.12
C GLN H 29 14.30 32.09 37.47
N GLU H 30 14.00 30.81 37.29
CA GLU H 30 12.69 30.40 36.82
C GLU H 30 11.61 30.80 37.82
N TRP H 31 11.88 30.63 39.12
CA TRP H 31 10.91 30.97 40.15
C TRP H 31 10.71 32.48 40.30
N ASP H 32 11.69 33.29 39.89
CA ASP H 32 11.61 34.73 40.08
C ASP H 32 11.14 35.49 38.85
N THR H 33 11.21 34.88 37.65
CA THR H 33 10.94 35.60 36.41
C THR H 33 9.84 34.97 35.56
N ASN H 34 9.43 33.74 35.83
CA ASN H 34 8.39 33.09 35.05
C ASN H 34 7.03 33.42 35.65
N PRO H 35 6.13 34.10 34.93
CA PRO H 35 4.81 34.43 35.51
C PRO H 35 4.01 33.21 35.91
N ARG H 36 4.42 32.02 35.50
CA ARG H 36 3.76 30.80 35.99
C ARG H 36 3.81 30.74 37.52
N TRP H 37 4.88 31.25 38.13
CA TRP H 37 5.07 31.17 39.57
C TRP H 37 4.84 32.50 40.27
N LYS H 38 4.07 33.40 39.65
CA LYS H 38 3.93 34.76 40.19
C LYS H 38 3.37 34.74 41.60
N ASP H 39 2.28 33.98 41.82
CA ASP H 39 1.58 33.96 43.10
C ASP H 39 1.80 32.64 43.86
N VAL H 40 2.92 31.96 43.60
CA VAL H 40 3.22 30.68 44.21
C VAL H 40 4.26 30.89 45.30
N THR H 41 4.02 30.29 46.46
CA THR H 41 4.92 30.40 47.61
C THR H 41 5.56 29.04 47.86
N ARG H 42 6.89 29.02 47.89
CA ARG H 42 7.66 27.82 48.19
C ARG H 42 8.40 28.03 49.50
N THR H 43 8.18 27.13 50.47
CA THR H 43 8.85 27.23 51.76
C THR H 43 10.18 26.48 51.80
N TYR H 44 10.54 25.80 50.71
CA TYR H 44 11.86 25.22 50.54
C TYR H 44 12.63 26.00 49.47
N SER H 45 13.93 25.73 49.39
CA SER H 45 14.82 26.48 48.52
C SER H 45 15.06 25.75 47.21
N ALA H 46 15.61 26.49 46.24
CA ALA H 46 16.05 25.87 45.01
C ALA H 46 17.15 24.85 45.28
N GLU H 47 18.02 25.13 46.26
CA GLU H 47 19.05 24.17 46.62
C GLU H 47 18.46 22.91 47.22
N ASP H 48 17.35 23.03 47.95
CA ASP H 48 16.68 21.85 48.49
C ASP H 48 16.18 20.94 47.38
N VAL H 49 15.75 21.53 46.26
CA VAL H 49 15.25 20.72 45.14
C VAL H 49 16.39 19.98 44.47
N VAL H 50 17.47 20.70 44.14
CA VAL H 50 18.63 20.07 43.51
C VAL H 50 19.15 18.92 44.38
N ALA H 51 19.17 19.10 45.69
CA ALA H 51 19.71 18.08 46.57
C ALA H 51 18.93 16.77 46.50
N LEU H 52 17.72 16.80 45.95
CA LEU H 52 16.87 15.61 45.84
C LEU H 52 16.88 14.98 44.46
N GLN H 53 17.54 15.60 43.48
CA GLN H 53 17.44 15.18 42.09
C GLN H 53 18.51 14.19 41.67
N GLY H 54 19.49 13.89 42.51
CA GLY H 54 20.48 12.91 42.11
C GLY H 54 21.34 13.43 40.97
N SER H 55 21.81 12.49 40.13
CA SER H 55 22.69 12.81 39.01
C SER H 55 21.95 12.99 37.69
N VAL H 56 20.72 12.49 37.56
CA VAL H 56 19.98 12.52 36.32
C VAL H 56 18.53 12.88 36.63
N VAL H 57 17.97 13.78 35.83
CA VAL H 57 16.57 14.16 35.93
C VAL H 57 15.87 13.65 34.68
N GLU H 58 15.01 12.65 34.86
CA GLU H 58 14.24 12.12 33.74
C GLU H 58 13.31 13.19 33.19
N GLU H 59 13.22 13.26 31.86
CA GLU H 59 12.29 14.15 31.21
C GLU H 59 10.90 13.51 31.17
N HIS H 60 9.89 14.31 31.47
CA HIS H 60 8.50 13.87 31.45
C HIS H 60 7.77 14.71 30.41
N THR H 61 7.84 14.27 29.15
CA THR H 61 7.33 15.05 28.05
C THR H 61 5.85 15.37 28.23
N LEU H 62 5.02 14.34 28.42
CA LEU H 62 3.58 14.56 28.46
C LEU H 62 3.16 15.30 29.73
N ALA H 63 3.91 15.16 30.82
CA ALA H 63 3.60 15.93 32.03
C ALA H 63 3.86 17.42 31.80
N ARG H 64 5.01 17.75 31.21
CA ARG H 64 5.33 19.13 30.91
C ARG H 64 4.35 19.72 29.89
N ARG H 65 4.24 19.07 28.73
CA ARG H 65 3.36 19.59 27.68
C ARG H 65 1.94 19.78 28.20
N GLY H 66 1.40 18.77 28.87
CA GLY H 66 0.04 18.86 29.37
C GLY H 66 -0.12 19.97 30.38
N ALA H 67 0.85 20.12 31.28
CA ALA H 67 0.79 21.20 32.27
C ALA H 67 0.88 22.56 31.60
N GLU H 68 1.74 22.70 30.59
CA GLU H 68 1.86 23.98 29.89
C GLU H 68 0.58 24.31 29.12
N VAL H 69 0.02 23.31 28.42
CA VAL H 69 -1.21 23.53 27.67
C VAL H 69 -2.35 23.90 28.61
N LEU H 70 -2.53 23.12 29.67
CA LEU H 70 -3.62 23.37 30.61
C LEU H 70 -3.53 24.79 31.16
N TRP H 71 -2.36 25.17 31.68
CA TRP H 71 -2.19 26.51 32.23
C TRP H 71 -2.52 27.57 31.18
N GLU H 72 -2.03 27.39 29.95
CA GLU H 72 -2.32 28.36 28.90
C GLU H 72 -3.81 28.44 28.63
N GLN H 73 -4.49 27.30 28.58
CA GLN H 73 -5.93 27.29 28.29
C GLN H 73 -6.70 28.01 29.40
N LEU H 74 -6.33 27.77 30.66
CA LEU H 74 -7.04 28.39 31.77
C LEU H 74 -7.02 29.90 31.70
N HIS H 75 -6.06 30.49 30.99
CA HIS H 75 -6.02 31.93 30.77
C HIS H 75 -6.49 32.35 29.38
N ASP H 76 -6.52 31.42 28.42
CA ASP H 76 -6.94 31.75 27.06
C ASP H 76 -8.42 31.55 26.83
N LEU H 77 -9.04 30.59 27.53
CA LEU H 77 -10.43 30.24 27.29
C LEU H 77 -11.33 30.88 28.33
N GLU H 78 -12.60 31.05 27.96
CA GLU H 78 -13.61 31.50 28.90
C GLU H 78 -13.63 30.60 30.13
N TRP H 79 -13.57 29.29 29.91
CA TRP H 79 -13.36 28.33 30.98
C TRP H 79 -13.11 26.96 30.37
N VAL H 80 -12.39 26.12 31.12
CA VAL H 80 -12.07 24.77 30.69
C VAL H 80 -13.02 23.82 31.39
N ASN H 81 -13.71 22.98 30.63
CA ASN H 81 -14.63 22.03 31.20
C ASN H 81 -14.28 20.62 30.71
N ALA H 82 -14.68 19.62 31.48
CA ALA H 82 -14.25 18.26 31.23
C ALA H 82 -15.28 17.30 31.77
N LEU H 83 -15.15 16.04 31.35
CA LEU H 83 -15.96 14.93 31.83
C LEU H 83 -15.05 13.87 32.44
N GLY H 84 -15.62 13.09 33.36
CA GLY H 84 -14.85 12.02 33.98
C GLY H 84 -14.65 10.85 33.03
N ALA H 85 -13.42 10.36 32.96
CA ALA H 85 -13.04 9.27 32.08
C ALA H 85 -12.32 8.19 32.87
N LEU H 86 -12.75 6.94 32.71
CA LEU H 86 -12.14 5.81 33.39
C LEU H 86 -11.54 4.77 32.44
N THR H 87 -11.67 4.95 31.13
CA THR H 87 -10.97 4.10 30.16
C THR H 87 -10.35 4.98 29.10
N GLY H 88 -9.38 4.40 28.37
CA GLY H 88 -8.72 5.14 27.32
C GLY H 88 -9.66 5.55 26.19
N ASN H 89 -10.59 4.67 25.82
CA ASN H 89 -11.53 5.01 24.76
C ASN H 89 -12.41 6.19 25.17
N MET H 90 -12.84 6.22 26.43
CA MET H 90 -13.65 7.34 26.90
C MET H 90 -12.95 8.67 26.62
N ALA H 91 -11.67 8.76 26.95
CA ALA H 91 -10.93 10.00 26.72
C ALA H 91 -10.84 10.32 25.23
N VAL H 92 -10.62 9.29 24.40
CA VAL H 92 -10.54 9.52 22.95
C VAL H 92 -11.82 10.19 22.45
N GLN H 93 -12.97 9.68 22.88
CA GLN H 93 -14.24 10.23 22.39
C GLN H 93 -14.49 11.64 22.94
N GLN H 94 -14.05 11.90 24.17
CA GLN H 94 -14.21 13.23 24.73
C GLN H 94 -13.45 14.26 23.91
N VAL H 95 -12.22 13.94 23.52
CA VAL H 95 -11.43 14.84 22.68
C VAL H 95 -12.01 14.88 21.26
N ARG H 96 -12.45 13.73 20.75
CA ARG H 96 -13.04 13.69 19.43
C ARG H 96 -14.24 14.61 19.34
N ALA H 97 -15.04 14.68 20.41
CA ALA H 97 -16.25 15.48 20.43
C ALA H 97 -16.00 16.96 20.69
N GLY H 98 -14.75 17.38 20.92
CA GLY H 98 -14.41 18.78 21.04
C GLY H 98 -13.88 19.22 22.39
N LEU H 99 -13.89 18.36 23.40
CA LEU H 99 -13.40 18.77 24.71
C LEU H 99 -11.89 18.97 24.68
N LYS H 100 -11.41 19.86 25.55
CA LYS H 100 -10.01 20.26 25.56
C LYS H 100 -9.29 19.84 26.83
N ALA H 101 -9.89 18.98 27.64
CA ALA H 101 -9.23 18.49 28.85
C ALA H 101 -9.96 17.23 29.31
N ILE H 102 -9.21 16.38 30.01
CA ILE H 102 -9.73 15.14 30.55
C ILE H 102 -9.72 15.24 32.07
N TYR H 103 -10.81 14.82 32.70
CA TYR H 103 -10.87 14.68 34.15
C TYR H 103 -10.85 13.21 34.51
N LEU H 104 -10.00 12.85 35.47
CA LEU H 104 -9.81 11.47 35.89
C LEU H 104 -10.29 11.35 37.34
N SER H 105 -11.54 10.92 37.50
CA SER H 105 -12.15 10.80 38.82
C SER H 105 -11.57 9.62 39.59
N GLY H 106 -11.29 9.85 40.88
CA GLY H 106 -10.92 8.75 41.75
C GLY H 106 -12.09 7.91 42.16
N TRP H 107 -13.27 8.51 42.29
CA TRP H 107 -14.50 7.76 42.51
C TRP H 107 -14.67 6.67 41.48
N GLN H 108 -14.52 7.02 40.19
CA GLN H 108 -14.75 6.07 39.12
C GLN H 108 -13.69 4.97 39.11
N VAL H 109 -12.44 5.33 39.41
CA VAL H 109 -11.37 4.34 39.52
C VAL H 109 -11.70 3.33 40.62
N ALA H 110 -12.21 3.82 41.76
CA ALA H 110 -12.60 2.93 42.83
C ALA H 110 -13.76 2.04 42.42
N GLY H 111 -14.62 2.52 41.53
CA GLY H 111 -15.83 1.80 41.17
C GLY H 111 -15.69 0.85 40.01
N ASP H 112 -14.69 1.03 39.15
CA ASP H 112 -14.63 0.21 37.95
C ASP H 112 -13.28 0.22 37.24
N ALA H 113 -12.21 0.70 37.91
CA ALA H 113 -10.93 0.72 37.23
C ALA H 113 -9.74 0.92 38.17
N ASN H 114 -9.62 0.09 39.20
CA ASN H 114 -8.47 0.13 40.08
C ASN H 114 -7.79 -1.24 40.12
N LEU H 115 -6.55 -1.23 40.60
CA LEU H 115 -5.65 -2.36 40.47
C LEU H 115 -5.94 -3.50 41.43
N SER H 116 -6.91 -3.36 42.32
CA SER H 116 -7.35 -4.49 43.11
C SER H 116 -8.29 -5.41 42.34
N GLY H 117 -8.83 -4.96 41.22
CA GLY H 117 -9.85 -5.71 40.52
C GLY H 117 -11.22 -5.69 41.16
N HIS H 118 -11.38 -5.01 42.29
CA HIS H 118 -12.63 -5.00 43.02
C HIS H 118 -13.42 -3.73 42.74
N THR H 119 -14.70 -3.76 43.11
CA THR H 119 -15.57 -2.60 43.06
C THR H 119 -15.62 -1.99 44.45
N TYR H 120 -15.23 -0.72 44.57
CA TYR H 120 -15.13 -0.07 45.87
C TYR H 120 -15.98 1.19 45.94
N PRO H 121 -16.45 1.57 47.12
CA PRO H 121 -16.91 2.95 47.33
C PRO H 121 -15.72 3.90 47.44
N ASP H 122 -16.02 5.18 47.32
CA ASP H 122 -14.99 6.22 47.23
C ASP H 122 -14.47 6.52 48.64
N GLN H 123 -13.55 5.66 49.09
CA GLN H 123 -13.04 5.77 50.45
C GLN H 123 -11.56 5.40 50.53
N SER H 124 -10.80 5.66 49.46
CA SER H 124 -9.36 5.39 49.41
C SER H 124 -9.05 3.95 49.77
N LEU H 125 -9.81 3.03 49.19
CA LEU H 125 -9.60 1.61 49.44
C LEU H 125 -8.69 0.95 48.42
N TYR H 126 -8.48 1.56 47.25
CA TYR H 126 -7.77 0.89 46.18
C TYR H 126 -6.27 1.18 46.24
N PRO H 127 -5.46 0.34 45.59
CA PRO H 127 -4.00 0.55 45.60
C PRO H 127 -3.62 1.93 45.07
N ALA H 128 -2.63 2.54 45.73
CA ALA H 128 -2.34 3.95 45.53
C ALA H 128 -1.83 4.29 44.14
N ASN H 129 -1.30 3.32 43.40
CA ASN H 129 -0.83 3.57 42.04
C ASN H 129 -1.91 3.36 40.99
N SER H 130 -3.17 3.19 41.39
CA SER H 130 -4.24 2.94 40.42
C SER H 130 -4.44 4.11 39.48
N VAL H 131 -4.54 5.32 40.03
CA VAL H 131 -4.84 6.51 39.23
C VAL H 131 -3.65 6.83 38.33
N PRO H 132 -2.41 6.75 38.80
CA PRO H 132 -1.27 6.87 37.86
C PRO H 132 -1.36 5.93 36.67
N GLN H 133 -1.82 4.69 36.87
CA GLN H 133 -1.94 3.77 35.75
C GLN H 133 -2.96 4.27 34.72
N VAL H 134 -4.08 4.81 35.19
CA VAL H 134 -5.12 5.29 34.28
C VAL H 134 -4.66 6.55 33.55
N VAL H 135 -3.86 7.39 34.21
CA VAL H 135 -3.23 8.51 33.52
C VAL H 135 -2.38 8.00 32.36
N ARG H 136 -1.52 7.02 32.62
CA ARG H 136 -0.73 6.42 31.56
C ARG H 136 -1.61 5.78 30.51
N ARG H 137 -2.69 5.11 30.94
CA ARG H 137 -3.61 4.50 30.00
C ARG H 137 -4.24 5.54 29.07
N ILE H 138 -4.72 6.64 29.65
CA ILE H 138 -5.40 7.66 28.86
C ILE H 138 -4.45 8.29 27.85
N ASN H 139 -3.24 8.65 28.30
CA ASN H 139 -2.27 9.22 27.38
C ASN H 139 -1.92 8.24 26.27
N ASN H 140 -1.82 6.95 26.59
CA ASN H 140 -1.56 5.94 25.56
C ASN H 140 -2.70 5.92 24.54
N ALA H 141 -3.95 6.03 25.00
CA ALA H 141 -5.08 6.05 24.09
C ALA H 141 -5.07 7.31 23.23
N LEU H 142 -4.82 8.47 23.83
CA LEU H 142 -4.78 9.71 23.07
C LEU H 142 -3.62 9.73 22.08
N GLN H 143 -2.49 9.13 22.45
CA GLN H 143 -1.36 9.01 21.52
C GLN H 143 -1.73 8.13 20.34
N ARG H 144 -2.53 7.08 20.57
CA ARG H 144 -2.93 6.21 19.47
C ARG H 144 -3.81 6.98 18.48
N ALA H 145 -4.78 7.74 19.01
CA ALA H 145 -5.61 8.56 18.15
C ALA H 145 -4.78 9.60 17.42
N ASP H 146 -3.73 10.11 18.06
CA ASP H 146 -2.84 11.07 17.41
C ASP H 146 -2.07 10.42 16.27
N GLN H 147 -1.65 9.17 16.46
CA GLN H 147 -0.93 8.45 15.41
C GLN H 147 -1.84 8.06 14.27
N ILE H 148 -3.05 7.59 14.58
CA ILE H 148 -4.02 7.25 13.54
C ILE H 148 -4.35 8.49 12.72
N ALA H 149 -4.65 9.60 13.39
CA ALA H 149 -5.06 10.82 12.69
C ALA H 149 -4.00 11.28 11.72
N LYS H 150 -2.73 11.12 12.06
CA LYS H 150 -1.64 11.60 11.22
C LYS H 150 -1.57 10.83 9.91
N ILE H 151 -1.54 9.50 9.97
CA ILE H 151 -1.45 8.72 8.74
C ILE H 151 -2.72 8.88 7.92
N GLU H 152 -3.87 9.01 8.57
CA GLU H 152 -5.14 9.22 7.88
C GLU H 152 -5.29 10.63 7.34
N GLY H 153 -4.34 11.52 7.61
CA GLY H 153 -4.49 12.91 7.20
C GLY H 153 -5.64 13.63 7.87
N ASP H 154 -5.94 13.27 9.12
CA ASP H 154 -7.07 13.82 9.84
C ASP H 154 -6.63 15.01 10.68
N THR H 155 -7.18 16.19 10.37
CA THR H 155 -6.83 17.43 11.06
C THR H 155 -8.01 18.04 11.78
N SER H 156 -9.06 17.24 12.05
CA SER H 156 -10.26 17.77 12.69
C SER H 156 -10.04 18.03 14.18
N VAL H 157 -8.98 17.49 14.77
CA VAL H 157 -8.63 17.69 16.17
C VAL H 157 -7.27 18.37 16.23
N GLU H 158 -7.23 19.57 16.81
CA GLU H 158 -5.99 20.34 16.85
C GLU H 158 -4.95 19.68 17.74
N ASN H 159 -5.37 19.16 18.89
CA ASN H 159 -4.45 18.59 19.88
C ASN H 159 -5.12 17.39 20.52
N TRP H 160 -4.61 16.19 20.21
CA TRP H 160 -5.17 14.98 20.79
C TRP H 160 -4.72 14.78 22.23
N LEU H 161 -3.54 15.29 22.60
CA LEU H 161 -3.02 15.14 23.96
C LEU H 161 -3.60 16.25 24.83
N ALA H 162 -4.89 16.13 25.09
CA ALA H 162 -5.55 17.04 26.01
C ALA H 162 -4.96 16.88 27.40
N PRO H 163 -4.84 17.96 28.18
CA PRO H 163 -4.28 17.83 29.53
C PRO H 163 -5.19 17.00 30.42
N ILE H 164 -4.57 16.23 31.31
CA ILE H 164 -5.27 15.33 32.23
C ILE H 164 -5.20 15.93 33.62
N VAL H 165 -6.35 16.14 34.24
CA VAL H 165 -6.46 16.55 35.63
C VAL H 165 -6.91 15.32 36.44
N ALA H 166 -6.06 14.87 37.35
CA ALA H 166 -6.23 13.58 38.01
C ALA H 166 -6.44 13.74 39.51
N ASP H 167 -7.12 12.74 40.09
CA ASP H 167 -7.53 12.76 41.48
C ASP H 167 -6.42 12.21 42.36
N GLY H 168 -5.87 13.07 43.23
CA GLY H 168 -4.90 12.66 44.22
C GLY H 168 -5.51 12.33 45.57
N GLU H 169 -6.83 12.41 45.68
CA GLU H 169 -7.55 12.09 46.91
C GLU H 169 -6.93 12.79 48.11
N ALA H 170 -6.79 12.08 49.23
CA ALA H 170 -6.18 12.63 50.43
C ALA H 170 -4.71 12.25 50.55
N GLY H 171 -4.13 11.67 49.50
CA GLY H 171 -2.72 11.34 49.50
C GLY H 171 -2.38 9.92 49.94
N PHE H 172 -3.35 9.16 50.44
CA PHE H 172 -3.13 7.78 50.84
C PHE H 172 -2.09 7.67 51.95
N GLY H 173 -2.03 8.66 52.84
CA GLY H 173 -1.16 8.58 53.99
C GLY H 173 -0.62 9.95 54.37
N GLY H 174 0.66 9.98 54.71
CA GLY H 174 1.34 11.20 55.11
C GLY H 174 1.89 11.96 53.93
N ALA H 175 2.82 12.88 54.23
CA ALA H 175 3.38 13.72 53.19
C ALA H 175 4.18 12.91 52.17
N LEU H 176 4.77 11.79 52.57
CA LEU H 176 5.58 11.01 51.65
C LEU H 176 4.71 10.18 50.72
N ASN H 177 3.57 9.70 51.22
CA ASN H 177 2.58 9.08 50.34
C ASN H 177 2.08 10.08 49.31
N VAL H 178 1.81 11.32 49.74
CA VAL H 178 1.46 12.39 48.82
C VAL H 178 2.57 12.57 47.78
N TYR H 179 3.81 12.65 48.23
CA TYR H 179 4.93 12.87 47.33
C TYR H 179 5.00 11.78 46.26
N GLU H 180 4.92 10.52 46.67
CA GLU H 180 5.07 9.42 45.72
C GLU H 180 3.93 9.37 44.72
N LEU H 181 2.71 9.69 45.15
CA LEU H 181 1.60 9.71 44.21
C LEU H 181 1.79 10.79 43.16
N GLN H 182 2.13 12.01 43.58
CA GLN H 182 2.37 13.09 42.64
C GLN H 182 3.48 12.73 41.66
N LYS H 183 4.56 12.13 42.16
CA LYS H 183 5.63 11.69 41.28
C LYS H 183 5.12 10.67 40.28
N ALA H 184 4.38 9.67 40.75
CA ALA H 184 3.86 8.65 39.85
C ALA H 184 2.88 9.25 38.84
N LEU H 185 2.05 10.20 39.28
CA LEU H 185 1.17 10.89 38.35
C LEU H 185 1.98 11.60 37.27
N ILE H 186 3.09 12.22 37.64
CA ILE H 186 3.89 12.97 36.68
C ILE H 186 4.53 12.02 35.66
N ALA H 187 5.15 10.94 36.14
CA ALA H 187 5.75 9.99 35.21
C ALA H 187 4.74 9.49 34.19
N ALA H 188 3.48 9.35 34.60
CA ALA H 188 2.41 8.89 33.69
C ALA H 188 1.93 9.98 32.75
N GLY H 189 2.33 11.23 32.96
CA GLY H 189 1.99 12.31 32.06
C GLY H 189 0.83 13.18 32.48
N VAL H 190 0.61 13.36 33.79
CA VAL H 190 -0.51 14.16 34.25
C VAL H 190 -0.21 15.65 34.02
N ALA H 191 -1.27 16.43 33.85
CA ALA H 191 -1.15 17.87 33.76
C ALA H 191 -1.50 18.58 35.06
N GLY H 192 -2.48 18.07 35.79
CA GLY H 192 -2.86 18.64 37.06
C GLY H 192 -3.34 17.55 38.01
N SER H 193 -3.29 17.86 39.29
CA SER H 193 -3.74 16.96 40.33
C SER H 193 -4.36 17.78 41.46
N HIS H 194 -5.41 17.25 42.08
CA HIS H 194 -6.06 17.92 43.18
C HIS H 194 -5.95 17.09 44.45
N TRP H 195 -5.98 17.77 45.58
CA TRP H 195 -5.70 17.15 46.87
C TRP H 195 -6.64 17.76 47.90
N GLU H 196 -7.28 16.90 48.70
CA GLU H 196 -8.33 17.32 49.61
C GLU H 196 -7.85 17.20 51.06
N ASP H 197 -8.42 18.05 51.91
CA ASP H 197 -8.04 18.15 53.32
C ASP H 197 -8.80 17.17 54.20
N GLN H 198 -8.98 15.93 53.77
CA GLN H 198 -9.58 14.89 54.58
C GLN H 198 -8.49 14.02 55.21
N LEU H 199 -8.88 13.29 56.24
CA LEU H 199 -8.02 12.24 56.78
C LEU H 199 -8.04 11.05 55.82
N ALA H 200 -6.88 10.72 55.25
CA ALA H 200 -6.83 9.65 54.27
C ALA H 200 -7.37 8.33 54.82
N SER H 201 -7.17 8.09 56.12
CA SER H 201 -7.68 6.88 56.74
C SER H 201 -9.20 6.81 56.74
N GLU H 202 -9.88 7.96 56.61
CA GLU H 202 -11.34 8.00 56.61
C GLU H 202 -11.87 8.75 55.38
N LYS H 203 -11.11 8.73 54.28
CA LYS H 203 -11.48 9.47 53.10
C LYS H 203 -12.88 9.09 52.64
N LYS H 204 -13.62 10.08 52.14
CA LYS H 204 -14.94 9.84 51.57
C LYS H 204 -15.09 10.68 50.31
N GLY H 206 -16.84 13.69 48.34
CA GLY H 206 -17.27 14.96 48.88
C GLY H 206 -18.74 15.05 49.21
N HIS H 207 -19.52 14.10 48.68
CA HIS H 207 -20.97 14.08 48.86
C HIS H 207 -21.43 12.83 49.59
N LEU H 208 -20.52 12.11 50.24
CA LEU H 208 -20.84 11.11 51.23
C LEU H 208 -20.69 11.71 52.63
N GLY H 209 -21.28 11.03 53.61
CA GLY H 209 -21.22 11.48 54.99
C GLY H 209 -20.01 10.94 55.74
N GLY H 210 -19.91 11.35 56.99
CA GLY H 210 -18.85 10.87 57.85
C GLY H 210 -17.46 11.28 57.39
N LYS H 211 -17.31 12.52 56.94
CA LYS H 211 -16.02 13.04 56.54
C LYS H 211 -15.28 13.60 57.76
N VAL H 212 -13.96 13.44 57.75
CA VAL H 212 -13.08 13.95 58.81
C VAL H 212 -12.03 14.83 58.16
N LEU H 213 -11.84 16.02 58.70
CA LEU H 213 -10.86 16.96 58.21
C LEU H 213 -9.53 16.79 58.94
N ILE H 214 -8.48 17.32 58.34
CA ILE H 214 -7.17 17.45 58.97
C ILE H 214 -6.92 18.92 59.24
N PRO H 215 -6.01 19.27 60.14
CA PRO H 215 -5.74 20.69 60.41
C PRO H 215 -5.32 21.43 59.14
N THR H 216 -5.62 22.73 59.10
CA THR H 216 -5.28 23.54 57.94
C THR H 216 -3.81 23.38 57.57
N GLN H 217 -2.94 23.36 58.58
CA GLN H 217 -1.50 23.26 58.30
C GLN H 217 -1.15 21.95 57.63
N GLN H 218 -1.84 20.86 57.98
CA GLN H 218 -1.50 19.56 57.39
C GLN H 218 -1.81 19.54 55.90
N HIS H 219 -2.83 20.26 55.46
CA HIS H 219 -3.11 20.31 54.03
C HIS H 219 -2.15 21.24 53.31
N ILE H 220 -1.69 22.31 53.97
CA ILE H 220 -0.60 23.09 53.40
C ILE H 220 0.64 22.21 53.23
N ARG H 221 0.87 21.32 54.19
CA ARG H 221 1.93 20.33 54.02
C ARG H 221 1.68 19.46 52.80
N THR H 222 0.45 18.97 52.64
CA THR H 222 0.10 18.18 51.47
C THR H 222 0.37 18.95 50.19
N LEU H 223 -0.15 20.18 50.10
CA LEU H 223 0.07 20.99 48.91
C LEU H 223 1.55 21.27 48.70
N THR H 224 2.31 21.43 49.79
CA THR H 224 3.74 21.67 49.67
C THR H 224 4.45 20.44 49.13
N SER H 225 4.11 19.26 49.65
CA SER H 225 4.68 18.02 49.13
C SER H 225 4.29 17.82 47.68
N ALA H 226 3.06 18.18 47.32
CA ALA H 226 2.62 18.04 45.94
C ALA H 226 3.44 18.93 45.01
N ARG H 227 3.81 20.12 45.49
CA ARG H 227 4.63 21.02 44.68
C ARG H 227 6.06 20.52 44.61
N LEU H 228 6.61 20.04 45.72
CA LEU H 228 8.01 19.63 45.74
C LEU H 228 8.25 18.47 44.79
N ALA H 229 7.34 17.49 44.77
CA ALA H 229 7.47 16.38 43.82
C ALA H 229 7.50 16.90 42.40
N ALA H 230 6.66 17.89 42.08
CA ALA H 230 6.67 18.46 40.74
C ALA H 230 7.99 19.20 40.49
N ASP H 231 8.47 19.96 41.46
CA ASP H 231 9.73 20.68 41.30
C ASP H 231 10.88 19.70 41.08
N VAL H 232 10.94 18.64 41.88
CA VAL H 232 11.99 17.64 41.70
C VAL H 232 11.87 16.97 40.34
N ALA H 233 10.65 16.78 39.85
CA ALA H 233 10.43 16.26 38.51
C ALA H 233 10.57 17.31 37.42
N ASP H 234 10.74 18.58 37.80
CA ASP H 234 11.03 19.66 36.86
C ASP H 234 9.92 19.84 35.84
N VAL H 235 8.66 19.78 36.30
CA VAL H 235 7.51 20.06 35.44
C VAL H 235 6.54 20.96 36.19
N PRO H 236 5.90 22.03 35.47
CA PRO H 236 5.01 22.98 36.15
C PRO H 236 3.60 22.43 36.34
N THR H 237 3.51 21.33 37.07
CA THR H 237 2.21 20.67 37.27
C THR H 237 1.23 21.60 37.96
N VAL H 238 -0.02 21.55 37.51
CA VAL H 238 -1.09 22.35 38.12
C VAL H 238 -1.52 21.67 39.41
N VAL H 239 -1.46 22.41 40.52
CA VAL H 239 -1.80 21.91 41.84
C VAL H 239 -3.12 22.53 42.26
N ILE H 240 -4.10 21.69 42.58
CA ILE H 240 -5.43 22.11 42.96
C ILE H 240 -5.69 21.69 44.40
N ALA H 241 -6.15 22.63 45.22
CA ALA H 241 -6.50 22.36 46.61
C ALA H 241 -8.01 22.23 46.72
N ARG H 242 -8.46 21.14 47.35
CA ARG H 242 -9.87 20.89 47.57
C ARG H 242 -10.13 20.90 49.07
N THR H 243 -11.20 21.57 49.48
CA THR H 243 -11.62 21.60 50.87
C THR H 243 -12.97 20.90 51.00
N ASP H 244 -13.09 20.01 51.98
CA ASP H 244 -14.33 19.30 52.25
C ASP H 244 -15.05 19.83 53.50
N ALA H 245 -14.74 21.06 53.91
CA ALA H 245 -15.24 21.59 55.17
C ALA H 245 -16.71 22.01 55.12
N GLU H 246 -17.33 22.02 53.94
CA GLU H 246 -18.71 22.48 53.84
C GLU H 246 -19.66 21.58 54.63
N ALA H 247 -19.39 20.27 54.65
CA ALA H 247 -20.28 19.30 55.28
C ALA H 247 -19.62 18.45 56.36
N ALA H 248 -18.30 18.44 56.47
CA ALA H 248 -17.61 17.61 57.44
C ALA H 248 -17.77 18.21 58.84
N THR H 249 -18.21 17.38 59.79
CA THR H 249 -18.42 17.82 61.16
C THR H 249 -17.31 17.35 62.11
N LEU H 250 -16.23 16.79 61.58
CA LEU H 250 -15.18 16.21 62.40
C LEU H 250 -13.81 16.67 61.90
N ILE H 251 -12.86 16.72 62.83
CA ILE H 251 -11.48 17.11 62.52
C ILE H 251 -10.57 16.37 63.48
N THR H 252 -9.40 15.99 62.99
CA THR H 252 -8.52 15.11 63.78
C THR H 252 -7.94 15.82 65.00
N SER H 253 -7.73 17.13 64.91
CA SER H 253 -7.08 17.86 66.00
C SER H 253 -7.48 19.32 65.94
N ASP H 254 -7.41 19.99 67.11
CA ASP H 254 -7.70 21.41 67.24
C ASP H 254 -6.42 22.23 67.43
N VAL H 255 -5.28 21.70 66.98
CA VAL H 255 -4.00 22.33 67.29
C VAL H 255 -3.76 23.57 66.43
N ASP H 256 -4.36 23.64 65.25
CA ASP H 256 -4.15 24.77 64.35
C ASP H 256 -5.05 25.92 64.78
N GLU H 257 -4.44 27.08 65.06
CA GLU H 257 -5.22 28.24 65.49
C GLU H 257 -6.29 28.59 64.46
N ARG H 258 -5.98 28.48 63.18
CA ARG H 258 -6.91 28.85 62.14
C ARG H 258 -8.16 27.99 62.13
N ASP H 259 -8.10 26.79 62.71
CA ASP H 259 -9.26 25.91 62.77
C ASP H 259 -10.02 26.04 64.09
N GLN H 260 -9.45 26.71 65.08
CA GLN H 260 -10.05 26.76 66.41
C GLN H 260 -11.38 27.51 66.42
N PRO H 261 -11.56 28.56 65.61
CA PRO H 261 -12.86 29.27 65.63
C PRO H 261 -14.06 28.38 65.37
N PHE H 262 -13.87 27.17 64.86
CA PHE H 262 -14.96 26.26 64.55
C PHE H 262 -15.01 25.03 65.43
N ILE H 263 -14.01 24.82 66.29
CA ILE H 263 -14.00 23.67 67.19
C ILE H 263 -14.97 23.94 68.33
N THR H 264 -15.92 23.04 68.54
CA THR H 264 -16.92 23.19 69.59
C THR H 264 -16.46 22.61 70.92
N GLY H 265 -15.28 22.02 70.98
CA GLY H 265 -14.70 21.51 72.21
C GLY H 265 -14.97 20.05 72.46
N GLU H 266 -16.14 19.57 72.07
CA GLU H 266 -16.52 18.18 72.29
C GLU H 266 -15.79 17.25 71.33
N ARG H 267 -15.72 15.98 71.72
CA ARG H 267 -14.97 14.98 70.97
C ARG H 267 -15.79 13.70 70.87
N THR H 268 -15.42 12.86 69.92
CA THR H 268 -16.08 11.59 69.68
C THR H 268 -15.32 10.46 70.38
N ARG H 269 -15.89 9.25 70.32
CA ARG H 269 -15.23 8.11 70.95
C ARG H 269 -13.88 7.81 70.29
N GLU H 270 -13.76 8.07 68.99
CA GLU H 270 -12.50 7.85 68.29
C GLU H 270 -11.46 8.92 68.59
N GLY H 271 -11.83 9.98 69.28
CA GLY H 271 -10.92 11.08 69.55
C GLY H 271 -11.05 12.24 68.59
N PHE H 272 -11.92 12.15 67.60
CA PHE H 272 -12.11 13.25 66.66
C PHE H 272 -12.74 14.44 67.36
N TYR H 273 -12.33 15.64 66.95
CA TYR H 273 -12.93 16.88 67.45
C TYR H 273 -14.09 17.28 66.57
N ARG H 274 -15.20 17.68 67.19
CA ARG H 274 -16.36 18.14 66.45
C ARG H 274 -16.17 19.60 66.04
N THR H 275 -16.49 19.91 64.80
CA THR H 275 -16.32 21.26 64.26
C THR H 275 -17.61 21.69 63.59
N LYS H 276 -17.75 23.00 63.40
CA LYS H 276 -18.93 23.57 62.75
C LYS H 276 -18.66 23.69 61.26
N ASN H 277 -19.29 22.83 60.47
CA ASN H 277 -19.15 22.87 59.02
C ASN H 277 -19.86 24.10 58.45
N GLY H 278 -19.67 24.31 57.16
CA GLY H 278 -20.39 25.35 56.44
C GLY H 278 -19.49 26.06 55.46
N ILE H 279 -19.99 27.20 54.98
CA ILE H 279 -19.26 27.99 53.99
C ILE H 279 -18.11 28.76 54.63
N GLU H 280 -18.29 29.22 55.87
CA GLU H 280 -17.22 30.00 56.52
C GLU H 280 -15.92 29.22 56.60
N PRO H 281 -15.89 27.98 57.09
CA PRO H 281 -14.61 27.25 57.11
C PRO H 281 -14.00 27.05 55.73
N CYS H 282 -14.83 26.85 54.70
CA CYS H 282 -14.29 26.68 53.36
C CYS H 282 -13.60 27.95 52.88
N ILE H 283 -14.13 29.11 53.25
CA ILE H 283 -13.51 30.38 52.87
C ILE H 283 -12.18 30.56 53.61
N ALA H 284 -12.15 30.27 54.91
CA ALA H 284 -10.92 30.41 55.67
C ALA H 284 -9.84 29.49 55.14
N ARG H 285 -10.17 28.21 54.96
CA ARG H 285 -9.17 27.26 54.45
C ARG H 285 -8.74 27.62 53.04
N ALA H 286 -9.67 28.13 52.22
CA ALA H 286 -9.30 28.53 50.86
C ALA H 286 -8.28 29.65 50.88
N LYS H 287 -8.48 30.65 51.73
CA LYS H 287 -7.52 31.75 51.85
C LYS H 287 -6.15 31.23 52.26
N ALA H 288 -6.11 30.29 53.20
CA ALA H 288 -4.83 29.75 53.67
C ALA H 288 -4.15 28.89 52.60
N TYR H 289 -4.92 28.22 51.74
CA TYR H 289 -4.35 27.39 50.69
C TYR H 289 -3.88 28.18 49.48
N ALA H 290 -4.40 29.40 49.29
CA ALA H 290 -4.15 30.14 48.04
C ALA H 290 -2.68 30.27 47.70
N PRO H 291 -1.78 30.59 48.63
CA PRO H 291 -0.35 30.68 48.25
C PRO H 291 0.24 29.34 47.82
N PHE H 292 -0.49 28.23 47.98
CA PHE H 292 0.02 26.91 47.66
C PHE H 292 -0.87 26.17 46.66
N ALA H 293 -1.73 26.90 45.93
CA ALA H 293 -2.71 26.25 45.06
C ALA H 293 -2.90 27.06 43.79
N ASP H 294 -2.82 26.38 42.65
CA ASP H 294 -3.10 27.03 41.37
C ASP H 294 -4.59 27.19 41.14
N LEU H 295 -5.41 26.32 41.74
CA LEU H 295 -6.86 26.47 41.74
C LEU H 295 -7.40 25.94 43.05
N ILE H 296 -8.54 26.48 43.47
CA ILE H 296 -9.18 26.09 44.72
C ILE H 296 -10.59 25.62 44.43
N TRP H 297 -11.02 24.61 45.20
CA TRP H 297 -12.28 23.91 44.95
C TRP H 297 -12.88 23.56 46.30
N MET H 298 -14.14 23.96 46.51
CA MET H 298 -14.89 23.58 47.71
C MET H 298 -16.07 22.71 47.29
N GLU H 299 -16.25 21.60 48.00
CA GLU H 299 -17.40 20.74 47.77
C GLU H 299 -18.64 21.38 48.37
N THR H 300 -19.79 21.14 47.73
CA THR H 300 -21.06 21.69 48.17
C THR H 300 -22.13 20.62 48.06
N GLY H 301 -23.23 20.84 48.79
CA GLY H 301 -24.32 19.88 48.81
C GLY H 301 -25.33 20.07 47.70
N THR H 302 -25.31 21.24 47.05
CA THR H 302 -26.27 21.55 46.00
C THR H 302 -25.58 22.31 44.88
N PRO H 303 -26.11 22.23 43.65
CA PRO H 303 -25.64 23.14 42.59
C PRO H 303 -26.29 24.50 42.71
N ASP H 304 -25.61 25.45 43.37
CA ASP H 304 -26.18 26.73 43.76
C ASP H 304 -25.29 27.85 43.25
N LEU H 305 -25.78 28.61 42.26
CA LEU H 305 -24.97 29.69 41.70
C LEU H 305 -24.63 30.74 42.74
N GLU H 306 -25.53 31.01 43.68
CA GLU H 306 -25.28 32.06 44.65
C GLU H 306 -24.27 31.61 45.71
N ALA H 307 -24.34 30.36 46.15
CA ALA H 307 -23.32 29.86 47.07
C ALA H 307 -21.95 29.93 46.42
N ALA H 308 -21.87 29.62 45.13
CA ALA H 308 -20.59 29.72 44.42
C ALA H 308 -20.10 31.17 44.38
N ARG H 309 -20.99 32.10 44.09
CA ARG H 309 -20.64 33.52 44.15
C ARG H 309 -20.14 33.88 45.54
N GLN H 310 -20.86 33.44 46.57
CA GLN H 310 -20.48 33.73 47.94
C GLN H 310 -19.04 33.28 48.21
N PHE H 311 -18.68 32.08 47.75
CA PHE H 311 -17.34 31.58 47.95
C PHE H 311 -16.34 32.31 47.06
N SER H 312 -16.72 32.57 45.80
CA SER H 312 -15.79 33.17 44.85
C SER H 312 -15.37 34.57 45.29
N GLU H 313 -16.34 35.44 45.57
CA GLU H 313 -16.03 36.82 45.90
C GLU H 313 -15.27 36.92 47.22
N ALA H 314 -15.62 36.07 48.19
CA ALA H 314 -14.91 36.09 49.47
C ALA H 314 -13.46 35.65 49.32
N VAL H 315 -13.17 34.76 48.37
CA VAL H 315 -11.79 34.35 48.12
C VAL H 315 -11.04 35.42 47.34
N LYS H 316 -11.62 35.89 46.24
CA LYS H 316 -10.97 36.89 45.41
C LYS H 316 -10.83 38.24 46.09
N ALA H 317 -11.44 38.42 47.27
CA ALA H 317 -11.19 39.63 48.03
C ALA H 317 -9.73 39.72 48.48
N GLU H 318 -9.12 38.57 48.80
CA GLU H 318 -7.74 38.53 49.27
C GLU H 318 -6.75 38.19 48.16
N TYR H 319 -7.14 37.34 47.22
CA TYR H 319 -6.27 36.96 46.10
C TYR H 319 -7.11 37.07 44.83
N PRO H 320 -7.16 38.26 44.20
CA PRO H 320 -8.08 38.46 43.07
C PRO H 320 -7.69 37.71 41.81
N ASP H 321 -6.48 37.18 41.72
CA ASP H 321 -6.07 36.37 40.58
C ASP H 321 -6.25 34.87 40.81
N GLN H 322 -6.84 34.48 41.94
CA GLN H 322 -6.95 33.07 42.28
C GLN H 322 -8.04 32.42 41.43
N MET H 323 -7.63 31.53 40.53
CA MET H 323 -8.60 30.79 39.75
C MET H 323 -9.24 29.72 40.62
N LEU H 324 -10.48 29.37 40.28
CA LEU H 324 -11.28 28.44 41.07
C LEU H 324 -11.71 27.28 40.19
N ALA H 325 -12.16 26.20 40.85
CA ALA H 325 -12.68 25.03 40.17
C ALA H 325 -14.00 24.63 40.81
N TYR H 326 -14.91 24.09 40.00
CA TYR H 326 -16.25 23.72 40.44
C TYR H 326 -16.59 22.32 39.96
N ASN H 327 -17.19 21.53 40.86
CA ASN H 327 -17.57 20.16 40.58
C ASN H 327 -19.07 20.11 40.28
N CYS H 328 -19.41 19.98 39.00
CA CYS H 328 -20.79 19.75 38.58
C CYS H 328 -21.09 18.27 38.79
N SER H 329 -21.40 17.92 40.04
CA SER H 329 -21.39 16.54 40.48
C SER H 329 -22.67 15.82 40.06
N PRO H 330 -22.56 14.59 39.55
CA PRO H 330 -23.76 13.75 39.41
C PRO H 330 -24.38 13.33 40.73
N SER H 331 -23.70 13.56 41.87
CA SER H 331 -24.30 13.32 43.17
C SER H 331 -25.46 14.28 43.44
N PHE H 332 -25.55 15.37 42.69
CA PHE H 332 -26.70 16.25 42.77
C PHE H 332 -27.84 15.70 41.91
N ASN H 333 -29.07 15.88 42.38
CA ASN H 333 -30.25 15.72 41.54
C ASN H 333 -30.53 17.06 40.91
N TRP H 334 -30.22 17.18 39.61
CA TRP H 334 -30.11 18.49 38.99
C TRP H 334 -31.48 19.14 38.75
N LYS H 335 -32.47 18.36 38.36
CA LYS H 335 -33.81 18.90 38.15
C LYS H 335 -34.64 18.95 39.42
N LYS H 336 -34.11 18.45 40.54
CA LYS H 336 -34.74 18.61 41.84
C LYS H 336 -34.23 19.84 42.57
N HIS H 337 -33.57 20.75 41.86
CA HIS H 337 -32.96 21.93 42.45
C HIS H 337 -33.05 23.13 41.52
N LEU H 338 -32.88 22.89 40.22
CA LEU H 338 -32.79 23.96 39.23
C LEU H 338 -33.79 23.73 38.11
N ASP H 339 -33.91 24.75 37.25
CA ASP H 339 -34.78 24.71 36.08
C ASP H 339 -33.94 24.66 34.81
N ASP H 340 -34.62 24.40 33.69
CA ASP H 340 -33.90 24.20 32.43
C ASP H 340 -33.12 25.45 32.03
N ALA H 341 -33.69 26.63 32.28
CA ALA H 341 -32.98 27.86 31.95
C ALA H 341 -31.71 28.02 32.79
N THR H 342 -31.81 27.74 34.09
CA THR H 342 -30.65 27.90 34.96
C THR H 342 -29.63 26.79 34.72
N ILE H 343 -30.10 25.59 34.35
CA ILE H 343 -29.16 24.51 34.03
C ILE H 343 -28.31 24.90 32.83
N ALA H 344 -28.92 25.49 31.80
CA ALA H 344 -28.19 25.79 30.57
C ALA H 344 -27.13 26.85 30.79
N LYS H 345 -27.43 27.88 31.58
CA LYS H 345 -26.49 28.96 31.85
C LYS H 345 -25.52 28.64 32.99
N PHE H 346 -25.64 27.47 33.61
CA PHE H 346 -24.95 27.21 34.87
C PHE H 346 -23.45 27.38 34.72
N GLN H 347 -22.83 26.60 33.83
CA GLN H 347 -21.38 26.67 33.69
C GLN H 347 -20.93 28.06 33.27
N LYS H 348 -21.67 28.70 32.36
CA LYS H 348 -21.27 30.02 31.88
C LYS H 348 -21.25 31.03 33.03
N GLU H 349 -22.25 30.96 33.91
CA GLU H 349 -22.25 31.84 35.08
C GLU H 349 -21.03 31.59 35.94
N LEU H 350 -20.74 30.32 36.24
CA LEU H 350 -19.58 30.01 37.07
C LEU H 350 -18.31 30.58 36.48
N ALA H 351 -18.14 30.49 35.16
CA ALA H 351 -16.93 30.97 34.52
C ALA H 351 -16.72 32.46 34.82
N ALA H 352 -17.80 33.24 34.78
CA ALA H 352 -17.68 34.68 35.04
C ALA H 352 -17.34 34.99 36.49
N MET H 353 -17.37 34.00 37.38
CA MET H 353 -17.04 34.20 38.78
C MET H 353 -15.60 33.86 39.12
N GLY H 354 -14.90 33.15 38.22
CA GLY H 354 -13.55 32.71 38.48
C GLY H 354 -13.37 31.20 38.47
N PHE H 355 -14.42 30.43 38.21
CA PHE H 355 -14.32 28.97 38.15
C PHE H 355 -13.90 28.59 36.73
N LYS H 356 -12.59 28.58 36.51
CA LYS H 356 -12.04 28.34 35.19
C LYS H 356 -11.85 26.86 34.86
N PHE H 357 -12.11 25.96 35.81
CA PHE H 357 -12.09 24.53 35.55
C PHE H 357 -13.32 23.89 36.18
N GLN H 358 -14.22 23.40 35.34
CA GLN H 358 -15.45 22.76 35.77
C GLN H 358 -15.50 21.35 35.18
N PHE H 359 -16.07 20.41 35.93
CA PHE H 359 -15.97 19.01 35.54
C PHE H 359 -17.13 18.23 36.13
N ILE H 360 -17.64 17.28 35.36
CA ILE H 360 -18.64 16.32 35.81
C ILE H 360 -17.88 15.06 36.22
N THR H 361 -17.76 14.83 37.53
CA THR H 361 -16.86 13.80 38.03
C THR H 361 -17.22 12.42 37.49
N LEU H 362 -18.47 12.02 37.64
CA LEU H 362 -18.89 10.64 37.40
C LEU H 362 -19.59 10.46 36.07
N ALA H 363 -19.27 11.28 35.07
CA ALA H 363 -19.93 11.19 33.78
C ALA H 363 -19.61 9.86 33.09
N GLY H 364 -18.37 9.41 33.18
CA GLY H 364 -18.01 8.14 32.57
C GLY H 364 -18.77 6.98 33.18
N PHE H 365 -18.85 6.94 34.52
CA PHE H 365 -19.56 5.87 35.18
C PHE H 365 -21.00 5.77 34.69
N HIS H 366 -21.70 6.91 34.65
CA HIS H 366 -23.11 6.88 34.27
C HIS H 366 -23.31 6.61 32.78
N ALA H 367 -22.45 7.18 31.93
CA ALA H 367 -22.54 6.89 30.50
C ALA H 367 -22.30 5.41 30.22
N LEU H 368 -21.36 4.80 30.93
CA LEU H 368 -21.06 3.38 30.73
C LEU H 368 -22.17 2.51 31.32
N ASN H 369 -22.64 2.83 32.52
CA ASN H 369 -23.63 1.97 33.17
C ASN H 369 -24.99 2.07 32.49
N TYR H 370 -25.40 3.26 32.07
CA TYR H 370 -26.71 3.38 31.43
C TYR H 370 -26.70 2.79 30.02
N SER H 371 -25.67 3.08 29.23
CA SER H 371 -25.61 2.57 27.87
C SER H 371 -25.66 1.05 27.83
N MET H 372 -24.90 0.40 28.72
CA MET H 372 -24.88 -1.06 28.70
C MET H 372 -26.19 -1.64 29.21
N PHE H 373 -26.79 -1.01 30.22
CA PHE H 373 -28.10 -1.46 30.67
C PHE H 373 -29.12 -1.33 29.56
N ASP H 374 -29.15 -0.17 28.89
CA ASP H 374 -30.13 0.05 27.84
C ASP H 374 -29.97 -0.95 26.71
N LEU H 375 -28.72 -1.15 26.26
CA LEU H 375 -28.48 -2.13 25.20
C LEU H 375 -28.81 -3.54 25.68
N ALA H 376 -28.36 -3.90 26.89
CA ALA H 376 -28.58 -5.25 27.38
C ALA H 376 -30.06 -5.53 27.58
N TYR H 377 -30.82 -4.55 28.08
CA TYR H 377 -32.23 -4.77 28.35
C TYR H 377 -32.99 -5.06 27.07
N GLY H 378 -32.72 -4.29 26.01
CA GLY H 378 -33.33 -4.58 24.72
C GLY H 378 -32.88 -5.91 24.17
N TYR H 379 -31.59 -6.22 24.32
CA TYR H 379 -31.07 -7.51 23.86
C TYR H 379 -31.81 -8.66 24.54
N ALA H 380 -32.06 -8.55 25.84
CA ALA H 380 -32.75 -9.62 26.56
C ALA H 380 -34.15 -9.85 25.99
N GLN H 381 -34.81 -8.79 25.50
CA GLN H 381 -36.16 -8.91 25.00
C GLN H 381 -36.21 -9.13 23.48
N ASN H 382 -35.38 -8.43 22.72
CA ASN H 382 -35.47 -8.41 21.27
C ASN H 382 -34.17 -8.82 20.58
N GLN H 383 -33.18 -9.33 21.31
CA GLN H 383 -31.95 -9.83 20.71
C GLN H 383 -31.33 -8.83 19.73
N MET H 384 -31.11 -9.25 18.48
CA MET H 384 -30.28 -8.45 17.57
C MET H 384 -30.90 -7.11 17.25
N SER H 385 -32.23 -7.02 17.21
CA SER H 385 -32.87 -5.74 16.91
C SER H 385 -32.34 -4.65 17.83
N ALA H 386 -32.08 -4.99 19.10
CA ALA H 386 -31.61 -3.99 20.05
C ALA H 386 -30.24 -3.45 19.68
N TYR H 387 -29.34 -4.33 19.23
CA TYR H 387 -28.00 -3.86 18.88
C TYR H 387 -28.01 -3.11 17.55
N VAL H 388 -28.86 -3.53 16.61
CA VAL H 388 -28.94 -2.85 15.32
C VAL H 388 -29.33 -1.39 15.52
N GLU H 389 -30.20 -1.11 16.49
CA GLU H 389 -30.53 0.27 16.81
C GLU H 389 -29.26 1.05 17.15
N LEU H 390 -28.38 0.47 17.95
CA LEU H 390 -27.16 1.17 18.35
C LEU H 390 -26.27 1.44 17.15
N GLN H 391 -26.02 0.42 16.33
CA GLN H 391 -25.14 0.60 15.18
C GLN H 391 -25.64 1.69 14.26
N GLU H 392 -26.95 1.76 14.03
CA GLU H 392 -27.51 2.81 13.19
C GLU H 392 -27.36 4.18 13.83
N ARG H 393 -27.48 4.27 15.15
CA ARG H 393 -27.18 5.53 15.83
C ARG H 393 -25.72 5.92 15.64
N GLU H 394 -24.82 4.93 15.62
CA GLU H 394 -23.42 5.22 15.36
C GLU H 394 -23.21 5.72 13.95
N PHE H 395 -23.90 5.11 12.97
CA PHE H 395 -23.82 5.58 11.59
C PHE H 395 -24.25 7.03 11.48
N ALA H 396 -25.37 7.39 12.11
CA ALA H 396 -25.87 8.74 12.01
C ALA H 396 -24.93 9.74 12.68
N ALA H 397 -24.24 9.32 13.74
CA ALA H 397 -23.33 10.21 14.46
C ALA H 397 -22.09 10.56 13.65
N GLU H 398 -21.85 9.88 12.52
CA GLU H 398 -20.71 10.23 11.69
C GLU H 398 -20.82 11.66 11.17
N GLU H 399 -22.05 12.18 11.03
CA GLU H 399 -22.23 13.58 10.67
C GLU H 399 -21.56 14.49 11.68
N ARG H 400 -21.68 14.16 12.96
CA ARG H 400 -21.11 14.98 14.04
C ARG H 400 -19.63 14.73 14.26
N GLY H 401 -19.02 13.81 13.50
CA GLY H 401 -17.60 13.51 13.62
C GLY H 401 -17.28 12.19 14.27
N TYR H 402 -18.28 11.39 14.63
CA TYR H 402 -18.03 10.09 15.26
C TYR H 402 -17.37 9.14 14.27
N THR H 403 -16.36 8.42 14.76
CA THR H 403 -15.56 7.55 13.91
C THR H 403 -15.45 6.11 14.40
N ALA H 404 -15.86 5.81 15.63
CA ALA H 404 -15.62 4.48 16.18
C ALA H 404 -16.53 3.41 15.59
N THR H 405 -17.49 3.77 14.74
CA THR H 405 -18.27 2.75 14.04
C THR H 405 -17.34 1.79 13.30
N LYS H 406 -16.29 2.32 12.66
CA LYS H 406 -15.27 1.51 12.01
C LYS H 406 -14.23 1.17 13.07
N HIS H 407 -14.56 0.16 13.87
CA HIS H 407 -13.78 -0.11 15.08
C HIS H 407 -12.38 -0.60 14.77
N GLN H 408 -12.15 -1.22 13.61
CA GLN H 408 -10.82 -1.73 13.31
C GLN H 408 -9.82 -0.59 13.20
N ARG H 409 -10.11 0.40 12.35
CA ARG H 409 -9.23 1.55 12.23
C ARG H 409 -9.22 2.41 13.48
N GLU H 410 -10.30 2.37 14.28
CA GLU H 410 -10.37 3.20 15.47
C GLU H 410 -9.28 2.84 16.47
N VAL H 411 -8.97 1.55 16.60
CA VAL H 411 -8.01 1.08 17.58
C VAL H 411 -6.63 0.88 16.99
N GLY H 412 -6.42 1.29 15.74
CA GLY H 412 -5.10 1.33 15.15
C GLY H 412 -4.76 0.23 14.16
N ALA H 413 -5.75 -0.48 13.62
CA ALA H 413 -5.45 -1.53 12.65
C ALA H 413 -4.67 -0.97 11.46
N GLY H 414 -5.01 0.24 11.01
CA GLY H 414 -4.28 0.84 9.91
C GLY H 414 -2.90 1.32 10.31
N TYR H 415 -2.74 1.79 11.55
CA TYR H 415 -1.43 2.23 12.01
C TYR H 415 -0.45 1.07 12.06
N PHE H 416 -0.88 -0.06 12.62
CA PHE H 416 -0.01 -1.23 12.69
C PHE H 416 0.18 -1.90 11.34
N ASP H 417 -0.77 -1.74 10.41
CA ASP H 417 -0.50 -2.12 9.03
C ASP H 417 0.62 -1.26 8.45
N ARG H 418 0.67 0.02 8.85
N ARG H 418 0.68 0.01 8.86
CA ARG H 418 1.73 0.89 8.37
CA ARG H 418 1.73 0.89 8.37
C ARG H 418 3.08 0.48 8.94
C ARG H 418 3.09 0.52 8.96
N ILE H 419 3.09 0.01 10.20
CA ILE H 419 4.33 -0.48 10.77
C ILE H 419 4.79 -1.73 10.03
N ALA H 420 3.87 -2.66 9.77
CA ALA H 420 4.21 -3.91 9.10
C ALA H 420 4.79 -3.65 7.72
N THR H 421 4.11 -2.81 6.93
CA THR H 421 4.61 -2.52 5.58
C THR H 421 5.89 -1.70 5.62
N THR H 422 6.12 -0.95 6.70
CA THR H 422 7.40 -0.28 6.86
C THR H 422 8.52 -1.29 7.05
N VAL H 423 8.28 -2.30 7.89
CA VAL H 423 9.27 -3.35 8.10
C VAL H 423 9.39 -4.20 6.84
N ASP H 424 8.28 -4.78 6.39
CA ASP H 424 8.25 -5.67 5.22
C ASP H 424 7.16 -5.21 4.27
N PRO H 425 7.49 -4.40 3.26
CA PRO H 425 6.44 -3.87 2.37
C PRO H 425 5.63 -4.94 1.65
N ASN H 426 6.22 -6.11 1.39
CA ASN H 426 5.54 -7.19 0.67
C ASN H 426 4.93 -8.22 1.62
N SER H 427 4.61 -7.80 2.86
CA SER H 427 4.00 -8.72 3.80
C SER H 427 2.63 -9.17 3.29
N SER H 428 2.35 -10.46 3.46
CA SER H 428 1.09 -11.05 3.03
C SER H 428 0.09 -11.15 4.17
N THR H 429 0.39 -10.57 5.34
CA THR H 429 -0.43 -10.75 6.53
C THR H 429 -0.86 -9.41 7.13
N THR H 430 -1.08 -8.39 6.30
CA THR H 430 -1.63 -7.14 6.80
C THR H 430 -3.13 -7.30 7.07
N ALA H 431 -3.65 -6.45 7.95
CA ALA H 431 -4.94 -6.69 8.60
C ALA H 431 -6.12 -6.05 7.88
N LEU H 432 -6.02 -4.81 7.42
CA LEU H 432 -7.19 -4.12 6.89
C LEU H 432 -7.55 -4.58 5.49
N THR H 433 -6.56 -4.93 4.66
CA THR H 433 -6.84 -5.45 3.34
C THR H 433 -7.56 -6.78 3.46
N GLY H 434 -8.80 -6.85 2.97
CA GLY H 434 -9.60 -8.06 3.05
C GLY H 434 -10.52 -8.13 4.23
N SER H 435 -10.53 -7.12 5.10
CA SER H 435 -11.40 -7.12 6.26
C SER H 435 -12.83 -6.78 5.87
N THR H 436 -13.77 -7.22 6.70
CA THR H 436 -15.18 -6.88 6.47
C THR H 436 -15.41 -5.37 6.63
N GLU H 437 -14.59 -4.70 7.43
CA GLU H 437 -14.72 -3.25 7.58
C GLU H 437 -14.45 -2.55 6.25
N GLU H 438 -13.33 -2.88 5.61
CA GLU H 438 -13.00 -2.28 4.33
C GLU H 438 -13.99 -2.68 3.23
N GLY H 439 -14.74 -3.76 3.42
CA GLY H 439 -15.63 -4.26 2.39
C GLY H 439 -17.10 -4.00 2.64
N GLN H 440 -17.46 -3.53 3.84
CA GLN H 440 -18.85 -3.31 4.19
C GLN H 440 -19.13 -1.94 4.80
N PHE H 441 -18.12 -1.11 5.04
CA PHE H 441 -18.29 0.18 5.68
C PHE H 441 -17.73 1.27 4.78
N HIS H 442 -18.58 2.22 4.40
CA HIS H 442 -18.14 3.37 3.61
C HIS H 442 -17.75 4.53 4.52
#